data_7V26
#
_entry.id   7V26
#
_cell.length_a   1.00
_cell.length_b   1.00
_cell.length_c   1.00
_cell.angle_alpha   90.00
_cell.angle_beta   90.00
_cell.angle_gamma   90.00
#
_symmetry.space_group_name_H-M   'P 1'
#
loop_
_entity.id
_entity.type
_entity.pdbx_description
1 polymer 'Spike glycoprotein'
2 polymer 'XG005 Heavy chain'
3 polymer 'XG005 Light Chain'
4 non-polymer 2-acetamido-2-deoxy-beta-D-glucopyranose
#
loop_
_entity_poly.entity_id
_entity_poly.type
_entity_poly.pdbx_seq_one_letter_code
_entity_poly.pdbx_strand_id
1 'polypeptide(L)'
;MFVFLVLLPLVSSQCVNLTTRTQLPPAYTNSFTRGVYYPDKVFRSSVLHSTQDLFLPFFSNVTWFHAIHVSGTNGTKRFD
NPVLPFNDGVYFASTEKSNIIRGWIFGTTLDSKTQSLLIVNNATNVVIKVCEFQFCNDPFLGVYYHKNNKSWMESEFRVY
SSANNCTFEYVSQPFLMDLEGKQGNFKNLREFVFKNIDGYFKIYSKHTPINLVRDLPQGFSALEPLVDLPIGINITRFQT
LLALHRSYLTPGDSSSGWTAGAAAYYVGYLQPRTFLLKYNENGTITDAVDCALDPLSETKCTLKSFTVEKGIYQTSNFRV
QPTESIVRFPNITNLCPFGEVFNATRFASVYAWNRKRISNCVADYSVLYNSASFSTFKCYGVSPTKLNDLCFTNVYADSF
VIRGDEVRQIAPGQTGKIADYNYKLPDDFTGCVIAWNSNNLDSKVGGNYNYLYRLFRKSNLKPFERDISTEIYQAGSTPC
NGVEGFNCYFPLQSYGFQPTNGVGYQPYRVVVLSFELLHAPATVCGPKKSTNLVKNKCVNFNFNGLTGTGVLTESNKKFL
PFQQFGRDIADTTDAVRDPQTLEILDITPCSFGGVSVITPGTNTSNQVAVLYQDVNCTEVPVAIHADQLTPTWRVYSTGS
NVFQTRAGCLIGAEHVNNSYECDIPIGAGICASYQTQTNSPGSASSVASQSIIAYTMSLGAENSVAYSNNSIAIPTNFTI
SVTTEILPVSMTKTSVDCTMYICGDSTECSNLLLQYGSFCTQLNRALTGIAVEQDKNTQEVFAQVKQIYKTPPIKDFGGF
NFSQILPDPSKPSKRSFIEDLLFNKVTLADAGFIKQYGDCLGDIAARDLICAQKFNGLTVLPPLLTDEMIAQYTSALLAG
TITSGWTFGAGAALQIPFAMQMAYRFNGIGVTQNVLYENQKLIANQFNSAIGKIQDSLSSTASALGKLQDVVNQNAQALN
TLVKQLSSNFGAISSVLNDILSRLDPPEAEVQIDRLITGRLQSLQTYVTQQLIRAAEIRASANLAATKMSECVLGQSKRV
DFCGKGYHLMSFPQSAPHGVVFLHVTYVPAQEKNFTTAPAICHDGKAHFPREGVFVSNGTHWFVTQRNFYEPQIITTDNT
FVSGNCDVVIGIVNNTVYDPLQPELDSFKEELDKYFKNHTSPDVDLGDISGINASVVNIQKEIDRLNEVAKNLNESLIDL
QELGKYEQGSGYIPEAPRDGQAYVRKDGEWVFLSTFLSGLEVLFQGPGGWSHPQFEKGGGSGGGSGGSAWSHPQFEKGGS
HHHHHHHH
;
A,C,E
2 'polypeptide(L)'
;QVTLRESGPTLVKPKQTLTLTCTFSGFSLSTPGGGVGWIRQPPGKALEWLALIYWDDDKRYSPSLKSSLTITKDTSKNQV
VLTMTNMDPVDTATYYCARLTAADTIFDCWGQGTLVTVSSASTKGPSVFPLAPSSKSTSGGTAALGCLVKDYFPEPVTVS
WNSGALTSGVHTFPAVLQSSGLYSLSSVVTVPSSSLGTQTYICNVNHKPSNTKVDKRVEPKSCDKTHHHHHH
;
a,c,e
3 'polypeptide(L)'
;QSALTQPASVSGSPGLSITISCTATSSDVGAYNYVSWYQQHPGQAPKLMIYDVSKRPSGVSNRFSGSKSANTASLTISGL
QAEDEADYYCSSYTTTSVVFGGGTKLTVLGQPKAAPSVTLFPPSSEELQANKATLVCLISDFYPGAVTVAWKADSSPVKA
GVETTTPSKQSNNKYAASSYLSLTPEQWKSHRSYSCQVTHEGSTVEKTVAPTECS
;
b,d,f
#
# COMPACT_ATOMS: atom_id res chain seq x y z
N GLN A 14 -0.37 -13.14 -64.24
CA GLN A 14 0.28 -12.14 -65.09
C GLN A 14 1.81 -12.25 -65.07
N CYS A 15 2.40 -12.26 -63.86
CA CYS A 15 3.85 -12.18 -63.73
C CYS A 15 4.52 -13.46 -64.23
N VAL A 16 5.62 -13.28 -64.96
CA VAL A 16 6.44 -14.38 -65.43
C VAL A 16 7.88 -14.11 -65.00
N ASN A 17 8.67 -15.18 -64.90
CA ASN A 17 10.04 -15.00 -64.45
C ASN A 17 10.81 -14.10 -65.41
N LEU A 18 11.66 -13.25 -64.84
CA LEU A 18 12.42 -12.28 -65.60
C LEU A 18 13.61 -12.97 -66.28
N THR A 19 14.19 -12.28 -67.25
CA THR A 19 15.33 -12.80 -68.00
C THR A 19 16.61 -12.58 -67.21
N THR A 20 17.75 -12.86 -67.84
CA THR A 20 19.03 -12.71 -67.18
C THR A 20 19.43 -11.25 -67.12
N ARG A 21 20.15 -10.88 -66.07
CA ARG A 21 20.63 -9.53 -65.88
C ARG A 21 22.15 -9.49 -65.99
N THR A 22 22.74 -8.32 -65.77
CA THR A 22 24.19 -8.17 -65.81
C THR A 22 24.77 -8.56 -64.46
N GLN A 23 25.59 -9.62 -64.45
CA GLN A 23 26.19 -10.11 -63.22
C GLN A 23 27.19 -9.08 -62.69
N LEU A 24 26.88 -8.46 -61.56
CA LEU A 24 27.74 -7.45 -60.96
C LEU A 24 27.49 -7.37 -59.46
N PRO A 25 28.53 -7.47 -58.64
CA PRO A 25 28.35 -7.38 -57.18
C PRO A 25 27.82 -6.01 -56.79
N PRO A 26 26.86 -5.94 -55.88
CA PRO A 26 26.32 -4.64 -55.45
C PRO A 26 27.37 -3.83 -54.73
N ALA A 27 27.58 -2.60 -55.19
CA ALA A 27 28.55 -1.70 -54.58
C ALA A 27 27.96 -1.05 -53.33
N TYR A 28 28.73 -0.17 -52.71
CA TYR A 28 28.31 0.52 -51.51
C TYR A 28 28.80 1.97 -51.55
N THR A 29 28.01 2.86 -50.95
CA THR A 29 28.34 4.28 -50.89
C THR A 29 28.20 4.77 -49.46
N ASN A 30 28.70 5.97 -49.21
CA ASN A 30 28.69 6.57 -47.89
C ASN A 30 27.46 7.44 -47.73
N SER A 31 26.67 7.16 -46.70
CA SER A 31 25.46 7.93 -46.40
C SER A 31 25.77 8.97 -45.33
N PHE A 32 26.53 9.99 -45.73
CA PHE A 32 26.96 11.04 -44.82
C PHE A 32 25.86 12.08 -44.68
N THR A 33 25.30 12.19 -43.47
CA THR A 33 24.27 13.17 -43.13
C THR A 33 23.13 13.14 -44.14
N ARG A 34 22.54 11.96 -44.31
CA ARG A 34 21.47 11.74 -45.28
C ARG A 34 20.34 10.99 -44.58
N GLY A 35 19.34 11.73 -44.10
CA GLY A 35 18.17 11.14 -43.50
C GLY A 35 18.06 11.37 -42.01
N VAL A 36 17.28 12.37 -41.62
CA VAL A 36 17.00 12.67 -40.22
C VAL A 36 15.56 13.18 -40.14
N TYR A 37 14.72 12.46 -39.42
CA TYR A 37 13.31 12.82 -39.27
C TYR A 37 13.06 13.43 -37.91
N TYR A 38 11.93 14.12 -37.79
CA TYR A 38 11.54 14.71 -36.52
C TYR A 38 11.21 13.60 -35.53
N PRO A 39 11.87 13.56 -34.37
CA PRO A 39 11.59 12.47 -33.42
C PRO A 39 10.15 12.48 -32.91
N ASP A 40 9.70 13.59 -32.35
CA ASP A 40 8.34 13.74 -31.85
C ASP A 40 7.64 14.84 -32.62
N LYS A 41 6.41 15.14 -32.19
CA LYS A 41 5.59 16.17 -32.82
C LYS A 41 5.64 17.49 -32.04
N VAL A 42 6.64 17.66 -31.18
CA VAL A 42 6.77 18.87 -30.37
C VAL A 42 7.40 19.96 -31.20
N PHE A 43 7.02 21.20 -30.93
CA PHE A 43 7.57 22.36 -31.63
C PHE A 43 8.57 23.07 -30.71
N ARG A 44 9.75 23.36 -31.24
CA ARG A 44 10.80 24.03 -30.49
C ARG A 44 11.15 25.36 -31.13
N SER A 45 11.95 26.16 -30.41
CA SER A 45 12.35 27.47 -30.89
C SER A 45 13.76 27.74 -30.37
N SER A 46 14.75 27.46 -31.22
CA SER A 46 16.16 27.74 -30.94
C SER A 46 16.62 27.07 -29.65
N VAL A 47 16.45 25.75 -29.61
CA VAL A 47 16.89 24.93 -28.48
C VAL A 47 17.73 23.78 -29.02
N LEU A 48 18.30 23.01 -28.09
CA LEU A 48 19.12 21.86 -28.45
C LEU A 48 18.63 20.61 -27.74
N HIS A 49 17.33 20.35 -27.78
CA HIS A 49 16.76 19.19 -27.10
C HIS A 49 17.23 17.90 -27.75
N SER A 50 17.93 17.07 -26.97
CA SER A 50 18.42 15.80 -27.46
C SER A 50 17.30 14.76 -27.50
N THR A 51 17.61 13.59 -28.06
CA THR A 51 16.61 12.56 -28.24
C THR A 51 17.29 11.19 -28.21
N GLN A 52 16.55 10.19 -27.74
CA GLN A 52 16.99 8.80 -27.63
C GLN A 52 16.21 7.93 -28.59
N ASP A 53 15.99 8.40 -29.81
CA ASP A 53 15.23 7.67 -30.80
C ASP A 53 16.18 7.01 -31.81
N LEU A 54 15.62 6.15 -32.66
CA LEU A 54 16.39 5.43 -33.67
C LEU A 54 16.56 6.29 -34.91
N PHE A 55 17.78 6.38 -35.41
CA PHE A 55 18.08 7.12 -36.63
C PHE A 55 19.14 6.36 -37.41
N LEU A 56 19.69 7.01 -38.44
CA LEU A 56 20.73 6.41 -39.26
C LEU A 56 22.08 7.01 -38.88
N PRO A 57 23.07 6.21 -38.52
CA PRO A 57 24.38 6.77 -38.17
C PRO A 57 25.06 7.36 -39.41
N PHE A 58 25.67 8.52 -39.23
CA PHE A 58 26.36 9.17 -40.34
C PHE A 58 27.66 8.44 -40.66
N PHE A 59 28.17 8.68 -41.87
CA PHE A 59 29.39 8.04 -42.38
C PHE A 59 29.26 6.52 -42.35
N SER A 60 28.11 6.03 -42.80
CA SER A 60 27.80 4.60 -42.81
C SER A 60 27.72 4.11 -44.25
N ASN A 61 28.23 2.91 -44.48
CA ASN A 61 28.24 2.30 -45.81
C ASN A 61 26.89 1.63 -46.08
N VAL A 62 26.13 2.20 -47.01
CA VAL A 62 24.83 1.68 -47.37
C VAL A 62 24.89 1.11 -48.79
N THR A 63 23.90 0.29 -49.11
CA THR A 63 23.83 -0.34 -50.42
C THR A 63 23.39 0.66 -51.47
N TRP A 64 23.83 0.44 -52.71
CA TRP A 64 23.51 1.31 -53.84
C TRP A 64 23.24 0.41 -55.05
N PHE A 65 21.96 0.11 -55.28
CA PHE A 65 21.54 -0.72 -56.40
C PHE A 65 21.20 0.20 -57.57
N HIS A 66 22.12 0.31 -58.52
CA HIS A 66 21.93 1.16 -59.70
C HIS A 66 21.29 0.33 -60.80
N ALA A 67 20.01 0.59 -61.08
CA ALA A 67 19.27 -0.11 -62.13
C ALA A 67 19.17 0.81 -63.33
N ILE A 68 20.20 0.77 -64.18
CA ILE A 68 20.27 1.63 -65.36
C ILE A 68 20.46 0.77 -66.60
N HIS A 69 20.43 1.40 -67.78
CA HIS A 69 20.64 0.72 -69.05
C HIS A 69 21.78 1.40 -69.77
N VAL A 70 22.84 0.63 -70.06
CA VAL A 70 24.05 1.20 -70.67
C VAL A 70 24.00 1.15 -72.18
N SER A 71 23.01 0.48 -72.77
CA SER A 71 22.75 0.49 -74.21
C SER A 71 23.94 -0.05 -75.02
N GLY A 72 24.21 -1.33 -74.83
CA GLY A 72 25.09 -2.05 -75.73
C GLY A 72 26.58 -1.96 -75.49
N THR A 73 27.04 -2.51 -74.37
CA THR A 73 28.46 -2.65 -74.09
C THR A 73 28.67 -4.02 -73.46
N ASN A 74 29.84 -4.24 -72.85
CA ASN A 74 30.11 -5.49 -72.15
C ASN A 74 28.97 -5.83 -71.18
N GLY A 75 28.39 -4.83 -70.53
CA GLY A 75 27.19 -5.01 -69.74
C GLY A 75 25.96 -4.65 -70.54
N THR A 76 24.82 -5.19 -70.13
CA THR A 76 23.55 -4.96 -70.83
C THR A 76 22.59 -4.12 -70.00
N LYS A 77 22.24 -4.58 -68.79
CA LYS A 77 21.30 -3.88 -67.93
C LYS A 77 21.28 -4.56 -66.57
N ARG A 78 21.03 -3.77 -65.53
CA ARG A 78 20.92 -4.29 -64.18
C ARG A 78 19.55 -3.95 -63.61
N PHE A 79 19.00 -4.90 -62.84
CA PHE A 79 17.67 -4.75 -62.24
C PHE A 79 17.70 -5.50 -60.91
N ASP A 80 17.94 -4.77 -59.83
CA ASP A 80 18.11 -5.37 -58.50
C ASP A 80 16.82 -5.24 -57.72
N ASN A 81 16.36 -6.35 -57.16
CA ASN A 81 15.18 -6.36 -56.29
C ASN A 81 15.25 -7.57 -55.35
N PRO A 82 16.24 -7.62 -54.45
CA PRO A 82 16.39 -8.79 -53.59
C PRO A 82 15.64 -8.63 -52.26
N VAL A 83 15.56 -9.73 -51.53
CA VAL A 83 14.96 -9.71 -50.20
C VAL A 83 15.95 -9.06 -49.23
N LEU A 84 15.62 -7.86 -48.76
CA LEU A 84 16.53 -7.12 -47.91
C LEU A 84 16.22 -7.38 -46.43
N PRO A 85 17.26 -7.51 -45.60
CA PRO A 85 17.02 -7.76 -44.17
C PRO A 85 16.50 -6.53 -43.43
N PHE A 86 15.19 -6.30 -43.52
CA PHE A 86 14.58 -5.14 -42.87
C PHE A 86 14.70 -5.25 -41.36
N ASN A 87 15.53 -4.38 -40.77
CA ASN A 87 15.71 -4.35 -39.33
C ASN A 87 14.59 -3.52 -38.70
N ASP A 88 14.76 -3.16 -37.42
CA ASP A 88 13.74 -2.35 -36.75
C ASP A 88 13.52 -1.02 -37.45
N GLY A 89 14.54 -0.50 -38.13
CA GLY A 89 14.39 0.71 -38.90
C GLY A 89 15.07 0.58 -40.25
N VAL A 90 14.73 1.51 -41.14
CA VAL A 90 15.29 1.52 -42.49
C VAL A 90 15.24 2.95 -43.02
N TYR A 91 16.16 3.27 -43.92
CA TYR A 91 16.22 4.57 -44.58
C TYR A 91 16.28 4.34 -46.08
N PHE A 92 15.15 4.58 -46.77
CA PHE A 92 15.04 4.34 -48.20
C PHE A 92 15.20 5.68 -48.93
N ALA A 93 16.35 5.87 -49.57
CA ALA A 93 16.61 7.03 -50.40
C ALA A 93 16.74 6.59 -51.85
N SER A 94 16.31 7.45 -52.77
CA SER A 94 16.33 7.10 -54.19
C SER A 94 16.25 8.37 -55.00
N THR A 95 17.16 8.51 -55.96
CA THR A 95 17.11 9.59 -56.94
C THR A 95 16.55 9.02 -58.24
N GLU A 96 15.73 9.81 -58.92
CA GLU A 96 15.09 9.36 -60.15
C GLU A 96 14.61 10.57 -60.95
N LYS A 97 14.36 10.34 -62.24
CA LYS A 97 13.89 11.37 -63.14
C LYS A 97 12.74 10.93 -64.02
N SER A 98 12.25 9.69 -63.84
CA SER A 98 11.15 9.19 -64.68
C SER A 98 10.10 8.44 -63.86
N ASN A 99 10.14 8.56 -62.54
CA ASN A 99 9.19 7.88 -61.64
C ASN A 99 9.24 6.37 -61.86
N ILE A 100 10.43 5.81 -61.66
CA ILE A 100 10.61 4.37 -61.84
C ILE A 100 10.05 3.61 -60.66
N ILE A 101 10.46 3.97 -59.44
CA ILE A 101 9.95 3.31 -58.25
C ILE A 101 8.51 3.75 -58.01
N ARG A 102 7.69 2.82 -57.54
CA ARG A 102 6.28 3.09 -57.27
C ARG A 102 5.91 2.88 -55.82
N GLY A 103 6.31 1.76 -55.23
CA GLY A 103 5.99 1.48 -53.84
C GLY A 103 6.90 0.44 -53.20
N TRP A 104 6.42 -0.21 -52.15
CA TRP A 104 7.17 -1.24 -51.45
C TRP A 104 6.23 -2.34 -51.02
N ILE A 105 6.79 -3.47 -50.62
CA ILE A 105 6.04 -4.64 -50.16
C ILE A 105 6.64 -5.06 -48.83
N PHE A 106 6.02 -4.67 -47.73
CA PHE A 106 6.46 -5.02 -46.39
C PHE A 106 5.73 -6.26 -45.91
N GLY A 107 6.42 -7.05 -45.10
CA GLY A 107 5.82 -8.27 -44.56
C GLY A 107 6.84 -9.07 -43.80
N THR A 108 6.44 -10.29 -43.42
CA THR A 108 7.28 -11.21 -42.68
C THR A 108 7.65 -12.45 -43.48
N THR A 109 6.66 -13.18 -44.00
CA THR A 109 6.91 -14.37 -44.79
C THR A 109 6.78 -14.15 -46.28
N LEU A 110 6.17 -13.03 -46.69
CA LEU A 110 6.07 -12.65 -48.10
C LEU A 110 5.30 -13.70 -48.92
N ASP A 111 4.13 -14.10 -48.42
CA ASP A 111 3.28 -15.06 -49.10
C ASP A 111 1.84 -14.83 -48.67
N SER A 112 0.96 -15.77 -49.01
CA SER A 112 -0.44 -15.71 -48.62
C SER A 112 -0.71 -16.37 -47.28
N LYS A 113 0.34 -16.81 -46.58
CA LYS A 113 0.15 -17.43 -45.27
C LYS A 113 -0.02 -16.39 -44.18
N THR A 114 0.77 -15.32 -44.23
CA THR A 114 0.71 -14.24 -43.25
C THR A 114 0.39 -12.94 -43.96
N GLN A 115 -0.25 -12.03 -43.23
CA GLN A 115 -0.63 -10.73 -43.79
C GLN A 115 0.61 -9.86 -44.01
N SER A 116 0.56 -9.06 -45.07
CA SER A 116 1.69 -8.23 -45.47
C SER A 116 1.19 -6.82 -45.76
N LEU A 117 2.09 -5.97 -46.24
CA LEU A 117 1.81 -4.57 -46.54
C LEU A 117 2.03 -4.31 -48.02
N LEU A 118 1.40 -3.25 -48.52
CA LEU A 118 1.49 -2.89 -49.93
C LEU A 118 1.35 -1.38 -50.06
N ILE A 119 2.38 -0.72 -50.58
CA ILE A 119 2.38 0.73 -50.72
C ILE A 119 2.47 1.05 -52.21
N VAL A 120 1.89 0.18 -53.05
CA VAL A 120 1.97 0.36 -54.48
C VAL A 120 1.24 1.64 -54.90
N ASN A 121 1.85 2.37 -55.84
CA ASN A 121 1.30 3.62 -56.36
C ASN A 121 1.21 3.51 -57.87
N ASN A 122 0.07 3.00 -58.36
CA ASN A 122 -0.16 2.88 -59.79
C ASN A 122 -0.70 4.20 -60.34
N ALA A 123 -1.19 4.17 -61.58
CA ALA A 123 -1.72 5.38 -62.19
C ALA A 123 -3.01 5.83 -61.54
N THR A 124 -3.79 4.90 -60.98
CA THR A 124 -5.05 5.26 -60.35
C THR A 124 -4.83 6.17 -59.14
N ASN A 125 -4.15 5.67 -58.12
CA ASN A 125 -3.90 6.42 -56.90
C ASN A 125 -2.82 5.70 -56.10
N VAL A 126 -2.58 6.15 -54.88
CA VAL A 126 -1.60 5.52 -53.98
C VAL A 126 -2.35 4.44 -53.21
N VAL A 127 -2.32 3.22 -53.73
CA VAL A 127 -3.03 2.11 -53.11
C VAL A 127 -2.24 1.64 -51.89
N ILE A 128 -2.81 1.83 -50.71
CA ILE A 128 -2.17 1.44 -49.45
C ILE A 128 -3.11 0.46 -48.77
N LYS A 129 -2.84 -0.84 -48.94
CA LYS A 129 -3.64 -1.89 -48.34
C LYS A 129 -2.73 -2.88 -47.63
N VAL A 130 -3.09 -3.21 -46.39
CA VAL A 130 -2.33 -4.12 -45.56
C VAL A 130 -3.10 -5.43 -45.46
N CYS A 131 -2.63 -6.46 -46.20
CA CYS A 131 -3.19 -7.79 -46.13
C CYS A 131 -2.26 -8.77 -46.83
N GLU A 132 -2.70 -10.02 -46.92
CA GLU A 132 -1.88 -11.13 -47.36
C GLU A 132 -2.08 -11.41 -48.85
N PHE A 133 -1.00 -11.77 -49.53
CA PHE A 133 -1.04 -12.25 -50.91
C PHE A 133 0.28 -12.92 -51.23
N GLN A 134 0.21 -14.09 -51.85
CA GLN A 134 1.41 -14.83 -52.25
C GLN A 134 1.89 -14.28 -53.59
N PHE A 135 2.50 -13.10 -53.53
CA PHE A 135 3.04 -12.51 -54.74
C PHE A 135 4.28 -13.28 -55.19
N CYS A 136 4.43 -13.38 -56.51
CA CYS A 136 5.56 -14.07 -57.12
C CYS A 136 6.83 -13.25 -56.97
N ASN A 137 7.93 -13.76 -57.54
CA ASN A 137 9.26 -13.28 -57.20
C ASN A 137 9.49 -11.84 -57.67
N ASP A 138 9.06 -11.51 -58.88
CA ASP A 138 9.33 -10.20 -59.48
C ASP A 138 8.02 -9.53 -59.89
N PRO A 139 7.28 -8.97 -58.94
CA PRO A 139 6.09 -8.19 -59.30
C PRO A 139 6.46 -6.75 -59.62
N PHE A 140 6.16 -6.32 -60.84
CA PHE A 140 6.52 -4.98 -61.29
C PHE A 140 5.49 -4.47 -62.28
N LEU A 141 5.34 -3.15 -62.34
CA LEU A 141 4.36 -2.54 -63.22
C LEU A 141 4.79 -2.64 -64.68
N GLY A 142 3.88 -2.22 -65.56
CA GLY A 142 4.16 -2.19 -66.98
C GLY A 142 4.05 -0.79 -67.56
N VAL A 143 5.12 -0.33 -68.21
CA VAL A 143 5.16 1.00 -68.79
C VAL A 143 5.27 0.83 -70.31
N TYR A 144 4.64 -0.22 -70.83
CA TYR A 144 4.64 -0.50 -72.26
C TYR A 144 4.23 0.73 -73.06
N TYR A 145 5.16 1.22 -73.88
CA TYR A 145 4.92 2.44 -74.64
C TYR A 145 4.18 2.12 -75.92
N HIS A 146 3.22 2.99 -76.27
CA HIS A 146 2.44 2.88 -77.50
C HIS A 146 2.69 4.13 -78.32
N LYS A 147 3.20 3.95 -79.54
CA LYS A 147 3.51 5.09 -80.41
C LYS A 147 2.29 5.61 -81.15
N ASN A 148 1.13 4.97 -81.01
CA ASN A 148 -0.07 5.45 -81.69
C ASN A 148 -0.70 6.62 -80.94
N ASN A 149 -0.95 6.43 -79.65
CA ASN A 149 -1.49 7.48 -78.78
C ASN A 149 -0.44 8.52 -78.41
N LYS A 150 0.84 8.23 -78.64
CA LYS A 150 1.95 9.10 -78.27
C LYS A 150 1.90 9.47 -76.79
N SER A 151 1.79 8.43 -75.96
CA SER A 151 1.72 8.59 -74.52
C SER A 151 2.14 7.29 -73.86
N TRP A 152 2.29 7.34 -72.53
CA TRP A 152 2.68 6.19 -71.73
C TRP A 152 1.50 5.76 -70.87
N MET A 153 1.12 4.49 -70.98
CA MET A 153 0.00 3.94 -70.23
C MET A 153 0.46 2.77 -69.37
N GLU A 154 -0.09 2.69 -68.16
CA GLU A 154 0.23 1.61 -67.23
C GLU A 154 -0.76 0.47 -67.45
N SER A 155 -0.25 -0.69 -67.83
CA SER A 155 -1.07 -1.85 -68.12
C SER A 155 -0.86 -2.99 -67.14
N GLU A 156 0.39 -3.44 -66.96
CA GLU A 156 0.67 -4.57 -66.08
C GLU A 156 0.60 -4.14 -64.62
N PHE A 157 -0.21 -4.85 -63.84
CA PHE A 157 -0.41 -4.58 -62.42
C PHE A 157 -0.28 -5.87 -61.62
N ARG A 158 0.83 -6.57 -61.86
CA ARG A 158 1.09 -7.89 -61.29
C ARG A 158 1.66 -7.84 -59.88
N VAL A 159 1.48 -6.73 -59.16
CA VAL A 159 2.07 -6.60 -57.82
C VAL A 159 1.41 -7.58 -56.84
N TYR A 160 0.18 -8.00 -57.14
CA TYR A 160 -0.53 -8.95 -56.30
C TYR A 160 -1.22 -9.99 -57.17
N SER A 161 -1.20 -11.24 -56.72
CA SER A 161 -1.78 -12.35 -57.46
C SER A 161 -2.95 -13.00 -56.74
N SER A 162 -2.77 -13.39 -55.48
CA SER A 162 -3.81 -14.07 -54.72
C SER A 162 -4.59 -13.03 -53.93
N ALA A 163 -5.82 -12.78 -54.36
CA ALA A 163 -6.71 -11.82 -53.69
C ALA A 163 -7.54 -12.57 -52.65
N ASN A 164 -6.95 -12.77 -51.48
CA ASN A 164 -7.60 -13.45 -50.37
C ASN A 164 -8.41 -12.43 -49.56
N ASN A 165 -8.87 -12.86 -48.38
CA ASN A 165 -9.60 -11.96 -47.49
C ASN A 165 -8.67 -10.85 -47.03
N CYS A 166 -8.90 -9.64 -47.53
CA CYS A 166 -8.01 -8.53 -47.22
C CYS A 166 -8.56 -7.72 -46.05
N THR A 167 -7.63 -7.24 -45.23
CA THR A 167 -7.96 -6.42 -44.07
C THR A 167 -8.13 -4.97 -44.48
N PHE A 168 -8.23 -4.09 -43.48
CA PHE A 168 -8.48 -2.68 -43.75
C PHE A 168 -7.51 -2.12 -44.79
N GLU A 169 -8.07 -1.46 -45.80
CA GLU A 169 -7.31 -0.83 -46.87
C GLU A 169 -7.45 0.68 -46.76
N TYR A 170 -6.56 1.40 -47.45
CA TYR A 170 -6.60 2.85 -47.48
C TYR A 170 -6.33 3.35 -48.89
N VAL A 171 -7.09 4.34 -49.31
CA VAL A 171 -6.95 4.94 -50.63
C VAL A 171 -6.69 6.43 -50.45
N SER A 172 -6.32 7.09 -51.56
CA SER A 172 -6.03 8.51 -51.59
C SER A 172 -6.73 9.14 -52.78
N GLN A 173 -6.52 10.44 -52.95
CA GLN A 173 -7.12 11.15 -54.06
C GLN A 173 -6.47 10.72 -55.37
N PRO A 174 -7.24 10.35 -56.38
CA PRO A 174 -6.65 9.92 -57.66
C PRO A 174 -6.00 11.11 -58.38
N PHE A 175 -4.89 10.82 -59.06
CA PHE A 175 -4.15 11.84 -59.79
C PHE A 175 -3.42 11.18 -60.95
N LEU A 176 -2.67 11.98 -61.70
CA LEU A 176 -1.89 11.51 -62.83
C LEU A 176 -0.48 12.08 -62.73
N MET A 177 0.51 11.21 -62.71
CA MET A 177 1.90 11.62 -62.61
C MET A 177 2.42 12.00 -64.00
N ASP A 178 3.74 12.17 -64.11
CA ASP A 178 4.33 12.58 -65.39
C ASP A 178 4.24 11.47 -66.42
N LEU A 179 4.79 10.29 -66.08
CA LEU A 179 4.76 9.12 -66.97
C LEU A 179 5.42 9.41 -68.31
N GLU A 180 6.71 9.73 -68.26
CA GLU A 180 7.49 9.97 -69.46
C GLU A 180 8.96 9.79 -69.12
N GLY A 181 9.72 9.29 -70.09
CA GLY A 181 11.13 9.00 -69.88
C GLY A 181 12.06 10.09 -70.36
N LYS A 182 12.66 10.82 -69.41
CA LYS A 182 13.62 11.86 -69.73
C LYS A 182 15.04 11.32 -69.64
N GLN A 183 15.92 11.89 -70.46
CA GLN A 183 17.31 11.50 -70.50
C GLN A 183 18.19 12.63 -69.93
N GLY A 184 19.48 12.37 -69.84
CA GLY A 184 20.43 13.35 -69.35
C GLY A 184 20.71 13.16 -67.86
N ASN A 185 20.49 14.22 -67.09
CA ASN A 185 20.74 14.21 -65.65
C ASN A 185 19.43 14.20 -64.88
N PHE A 186 19.49 13.74 -63.64
CA PHE A 186 18.32 13.69 -62.79
C PHE A 186 17.92 15.09 -62.35
N LYS A 187 16.75 15.18 -61.71
CA LYS A 187 16.22 16.46 -61.25
C LYS A 187 15.79 16.46 -59.78
N ASN A 188 15.48 15.32 -59.19
CA ASN A 188 15.05 15.27 -57.80
C ASN A 188 15.31 13.86 -57.25
N LEU A 189 15.28 13.76 -55.92
CA LEU A 189 15.45 12.49 -55.24
C LEU A 189 14.34 12.32 -54.22
N ARG A 190 14.09 11.07 -53.84
CA ARG A 190 13.04 10.72 -52.89
C ARG A 190 13.65 10.09 -51.64
N GLU A 191 13.00 10.30 -50.51
CA GLU A 191 13.43 9.76 -49.23
C GLU A 191 12.21 9.30 -48.45
N PHE A 192 12.22 8.06 -47.98
CA PHE A 192 11.10 7.49 -47.24
C PHE A 192 11.67 6.62 -46.11
N VAL A 193 11.63 7.15 -44.89
CA VAL A 193 12.08 6.41 -43.71
C VAL A 193 10.90 5.63 -43.15
N PHE A 194 11.02 4.32 -43.12
CA PHE A 194 9.99 3.45 -42.58
C PHE A 194 10.41 2.94 -41.21
N LYS A 195 9.45 2.87 -40.30
CA LYS A 195 9.71 2.41 -38.94
C LYS A 195 8.44 1.83 -38.35
N ASN A 196 8.59 0.70 -37.66
CA ASN A 196 7.47 -0.01 -37.04
C ASN A 196 7.73 -0.07 -35.54
N ILE A 197 7.12 0.84 -34.78
CA ILE A 197 7.27 0.90 -33.34
C ILE A 197 5.88 1.00 -32.72
N ASP A 198 5.55 0.04 -31.84
CA ASP A 198 4.26 0.01 -31.14
C ASP A 198 3.09 -0.03 -32.14
N GLY A 199 3.24 -0.85 -33.16
CA GLY A 199 2.18 -1.01 -34.16
C GLY A 199 2.05 0.08 -35.20
N TYR A 200 2.11 1.34 -34.79
CA TYR A 200 1.99 2.46 -35.72
C TYR A 200 3.17 2.48 -36.68
N PHE A 201 2.87 2.40 -37.97
CA PHE A 201 3.90 2.37 -39.02
C PHE A 201 4.08 3.79 -39.55
N LYS A 202 5.03 4.50 -38.98
CA LYS A 202 5.30 5.87 -39.39
C LYS A 202 5.96 5.91 -40.77
N ILE A 203 5.55 6.88 -41.57
CA ILE A 203 6.07 7.04 -42.93
C ILE A 203 6.46 8.51 -43.11
N TYR A 204 7.72 8.75 -43.46
CA TYR A 204 8.23 10.09 -43.70
C TYR A 204 8.53 10.29 -45.18
N SER A 205 8.62 11.56 -45.59
CA SER A 205 8.84 11.87 -46.99
C SER A 205 9.54 13.21 -47.12
N LYS A 206 10.16 13.42 -48.28
CA LYS A 206 10.84 14.66 -48.59
C LYS A 206 10.96 14.79 -50.11
N HIS A 207 10.84 16.00 -50.61
CA HIS A 207 10.84 16.28 -52.04
C HIS A 207 11.83 17.38 -52.37
N THR A 208 13.05 17.26 -51.85
CA THR A 208 14.06 18.26 -52.17
C THR A 208 14.69 17.97 -53.54
N PRO A 209 14.98 19.00 -54.33
CA PRO A 209 15.56 18.80 -55.65
C PRO A 209 17.09 18.85 -55.63
N ILE A 210 17.69 18.21 -56.63
CA ILE A 210 19.13 18.21 -56.81
C ILE A 210 19.43 17.79 -58.23
N ASN A 211 20.61 18.15 -58.73
CA ASN A 211 21.02 17.84 -60.10
C ASN A 211 22.35 17.10 -60.06
N LEU A 212 22.29 15.79 -59.87
CA LEU A 212 23.46 14.93 -59.90
C LEU A 212 23.07 13.57 -60.45
N VAL A 213 24.00 12.93 -61.16
CA VAL A 213 23.74 11.59 -61.71
C VAL A 213 23.97 10.54 -60.63
N ARG A 214 25.11 10.59 -59.95
CA ARG A 214 25.43 9.67 -58.87
C ARG A 214 26.14 10.43 -57.75
N ASP A 215 26.70 9.71 -56.79
CA ASP A 215 27.49 10.30 -55.71
C ASP A 215 26.66 11.32 -54.93
N LEU A 216 25.67 10.78 -54.19
CA LEU A 216 24.68 11.54 -53.44
C LEU A 216 25.31 12.74 -52.74
N PRO A 217 24.76 13.94 -52.94
CA PRO A 217 25.47 15.15 -52.51
C PRO A 217 25.41 15.34 -51.00
N GLN A 218 26.05 16.43 -50.56
CA GLN A 218 26.08 16.79 -49.15
C GLN A 218 24.77 17.49 -48.78
N GLY A 219 24.75 18.10 -47.61
CA GLY A 219 23.58 18.85 -47.18
C GLY A 219 22.78 18.10 -46.14
N PHE A 220 22.23 18.86 -45.19
CA PHE A 220 21.39 18.31 -44.13
C PHE A 220 19.94 18.69 -44.42
N SER A 221 19.06 17.69 -44.49
CA SER A 221 17.65 17.88 -44.74
C SER A 221 16.84 17.26 -43.60
N ALA A 222 15.52 17.33 -43.72
CA ALA A 222 14.61 16.76 -42.74
C ALA A 222 13.50 16.01 -43.46
N LEU A 223 12.79 15.18 -42.71
CA LEU A 223 11.69 14.39 -43.24
C LEU A 223 10.48 14.56 -42.33
N GLU A 224 9.39 15.08 -42.90
CA GLU A 224 8.17 15.31 -42.13
C GLU A 224 7.30 14.05 -42.12
N PRO A 225 6.65 13.75 -40.99
CA PRO A 225 5.75 12.59 -40.94
C PRO A 225 4.57 12.78 -41.87
N LEU A 226 4.47 11.89 -42.87
CA LEU A 226 3.39 11.95 -43.84
C LEU A 226 2.09 11.39 -43.27
N VAL A 227 2.10 10.11 -42.90
CA VAL A 227 0.93 9.46 -42.33
C VAL A 227 1.39 8.22 -41.58
N ASP A 228 0.80 7.99 -40.40
CA ASP A 228 1.13 6.84 -39.57
C ASP A 228 -0.09 5.92 -39.51
N LEU A 229 -0.10 4.93 -40.38
CA LEU A 229 -1.21 3.99 -40.44
C LEU A 229 -1.13 3.03 -39.26
N PRO A 230 -2.17 2.94 -38.42
CA PRO A 230 -2.14 2.01 -37.29
C PRO A 230 -2.39 0.58 -37.76
N ILE A 231 -1.34 -0.24 -37.69
CA ILE A 231 -1.41 -1.64 -38.09
C ILE A 231 -0.90 -2.50 -36.93
N GLY A 232 -0.96 -3.81 -37.11
CA GLY A 232 -0.51 -4.74 -36.09
C GLY A 232 0.22 -5.94 -36.65
N ILE A 233 0.86 -5.76 -37.80
CA ILE A 233 1.55 -6.83 -38.48
C ILE A 233 3.02 -6.79 -38.09
N ASN A 234 3.70 -7.91 -38.27
CA ASN A 234 5.14 -8.00 -38.08
C ASN A 234 5.84 -7.72 -39.41
N ILE A 235 6.83 -6.84 -39.38
CA ILE A 235 7.57 -6.46 -40.58
C ILE A 235 9.05 -6.73 -40.32
N THR A 236 9.61 -7.69 -41.05
CA THR A 236 11.02 -8.02 -40.97
C THR A 236 11.71 -8.11 -42.32
N ARG A 237 10.97 -8.13 -43.42
CA ARG A 237 11.54 -8.17 -44.76
C ARG A 237 10.73 -7.27 -45.67
N PHE A 238 11.38 -6.73 -46.69
CA PHE A 238 10.71 -5.86 -47.65
C PHE A 238 11.45 -5.90 -48.97
N GLN A 239 10.71 -5.69 -50.05
CA GLN A 239 11.24 -5.68 -51.40
C GLN A 239 10.79 -4.41 -52.11
N THR A 240 11.73 -3.66 -52.67
CA THR A 240 11.41 -2.44 -53.37
C THR A 240 10.68 -2.74 -54.67
N LEU A 241 9.78 -1.86 -55.07
CA LEU A 241 9.00 -2.01 -56.29
C LEU A 241 9.45 -0.96 -57.31
N LEU A 242 9.72 -1.42 -58.54
CA LEU A 242 10.17 -0.53 -59.59
C LEU A 242 9.30 -0.69 -60.84
N ALA A 243 9.69 -0.06 -61.93
CA ALA A 243 8.96 -0.15 -63.19
C ALA A 243 9.93 -0.13 -64.35
N LEU A 244 9.62 -0.92 -65.38
CA LEU A 244 10.44 -1.03 -66.58
C LEU A 244 9.66 -0.54 -67.78
N HIS A 245 10.39 0.06 -68.74
CA HIS A 245 9.80 0.65 -69.93
C HIS A 245 9.96 -0.32 -71.09
N ARG A 246 8.85 -0.73 -71.69
CA ARG A 246 8.84 -1.62 -72.84
C ARG A 246 8.54 -0.77 -74.08
N SER A 247 9.60 -0.31 -74.73
CA SER A 247 9.48 0.51 -75.93
C SER A 247 9.34 -0.40 -77.15
N TYR A 248 9.31 0.20 -78.34
CA TYR A 248 9.20 -0.53 -79.59
C TYR A 248 10.56 -0.78 -80.26
N LEU A 249 11.62 -0.88 -79.47
CA LEU A 249 12.96 -1.10 -79.99
C LEU A 249 13.48 -2.51 -79.76
N THR A 250 12.83 -3.29 -78.90
CA THR A 250 13.25 -4.66 -78.62
C THR A 250 12.05 -5.60 -78.74
N PRO A 251 12.18 -6.69 -79.49
CA PRO A 251 11.07 -7.64 -79.61
C PRO A 251 11.17 -8.77 -78.60
N GLY A 252 10.13 -9.61 -78.58
CA GLY A 252 10.08 -10.77 -77.72
C GLY A 252 8.73 -10.86 -77.05
N ASP A 253 8.65 -11.74 -76.05
CA ASP A 253 7.43 -11.93 -75.28
C ASP A 253 7.36 -10.90 -74.16
N SER A 254 6.43 -11.09 -73.23
CA SER A 254 6.32 -10.18 -72.09
C SER A 254 7.44 -10.38 -71.09
N SER A 255 8.06 -11.56 -71.06
CA SER A 255 9.15 -11.81 -70.13
C SER A 255 10.45 -11.16 -70.59
N SER A 256 10.72 -11.19 -71.89
CA SER A 256 11.94 -10.64 -72.45
C SER A 256 11.69 -9.27 -73.07
N GLY A 257 12.78 -8.62 -73.47
CA GLY A 257 12.70 -7.32 -74.09
C GLY A 257 12.16 -6.24 -73.16
N TRP A 258 12.92 -5.93 -72.11
CA TRP A 258 12.54 -4.92 -71.14
C TRP A 258 13.71 -3.99 -70.87
N THR A 259 13.43 -2.70 -70.81
CA THR A 259 14.44 -1.68 -70.54
C THR A 259 14.03 -0.91 -69.30
N ALA A 260 14.86 -0.99 -68.25
CA ALA A 260 14.54 -0.30 -67.01
C ALA A 260 14.62 1.21 -67.18
N GLY A 261 15.77 1.71 -67.65
CA GLY A 261 15.95 3.14 -67.84
C GLY A 261 17.17 3.68 -67.14
N ALA A 262 16.98 4.63 -66.23
CA ALA A 262 18.07 5.24 -65.46
C ALA A 262 17.51 5.61 -64.09
N ALA A 263 17.72 4.73 -63.11
CA ALA A 263 17.23 4.97 -61.75
C ALA A 263 18.07 4.16 -60.78
N ALA A 264 17.99 4.54 -59.51
CA ALA A 264 18.71 3.86 -58.45
C ALA A 264 18.02 4.16 -57.12
N TYR A 265 18.42 3.43 -56.08
CA TYR A 265 17.86 3.61 -54.76
C TYR A 265 18.87 3.19 -53.72
N TYR A 266 18.95 3.96 -52.63
CA TYR A 266 19.85 3.68 -51.52
C TYR A 266 19.05 3.09 -50.37
N VAL A 267 19.57 2.01 -49.78
CA VAL A 267 18.91 1.34 -48.67
C VAL A 267 19.85 1.40 -47.47
N GLY A 268 19.39 2.01 -46.39
CA GLY A 268 20.16 2.10 -45.17
C GLY A 268 19.38 1.65 -43.97
N TYR A 269 20.05 0.90 -43.09
CA TYR A 269 19.43 0.35 -41.88
C TYR A 269 19.69 1.28 -40.70
N LEU A 270 18.64 1.57 -39.95
CA LEU A 270 18.78 2.44 -38.78
C LEU A 270 19.49 1.70 -37.65
N GLN A 271 19.86 2.46 -36.61
CA GLN A 271 20.56 1.92 -35.47
C GLN A 271 20.25 2.78 -34.25
N PRO A 272 19.92 2.18 -33.11
CA PRO A 272 19.62 2.97 -31.91
C PRO A 272 20.85 3.73 -31.43
N ARG A 273 20.69 5.03 -31.25
CA ARG A 273 21.77 5.90 -30.77
C ARG A 273 21.13 7.18 -30.22
N THR A 274 21.95 8.16 -29.91
CA THR A 274 21.50 9.42 -29.33
C THR A 274 21.86 10.54 -30.29
N PHE A 275 20.87 11.34 -30.69
CA PHE A 275 21.08 12.44 -31.61
C PHE A 275 20.87 13.76 -30.89
N LEU A 276 21.59 14.78 -31.35
CA LEU A 276 21.52 16.14 -30.81
C LEU A 276 21.34 17.09 -32.00
N LEU A 277 20.10 17.40 -32.33
CA LEU A 277 19.78 18.25 -33.47
C LEU A 277 19.30 19.62 -32.98
N LYS A 278 19.59 20.66 -33.75
CA LYS A 278 19.24 22.02 -33.42
C LYS A 278 18.00 22.44 -34.20
N TYR A 279 17.07 23.11 -33.52
CA TYR A 279 15.86 23.61 -34.14
C TYR A 279 16.04 25.07 -34.56
N ASN A 280 15.46 25.43 -35.69
CA ASN A 280 15.53 26.80 -36.18
C ASN A 280 14.39 27.62 -35.59
N GLU A 281 14.32 28.90 -36.00
CA GLU A 281 13.25 29.76 -35.52
C GLU A 281 11.89 29.32 -36.05
N ASN A 282 11.85 28.88 -37.31
CA ASN A 282 10.59 28.42 -37.89
C ASN A 282 10.23 26.99 -37.46
N GLY A 283 11.19 26.24 -36.93
CA GLY A 283 10.92 24.88 -36.49
C GLY A 283 11.50 23.82 -37.41
N THR A 284 12.60 24.15 -38.08
CA THR A 284 13.25 23.23 -39.00
C THR A 284 14.60 22.81 -38.44
N ILE A 285 14.99 21.57 -38.72
CA ILE A 285 16.26 21.04 -38.24
C ILE A 285 17.37 21.51 -39.17
N THR A 286 18.44 22.03 -38.59
CA THR A 286 19.57 22.54 -39.37
C THR A 286 20.72 21.54 -39.42
N ASP A 287 21.23 21.14 -38.26
CA ASP A 287 22.34 20.19 -38.18
C ASP A 287 22.12 19.27 -37.00
N ALA A 288 22.91 18.20 -36.95
CA ALA A 288 22.81 17.23 -35.88
C ALA A 288 24.09 16.44 -35.78
N VAL A 289 24.29 15.82 -34.61
CA VAL A 289 25.43 14.94 -34.38
C VAL A 289 24.91 13.58 -33.95
N ASP A 290 25.80 12.60 -33.84
CA ASP A 290 25.41 11.24 -33.48
C ASP A 290 25.90 10.80 -32.11
N CYS A 291 26.76 11.58 -31.46
CA CYS A 291 27.26 11.32 -30.11
C CYS A 291 28.08 10.04 -30.02
N ALA A 292 28.42 9.43 -31.15
CA ALA A 292 29.26 8.24 -31.15
C ALA A 292 30.40 8.32 -32.17
N LEU A 293 30.50 9.40 -32.93
CA LEU A 293 31.59 9.62 -33.87
C LEU A 293 32.84 10.14 -33.15
N ASP A 294 33.78 10.70 -33.91
CA ASP A 294 35.02 11.30 -33.44
C ASP A 294 34.78 12.10 -32.17
N PRO A 295 35.73 12.09 -31.20
CA PRO A 295 35.48 12.74 -29.91
C PRO A 295 34.97 14.18 -29.98
N LEU A 296 35.13 14.84 -31.12
CA LEU A 296 34.52 16.14 -31.31
C LEU A 296 33.01 16.07 -31.20
N SER A 297 32.41 15.05 -31.84
CA SER A 297 30.96 14.87 -31.76
C SER A 297 30.53 14.53 -30.34
N GLU A 298 31.31 13.70 -29.64
CA GLU A 298 30.98 13.36 -28.26
C GLU A 298 31.05 14.59 -27.36
N THR A 299 32.04 15.45 -27.59
CA THR A 299 32.15 16.68 -26.80
C THR A 299 31.01 17.63 -27.09
N LYS A 300 30.63 17.78 -28.36
CA LYS A 300 29.48 18.61 -28.70
C LYS A 300 28.19 18.04 -28.14
N CYS A 301 28.13 16.71 -27.97
CA CYS A 301 26.93 16.06 -27.48
C CYS A 301 26.80 16.17 -25.96
N THR A 302 27.91 16.02 -25.23
CA THR A 302 27.84 16.08 -23.78
C THR A 302 27.70 17.51 -23.27
N LEU A 303 28.09 18.50 -24.07
CA LEU A 303 28.02 19.89 -23.66
C LEU A 303 26.75 20.59 -24.15
N LYS A 304 25.94 19.92 -24.98
CA LYS A 304 24.70 20.50 -25.52
C LYS A 304 24.98 21.80 -26.26
N SER A 305 26.05 21.82 -27.05
CA SER A 305 26.43 23.01 -27.81
C SER A 305 27.29 22.59 -28.98
N PHE A 306 27.17 23.33 -30.08
CA PHE A 306 27.93 23.04 -31.29
C PHE A 306 29.19 23.90 -31.40
N THR A 307 29.52 24.67 -30.37
CA THR A 307 30.69 25.56 -30.38
C THR A 307 31.48 25.31 -29.09
N VAL A 308 32.45 24.40 -29.15
CA VAL A 308 33.33 24.14 -28.02
C VAL A 308 34.48 25.14 -28.07
N GLU A 309 34.61 25.94 -27.01
CA GLU A 309 35.60 27.01 -27.01
C GLU A 309 37.00 26.47 -26.71
N LYS A 310 37.19 25.92 -25.52
CA LYS A 310 38.49 25.42 -25.09
C LYS A 310 38.34 24.71 -23.77
N GLY A 311 39.21 23.72 -23.52
CA GLY A 311 39.23 23.01 -22.27
C GLY A 311 39.09 21.51 -22.47
N ILE A 312 39.30 20.80 -21.37
CA ILE A 312 39.15 19.35 -21.35
C ILE A 312 37.73 19.02 -20.88
N TYR A 313 37.08 18.08 -21.57
CA TYR A 313 35.70 17.73 -21.29
C TYR A 313 35.56 16.22 -21.31
N GLN A 314 35.02 15.66 -20.22
CA GLN A 314 34.74 14.23 -20.16
C GLN A 314 33.42 13.93 -20.85
N THR A 315 33.44 12.98 -21.78
CA THR A 315 32.26 12.63 -22.56
C THR A 315 31.72 11.25 -22.20
N SER A 316 32.55 10.22 -22.26
CA SER A 316 32.12 8.86 -21.97
C SER A 316 33.18 8.20 -21.10
N ASN A 317 33.04 6.88 -20.90
CA ASN A 317 33.97 6.10 -20.10
C ASN A 317 34.39 4.88 -20.88
N PHE A 318 35.70 4.67 -21.00
CA PHE A 318 36.24 3.53 -21.75
C PHE A 318 36.01 2.26 -20.96
N ARG A 319 35.15 1.38 -21.48
CA ARG A 319 34.82 0.11 -20.85
C ARG A 319 35.08 -1.01 -21.85
N VAL A 320 36.01 -1.90 -21.52
CA VAL A 320 36.30 -3.03 -22.39
C VAL A 320 35.17 -4.04 -22.30
N GLN A 321 34.48 -4.25 -23.41
CA GLN A 321 33.36 -5.18 -23.43
C GLN A 321 33.87 -6.63 -23.45
N PRO A 322 33.19 -7.55 -22.77
CA PRO A 322 33.63 -8.94 -22.78
C PRO A 322 33.51 -9.55 -24.17
N THR A 323 34.32 -10.58 -24.41
CA THR A 323 34.34 -11.27 -25.69
C THR A 323 33.80 -12.69 -25.60
N GLU A 324 34.32 -13.50 -24.69
CA GLU A 324 33.90 -14.88 -24.51
C GLU A 324 33.05 -15.00 -23.25
N SER A 325 32.51 -16.20 -23.03
CA SER A 325 31.70 -16.50 -21.86
C SER A 325 32.13 -17.87 -21.34
N ILE A 326 32.89 -17.88 -20.25
CA ILE A 326 33.43 -19.11 -19.68
C ILE A 326 32.52 -19.56 -18.54
N VAL A 327 32.11 -20.82 -18.57
CA VAL A 327 31.29 -21.43 -17.52
C VAL A 327 32.08 -22.60 -16.93
N ARG A 328 32.27 -22.57 -15.62
CA ARG A 328 33.06 -23.57 -14.92
C ARG A 328 32.19 -24.27 -13.89
N PHE A 329 31.89 -25.54 -14.12
CA PHE A 329 31.13 -26.37 -13.21
C PHE A 329 31.92 -27.64 -12.88
N PRO A 330 31.84 -28.13 -11.64
CA PRO A 330 32.61 -29.31 -11.26
C PRO A 330 32.09 -30.56 -11.95
N ASN A 331 32.91 -31.62 -11.88
CA ASN A 331 32.56 -32.89 -12.50
C ASN A 331 31.48 -33.60 -11.70
N ILE A 332 30.22 -33.35 -12.02
CA ILE A 332 29.09 -33.91 -11.30
C ILE A 332 28.47 -35.02 -12.13
N THR A 333 28.19 -36.14 -11.47
CA THR A 333 27.59 -37.32 -12.10
C THR A 333 26.60 -37.92 -11.11
N ASN A 334 26.20 -39.17 -11.36
CA ASN A 334 25.30 -39.91 -10.46
C ASN A 334 23.97 -39.16 -10.30
N LEU A 335 23.23 -39.13 -11.40
CA LEU A 335 21.95 -38.41 -11.46
C LEU A 335 21.07 -38.76 -10.28
N CYS A 336 20.84 -37.78 -9.42
CA CYS A 336 20.11 -37.96 -8.18
C CYS A 336 18.62 -38.18 -8.43
N PRO A 337 17.99 -39.17 -7.76
CA PRO A 337 16.58 -39.56 -8.01
C PRO A 337 15.54 -38.63 -7.37
N PHE A 338 15.17 -37.58 -8.10
CA PHE A 338 14.13 -36.66 -7.68
C PHE A 338 12.77 -37.32 -7.51
N GLY A 339 12.57 -38.54 -8.03
CA GLY A 339 11.28 -39.20 -7.92
C GLY A 339 10.99 -39.82 -6.57
N GLU A 340 11.97 -39.80 -5.66
CA GLU A 340 11.80 -40.39 -4.34
C GLU A 340 11.20 -39.43 -3.32
N VAL A 341 11.04 -38.15 -3.69
CA VAL A 341 10.44 -37.17 -2.79
C VAL A 341 9.11 -36.69 -3.36
N PHE A 342 9.05 -36.55 -4.68
CA PHE A 342 7.81 -36.12 -5.32
C PHE A 342 6.88 -37.29 -5.59
N ASN A 343 7.40 -38.34 -6.23
CA ASN A 343 6.63 -39.55 -6.52
C ASN A 343 6.76 -40.61 -5.44
N ALA A 344 7.02 -40.20 -4.20
CA ALA A 344 7.19 -41.15 -3.11
C ALA A 344 5.89 -41.90 -2.83
N THR A 345 6.03 -43.10 -2.26
CA THR A 345 4.86 -43.92 -1.96
C THR A 345 4.08 -43.34 -0.79
N ARG A 346 4.72 -43.22 0.36
CA ARG A 346 4.08 -42.71 1.57
C ARG A 346 4.59 -41.32 1.90
N PHE A 347 3.70 -40.48 2.43
CA PHE A 347 4.02 -39.12 2.81
C PHE A 347 3.63 -38.92 4.28
N ALA A 348 4.54 -38.32 5.04
CA ALA A 348 4.28 -38.06 6.45
C ALA A 348 3.39 -36.83 6.61
N SER A 349 2.83 -36.69 7.80
CA SER A 349 1.93 -35.58 8.09
C SER A 349 2.72 -34.31 8.39
N VAL A 350 2.01 -33.26 8.79
CA VAL A 350 2.66 -31.97 9.03
C VAL A 350 3.37 -31.94 10.38
N TYR A 351 2.89 -32.71 11.36
CA TYR A 351 3.52 -32.70 12.68
C TYR A 351 4.84 -33.47 12.68
N ALA A 352 5.04 -34.36 11.72
CA ALA A 352 6.25 -35.16 11.61
C ALA A 352 6.80 -35.08 10.20
N TRP A 353 6.90 -33.85 9.68
CA TRP A 353 7.40 -33.65 8.32
C TRP A 353 8.83 -34.14 8.19
N ASN A 354 9.10 -34.92 7.15
CA ASN A 354 10.42 -35.47 6.92
C ASN A 354 11.35 -34.39 6.38
N ARG A 355 12.65 -34.68 6.40
CA ARG A 355 13.66 -33.75 5.92
C ARG A 355 14.81 -34.56 5.33
N LYS A 356 14.99 -34.44 4.01
CA LYS A 356 16.02 -35.18 3.29
C LYS A 356 17.11 -34.21 2.86
N ARG A 357 18.31 -34.39 3.41
CA ARG A 357 19.45 -33.54 3.07
C ARG A 357 20.08 -34.07 1.78
N ILE A 358 19.60 -33.54 0.66
CA ILE A 358 20.08 -33.98 -0.64
C ILE A 358 21.35 -33.22 -1.00
N SER A 359 22.39 -33.95 -1.36
CA SER A 359 23.66 -33.37 -1.76
C SER A 359 24.28 -34.26 -2.83
N ASN A 360 25.28 -33.72 -3.52
CA ASN A 360 25.90 -34.38 -4.68
C ASN A 360 24.82 -34.76 -5.70
N CYS A 361 24.09 -33.73 -6.13
CA CYS A 361 22.89 -33.89 -6.94
C CYS A 361 23.07 -33.07 -8.21
N VAL A 362 22.46 -33.54 -9.30
CA VAL A 362 22.41 -32.79 -10.55
C VAL A 362 20.96 -32.48 -10.85
N ALA A 363 20.56 -31.22 -10.61
CA ALA A 363 19.17 -30.81 -10.63
C ALA A 363 18.84 -30.13 -11.95
N ASP A 364 17.76 -30.58 -12.60
CA ASP A 364 17.22 -29.94 -13.79
C ASP A 364 15.75 -29.65 -13.49
N TYR A 365 15.50 -28.48 -12.88
CA TYR A 365 14.15 -28.11 -12.47
C TYR A 365 13.25 -27.74 -13.64
N SER A 366 13.76 -27.77 -14.87
CA SER A 366 12.92 -27.46 -16.02
C SER A 366 11.87 -28.55 -16.26
N VAL A 367 12.22 -29.80 -15.95
CA VAL A 367 11.26 -30.89 -16.12
C VAL A 367 10.20 -30.86 -15.03
N LEU A 368 10.48 -30.25 -13.88
CA LEU A 368 9.49 -30.16 -12.82
C LEU A 368 8.52 -29.00 -13.07
N TYR A 369 9.04 -27.84 -13.49
CA TYR A 369 8.17 -26.70 -13.77
C TYR A 369 7.31 -26.95 -15.00
N ASN A 370 7.87 -27.60 -16.02
CA ASN A 370 7.14 -27.89 -17.25
C ASN A 370 6.63 -29.33 -17.17
N SER A 371 5.58 -29.53 -16.38
CA SER A 371 4.98 -30.84 -16.21
C SER A 371 3.45 -30.83 -16.29
N ALA A 372 2.82 -29.67 -16.21
CA ALA A 372 1.35 -29.55 -16.28
C ALA A 372 0.65 -30.40 -15.23
N SER A 373 1.30 -30.59 -14.08
CA SER A 373 0.71 -31.39 -13.00
C SER A 373 0.67 -30.59 -11.71
N PHE A 374 1.64 -29.70 -11.51
CA PHE A 374 1.69 -28.89 -10.30
C PHE A 374 0.70 -27.74 -10.42
N SER A 375 -0.25 -27.68 -9.48
CA SER A 375 -1.27 -26.62 -9.52
C SER A 375 -0.67 -25.28 -9.16
N THR A 376 -0.09 -25.16 -7.96
CA THR A 376 0.50 -23.92 -7.49
C THR A 376 2.02 -24.07 -7.46
N PHE A 377 2.71 -23.13 -8.07
CA PHE A 377 4.17 -23.10 -8.12
C PHE A 377 4.69 -21.75 -7.63
N LYS A 378 4.17 -21.31 -6.49
CA LYS A 378 4.64 -20.05 -5.90
C LYS A 378 6.10 -20.22 -5.52
N CYS A 379 6.99 -19.67 -6.34
CA CYS A 379 8.43 -19.89 -6.20
C CYS A 379 9.06 -18.62 -5.64
N TYR A 380 9.19 -18.57 -4.31
CA TYR A 380 9.71 -17.40 -3.61
C TYR A 380 11.23 -17.45 -3.59
N GLY A 381 11.84 -16.31 -3.35
CA GLY A 381 13.29 -16.24 -3.15
C GLY A 381 14.12 -16.37 -4.42
N VAL A 382 13.74 -17.29 -5.30
CA VAL A 382 14.39 -17.49 -6.58
C VAL A 382 13.30 -17.60 -7.64
N SER A 383 13.63 -17.16 -8.85
CA SER A 383 12.66 -17.18 -9.94
C SER A 383 12.33 -18.61 -10.34
N PRO A 384 11.10 -18.86 -10.78
CA PRO A 384 10.76 -20.21 -11.27
C PRO A 384 11.59 -20.62 -12.48
N THR A 385 11.89 -19.68 -13.38
CA THR A 385 12.75 -19.91 -14.51
C THR A 385 14.14 -19.38 -14.21
N LYS A 386 15.05 -19.55 -15.17
CA LYS A 386 16.45 -19.15 -15.03
C LYS A 386 17.09 -19.78 -13.80
N LEU A 387 16.68 -21.01 -13.47
CA LEU A 387 17.16 -21.71 -12.29
C LEU A 387 18.31 -22.67 -12.60
N ASN A 388 18.45 -23.11 -13.85
CA ASN A 388 19.54 -24.00 -14.21
C ASN A 388 20.90 -23.31 -14.20
N ASP A 389 20.93 -21.97 -14.16
CA ASP A 389 22.17 -21.22 -14.12
C ASP A 389 22.68 -21.00 -12.69
N LEU A 390 22.18 -21.75 -11.73
CA LEU A 390 22.59 -21.65 -10.34
C LEU A 390 23.24 -22.96 -9.91
N CYS A 391 23.92 -22.92 -8.76
CA CYS A 391 24.63 -24.07 -8.23
C CYS A 391 24.58 -23.98 -6.71
N PHE A 392 23.62 -24.68 -6.10
CA PHE A 392 23.34 -24.53 -4.68
C PHE A 392 24.32 -25.31 -3.82
N THR A 393 24.54 -24.82 -2.60
CA THR A 393 25.44 -25.52 -1.68
C THR A 393 24.82 -26.82 -1.19
N ASN A 394 23.66 -26.74 -0.55
CA ASN A 394 22.94 -27.92 -0.08
C ASN A 394 21.46 -27.62 -0.07
N VAL A 395 20.64 -28.60 -0.48
CA VAL A 395 19.21 -28.42 -0.56
C VAL A 395 18.54 -29.34 0.46
N TYR A 396 17.26 -29.06 0.73
CA TYR A 396 16.46 -29.88 1.63
C TYR A 396 15.08 -30.07 1.03
N ALA A 397 14.50 -31.26 1.25
CA ALA A 397 13.20 -31.62 0.71
C ALA A 397 12.29 -32.01 1.88
N ASP A 398 11.35 -31.15 2.22
CA ASP A 398 10.37 -31.42 3.26
C ASP A 398 9.01 -31.68 2.60
N SER A 399 8.29 -32.66 3.14
CA SER A 399 7.01 -33.07 2.58
C SER A 399 5.96 -33.19 3.69
N PHE A 400 4.76 -32.71 3.40
CA PHE A 400 3.64 -32.81 4.32
C PHE A 400 2.35 -32.72 3.52
N VAL A 401 1.24 -33.06 4.17
CA VAL A 401 -0.08 -33.12 3.53
C VAL A 401 -0.99 -32.14 4.25
N ILE A 402 -1.57 -31.20 3.50
CA ILE A 402 -2.51 -30.22 4.03
C ILE A 402 -3.73 -30.17 3.12
N ARG A 403 -4.74 -29.42 3.56
CA ARG A 403 -5.97 -29.27 2.79
C ARG A 403 -5.83 -28.09 1.82
N GLY A 404 -6.94 -27.72 1.18
CA GLY A 404 -6.87 -26.69 0.15
C GLY A 404 -6.63 -25.30 0.71
N ASP A 405 -7.50 -24.87 1.65
CA ASP A 405 -7.37 -23.54 2.24
C ASP A 405 -6.08 -23.37 3.01
N GLU A 406 -5.41 -24.46 3.38
CA GLU A 406 -4.18 -24.38 4.17
C GLU A 406 -2.93 -24.30 3.30
N VAL A 407 -3.07 -24.33 1.97
CA VAL A 407 -1.91 -24.24 1.10
C VAL A 407 -1.33 -22.84 1.12
N ARG A 408 -2.19 -21.82 1.04
CA ARG A 408 -1.73 -20.43 1.04
C ARG A 408 -1.12 -20.03 2.37
N GLN A 409 -1.42 -20.76 3.45
CA GLN A 409 -0.86 -20.42 4.75
C GLN A 409 0.62 -20.81 4.85
N ILE A 410 1.08 -21.74 4.01
CA ILE A 410 2.48 -22.13 3.97
C ILE A 410 3.18 -21.13 3.04
N ALA A 411 3.70 -20.05 3.62
CA ALA A 411 4.35 -19.00 2.86
C ALA A 411 5.26 -18.22 3.79
N PRO A 412 6.37 -17.66 3.30
CA PRO A 412 7.26 -16.88 4.17
C PRO A 412 6.57 -15.62 4.66
N GLY A 413 6.41 -15.52 5.97
CA GLY A 413 5.81 -14.37 6.62
C GLY A 413 4.32 -14.49 6.89
N GLN A 414 3.58 -15.08 5.95
CA GLN A 414 2.14 -15.23 6.12
C GLN A 414 1.83 -16.28 7.18
N THR A 415 1.16 -15.85 8.24
CA THR A 415 0.80 -16.72 9.36
C THR A 415 -0.60 -17.27 9.15
N GLY A 416 -1.10 -17.98 10.16
CA GLY A 416 -2.39 -18.61 10.08
C GLY A 416 -2.65 -19.58 11.21
N LYS A 417 -3.07 -20.80 10.88
CA LYS A 417 -3.32 -21.84 11.86
C LYS A 417 -2.27 -22.95 11.82
N ILE A 418 -1.75 -23.27 10.64
CA ILE A 418 -0.80 -24.37 10.53
C ILE A 418 0.63 -23.89 10.75
N ALA A 419 0.94 -22.65 10.35
CA ALA A 419 2.29 -22.14 10.49
C ALA A 419 2.49 -21.42 11.83
N ASP A 420 2.06 -22.09 12.90
CA ASP A 420 2.33 -21.62 14.27
C ASP A 420 2.84 -22.72 15.20
N TYR A 421 2.49 -23.98 14.97
CA TYR A 421 2.91 -25.06 15.85
C TYR A 421 3.38 -26.32 15.12
N ASN A 422 3.23 -26.38 13.79
CA ASN A 422 3.61 -27.57 13.02
C ASN A 422 4.75 -27.30 12.04
N TYR A 423 4.62 -26.28 11.20
CA TYR A 423 5.64 -25.97 10.20
C TYR A 423 5.63 -24.46 9.98
N LYS A 424 6.63 -23.78 10.54
CA LYS A 424 6.73 -22.33 10.44
C LYS A 424 7.86 -21.97 9.47
N LEU A 425 7.59 -21.01 8.59
CA LEU A 425 8.57 -20.55 7.62
C LEU A 425 8.94 -19.11 7.93
N PRO A 426 10.21 -18.81 8.23
CA PRO A 426 10.60 -17.43 8.53
C PRO A 426 10.72 -16.62 7.24
N ASP A 427 11.11 -15.36 7.41
CA ASP A 427 11.32 -14.46 6.28
C ASP A 427 12.74 -14.59 5.73
N ASP A 428 13.19 -15.83 5.59
CA ASP A 428 14.51 -16.12 5.00
C ASP A 428 14.44 -17.32 4.07
N PHE A 429 13.23 -17.75 3.68
CA PHE A 429 13.06 -18.96 2.91
C PHE A 429 13.53 -18.78 1.47
N THR A 430 14.82 -18.97 1.23
CA THR A 430 15.35 -18.92 -0.14
C THR A 430 15.36 -20.32 -0.76
N GLY A 431 14.22 -21.00 -0.62
CA GLY A 431 13.89 -22.18 -1.39
C GLY A 431 12.86 -21.76 -2.42
N CYS A 432 11.79 -22.55 -2.48
CA CYS A 432 10.63 -22.33 -3.37
C CYS A 432 9.57 -23.41 -3.09
N VAL A 433 8.35 -23.02 -2.72
CA VAL A 433 7.32 -24.03 -2.43
C VAL A 433 6.85 -24.66 -3.74
N ILE A 434 6.59 -25.97 -3.71
CA ILE A 434 5.93 -26.68 -4.80
C ILE A 434 4.74 -27.43 -4.20
N ALA A 435 3.62 -27.43 -4.91
CA ALA A 435 2.41 -28.08 -4.42
C ALA A 435 1.54 -28.50 -5.60
N TRP A 436 0.74 -29.54 -5.36
CA TRP A 436 -0.18 -30.04 -6.38
C TRP A 436 -1.31 -30.79 -5.69
N ASN A 437 -2.36 -31.10 -6.47
CA ASN A 437 -3.52 -31.78 -5.94
C ASN A 437 -3.27 -33.28 -5.87
N SER A 438 -3.69 -33.91 -4.78
CA SER A 438 -3.49 -35.34 -4.56
C SER A 438 -4.75 -35.98 -4.00
N ASN A 439 -5.91 -35.66 -4.58
CA ASN A 439 -7.17 -36.21 -4.12
C ASN A 439 -7.56 -37.43 -4.94
N ASN A 440 -6.58 -38.18 -5.43
CA ASN A 440 -6.84 -39.35 -6.23
C ASN A 440 -6.20 -40.63 -5.69
N LEU A 441 -5.23 -40.52 -4.79
CA LEU A 441 -4.57 -41.70 -4.25
C LEU A 441 -4.40 -41.60 -2.74
N ASP A 442 -4.65 -40.42 -2.18
CA ASP A 442 -4.48 -40.20 -0.75
C ASP A 442 -5.80 -40.16 0.03
N SER A 443 -6.93 -40.07 -0.66
CA SER A 443 -8.24 -40.02 -0.02
C SER A 443 -8.97 -41.35 -0.17
N LYS A 444 -9.84 -41.64 0.80
CA LYS A 444 -10.61 -42.86 0.79
C LYS A 444 -11.96 -42.59 1.42
N VAL A 445 -12.90 -43.53 1.21
CA VAL A 445 -14.25 -43.39 1.76
C VAL A 445 -14.18 -43.52 3.27
N GLY A 446 -14.85 -42.60 3.97
CA GLY A 446 -14.86 -42.57 5.42
C GLY A 446 -13.86 -41.62 6.05
N GLY A 447 -12.94 -41.07 5.26
CA GLY A 447 -11.96 -40.14 5.79
C GLY A 447 -10.65 -40.80 6.18
N ASN A 448 -9.58 -40.46 5.48
CA ASN A 448 -8.26 -41.02 5.77
C ASN A 448 -7.75 -40.43 7.07
N TYR A 449 -7.77 -41.21 8.15
CA TYR A 449 -7.35 -40.76 9.46
C TYR A 449 -5.85 -40.86 9.67
N ASN A 450 -5.09 -41.26 8.65
CA ASN A 450 -3.64 -41.33 8.79
C ASN A 450 -3.02 -39.94 8.80
N TYR A 451 -3.62 -38.98 8.10
CA TYR A 451 -3.13 -37.62 8.04
C TYR A 451 -3.81 -36.79 9.13
N LEU A 452 -3.01 -36.22 10.03
CA LEU A 452 -3.53 -35.41 11.11
C LEU A 452 -2.59 -34.25 11.38
N TYR A 453 -3.10 -33.24 12.08
CA TYR A 453 -2.34 -32.04 12.38
C TYR A 453 -2.54 -31.66 13.84
N ARG A 454 -1.63 -30.84 14.36
CA ARG A 454 -1.69 -30.38 15.73
C ARG A 454 -2.57 -29.14 15.83
N LEU A 455 -3.43 -29.11 16.84
CA LEU A 455 -4.33 -27.98 17.02
C LEU A 455 -3.59 -26.75 17.54
N PHE A 456 -2.98 -26.87 18.73
CA PHE A 456 -2.25 -25.76 19.33
C PHE A 456 -1.20 -26.32 20.27
N ARG A 457 -0.46 -25.41 20.91
CA ARG A 457 0.59 -25.79 21.85
C ARG A 457 0.76 -24.65 22.84
N LYS A 458 1.81 -24.75 23.67
CA LYS A 458 2.06 -23.74 24.69
C LYS A 458 2.45 -22.41 24.05
N SER A 459 3.47 -22.42 23.19
CA SER A 459 3.95 -21.22 22.52
C SER A 459 4.23 -21.56 21.07
N ASN A 460 4.59 -20.53 20.29
CA ASN A 460 4.81 -20.69 18.87
C ASN A 460 6.04 -21.55 18.59
N LEU A 461 5.94 -22.40 17.57
CA LEU A 461 7.02 -23.29 17.21
C LEU A 461 8.13 -22.52 16.49
N LYS A 462 9.37 -22.88 16.79
CA LYS A 462 10.51 -22.24 16.16
C LYS A 462 10.58 -22.63 14.68
N PRO A 463 11.12 -21.77 13.82
CA PRO A 463 11.24 -22.12 12.41
C PRO A 463 12.15 -23.32 12.20
N PHE A 464 11.67 -24.28 11.41
CA PHE A 464 12.39 -25.52 11.11
C PHE A 464 12.75 -26.27 12.40
N GLU A 465 11.71 -26.67 13.13
CA GLU A 465 11.86 -27.38 14.38
C GLU A 465 10.83 -28.50 14.46
N ARG A 466 11.28 -29.69 14.83
CA ARG A 466 10.41 -30.84 14.95
C ARG A 466 9.58 -30.75 16.23
N ASP A 467 8.32 -31.20 16.14
CA ASP A 467 7.41 -31.19 17.28
C ASP A 467 6.65 -32.52 17.28
N ILE A 468 7.17 -33.49 18.01
CA ILE A 468 6.56 -34.80 18.15
C ILE A 468 6.32 -35.02 19.64
N SER A 469 5.10 -34.74 20.10
CA SER A 469 4.77 -34.84 21.51
C SER A 469 3.35 -35.40 21.66
N THR A 470 3.12 -36.08 22.79
CA THR A 470 1.83 -36.66 23.11
C THR A 470 1.16 -35.92 24.26
N GLU A 471 1.93 -35.18 25.06
CA GLU A 471 1.41 -34.46 26.21
C GLU A 471 0.28 -33.52 25.78
N ILE A 472 -0.89 -33.69 26.39
CA ILE A 472 -2.06 -32.89 26.05
C ILE A 472 -1.87 -31.46 26.55
N TYR A 473 -2.59 -30.53 25.93
CA TYR A 473 -2.51 -29.13 26.34
C TYR A 473 -3.28 -28.91 27.64
N GLN A 474 -2.62 -28.27 28.60
CA GLN A 474 -3.25 -27.98 29.89
C GLN A 474 -3.89 -26.60 29.81
N ALA A 475 -5.17 -26.59 29.43
CA ALA A 475 -5.92 -25.35 29.32
C ALA A 475 -6.59 -25.01 30.65
N GLY A 476 -6.96 -23.75 30.80
CA GLY A 476 -7.57 -23.30 32.04
C GLY A 476 -6.55 -23.16 33.14
N SER A 477 -6.89 -23.66 34.32
CA SER A 477 -5.99 -23.61 35.47
C SER A 477 -5.79 -24.93 36.18
N THR A 478 -6.74 -25.87 36.09
CA THR A 478 -6.60 -27.14 36.77
C THR A 478 -5.64 -28.04 35.99
N PRO A 479 -4.64 -28.62 36.65
CA PRO A 479 -3.70 -29.50 35.93
C PRO A 479 -4.40 -30.76 35.43
N CYS A 480 -4.01 -31.19 34.23
CA CYS A 480 -4.61 -32.37 33.63
C CYS A 480 -4.08 -33.67 34.24
N ASN A 481 -2.82 -33.67 34.67
CA ASN A 481 -2.18 -34.83 35.28
C ASN A 481 -2.22 -36.05 34.37
N GLY A 482 -2.13 -35.82 33.06
CA GLY A 482 -2.16 -36.90 32.10
C GLY A 482 -3.51 -37.52 31.84
N VAL A 483 -4.59 -36.91 32.33
CA VAL A 483 -5.94 -37.41 32.15
C VAL A 483 -6.65 -36.52 31.14
N GLU A 484 -7.30 -37.14 30.16
CA GLU A 484 -8.02 -36.40 29.13
C GLU A 484 -9.42 -36.07 29.60
N GLY A 485 -9.85 -34.83 29.36
CA GLY A 485 -11.17 -34.38 29.75
C GLY A 485 -11.42 -32.93 29.39
N PHE A 486 -12.13 -32.22 30.27
CA PHE A 486 -12.40 -30.81 30.04
C PHE A 486 -11.11 -30.00 30.14
N ASN A 487 -10.93 -29.09 29.17
CA ASN A 487 -9.74 -28.25 29.07
C ASN A 487 -8.46 -29.08 28.95
N CYS A 488 -8.57 -30.33 28.54
CA CYS A 488 -7.42 -31.22 28.39
C CYS A 488 -7.54 -32.01 27.09
N TYR A 489 -7.92 -31.33 26.01
CA TYR A 489 -8.09 -32.00 24.73
C TYR A 489 -6.74 -32.44 24.17
N PHE A 490 -6.80 -33.38 23.23
CA PHE A 490 -5.58 -33.86 22.59
C PHE A 490 -5.07 -32.80 21.62
N PRO A 491 -3.76 -32.55 21.61
CA PRO A 491 -3.23 -31.53 20.69
C PRO A 491 -3.34 -31.91 19.23
N LEU A 492 -3.32 -33.20 18.91
CA LEU A 492 -3.44 -33.66 17.54
C LEU A 492 -4.91 -33.90 17.18
N GLN A 493 -5.20 -33.78 15.88
CA GLN A 493 -6.56 -33.97 15.39
C GLN A 493 -6.50 -34.39 13.93
N SER A 494 -7.30 -35.38 13.57
CA SER A 494 -7.31 -35.88 12.19
C SER A 494 -7.93 -34.87 11.25
N TYR A 495 -7.47 -34.91 9.99
CA TYR A 495 -8.00 -33.99 8.98
C TYR A 495 -9.40 -34.40 8.55
N GLY A 496 -9.62 -35.69 8.30
CA GLY A 496 -10.90 -36.15 7.81
C GLY A 496 -11.06 -35.92 6.32
N PHE A 497 -10.13 -36.45 5.53
CA PHE A 497 -10.13 -36.24 4.09
C PHE A 497 -11.20 -37.13 3.46
N GLN A 498 -12.41 -36.57 3.35
CA GLN A 498 -13.50 -37.29 2.71
C GLN A 498 -13.31 -37.30 1.20
N PRO A 499 -13.79 -38.33 0.51
CA PRO A 499 -13.60 -38.37 -0.95
C PRO A 499 -14.35 -37.27 -1.69
N THR A 500 -15.53 -36.89 -1.21
CA THR A 500 -16.34 -35.84 -1.82
C THR A 500 -16.23 -34.58 -0.95
N ASN A 501 -15.29 -33.72 -1.31
CA ASN A 501 -15.05 -32.47 -0.59
C ASN A 501 -14.81 -31.35 -1.58
N GLY A 502 -14.87 -30.11 -1.07
CA GLY A 502 -14.60 -28.96 -1.90
C GLY A 502 -13.13 -28.85 -2.28
N VAL A 503 -12.82 -27.78 -3.02
CA VAL A 503 -11.45 -27.56 -3.45
C VAL A 503 -10.57 -27.18 -2.27
N GLY A 504 -11.19 -26.74 -1.17
CA GLY A 504 -10.46 -26.34 0.01
C GLY A 504 -10.28 -27.42 1.07
N TYR A 505 -10.89 -28.59 0.89
CA TYR A 505 -10.80 -29.67 1.86
C TYR A 505 -10.17 -30.92 1.28
N GLN A 506 -9.44 -30.80 0.17
CA GLN A 506 -8.77 -31.93 -0.44
C GLN A 506 -7.30 -31.98 -0.01
N PRO A 507 -6.75 -33.18 0.19
CA PRO A 507 -5.34 -33.30 0.59
C PRO A 507 -4.42 -32.84 -0.54
N TYR A 508 -3.62 -31.82 -0.25
CA TYR A 508 -2.68 -31.26 -1.22
C TYR A 508 -1.26 -31.58 -0.76
N ARG A 509 -0.55 -32.35 -1.57
CA ARG A 509 0.84 -32.69 -1.26
C ARG A 509 1.72 -31.49 -1.53
N VAL A 510 2.42 -31.01 -0.50
CA VAL A 510 3.30 -29.85 -0.60
C VAL A 510 4.73 -30.30 -0.32
N VAL A 511 5.59 -30.14 -1.31
CA VAL A 511 7.01 -30.50 -1.20
C VAL A 511 7.81 -29.22 -1.37
N VAL A 512 8.33 -28.69 -0.26
CA VAL A 512 9.11 -27.46 -0.29
C VAL A 512 10.58 -27.83 -0.48
N LEU A 513 11.22 -27.22 -1.48
CA LEU A 513 12.64 -27.45 -1.74
C LEU A 513 13.42 -26.25 -1.23
N SER A 514 13.73 -26.29 0.07
CA SER A 514 14.44 -25.20 0.72
C SER A 514 15.89 -25.19 0.28
N PHE A 515 16.25 -24.22 -0.55
CA PHE A 515 17.63 -24.07 -0.99
C PHE A 515 18.41 -23.17 -0.04
N GLU A 516 19.67 -23.53 0.18
CA GLU A 516 20.54 -22.76 1.07
C GLU A 516 21.69 -22.19 0.24
N LEU A 517 21.88 -20.88 0.33
CA LEU A 517 22.95 -20.18 -0.40
C LEU A 517 23.99 -19.74 0.61
N LEU A 518 25.10 -20.47 0.67
CA LEU A 518 26.19 -20.19 1.59
C LEU A 518 27.49 -20.04 0.80
N HIS A 519 28.60 -19.89 1.53
CA HIS A 519 29.91 -19.75 0.92
C HIS A 519 30.64 -21.08 0.77
N ALA A 520 30.07 -22.17 1.26
CA ALA A 520 30.70 -23.48 1.14
C ALA A 520 30.71 -23.93 -0.32
N PRO A 521 31.66 -24.81 -0.68
CA PRO A 521 31.68 -25.34 -2.05
C PRO A 521 30.39 -26.09 -2.36
N ALA A 522 29.77 -25.74 -3.47
CA ALA A 522 28.48 -26.30 -3.84
C ALA A 522 28.60 -27.77 -4.22
N THR A 523 27.56 -28.54 -3.90
CA THR A 523 27.47 -29.94 -4.28
C THR A 523 26.39 -30.20 -5.31
N VAL A 524 25.15 -29.79 -5.04
CA VAL A 524 24.07 -29.86 -6.02
C VAL A 524 24.26 -28.71 -7.00
N CYS A 525 24.17 -29.01 -8.28
CA CYS A 525 24.48 -28.01 -9.30
C CYS A 525 23.47 -28.12 -10.45
N GLY A 526 23.68 -27.31 -11.48
CA GLY A 526 22.80 -27.28 -12.62
C GLY A 526 23.27 -28.16 -13.76
N PRO A 527 22.42 -28.34 -14.76
CA PRO A 527 22.78 -29.18 -15.91
C PRO A 527 23.55 -28.47 -17.01
N LYS A 528 23.96 -27.23 -16.79
CA LYS A 528 24.69 -26.49 -17.81
C LYS A 528 26.08 -27.08 -18.03
N LYS A 529 26.52 -27.09 -19.28
CA LYS A 529 27.81 -27.65 -19.63
C LYS A 529 28.93 -26.68 -19.29
N SER A 530 30.13 -27.22 -19.11
CA SER A 530 31.30 -26.42 -18.78
C SER A 530 32.00 -25.97 -20.06
N THR A 531 33.03 -25.14 -19.90
CA THR A 531 33.80 -24.62 -21.02
C THR A 531 35.28 -24.81 -20.71
N ASN A 532 36.13 -24.25 -21.56
CA ASN A 532 37.57 -24.34 -21.41
C ASN A 532 38.10 -23.11 -20.65
N LEU A 533 39.18 -23.31 -19.91
CA LEU A 533 39.75 -22.23 -19.10
C LEU A 533 40.54 -21.29 -19.98
N VAL A 534 40.18 -20.00 -19.95
CA VAL A 534 40.89 -18.95 -20.66
C VAL A 534 41.44 -17.97 -19.64
N LYS A 535 42.66 -17.50 -19.87
CA LYS A 535 43.34 -16.62 -18.94
C LYS A 535 43.78 -15.32 -19.62
N ASN A 536 43.91 -14.27 -18.81
CA ASN A 536 44.38 -12.96 -19.26
C ASN A 536 43.48 -12.37 -20.33
N LYS A 537 42.17 -12.45 -20.08
CA LYS A 537 41.18 -11.91 -21.00
C LYS A 537 40.03 -11.33 -20.21
N CYS A 538 39.57 -10.15 -20.62
CA CYS A 538 38.40 -9.51 -20.01
C CYS A 538 37.16 -10.22 -20.53
N VAL A 539 36.78 -11.31 -19.87
CA VAL A 539 35.65 -12.12 -20.28
C VAL A 539 34.69 -12.24 -19.10
N ASN A 540 33.49 -12.75 -19.39
CA ASN A 540 32.44 -12.94 -18.40
C ASN A 540 32.59 -14.33 -17.79
N PHE A 541 32.92 -14.39 -16.50
CA PHE A 541 33.08 -15.66 -15.82
C PHE A 541 31.76 -16.11 -15.21
N ASN A 542 31.56 -17.43 -15.20
CA ASN A 542 30.36 -18.07 -14.68
C ASN A 542 30.74 -19.20 -13.74
N PHE A 543 31.60 -18.90 -12.77
CA PHE A 543 32.16 -19.90 -11.88
C PHE A 543 31.07 -20.47 -10.96
N ASN A 544 31.50 -21.37 -10.06
CA ASN A 544 30.57 -22.08 -9.18
C ASN A 544 29.65 -21.13 -8.45
N GLY A 545 30.21 -20.22 -7.65
CA GLY A 545 29.41 -19.31 -6.86
C GLY A 545 29.50 -17.87 -7.32
N LEU A 546 30.48 -17.57 -8.16
CA LEU A 546 30.72 -16.20 -8.62
C LEU A 546 30.22 -16.02 -10.05
N THR A 547 29.81 -14.79 -10.36
CA THR A 547 29.34 -14.44 -11.69
C THR A 547 29.70 -12.98 -11.96
N GLY A 548 30.03 -12.69 -13.21
CA GLY A 548 30.40 -11.35 -13.61
C GLY A 548 31.47 -11.39 -14.67
N THR A 549 32.15 -10.26 -14.85
CA THR A 549 33.22 -10.12 -15.82
C THR A 549 34.52 -9.74 -15.13
N GLY A 550 35.62 -10.19 -15.71
CA GLY A 550 36.93 -9.87 -15.15
C GLY A 550 38.01 -10.68 -15.84
N VAL A 551 39.24 -10.46 -15.39
CA VAL A 551 40.42 -11.15 -15.90
C VAL A 551 40.74 -12.30 -14.96
N LEU A 552 40.96 -13.48 -15.52
CA LEU A 552 41.34 -14.66 -14.74
C LEU A 552 42.84 -14.89 -14.90
N THR A 553 43.59 -14.63 -13.84
CA THR A 553 45.04 -14.76 -13.85
C THR A 553 45.45 -15.88 -12.88
N GLU A 554 46.73 -16.24 -12.93
CA GLU A 554 47.30 -17.27 -12.06
C GLU A 554 48.17 -16.56 -11.02
N SER A 555 47.59 -16.30 -9.86
CA SER A 555 48.30 -15.61 -8.78
C SER A 555 49.08 -16.63 -7.97
N ASN A 556 49.62 -16.19 -6.84
CA ASN A 556 50.41 -17.05 -5.95
C ASN A 556 49.80 -17.09 -4.55
N LYS A 557 48.50 -16.91 -4.45
CA LYS A 557 47.83 -16.96 -3.15
C LYS A 557 47.82 -18.37 -2.60
N LYS A 558 47.87 -18.47 -1.28
CA LYS A 558 47.87 -19.76 -0.57
C LYS A 558 46.46 -20.04 -0.08
N PHE A 559 45.70 -20.79 -0.88
CA PHE A 559 44.33 -21.14 -0.53
C PHE A 559 44.33 -22.43 0.29
N LEU A 560 43.73 -22.38 1.47
CA LEU A 560 43.64 -23.55 2.31
C LEU A 560 42.60 -24.52 1.74
N PRO A 561 42.72 -25.82 2.07
CA PRO A 561 41.77 -26.81 1.51
C PRO A 561 40.31 -26.44 1.71
N PHE A 562 39.92 -26.01 2.92
CA PHE A 562 38.52 -25.67 3.17
C PHE A 562 38.12 -24.36 2.52
N GLN A 563 39.07 -23.47 2.22
CA GLN A 563 38.74 -22.20 1.61
C GLN A 563 38.32 -22.39 0.16
N GLN A 564 37.25 -21.69 -0.23
CA GLN A 564 36.72 -21.76 -1.58
C GLN A 564 36.76 -20.42 -2.30
N PHE A 565 36.30 -19.36 -1.65
CA PHE A 565 36.27 -18.02 -2.25
C PHE A 565 37.24 -17.10 -1.52
N GLY A 566 37.32 -15.87 -2.00
CA GLY A 566 38.19 -14.88 -1.39
C GLY A 566 37.80 -13.45 -1.72
N ARG A 567 37.68 -12.61 -0.70
CA ARG A 567 37.35 -11.20 -0.88
C ARG A 567 38.59 -10.33 -0.72
N ASP A 568 38.42 -9.03 -0.97
CA ASP A 568 39.52 -8.09 -0.89
C ASP A 568 39.33 -7.10 0.25
N ILE A 569 38.23 -6.34 0.25
CA ILE A 569 37.98 -5.39 1.33
C ILE A 569 36.59 -5.60 1.92
N ALA A 570 35.55 -5.60 1.09
CA ALA A 570 34.19 -5.79 1.57
C ALA A 570 33.34 -6.31 0.41
N ASP A 571 33.10 -7.63 0.39
CA ASP A 571 32.23 -8.27 -0.59
C ASP A 571 32.69 -8.00 -2.02
N THR A 572 34.01 -7.95 -2.22
CA THR A 572 34.61 -7.81 -3.55
C THR A 572 35.51 -9.01 -3.77
N THR A 573 35.00 -9.99 -4.54
CA THR A 573 35.74 -11.22 -4.80
C THR A 573 36.88 -10.94 -5.77
N ASP A 574 38.10 -11.32 -5.39
CA ASP A 574 39.27 -11.12 -6.23
C ASP A 574 39.97 -12.41 -6.62
N ALA A 575 39.62 -13.55 -6.02
CA ALA A 575 40.25 -14.82 -6.34
C ALA A 575 39.32 -15.94 -5.94
N VAL A 576 39.21 -16.96 -6.81
CA VAL A 576 38.36 -18.12 -6.58
C VAL A 576 39.18 -19.37 -6.84
N ARG A 577 38.52 -20.52 -6.69
CA ARG A 577 39.13 -21.82 -6.92
C ARG A 577 38.41 -22.51 -8.08
N ASP A 578 39.18 -23.13 -8.95
CA ASP A 578 38.60 -23.83 -10.09
C ASP A 578 37.77 -25.02 -9.61
N PRO A 579 36.54 -25.17 -10.09
CA PRO A 579 35.72 -26.30 -9.63
C PRO A 579 36.24 -27.65 -10.10
N GLN A 580 36.71 -27.73 -11.36
CA GLN A 580 37.17 -29.01 -11.89
C GLN A 580 38.57 -29.35 -11.37
N THR A 581 39.54 -28.48 -11.65
CA THR A 581 40.93 -28.73 -11.27
C THR A 581 41.19 -28.17 -9.86
N LEU A 582 42.46 -28.11 -9.48
CA LEU A 582 42.88 -27.61 -8.18
C LEU A 582 43.55 -26.25 -8.27
N GLU A 583 43.93 -25.82 -9.48
CA GLU A 583 44.64 -24.56 -9.65
C GLU A 583 43.80 -23.39 -9.12
N ILE A 584 44.49 -22.36 -8.66
CA ILE A 584 43.87 -21.19 -8.05
C ILE A 584 43.90 -20.05 -9.06
N LEU A 585 42.73 -19.47 -9.33
CA LEU A 585 42.63 -18.36 -10.26
C LEU A 585 42.69 -17.04 -9.49
N ASP A 586 42.46 -15.92 -10.18
CA ASP A 586 42.48 -14.61 -9.55
C ASP A 586 41.59 -13.69 -10.39
N ILE A 587 40.37 -13.44 -9.91
CA ILE A 587 39.42 -12.61 -10.64
C ILE A 587 39.83 -11.16 -10.49
N THR A 588 40.32 -10.56 -11.58
CA THR A 588 40.74 -9.17 -11.59
C THR A 588 39.86 -8.37 -12.53
N PRO A 589 39.30 -7.25 -12.08
CA PRO A 589 38.51 -6.41 -12.98
C PRO A 589 39.34 -5.91 -14.15
N CYS A 590 38.82 -6.10 -15.36
CA CYS A 590 39.59 -5.77 -16.55
C CYS A 590 39.65 -4.26 -16.76
N SER A 591 40.24 -3.87 -17.89
CA SER A 591 40.57 -2.47 -18.16
C SER A 591 39.31 -1.60 -18.18
N PHE A 592 39.30 -0.57 -17.34
CA PHE A 592 38.24 0.42 -17.34
C PHE A 592 38.85 1.82 -17.24
N GLY A 593 38.02 2.84 -17.13
CA GLY A 593 38.47 4.20 -16.97
C GLY A 593 37.61 5.17 -17.76
N GLY A 594 37.77 6.45 -17.45
CA GLY A 594 37.01 7.49 -18.12
C GLY A 594 37.71 8.04 -19.35
N VAL A 595 36.91 8.61 -20.25
CA VAL A 595 37.41 9.21 -21.48
C VAL A 595 37.32 10.72 -21.34
N SER A 596 38.47 11.38 -21.42
CA SER A 596 38.55 12.84 -21.33
C SER A 596 39.04 13.38 -22.66
N VAL A 597 38.21 14.20 -23.30
CA VAL A 597 38.51 14.72 -24.63
C VAL A 597 39.05 16.14 -24.51
N ILE A 598 40.19 16.39 -25.15
CA ILE A 598 40.77 17.72 -25.24
C ILE A 598 40.63 18.17 -26.68
N THR A 599 40.44 19.47 -26.89
CA THR A 599 40.27 20.02 -28.22
C THR A 599 40.45 21.53 -28.21
N PRO A 600 41.05 22.10 -29.27
CA PRO A 600 41.10 23.55 -29.40
C PRO A 600 39.75 24.11 -29.87
N GLY A 601 39.70 25.41 -30.17
CA GLY A 601 38.49 26.04 -30.64
C GLY A 601 37.94 25.39 -31.90
N THR A 602 36.64 25.10 -31.90
CA THR A 602 36.01 24.48 -33.07
C THR A 602 36.05 25.40 -34.27
N ASN A 603 36.04 26.72 -34.05
CA ASN A 603 36.17 27.66 -35.16
C ASN A 603 37.57 27.63 -35.76
N THR A 604 38.57 27.21 -34.99
CA THR A 604 39.92 27.12 -35.51
C THR A 604 40.13 25.87 -36.35
N SER A 605 39.91 24.70 -35.76
CA SER A 605 40.09 23.44 -36.48
C SER A 605 39.28 22.36 -35.78
N ASN A 606 38.79 21.41 -36.58
CA ASN A 606 38.01 20.29 -36.08
C ASN A 606 38.88 19.07 -35.79
N GLN A 607 39.92 19.31 -34.97
CA GLN A 607 40.83 18.23 -34.57
C GLN A 607 40.72 18.02 -33.08
N VAL A 608 40.73 16.77 -32.63
CA VAL A 608 40.65 16.42 -31.22
C VAL A 608 41.76 15.43 -30.89
N ALA A 609 41.82 15.05 -29.62
CA ALA A 609 42.81 14.08 -29.15
C ALA A 609 42.22 13.36 -27.94
N VAL A 610 41.72 12.15 -28.17
CA VAL A 610 41.10 11.38 -27.10
C VAL A 610 42.16 10.93 -26.11
N LEU A 611 41.83 10.98 -24.82
CA LEU A 611 42.74 10.59 -23.75
C LEU A 611 42.01 9.65 -22.80
N TYR A 612 42.59 8.48 -22.55
CA TYR A 612 42.03 7.51 -21.62
C TYR A 612 42.72 7.65 -20.28
N GLN A 613 41.92 7.81 -19.23
CA GLN A 613 42.44 8.06 -17.89
C GLN A 613 42.89 6.77 -17.23
N ASP A 614 44.14 6.77 -16.73
CA ASP A 614 44.71 5.64 -15.99
C ASP A 614 44.70 4.36 -16.83
N VAL A 615 45.13 4.49 -18.08
CA VAL A 615 45.21 3.37 -19.00
C VAL A 615 46.58 3.36 -19.66
N ASN A 616 47.19 2.18 -19.71
CA ASN A 616 48.48 1.96 -20.34
C ASN A 616 48.36 1.78 -21.85
N CYS A 617 47.13 1.88 -22.38
CA CYS A 617 46.81 1.65 -23.80
C CYS A 617 47.57 0.46 -24.39
N THR A 618 47.63 -0.63 -23.63
CA THR A 618 48.05 -1.92 -24.17
C THR A 618 46.87 -2.85 -24.41
N GLU A 619 45.75 -2.64 -23.73
CA GLU A 619 44.54 -3.45 -23.91
C GLU A 619 43.45 -2.71 -24.66
N VAL A 620 43.69 -1.47 -25.06
CA VAL A 620 42.69 -0.68 -25.78
C VAL A 620 42.48 -1.24 -27.18
N ASN A 641 52.19 9.55 -32.28
CA ASN A 641 50.74 9.46 -32.18
C ASN A 641 50.31 9.31 -30.73
N VAL A 642 50.81 8.28 -30.06
CA VAL A 642 50.48 7.99 -28.67
C VAL A 642 51.72 8.24 -27.81
N PHE A 643 51.52 8.85 -26.65
CA PHE A 643 52.60 9.13 -25.71
C PHE A 643 52.12 8.84 -24.29
N GLN A 644 52.79 7.89 -23.64
CA GLN A 644 52.43 7.47 -22.29
C GLN A 644 52.87 8.53 -21.30
N THR A 645 51.95 8.95 -20.43
CA THR A 645 52.21 9.93 -19.38
C THR A 645 51.81 9.35 -18.03
N ARG A 646 51.93 10.18 -16.99
CA ARG A 646 51.57 9.76 -15.65
C ARG A 646 50.07 9.61 -15.44
N ALA A 647 49.25 10.34 -16.22
CA ALA A 647 47.81 10.21 -16.15
C ALA A 647 47.23 9.26 -17.17
N GLY A 648 48.06 8.63 -17.99
CA GLY A 648 47.59 7.73 -19.02
C GLY A 648 48.45 7.81 -20.27
N CYS A 649 47.80 7.96 -21.43
CA CYS A 649 48.48 8.11 -22.71
C CYS A 649 47.54 8.84 -23.67
N LEU A 650 47.97 10.00 -24.14
CA LEU A 650 47.17 10.85 -25.02
C LEU A 650 47.29 10.32 -26.45
N ILE A 651 46.20 9.75 -26.95
CA ILE A 651 46.16 9.18 -28.29
C ILE A 651 45.58 10.24 -29.23
N GLY A 652 46.45 10.86 -30.03
CA GLY A 652 45.99 11.85 -30.98
C GLY A 652 46.90 13.06 -31.10
N ALA A 653 47.82 13.21 -30.16
CA ALA A 653 48.73 14.34 -30.14
C ALA A 653 50.17 13.84 -29.98
N GLU A 654 51.10 14.62 -30.52
CA GLU A 654 52.52 14.29 -30.45
C GLU A 654 53.15 14.94 -29.23
N HIS A 655 54.20 14.30 -28.71
CA HIS A 655 54.92 14.78 -27.53
C HIS A 655 56.22 15.41 -27.99
N VAL A 656 56.22 16.74 -28.15
CA VAL A 656 57.43 17.44 -28.55
C VAL A 656 58.35 17.59 -27.35
N ASN A 657 59.64 17.82 -27.64
CA ASN A 657 60.66 17.95 -26.62
C ASN A 657 60.85 19.40 -26.18
N ASN A 658 60.10 20.34 -26.73
CA ASN A 658 60.19 21.74 -26.35
C ASN A 658 59.45 21.97 -25.04
N SER A 659 59.43 23.23 -24.59
CA SER A 659 58.78 23.57 -23.33
C SER A 659 58.23 24.99 -23.45
N TYR A 660 56.91 25.09 -23.62
CA TYR A 660 56.21 26.36 -23.57
C TYR A 660 55.20 26.34 -22.42
N GLU A 661 54.48 27.44 -22.25
CA GLU A 661 53.39 27.49 -21.29
C GLU A 661 52.13 26.91 -21.91
N CYS A 662 51.96 25.60 -21.77
CA CYS A 662 50.84 24.92 -22.42
C CYS A 662 49.52 25.42 -21.83
N ASP A 663 48.47 25.41 -22.66
CA ASP A 663 47.23 26.11 -22.36
C ASP A 663 46.16 25.23 -21.73
N ILE A 664 45.75 24.17 -22.40
CA ILE A 664 44.62 23.35 -21.95
C ILE A 664 45.09 22.37 -20.89
N PRO A 665 44.74 22.57 -19.61
CA PRO A 665 45.26 21.71 -18.54
C PRO A 665 44.76 20.28 -18.69
N ILE A 666 45.68 19.32 -18.55
CA ILE A 666 45.35 17.90 -18.64
C ILE A 666 45.63 17.19 -17.32
N GLY A 667 46.87 17.22 -16.85
CA GLY A 667 47.23 16.56 -15.61
C GLY A 667 48.68 16.12 -15.58
N ALA A 668 49.25 16.05 -14.37
CA ALA A 668 50.64 15.64 -14.16
C ALA A 668 51.62 16.52 -14.93
N GLY A 669 51.29 17.80 -15.08
CA GLY A 669 52.17 18.75 -15.74
C GLY A 669 52.04 18.77 -17.25
N ILE A 670 51.90 17.60 -17.86
CA ILE A 670 51.82 17.50 -19.31
C ILE A 670 50.42 17.94 -19.74
N CYS A 671 50.30 19.18 -20.23
CA CYS A 671 49.05 19.64 -20.79
C CYS A 671 49.27 20.05 -22.24
N ALA A 672 48.18 20.26 -22.97
CA ALA A 672 48.24 20.34 -24.43
C ALA A 672 47.99 21.76 -24.90
N SER A 673 48.34 22.00 -26.16
CA SER A 673 48.14 23.28 -26.82
C SER A 673 47.85 23.00 -28.30
N TYR A 674 47.88 24.05 -29.11
CA TYR A 674 47.68 23.96 -30.56
C TYR A 674 48.68 24.88 -31.24
N GLN A 675 49.81 24.31 -31.66
CA GLN A 675 50.85 25.04 -32.36
C GLN A 675 51.27 24.28 -33.61
N THR A 676 52.02 24.96 -34.46
CA THR A 676 52.50 24.37 -35.71
C THR A 676 53.56 23.30 -35.44
N SER A 689 50.81 22.99 -41.66
CA SER A 689 50.76 21.67 -41.06
C SER A 689 50.60 21.76 -39.54
N GLN A 690 49.39 22.11 -39.10
CA GLN A 690 49.11 22.23 -37.68
C GLN A 690 48.78 20.87 -37.08
N SER A 691 49.11 20.72 -35.79
CA SER A 691 48.86 19.47 -35.09
C SER A 691 48.85 19.75 -33.59
N ILE A 692 48.07 18.96 -32.86
CA ILE A 692 47.99 19.10 -31.41
C ILE A 692 49.25 18.53 -30.78
N ILE A 693 49.83 19.27 -29.85
CA ILE A 693 51.05 18.86 -29.17
C ILE A 693 50.77 18.77 -27.68
N ALA A 694 51.57 17.95 -27.00
CA ALA A 694 51.45 17.75 -25.55
C ALA A 694 52.86 17.69 -24.98
N TYR A 695 53.29 18.78 -24.34
CA TYR A 695 54.64 18.91 -23.81
C TYR A 695 54.59 19.26 -22.33
N THR A 696 55.76 19.32 -21.72
CA THR A 696 55.88 19.70 -20.32
C THR A 696 55.60 21.18 -20.17
N MET A 697 54.74 21.53 -19.21
CA MET A 697 54.41 22.92 -18.98
C MET A 697 55.62 23.67 -18.42
N SER A 698 55.76 24.93 -18.81
CA SER A 698 56.83 25.79 -18.33
C SER A 698 56.31 26.66 -17.20
N LEU A 699 57.08 26.72 -16.12
CA LEU A 699 56.73 27.53 -14.95
C LEU A 699 57.04 29.00 -15.14
N GLY A 700 57.35 29.43 -16.36
CA GLY A 700 57.69 30.82 -16.62
C GLY A 700 59.05 30.96 -17.27
N ALA A 701 59.68 32.11 -17.11
CA ALA A 701 61.01 32.35 -17.66
C ALA A 701 62.06 31.77 -16.72
N GLU A 702 63.34 32.00 -17.02
CA GLU A 702 64.46 31.53 -16.22
C GLU A 702 65.37 32.72 -15.96
N ASN A 703 65.09 33.46 -14.88
CA ASN A 703 65.86 34.63 -14.51
C ASN A 703 66.93 34.25 -13.50
N SER A 704 68.07 34.95 -13.59
CA SER A 704 69.20 34.73 -12.69
C SER A 704 69.66 36.08 -12.17
N VAL A 705 69.20 36.44 -10.98
CA VAL A 705 69.55 37.73 -10.38
C VAL A 705 71.02 37.68 -9.95
N ALA A 706 71.82 38.61 -10.46
CA ALA A 706 73.24 38.69 -10.13
C ALA A 706 73.39 39.27 -8.72
N TYR A 707 73.17 38.41 -7.73
CA TYR A 707 73.25 38.83 -6.34
C TYR A 707 74.70 39.13 -5.96
N SER A 708 74.89 40.23 -5.23
CA SER A 708 76.21 40.61 -4.76
C SER A 708 76.05 41.41 -3.48
N ASN A 709 77.09 41.35 -2.63
CA ASN A 709 77.06 42.05 -1.35
C ASN A 709 77.26 43.55 -1.48
N ASN A 710 77.62 44.05 -2.66
CA ASN A 710 77.84 45.47 -2.88
C ASN A 710 77.18 45.91 -4.19
N SER A 711 75.97 45.41 -4.45
CA SER A 711 75.26 45.74 -5.68
C SER A 711 73.77 45.85 -5.37
N ILE A 712 73.18 46.99 -5.72
CA ILE A 712 71.76 47.23 -5.52
C ILE A 712 71.18 47.80 -6.81
N ALA A 713 69.87 47.61 -6.99
CA ALA A 713 69.16 48.07 -8.17
C ALA A 713 68.05 49.03 -7.73
N ILE A 714 68.29 50.32 -7.92
CA ILE A 714 67.31 51.35 -7.57
C ILE A 714 66.62 51.81 -8.84
N PRO A 715 65.29 51.76 -8.92
CA PRO A 715 64.61 52.18 -10.14
C PRO A 715 64.64 53.69 -10.31
N THR A 716 64.64 54.12 -11.57
CA THR A 716 64.67 55.54 -11.92
C THR A 716 63.37 56.01 -12.55
N ASN A 717 62.41 55.12 -12.81
CA ASN A 717 61.17 55.49 -13.44
C ASN A 717 60.06 54.62 -12.88
N PHE A 718 58.82 54.96 -13.22
CA PHE A 718 57.65 54.22 -12.77
C PHE A 718 56.54 54.35 -13.79
N THR A 719 55.48 53.59 -13.59
CA THR A 719 54.31 53.66 -14.46
C THR A 719 53.09 53.22 -13.64
N ILE A 720 51.95 53.88 -13.88
CA ILE A 720 50.73 53.54 -13.18
C ILE A 720 49.91 52.57 -14.04
N SER A 721 49.62 51.40 -13.50
CA SER A 721 48.86 50.37 -14.21
C SER A 721 47.57 50.10 -13.44
N VAL A 722 46.44 50.35 -14.09
CA VAL A 722 45.13 50.12 -13.49
C VAL A 722 44.65 48.73 -13.89
N THR A 723 44.41 47.88 -12.91
CA THR A 723 43.96 46.52 -13.13
C THR A 723 42.60 46.31 -12.51
N THR A 724 41.84 45.37 -13.06
CA THR A 724 40.51 45.04 -12.58
C THR A 724 40.53 43.77 -11.75
N GLU A 725 39.51 43.61 -10.92
CA GLU A 725 39.37 42.43 -10.08
C GLU A 725 37.89 42.16 -9.88
N ILE A 726 37.38 41.13 -10.54
CA ILE A 726 35.96 40.80 -10.48
C ILE A 726 35.67 40.06 -9.19
N LEU A 727 34.65 40.49 -8.47
CA LEU A 727 34.27 39.86 -7.21
C LEU A 727 32.75 39.75 -7.10
N PRO A 728 32.20 38.54 -7.10
CA PRO A 728 30.75 38.39 -6.93
C PRO A 728 30.32 38.80 -5.53
N VAL A 729 29.15 39.43 -5.46
CA VAL A 729 28.60 39.94 -4.21
C VAL A 729 27.33 39.20 -3.82
N SER A 730 26.50 38.85 -4.80
CA SER A 730 25.23 38.18 -4.51
C SER A 730 24.78 37.42 -5.75
N MET A 731 23.92 36.43 -5.52
CA MET A 731 23.33 35.62 -6.58
C MET A 731 21.87 36.05 -6.79
N THR A 732 21.21 35.38 -7.72
CA THR A 732 19.79 35.63 -7.96
C THR A 732 18.96 35.07 -6.81
N LYS A 733 17.96 35.82 -6.39
CA LYS A 733 17.11 35.40 -5.28
C LYS A 733 16.04 34.45 -5.78
N THR A 734 16.18 33.17 -5.44
CA THR A 734 15.23 32.14 -5.84
C THR A 734 14.48 31.61 -4.61
N SER A 735 13.21 31.25 -4.82
CA SER A 735 12.38 30.71 -3.75
C SER A 735 11.37 29.77 -4.39
N VAL A 736 11.67 28.48 -4.35
CA VAL A 736 10.79 27.46 -4.94
C VAL A 736 9.76 27.05 -3.89
N ASP A 737 8.51 26.91 -4.32
CA ASP A 737 7.46 26.46 -3.43
C ASP A 737 7.46 24.95 -3.34
N CYS A 738 7.66 24.42 -2.13
CA CYS A 738 7.75 22.98 -1.95
C CYS A 738 6.44 22.29 -2.33
N THR A 739 5.32 22.81 -1.83
CA THR A 739 4.03 22.18 -2.08
C THR A 739 3.67 22.21 -3.56
N MET A 740 3.93 23.33 -4.24
CA MET A 740 3.59 23.44 -5.65
C MET A 740 4.56 22.66 -6.53
N TYR A 741 5.82 22.56 -6.13
CA TYR A 741 6.79 21.85 -6.95
C TYR A 741 6.66 20.34 -6.80
N ILE A 742 6.28 19.87 -5.60
CA ILE A 742 6.15 18.43 -5.40
C ILE A 742 4.92 17.88 -6.11
N CYS A 743 3.78 18.56 -5.98
CA CYS A 743 2.54 18.14 -6.61
C CYS A 743 1.71 19.36 -6.96
N GLY A 744 1.24 19.42 -8.21
CA GLY A 744 0.39 20.51 -8.64
C GLY A 744 -1.04 20.08 -8.89
N ASP A 745 -2.00 20.80 -8.31
CA ASP A 745 -3.43 20.53 -8.47
C ASP A 745 -3.77 19.10 -8.02
N SER A 746 -3.54 18.85 -6.73
CA SER A 746 -3.85 17.55 -6.13
C SER A 746 -3.95 17.71 -4.63
N THR A 747 -5.13 17.42 -4.07
CA THR A 747 -5.30 17.52 -2.63
C THR A 747 -4.73 16.31 -1.90
N GLU A 748 -4.77 15.14 -2.52
CA GLU A 748 -4.17 13.96 -1.92
C GLU A 748 -2.67 14.11 -1.76
N CYS A 749 -2.02 14.74 -2.73
CA CYS A 749 -0.59 15.04 -2.61
C CYS A 749 -0.33 15.94 -1.42
N SER A 750 -1.14 16.98 -1.24
CA SER A 750 -0.93 17.89 -0.12
C SER A 750 -1.14 17.17 1.21
N ASN A 751 -2.17 16.32 1.30
CA ASN A 751 -2.41 15.56 2.52
C ASN A 751 -1.25 14.64 2.84
N LEU A 752 -0.79 13.87 1.84
CA LEU A 752 0.33 12.96 2.07
C LEU A 752 1.60 13.73 2.43
N LEU A 753 1.81 14.89 1.82
CA LEU A 753 3.01 15.67 2.07
C LEU A 753 3.01 16.25 3.47
N LEU A 754 1.86 16.75 3.93
CA LEU A 754 1.78 17.21 5.32
C LEU A 754 1.83 16.03 6.29
N GLN A 755 1.53 14.83 5.81
CA GLN A 755 1.68 13.63 6.63
C GLN A 755 3.14 13.18 6.74
N TYR A 756 3.98 13.52 5.77
CA TYR A 756 5.38 13.12 5.82
C TYR A 756 6.21 13.95 6.80
N GLY A 757 5.72 15.12 7.20
CA GLY A 757 6.43 15.97 8.12
C GLY A 757 6.40 17.41 7.65
N SER A 758 7.34 18.20 8.18
CA SER A 758 7.44 19.62 7.87
C SER A 758 8.69 19.94 7.07
N PHE A 759 9.05 19.07 6.12
CA PHE A 759 10.23 19.31 5.30
C PHE A 759 10.05 20.54 4.41
N CYS A 760 8.84 20.78 3.91
CA CYS A 760 8.59 21.94 3.07
C CYS A 760 8.78 23.23 3.86
N THR A 761 8.36 23.23 5.13
CA THR A 761 8.60 24.40 5.97
C THR A 761 10.09 24.64 6.17
N GLN A 762 10.87 23.58 6.36
CA GLN A 762 12.31 23.71 6.50
C GLN A 762 12.94 24.28 5.23
N LEU A 763 12.49 23.80 4.07
CA LEU A 763 13.04 24.30 2.81
C LEU A 763 12.66 25.77 2.59
N ASN A 764 11.43 26.14 2.93
CA ASN A 764 11.03 27.54 2.80
C ASN A 764 11.83 28.44 3.74
N ARG A 765 12.07 27.96 4.97
CA ARG A 765 12.88 28.73 5.91
C ARG A 765 14.31 28.87 5.41
N ALA A 766 14.86 27.82 4.82
CA ALA A 766 16.22 27.89 4.28
C ALA A 766 16.30 28.87 3.11
N LEU A 767 15.28 28.86 2.24
CA LEU A 767 15.26 29.80 1.13
C LEU A 767 15.12 31.24 1.61
N THR A 768 14.27 31.46 2.62
CA THR A 768 14.13 32.81 3.18
C THR A 768 15.43 33.27 3.82
N GLY A 769 16.11 32.37 4.53
CA GLY A 769 17.40 32.73 5.11
C GLY A 769 18.45 33.04 4.06
N ILE A 770 18.45 32.28 2.97
CA ILE A 770 19.38 32.55 1.87
C ILE A 770 19.10 33.92 1.25
N ALA A 771 17.82 34.25 1.06
CA ALA A 771 17.47 35.55 0.49
C ALA A 771 17.87 36.68 1.43
N VAL A 772 17.64 36.51 2.74
CA VAL A 772 18.02 37.53 3.71
C VAL A 772 19.53 37.69 3.74
N GLU A 773 20.26 36.60 3.64
CA GLU A 773 21.72 36.66 3.63
C GLU A 773 22.23 37.39 2.38
N GLN A 774 21.62 37.11 1.22
CA GLN A 774 22.03 37.82 0.00
C GLN A 774 21.72 39.30 0.11
N ASP A 775 20.57 39.65 0.67
CA ASP A 775 20.23 41.07 0.86
C ASP A 775 21.23 41.74 1.80
N LYS A 776 21.59 41.05 2.89
CA LYS A 776 22.56 41.62 3.83
C LYS A 776 23.92 41.78 3.19
N ASN A 777 24.34 40.83 2.36
CA ASN A 777 25.61 40.95 1.67
C ASN A 777 25.61 42.13 0.70
N THR A 778 24.54 42.26 -0.08
CA THR A 778 24.44 43.37 -1.02
C THR A 778 24.43 44.71 -0.29
N GLN A 779 23.81 44.75 0.90
CA GLN A 779 23.76 46.00 1.66
C GLN A 779 25.12 46.33 2.27
N GLU A 780 25.83 45.31 2.78
CA GLU A 780 27.09 45.57 3.47
C GLU A 780 28.25 45.79 2.50
N VAL A 781 28.12 45.33 1.25
CA VAL A 781 29.22 45.53 0.29
C VAL A 781 29.22 46.96 -0.22
N PHE A 782 28.07 47.44 -0.72
CA PHE A 782 28.01 48.74 -1.38
C PHE A 782 27.74 49.88 -0.39
N ALA A 783 26.71 49.74 0.44
CA ALA A 783 26.33 50.82 1.35
C ALA A 783 27.31 50.93 2.51
N GLN A 784 28.51 51.44 2.24
CA GLN A 784 29.50 51.64 3.28
C GLN A 784 29.45 53.05 3.88
N VAL A 785 29.02 54.03 3.10
CA VAL A 785 28.91 55.41 3.56
C VAL A 785 27.44 55.75 3.77
N LYS A 786 27.15 56.48 4.84
CA LYS A 786 25.79 56.88 5.18
C LYS A 786 25.46 58.29 4.70
N GLN A 787 26.15 58.79 3.69
CA GLN A 787 25.91 60.12 3.17
C GLN A 787 26.33 60.15 1.71
N ILE A 788 25.35 60.32 0.82
CA ILE A 788 25.63 60.33 -0.62
C ILE A 788 26.32 61.64 -0.99
N TYR A 789 27.47 61.54 -1.64
CA TYR A 789 28.22 62.70 -2.11
C TYR A 789 28.02 62.88 -3.61
N LYS A 790 28.30 64.10 -4.07
CA LYS A 790 28.15 64.45 -5.47
C LYS A 790 29.37 65.23 -5.94
N THR A 791 29.81 64.96 -7.16
CA THR A 791 30.96 65.65 -7.72
C THR A 791 30.57 67.08 -8.09
N PRO A 792 31.48 68.04 -7.95
CA PRO A 792 31.17 69.42 -8.33
C PRO A 792 31.04 69.55 -9.84
N PRO A 793 30.40 70.62 -10.32
CA PRO A 793 30.28 70.78 -11.78
C PRO A 793 31.63 70.91 -12.47
N ILE A 794 32.54 71.71 -11.92
CA ILE A 794 33.86 71.87 -12.51
C ILE A 794 34.70 70.64 -12.17
N LYS A 795 35.41 70.12 -13.17
CA LYS A 795 36.23 68.92 -13.03
C LYS A 795 37.69 69.33 -13.23
N ASP A 796 38.36 69.66 -12.13
CA ASP A 796 39.76 70.07 -12.11
C ASP A 796 40.55 69.23 -11.11
N PHE A 797 40.35 67.91 -11.17
CA PHE A 797 40.97 67.00 -10.20
C PHE A 797 42.46 66.82 -10.49
N GLY A 798 43.23 67.90 -10.35
CA GLY A 798 44.67 67.82 -10.53
C GLY A 798 45.13 67.79 -11.97
N GLY A 799 44.29 67.26 -12.85
CA GLY A 799 44.64 67.14 -14.25
C GLY A 799 44.25 65.80 -14.84
N PHE A 800 43.60 64.97 -14.03
CA PHE A 800 43.15 63.66 -14.46
C PHE A 800 41.80 63.77 -15.15
N ASN A 801 41.48 62.75 -15.95
CA ASN A 801 40.22 62.67 -16.68
C ASN A 801 39.37 61.58 -16.04
N PHE A 802 38.39 61.98 -15.24
CA PHE A 802 37.48 61.06 -14.56
C PHE A 802 36.12 60.95 -15.26
N SER A 803 36.03 61.34 -16.53
CA SER A 803 34.78 61.29 -17.27
C SER A 803 34.43 59.89 -17.75
N GLN A 804 35.26 58.88 -17.46
CA GLN A 804 34.98 57.52 -17.87
C GLN A 804 34.34 56.67 -16.78
N ILE A 805 34.38 57.11 -15.53
CA ILE A 805 33.77 56.37 -14.43
C ILE A 805 32.67 57.14 -13.73
N LEU A 806 32.61 58.47 -13.87
CA LEU A 806 31.55 59.25 -13.27
C LEU A 806 30.29 59.19 -14.13
N PRO A 807 29.11 59.25 -13.51
CA PRO A 807 27.87 59.17 -14.28
C PRO A 807 27.63 60.43 -15.09
N ASP A 808 26.77 60.29 -16.10
CA ASP A 808 26.35 61.39 -16.95
C ASP A 808 24.84 61.55 -16.93
N PRO A 809 24.34 62.79 -17.02
CA PRO A 809 22.88 62.99 -16.98
C PRO A 809 22.16 62.48 -18.21
N SER A 810 22.86 62.17 -19.29
CA SER A 810 22.23 61.67 -20.52
C SER A 810 22.07 60.16 -20.50
N LYS A 811 21.41 59.66 -19.45
CA LYS A 811 21.17 58.23 -19.30
C LYS A 811 20.03 57.98 -18.33
N PRO A 812 19.03 57.18 -18.70
CA PRO A 812 17.91 56.93 -17.78
C PRO A 812 18.31 56.12 -16.55
N SER A 813 19.41 55.38 -16.60
CA SER A 813 19.83 54.56 -15.48
C SER A 813 20.86 55.24 -14.59
N LYS A 814 21.38 56.40 -15.00
CA LYS A 814 22.35 57.17 -14.21
C LYS A 814 23.60 56.36 -13.92
N ARG A 815 24.23 55.85 -14.98
CA ARG A 815 25.46 55.09 -14.89
C ARG A 815 26.55 55.78 -15.71
N SER A 816 27.70 55.11 -15.81
CA SER A 816 28.85 55.62 -16.54
C SER A 816 29.07 54.76 -17.79
N PHE A 817 30.13 55.09 -18.53
CA PHE A 817 30.45 54.33 -19.74
C PHE A 817 30.98 52.94 -19.39
N ILE A 818 31.91 52.87 -18.43
CA ILE A 818 32.44 51.58 -18.02
C ILE A 818 31.34 50.73 -17.38
N GLU A 819 30.49 51.35 -16.57
CA GLU A 819 29.37 50.62 -15.97
C GLU A 819 28.40 50.12 -17.03
N ASP A 820 28.16 50.93 -18.06
CA ASP A 820 27.29 50.49 -19.15
C ASP A 820 27.90 49.32 -19.91
N LEU A 821 29.22 49.37 -20.15
CA LEU A 821 29.89 48.26 -20.82
C LEU A 821 29.81 47.00 -19.97
N LEU A 822 29.99 47.12 -18.66
CA LEU A 822 29.91 45.96 -17.78
C LEU A 822 28.50 45.38 -17.75
N PHE A 823 27.48 46.25 -17.78
CA PHE A 823 26.11 45.77 -17.78
C PHE A 823 25.74 45.11 -19.10
N ASN A 824 26.27 45.64 -20.21
CA ASN A 824 25.99 45.05 -21.52
C ASN A 824 26.79 43.79 -21.79
N LYS A 825 27.92 43.60 -21.10
CA LYS A 825 28.72 42.40 -21.33
C LYS A 825 28.03 41.15 -20.78
N VAL A 826 27.58 41.21 -19.52
CA VAL A 826 26.91 40.07 -18.91
C VAL A 826 25.51 39.94 -19.51
N THR A 827 25.18 38.74 -19.98
CA THR A 827 23.87 38.47 -20.57
C THR A 827 23.04 37.57 -19.66
N LYS A 854 7.19 30.79 -11.62
CA LYS A 854 7.22 31.18 -13.02
C LYS A 854 6.77 30.03 -13.92
N PHE A 855 7.34 28.84 -13.69
CA PHE A 855 7.01 27.66 -14.48
C PHE A 855 6.15 26.67 -13.71
N ASN A 856 6.63 26.19 -12.57
CA ASN A 856 5.85 25.25 -11.76
C ASN A 856 5.89 25.57 -10.27
N GLY A 857 6.32 26.76 -9.88
CA GLY A 857 6.39 27.12 -8.47
C GLY A 857 7.60 27.95 -8.12
N LEU A 858 8.60 27.97 -8.99
CA LEU A 858 9.82 28.74 -8.75
C LEU A 858 9.60 30.19 -9.15
N THR A 859 10.17 31.10 -8.37
CA THR A 859 10.07 32.54 -8.63
C THR A 859 11.41 33.20 -8.36
N VAL A 860 11.63 34.34 -9.02
CA VAL A 860 12.86 35.11 -8.88
C VAL A 860 12.49 36.42 -8.21
N LEU A 861 12.77 36.51 -6.91
CA LEU A 861 12.49 37.74 -6.18
C LEU A 861 13.51 38.81 -6.56
N PRO A 862 13.06 40.04 -6.81
CA PRO A 862 14.00 41.10 -7.16
C PRO A 862 14.79 41.54 -5.94
N PRO A 863 16.04 41.97 -6.12
CA PRO A 863 16.84 42.41 -4.98
C PRO A 863 16.31 43.72 -4.40
N LEU A 864 16.68 43.96 -3.14
CA LEU A 864 16.24 45.18 -2.46
C LEU A 864 16.84 46.42 -3.12
N LEU A 865 18.17 46.48 -3.20
CA LEU A 865 18.85 47.60 -3.83
C LEU A 865 18.80 47.43 -5.34
N THR A 866 18.14 48.37 -6.03
CA THR A 866 18.03 48.32 -7.47
C THR A 866 19.36 48.71 -8.13
N ASP A 867 19.39 48.61 -9.46
CA ASP A 867 20.60 48.96 -10.18
C ASP A 867 20.90 50.45 -10.06
N GLU A 868 19.88 51.30 -10.06
CA GLU A 868 20.09 52.73 -9.90
C GLU A 868 20.64 53.06 -8.52
N MET A 869 20.16 52.35 -7.49
CA MET A 869 20.65 52.61 -6.13
C MET A 869 22.10 52.17 -5.98
N ILE A 870 22.47 51.04 -6.59
CA ILE A 870 23.87 50.61 -6.55
C ILE A 870 24.74 51.59 -7.34
N ALA A 871 24.22 52.10 -8.46
CA ALA A 871 24.97 53.10 -9.22
C ALA A 871 25.18 54.37 -8.40
N GLN A 872 24.15 54.80 -7.66
CA GLN A 872 24.31 55.99 -6.82
C GLN A 872 25.27 55.73 -5.66
N TYR A 873 25.25 54.51 -5.10
CA TYR A 873 26.23 54.15 -4.09
C TYR A 873 27.65 54.25 -4.63
N THR A 874 27.89 53.68 -5.82
CA THR A 874 29.21 53.75 -6.42
C THR A 874 29.60 55.19 -6.74
N SER A 875 28.63 56.00 -7.17
CA SER A 875 28.91 57.40 -7.45
C SER A 875 29.32 58.15 -6.20
N ALA A 876 28.61 57.89 -5.08
CA ALA A 876 28.98 58.52 -3.82
C ALA A 876 30.36 58.07 -3.35
N LEU A 877 30.67 56.79 -3.54
CA LEU A 877 31.99 56.29 -3.17
C LEU A 877 33.08 56.95 -4.00
N LEU A 878 32.86 57.09 -5.31
CA LEU A 878 33.82 57.77 -6.17
C LEU A 878 33.99 59.23 -5.77
N ALA A 879 32.88 59.91 -5.46
CA ALA A 879 32.97 61.30 -5.05
C ALA A 879 33.74 61.44 -3.74
N GLY A 880 33.51 60.53 -2.79
CA GLY A 880 34.24 60.59 -1.54
C GLY A 880 35.72 60.27 -1.71
N THR A 881 36.04 59.37 -2.65
CA THR A 881 37.44 59.03 -2.88
C THR A 881 38.17 60.15 -3.62
N ILE A 882 37.47 60.87 -4.49
CA ILE A 882 38.10 61.93 -5.26
C ILE A 882 38.23 63.20 -4.43
N THR A 883 37.13 63.68 -3.86
CA THR A 883 37.15 64.93 -3.13
C THR A 883 37.75 64.77 -1.74
N SER A 884 37.15 63.92 -0.90
CA SER A 884 37.62 63.77 0.47
C SER A 884 38.79 62.80 0.58
N GLY A 885 38.83 61.77 -0.27
CA GLY A 885 39.90 60.80 -0.21
C GLY A 885 39.55 59.59 0.62
N TRP A 886 40.04 59.55 1.87
CA TRP A 886 39.76 58.46 2.78
C TRP A 886 39.09 58.88 4.07
N THR A 887 38.98 60.18 4.35
CA THR A 887 38.36 60.66 5.58
C THR A 887 36.85 60.52 5.58
N PHE A 888 36.23 60.26 4.42
CA PHE A 888 34.78 60.12 4.36
C PHE A 888 34.31 58.82 4.98
N GLY A 889 35.20 57.86 5.19
CA GLY A 889 34.83 56.60 5.80
C GLY A 889 35.30 56.47 7.24
N ALA A 890 36.01 57.48 7.72
CA ALA A 890 36.52 57.53 9.09
C ALA A 890 36.10 58.83 9.76
N GLY A 891 34.85 59.20 9.59
CA GLY A 891 34.33 60.43 10.17
C GLY A 891 33.66 61.32 9.14
N ALA A 892 33.64 62.62 9.41
CA ALA A 892 33.03 63.57 8.49
C ALA A 892 33.89 63.72 7.23
N ALA A 893 33.30 64.31 6.20
CA ALA A 893 33.98 64.52 4.94
C ALA A 893 34.92 65.72 5.05
N LEU A 894 36.18 65.54 4.67
CA LEU A 894 37.19 66.58 4.71
C LEU A 894 37.70 66.81 3.30
N GLN A 895 37.35 67.97 2.73
CA GLN A 895 37.75 68.27 1.36
C GLN A 895 39.27 68.45 1.27
N ILE A 896 39.83 67.96 0.17
CA ILE A 896 41.27 68.03 -0.07
C ILE A 896 41.51 67.96 -1.57
N PRO A 897 42.42 68.79 -2.11
CA PRO A 897 42.71 68.70 -3.55
C PRO A 897 43.25 67.32 -3.92
N PHE A 898 42.98 66.93 -5.16
CA PHE A 898 43.39 65.61 -5.63
C PHE A 898 44.91 65.48 -5.70
N ALA A 899 45.61 66.57 -5.99
CA ALA A 899 47.07 66.53 -6.01
C ALA A 899 47.64 66.23 -4.63
N MET A 900 47.11 66.90 -3.60
CA MET A 900 47.58 66.64 -2.24
C MET A 900 47.22 65.23 -1.78
N GLN A 901 46.03 64.74 -2.16
CA GLN A 901 45.64 63.37 -1.82
C GLN A 901 46.57 62.36 -2.48
N MET A 902 46.91 62.58 -3.76
CA MET A 902 47.83 61.68 -4.44
C MET A 902 49.22 61.75 -3.83
N ALA A 903 49.66 62.93 -3.42
CA ALA A 903 50.96 63.06 -2.77
C ALA A 903 50.99 62.33 -1.44
N TYR A 904 49.91 62.44 -0.66
CA TYR A 904 49.86 61.74 0.63
C TYR A 904 49.74 60.23 0.44
N ARG A 905 49.10 59.79 -0.63
CA ARG A 905 49.06 58.35 -0.92
C ARG A 905 50.42 57.84 -1.40
N PHE A 906 51.17 58.67 -2.13
CA PHE A 906 52.52 58.30 -2.54
C PHE A 906 53.47 58.26 -1.34
N ASN A 907 53.28 59.17 -0.38
CA ASN A 907 54.12 59.23 0.80
C ASN A 907 53.81 58.14 1.81
N GLY A 908 52.99 57.15 1.46
CA GLY A 908 52.66 56.08 2.35
C GLY A 908 53.18 54.73 1.89
N ILE A 909 53.90 54.72 0.75
CA ILE A 909 54.47 53.51 0.20
C ILE A 909 55.98 53.53 0.19
N GLY A 910 56.61 54.64 0.59
CA GLY A 910 58.05 54.72 0.63
C GLY A 910 58.62 55.85 -0.20
N VAL A 911 58.00 56.13 -1.34
CA VAL A 911 58.47 57.19 -2.23
C VAL A 911 58.03 58.54 -1.69
N THR A 912 58.91 59.54 -1.83
CA THR A 912 58.64 60.87 -1.33
C THR A 912 57.70 61.62 -2.28
N GLN A 913 56.80 62.40 -1.69
CA GLN A 913 55.77 63.12 -2.44
C GLN A 913 56.34 64.16 -3.41
N ASN A 914 57.65 64.42 -3.38
CA ASN A 914 58.22 65.42 -4.26
C ASN A 914 58.28 64.97 -5.71
N VAL A 915 58.17 63.66 -5.96
CA VAL A 915 58.26 63.16 -7.33
C VAL A 915 56.92 63.32 -8.04
N LEU A 916 55.82 63.45 -7.30
CA LEU A 916 54.52 63.61 -7.92
C LEU A 916 54.27 65.05 -8.34
N TYR A 917 54.69 66.01 -7.52
CA TYR A 917 54.53 67.42 -7.86
C TYR A 917 55.46 67.87 -8.98
N GLU A 918 56.46 67.06 -9.32
CA GLU A 918 57.37 67.38 -10.41
C GLU A 918 57.07 66.58 -11.68
N ASN A 919 56.24 65.55 -11.59
CA ASN A 919 55.87 64.73 -12.74
C ASN A 919 54.37 64.47 -12.75
N GLN A 920 53.59 65.51 -12.45
CA GLN A 920 52.14 65.35 -12.38
C GLN A 920 51.54 65.12 -13.76
N LYS A 921 52.07 65.79 -14.78
CA LYS A 921 51.54 65.63 -16.13
C LYS A 921 51.79 64.22 -16.64
N LEU A 922 52.98 63.67 -16.40
CA LEU A 922 53.26 62.30 -16.83
C LEU A 922 52.37 61.30 -16.11
N ILE A 923 52.15 61.50 -14.82
CA ILE A 923 51.28 60.60 -14.06
C ILE A 923 49.85 60.67 -14.58
N ALA A 924 49.37 61.88 -14.88
CA ALA A 924 48.02 62.02 -15.41
C ALA A 924 47.89 61.37 -16.77
N ASN A 925 48.90 61.54 -17.63
CA ASN A 925 48.86 60.92 -18.95
C ASN A 925 48.88 59.39 -18.85
N GLN A 926 49.70 58.86 -17.94
CA GLN A 926 49.75 57.40 -17.77
C GLN A 926 48.43 56.88 -17.20
N PHE A 927 47.81 57.63 -16.29
CA PHE A 927 46.51 57.21 -15.76
C PHE A 927 45.45 57.21 -16.84
N ASN A 928 45.44 58.24 -17.69
CA ASN A 928 44.48 58.30 -18.79
C ASN A 928 44.71 57.16 -19.78
N SER A 929 45.98 56.84 -20.06
CA SER A 929 46.28 55.74 -20.96
C SER A 929 45.84 54.41 -20.36
N ALA A 930 46.03 54.23 -19.05
CA ALA A 930 45.58 53.01 -18.40
C ALA A 930 44.07 52.89 -18.42
N ILE A 931 43.36 54.01 -18.21
CA ILE A 931 41.90 53.99 -18.28
C ILE A 931 41.44 53.63 -19.69
N GLY A 932 42.09 54.21 -20.70
CA GLY A 932 41.73 53.88 -22.08
C GLY A 932 41.99 52.42 -22.41
N LYS A 933 43.12 51.88 -21.93
CA LYS A 933 43.42 50.48 -22.17
C LYS A 933 42.41 49.56 -21.47
N ILE A 934 42.01 49.94 -20.25
CA ILE A 934 41.00 49.15 -19.54
C ILE A 934 39.68 49.18 -20.29
N GLN A 935 39.29 50.35 -20.80
CA GLN A 935 38.06 50.45 -21.57
C GLN A 935 38.13 49.61 -22.84
N ASP A 936 39.27 49.64 -23.53
CA ASP A 936 39.44 48.86 -24.75
C ASP A 936 39.38 47.37 -24.45
N SER A 937 40.00 46.94 -23.34
CA SER A 937 39.97 45.53 -22.97
C SER A 937 38.56 45.09 -22.59
N LEU A 938 37.81 45.94 -21.91
CA LEU A 938 36.45 45.59 -21.52
C LEU A 938 35.51 45.58 -22.73
N SER A 939 35.79 46.41 -23.73
CA SER A 939 34.92 46.44 -24.91
C SER A 939 35.25 45.32 -25.89
N SER A 940 36.54 44.95 -26.00
CA SER A 940 36.95 43.93 -26.97
C SER A 940 36.83 42.52 -26.39
N THR A 941 37.51 42.25 -25.27
CA THR A 941 37.49 40.92 -24.68
C THR A 941 36.13 40.66 -24.03
N ALA A 942 35.46 39.61 -24.50
CA ALA A 942 34.15 39.24 -23.96
C ALA A 942 34.24 38.26 -22.79
N SER A 943 35.42 37.71 -22.53
CA SER A 943 35.60 36.77 -21.42
C SER A 943 36.26 37.43 -20.21
N ALA A 944 36.17 38.76 -20.10
CA ALA A 944 36.75 39.44 -18.95
C ALA A 944 35.95 39.15 -17.69
N LEU A 945 34.63 39.40 -17.73
CA LEU A 945 33.75 39.15 -16.59
C LEU A 945 33.41 37.67 -16.57
N GLY A 946 34.35 36.87 -16.09
CA GLY A 946 34.20 35.43 -16.08
C GLY A 946 33.50 34.89 -14.85
N LYS A 947 33.77 35.48 -13.69
CA LYS A 947 33.19 34.96 -12.44
C LYS A 947 31.68 35.18 -12.40
N LEU A 948 31.23 36.39 -12.72
CA LEU A 948 29.80 36.68 -12.69
C LEU A 948 29.05 35.86 -13.73
N GLN A 949 29.60 35.76 -14.94
CA GLN A 949 28.96 34.95 -15.98
C GLN A 949 28.91 33.48 -15.57
N ASP A 950 29.98 32.98 -14.95
CA ASP A 950 29.98 31.59 -14.49
C ASP A 950 28.95 31.36 -13.40
N VAL A 951 28.81 32.30 -12.47
CA VAL A 951 27.82 32.17 -11.41
C VAL A 951 26.41 32.18 -12.00
N VAL A 952 26.15 33.08 -12.94
CA VAL A 952 24.84 33.15 -13.57
C VAL A 952 24.54 31.87 -14.33
N ASN A 953 25.53 31.35 -15.07
CA ASN A 953 25.31 30.11 -15.82
C ASN A 953 25.08 28.93 -14.88
N GLN A 954 25.81 28.89 -13.75
CA GLN A 954 25.59 27.81 -12.79
C GLN A 954 24.20 27.88 -12.17
N ASN A 955 23.74 29.08 -11.84
CA ASN A 955 22.40 29.23 -11.29
C ASN A 955 21.34 28.82 -12.31
N ALA A 956 21.52 29.23 -13.57
CA ALA A 956 20.57 28.86 -14.61
C ALA A 956 20.55 27.35 -14.84
N GLN A 957 21.73 26.72 -14.83
CA GLN A 957 21.79 25.27 -15.02
C GLN A 957 21.15 24.54 -13.84
N ALA A 958 21.36 25.05 -12.63
CA ALA A 958 20.73 24.43 -11.46
C ALA A 958 19.21 24.54 -11.53
N LEU A 959 18.70 25.71 -11.92
CA LEU A 959 17.26 25.88 -12.06
C LEU A 959 16.70 24.97 -13.15
N ASN A 960 17.42 24.86 -14.27
CA ASN A 960 16.96 24.00 -15.35
C ASN A 960 16.95 22.53 -14.94
N THR A 961 17.98 22.10 -14.22
CA THR A 961 18.00 20.71 -13.75
C THR A 961 16.92 20.46 -12.72
N LEU A 962 16.62 21.45 -11.88
CA LEU A 962 15.54 21.29 -10.91
C LEU A 962 14.19 21.18 -11.61
N VAL A 963 13.96 22.01 -12.64
CA VAL A 963 12.72 21.93 -13.40
C VAL A 963 12.58 20.64 -14.20
N LYS A 964 13.66 20.18 -14.82
CA LYS A 964 13.62 18.98 -15.65
C LYS A 964 13.50 17.70 -14.84
N GLN A 965 13.67 17.76 -13.51
CA GLN A 965 13.55 16.57 -12.69
C GLN A 965 12.12 16.07 -12.59
N LEU A 966 11.13 16.90 -12.94
CA LEU A 966 9.74 16.48 -12.86
C LEU A 966 9.35 15.51 -13.96
N SER A 967 10.15 15.43 -15.03
CA SER A 967 9.89 14.51 -16.13
C SER A 967 10.59 13.16 -15.88
N SER A 968 10.30 12.59 -14.72
CA SER A 968 10.90 11.32 -14.32
C SER A 968 9.92 10.58 -13.42
N ASN A 969 9.76 9.28 -13.67
CA ASN A 969 8.81 8.47 -12.91
C ASN A 969 9.37 7.96 -11.59
N PHE A 970 10.71 7.94 -11.44
CA PHE A 970 11.35 7.45 -10.23
C PHE A 970 10.91 6.02 -9.90
N GLY A 971 10.75 5.21 -10.93
CA GLY A 971 10.30 3.84 -10.75
C GLY A 971 8.81 3.74 -10.52
N ALA A 972 8.01 4.33 -11.40
CA ALA A 972 6.56 4.30 -11.29
C ALA A 972 5.98 4.02 -12.68
N ILE A 973 4.67 4.11 -12.79
CA ILE A 973 4.00 3.83 -14.07
C ILE A 973 4.16 5.01 -15.01
N SER A 974 4.09 6.23 -14.48
CA SER A 974 4.21 7.44 -15.29
C SER A 974 4.76 8.55 -14.40
N SER A 975 4.72 9.77 -14.93
CA SER A 975 5.20 10.95 -14.20
C SER A 975 4.14 12.01 -14.01
N VAL A 976 2.90 11.77 -14.45
CA VAL A 976 1.81 12.72 -14.31
C VAL A 976 0.87 12.21 -13.22
N LEU A 977 0.52 13.10 -12.28
CA LEU A 977 -0.33 12.70 -11.17
C LEU A 977 -1.75 12.39 -11.62
N ASN A 978 -2.30 13.21 -12.53
CA ASN A 978 -3.67 13.01 -12.98
C ASN A 978 -3.79 11.70 -13.76
N ASP A 979 -2.78 11.36 -14.55
CA ASP A 979 -2.82 10.12 -15.31
C ASP A 979 -2.84 8.90 -14.38
N ILE A 980 -2.00 8.93 -13.34
CA ILE A 980 -1.97 7.83 -12.38
C ILE A 980 -3.28 7.76 -11.60
N LEU A 981 -3.84 8.92 -11.24
CA LEU A 981 -5.08 8.92 -10.47
C LEU A 981 -6.26 8.45 -11.30
N SER A 982 -6.25 8.70 -12.61
CA SER A 982 -7.36 8.30 -13.47
C SER A 982 -7.16 6.92 -14.08
N ARG A 983 -5.95 6.36 -14.04
CA ARG A 983 -5.68 5.06 -14.62
C ARG A 983 -5.55 3.95 -13.59
N LEU A 984 -5.02 4.27 -12.40
CA LEU A 984 -4.77 3.27 -11.38
C LEU A 984 -5.80 3.36 -10.26
N ASP A 985 -6.01 2.23 -9.59
CA ASP A 985 -6.90 2.15 -8.45
C ASP A 985 -6.29 2.90 -7.25
N PRO A 986 -7.12 3.34 -6.31
CA PRO A 986 -6.66 4.27 -5.26
C PRO A 986 -5.44 3.78 -4.50
N PRO A 987 -5.35 2.50 -4.09
CA PRO A 987 -4.14 2.08 -3.36
C PRO A 987 -2.87 2.16 -4.20
N GLU A 988 -2.86 1.53 -5.38
CA GLU A 988 -1.69 1.65 -6.24
C GLU A 988 -1.45 3.10 -6.68
N ALA A 989 -2.53 3.88 -6.88
CA ALA A 989 -2.36 5.28 -7.23
C ALA A 989 -1.62 6.03 -6.14
N GLU A 990 -2.01 5.84 -4.87
CA GLU A 990 -1.31 6.52 -3.78
C GLU A 990 0.09 5.97 -3.59
N VAL A 991 0.32 4.70 -3.96
CA VAL A 991 1.67 4.16 -3.91
C VAL A 991 2.58 4.88 -4.90
N GLN A 992 2.14 4.99 -6.15
CA GLN A 992 2.92 5.74 -7.14
C GLN A 992 3.05 7.21 -6.75
N ILE A 993 2.02 7.77 -6.12
CA ILE A 993 2.09 9.16 -5.66
C ILE A 993 3.16 9.31 -4.60
N ASP A 994 3.23 8.37 -3.65
CA ASP A 994 4.27 8.40 -2.63
C ASP A 994 5.65 8.28 -3.25
N ARG A 995 5.79 7.40 -4.25
CA ARG A 995 7.08 7.26 -4.93
C ARG A 995 7.50 8.56 -5.59
N LEU A 996 6.60 9.16 -6.36
CA LEU A 996 6.92 10.43 -7.02
C LEU A 996 7.23 11.52 -6.00
N ILE A 997 6.49 11.54 -4.88
CA ILE A 997 6.67 12.58 -3.89
C ILE A 997 8.03 12.45 -3.22
N THR A 998 8.42 11.23 -2.85
CA THR A 998 9.72 11.06 -2.19
C THR A 998 10.85 11.31 -3.17
N GLY A 999 10.66 10.97 -4.46
CA GLY A 999 11.68 11.30 -5.45
C GLY A 999 11.88 12.79 -5.61
N ARG A 1000 10.78 13.52 -5.78
CA ARG A 1000 10.88 14.97 -5.91
C ARG A 1000 11.37 15.62 -4.63
N LEU A 1001 11.07 15.03 -3.47
CA LEU A 1001 11.57 15.58 -2.22
C LEU A 1001 13.07 15.40 -2.10
N GLN A 1002 13.59 14.23 -2.48
CA GLN A 1002 15.03 14.04 -2.51
C GLN A 1002 15.69 15.01 -3.48
N SER A 1003 15.07 15.20 -4.65
CA SER A 1003 15.62 16.15 -5.63
C SER A 1003 15.67 17.56 -5.05
N LEU A 1004 14.58 18.01 -4.43
CA LEU A 1004 14.54 19.34 -3.85
C LEU A 1004 15.52 19.47 -2.69
N GLN A 1005 15.73 18.40 -1.92
CA GLN A 1005 16.70 18.45 -0.83
C GLN A 1005 18.12 18.61 -1.35
N THR A 1006 18.47 17.85 -2.39
CA THR A 1006 19.80 18.02 -2.98
C THR A 1006 19.96 19.41 -3.59
N TYR A 1007 18.90 19.92 -4.23
CA TYR A 1007 18.97 21.27 -4.79
C TYR A 1007 19.16 22.32 -3.70
N VAL A 1008 18.45 22.17 -2.58
CA VAL A 1008 18.57 23.13 -1.48
C VAL A 1008 19.94 23.05 -0.85
N THR A 1009 20.51 21.84 -0.74
CA THR A 1009 21.85 21.70 -0.18
C THR A 1009 22.89 22.36 -1.09
N GLN A 1010 22.79 22.12 -2.40
CA GLN A 1010 23.72 22.76 -3.33
C GLN A 1010 23.56 24.27 -3.31
N GLN A 1011 22.34 24.76 -3.22
CA GLN A 1011 22.09 26.20 -3.16
C GLN A 1011 22.66 26.80 -1.88
N LEU A 1012 22.55 26.07 -0.77
CA LEU A 1012 23.11 26.57 0.50
C LEU A 1012 24.63 26.61 0.44
N ILE A 1013 25.26 25.60 -0.17
CA ILE A 1013 26.72 25.61 -0.31
C ILE A 1013 27.15 26.78 -1.19
N ARG A 1014 26.47 26.97 -2.32
CA ARG A 1014 26.80 28.09 -3.20
C ARG A 1014 26.54 29.43 -2.53
N ALA A 1015 25.51 29.53 -1.69
CA ALA A 1015 25.24 30.76 -0.98
C ALA A 1015 26.30 31.04 0.08
N ALA A 1016 26.82 29.99 0.73
CA ALA A 1016 27.92 30.17 1.66
C ALA A 1016 29.17 30.66 0.93
N GLU A 1017 29.46 30.07 -0.23
CA GLU A 1017 30.60 30.53 -1.02
C GLU A 1017 30.42 31.98 -1.45
N ILE A 1018 29.21 32.34 -1.88
CA ILE A 1018 28.95 33.72 -2.29
C ILE A 1018 29.04 34.67 -1.11
N ARG A 1019 28.62 34.24 0.08
CA ARG A 1019 28.74 35.09 1.26
C ARG A 1019 30.20 35.30 1.64
N ALA A 1020 31.02 34.25 1.53
CA ALA A 1020 32.45 34.42 1.77
C ALA A 1020 33.06 35.39 0.77
N SER A 1021 32.71 35.25 -0.51
CA SER A 1021 33.24 36.15 -1.52
C SER A 1021 32.76 37.58 -1.28
N ALA A 1022 31.52 37.75 -0.82
CA ALA A 1022 31.00 39.09 -0.57
C ALA A 1022 31.67 39.72 0.65
N ASN A 1023 31.96 38.93 1.67
CA ASN A 1023 32.70 39.45 2.82
C ASN A 1023 34.11 39.85 2.41
N LEU A 1024 34.76 39.04 1.56
CA LEU A 1024 36.08 39.41 1.05
C LEU A 1024 36.01 40.71 0.25
N ALA A 1025 34.98 40.86 -0.59
CA ALA A 1025 34.84 42.07 -1.40
C ALA A 1025 34.56 43.29 -0.54
N ALA A 1026 33.75 43.12 0.52
CA ALA A 1026 33.46 44.23 1.41
C ALA A 1026 34.71 44.65 2.19
N THR A 1027 35.50 43.68 2.64
CA THR A 1027 36.77 44.01 3.29
C THR A 1027 37.71 44.74 2.34
N LYS A 1028 37.81 44.24 1.10
CA LYS A 1028 38.65 44.90 0.10
C LYS A 1028 38.20 46.33 -0.16
N MET A 1029 36.88 46.53 -0.25
CA MET A 1029 36.35 47.88 -0.47
C MET A 1029 36.69 48.78 0.72
N SER A 1030 36.36 48.35 1.93
CA SER A 1030 36.60 49.16 3.11
C SER A 1030 38.09 49.42 3.36
N GLU A 1031 38.97 48.59 2.80
CA GLU A 1031 40.40 48.75 3.05
C GLU A 1031 41.16 49.40 1.90
N CYS A 1032 40.58 49.48 0.69
CA CYS A 1032 41.31 50.03 -0.43
C CYS A 1032 40.60 51.22 -1.06
N VAL A 1033 39.28 51.25 -0.99
CA VAL A 1033 38.50 52.37 -1.52
C VAL A 1033 38.35 53.47 -0.48
N LEU A 1034 37.99 53.10 0.74
CA LEU A 1034 37.83 54.04 1.84
C LEU A 1034 39.16 54.34 2.55
N GLY A 1035 40.27 53.88 2.01
CA GLY A 1035 41.55 54.12 2.63
C GLY A 1035 42.67 53.55 1.80
N GLN A 1036 43.85 53.47 2.39
CA GLN A 1036 45.04 52.92 1.75
C GLN A 1036 45.59 51.80 2.61
N SER A 1037 45.75 50.62 2.02
CA SER A 1037 46.26 49.44 2.71
C SER A 1037 47.58 49.04 2.10
N LYS A 1038 48.57 48.78 2.94
CA LYS A 1038 49.91 48.38 2.51
C LYS A 1038 50.07 46.87 2.41
N ARG A 1039 48.96 46.13 2.26
CA ARG A 1039 49.01 44.68 2.13
C ARG A 1039 49.48 44.32 0.72
N VAL A 1040 50.57 43.56 0.63
CA VAL A 1040 51.15 43.22 -0.65
C VAL A 1040 50.25 42.23 -1.39
N ASP A 1041 50.00 42.50 -2.67
CA ASP A 1041 49.21 41.62 -3.53
C ASP A 1041 47.80 41.42 -3.01
N PHE A 1042 47.23 42.46 -2.41
CA PHE A 1042 45.85 42.45 -1.94
C PHE A 1042 44.92 43.27 -2.81
N CYS A 1043 45.38 44.41 -3.31
CA CYS A 1043 44.60 45.27 -4.22
C CYS A 1043 45.49 45.59 -5.40
N GLY A 1044 45.48 44.71 -6.40
CA GLY A 1044 46.30 44.90 -7.59
C GLY A 1044 47.77 44.55 -7.36
N LYS A 1045 48.41 44.03 -8.40
CA LYS A 1045 49.83 43.66 -8.31
C LYS A 1045 50.67 44.93 -8.31
N GLY A 1046 51.28 45.23 -7.17
CA GLY A 1046 52.12 46.40 -7.00
C GLY A 1046 51.71 47.22 -5.80
N TYR A 1047 52.41 48.34 -5.64
CA TYR A 1047 52.11 49.27 -4.55
C TYR A 1047 50.75 49.90 -4.77
N HIS A 1048 49.80 49.59 -3.89
CA HIS A 1048 48.42 50.06 -4.04
C HIS A 1048 48.35 51.55 -3.69
N LEU A 1049 47.97 52.37 -4.67
CA LEU A 1049 47.77 53.80 -4.42
C LEU A 1049 46.32 54.09 -4.06
N MET A 1050 45.40 53.72 -4.94
CA MET A 1050 43.97 53.93 -4.71
C MET A 1050 43.21 52.93 -5.56
N SER A 1051 41.88 52.96 -5.42
CA SER A 1051 41.01 52.07 -6.17
C SER A 1051 39.66 52.76 -6.37
N PHE A 1052 38.94 52.29 -7.40
CA PHE A 1052 37.63 52.84 -7.72
C PHE A 1052 36.63 51.72 -7.93
N PRO A 1053 35.59 51.63 -7.10
CA PRO A 1053 34.59 50.57 -7.28
C PRO A 1053 33.65 50.89 -8.43
N GLN A 1054 33.23 49.84 -9.14
CA GLN A 1054 32.33 49.98 -10.26
C GLN A 1054 31.21 48.96 -10.14
N SER A 1055 30.00 49.37 -10.50
CA SER A 1055 28.85 48.48 -10.43
C SER A 1055 28.93 47.40 -11.51
N ALA A 1056 28.25 46.29 -11.27
CA ALA A 1056 28.23 45.17 -12.19
C ALA A 1056 27.00 44.32 -11.89
N PRO A 1057 26.44 43.63 -12.89
CA PRO A 1057 25.28 42.78 -12.62
C PRO A 1057 25.62 41.63 -11.69
N HIS A 1058 25.06 41.66 -10.48
CA HIS A 1058 25.32 40.65 -9.46
C HIS A 1058 26.82 40.51 -9.18
N GLY A 1059 27.48 41.66 -9.07
CA GLY A 1059 28.91 41.66 -8.83
C GLY A 1059 29.43 43.07 -8.68
N VAL A 1060 30.72 43.17 -8.38
CA VAL A 1060 31.40 44.45 -8.22
C VAL A 1060 32.75 44.36 -8.91
N VAL A 1061 33.19 45.49 -9.46
CA VAL A 1061 34.45 45.59 -10.20
C VAL A 1061 35.28 46.70 -9.57
N PHE A 1062 36.49 46.37 -9.14
CA PHE A 1062 37.41 47.32 -8.53
C PHE A 1062 38.46 47.73 -9.55
N LEU A 1063 38.70 49.04 -9.67
CA LEU A 1063 39.74 49.57 -10.55
C LEU A 1063 40.96 49.90 -9.69
N HIS A 1064 41.76 48.86 -9.44
CA HIS A 1064 42.92 49.00 -8.57
C HIS A 1064 44.00 49.81 -9.28
N VAL A 1065 44.34 50.97 -8.71
CA VAL A 1065 45.42 51.81 -9.22
C VAL A 1065 46.68 51.46 -8.46
N THR A 1066 47.66 50.90 -9.16
CA THR A 1066 48.89 50.41 -8.53
C THR A 1066 50.09 51.23 -8.99
N TYR A 1067 51.17 51.13 -8.22
CA TYR A 1067 52.43 51.80 -8.51
C TYR A 1067 53.48 50.74 -8.78
N VAL A 1068 53.84 50.57 -10.05
CA VAL A 1068 54.78 49.53 -10.48
C VAL A 1068 56.03 50.24 -11.01
N PRO A 1069 57.15 50.21 -10.29
CA PRO A 1069 58.38 50.83 -10.81
C PRO A 1069 58.96 50.02 -11.96
N ALA A 1070 59.73 50.70 -12.79
CA ALA A 1070 60.37 50.08 -13.93
C ALA A 1070 61.64 50.85 -14.28
N GLN A 1071 62.39 50.31 -15.24
CA GLN A 1071 63.64 50.91 -15.73
C GLN A 1071 64.63 51.10 -14.58
N GLU A 1072 65.03 49.98 -13.99
CA GLU A 1072 65.97 50.00 -12.89
C GLU A 1072 67.39 50.22 -13.40
N LYS A 1073 68.33 50.36 -12.46
CA LYS A 1073 69.73 50.58 -12.80
C LYS A 1073 70.60 50.03 -11.68
N ASN A 1074 71.70 49.39 -12.07
CA ASN A 1074 72.60 48.81 -11.09
C ASN A 1074 73.40 49.90 -10.37
N PHE A 1075 73.60 49.71 -9.07
CA PHE A 1075 74.35 50.65 -8.26
C PHE A 1075 75.10 49.89 -7.18
N THR A 1076 76.20 50.49 -6.72
CA THR A 1076 77.00 49.93 -5.65
C THR A 1076 76.50 50.46 -4.31
N THR A 1077 76.09 49.56 -3.43
CA THR A 1077 75.51 49.92 -2.14
C THR A 1077 76.51 49.65 -1.02
N ALA A 1078 76.15 50.13 0.17
CA ALA A 1078 76.98 49.96 1.36
C ALA A 1078 76.12 50.16 2.58
N PRO A 1079 76.37 49.44 3.69
CA PRO A 1079 75.54 49.63 4.88
C PRO A 1079 75.64 51.02 5.47
N ALA A 1080 76.85 51.51 5.72
CA ALA A 1080 77.03 52.83 6.33
C ALA A 1080 78.42 53.33 5.99
N ILE A 1081 78.68 54.58 6.39
CA ILE A 1081 79.97 55.22 6.21
C ILE A 1081 80.33 55.97 7.49
N CYS A 1082 81.62 56.03 7.78
CA CYS A 1082 82.13 56.76 8.94
C CYS A 1082 83.11 57.83 8.45
N HIS A 1083 82.76 59.10 8.71
CA HIS A 1083 83.58 60.21 8.23
C HIS A 1083 84.78 60.45 9.14
N ASP A 1084 84.55 60.63 10.43
CA ASP A 1084 85.62 60.89 11.38
C ASP A 1084 85.69 59.79 12.43
N GLY A 1085 85.54 58.54 12.00
CA GLY A 1085 85.60 57.40 12.89
C GLY A 1085 84.26 56.92 13.40
N LYS A 1086 83.24 57.77 13.38
CA LYS A 1086 81.90 57.41 13.84
C LYS A 1086 81.01 57.09 12.65
N ALA A 1087 80.37 55.92 12.70
CA ALA A 1087 79.56 55.45 11.59
C ALA A 1087 78.29 56.29 11.45
N HIS A 1088 77.89 56.54 10.20
CA HIS A 1088 76.68 57.29 9.89
C HIS A 1088 75.74 56.39 9.12
N PHE A 1089 74.55 56.15 9.71
CA PHE A 1089 73.56 55.30 9.08
C PHE A 1089 72.44 56.14 8.47
N PRO A 1090 71.93 55.75 7.30
CA PRO A 1090 70.86 56.53 6.68
C PRO A 1090 69.54 56.37 7.42
N ARG A 1091 68.78 57.44 7.49
CA ARG A 1091 67.49 57.41 8.18
C ARG A 1091 66.47 56.59 7.40
N GLU A 1092 66.16 57.02 6.19
CA GLU A 1092 65.21 56.32 5.32
C GLU A 1092 65.74 56.26 3.89
N GLY A 1093 67.01 55.95 3.74
CA GLY A 1093 67.62 55.91 2.43
C GLY A 1093 68.60 54.77 2.24
N VAL A 1094 69.36 54.81 1.14
CA VAL A 1094 70.34 53.79 0.82
C VAL A 1094 71.59 54.47 0.26
N PHE A 1095 72.76 53.99 0.65
CA PHE A 1095 74.03 54.60 0.24
C PHE A 1095 74.45 53.98 -1.09
N VAL A 1096 73.92 54.54 -2.18
CA VAL A 1096 74.30 54.11 -3.52
C VAL A 1096 75.48 54.94 -3.99
N SER A 1097 76.16 54.44 -5.03
CA SER A 1097 77.30 55.14 -5.59
C SER A 1097 77.46 54.76 -7.06
N ASN A 1098 77.85 55.74 -7.88
CA ASN A 1098 78.10 55.52 -9.29
C ASN A 1098 79.59 55.37 -9.59
N GLY A 1099 80.33 54.74 -8.69
CA GLY A 1099 81.77 54.53 -8.86
C GLY A 1099 82.68 55.57 -8.24
N THR A 1100 82.39 56.85 -8.47
CA THR A 1100 83.24 57.93 -7.98
C THR A 1100 82.69 58.55 -6.71
N HIS A 1101 81.45 59.05 -6.76
CA HIS A 1101 80.84 59.75 -5.65
C HIS A 1101 79.77 58.88 -5.00
N TRP A 1102 79.45 59.22 -3.75
CA TRP A 1102 78.44 58.51 -2.97
C TRP A 1102 77.25 59.42 -2.72
N PHE A 1103 76.05 58.87 -2.88
CA PHE A 1103 74.82 59.62 -2.66
C PHE A 1103 73.80 58.73 -1.96
N VAL A 1104 72.79 59.36 -1.37
CA VAL A 1104 71.70 58.68 -0.69
C VAL A 1104 70.41 58.98 -1.44
N THR A 1105 69.67 57.92 -1.79
CA THR A 1105 68.41 58.06 -2.51
C THR A 1105 67.33 57.32 -1.76
N GLN A 1106 66.12 57.34 -2.31
CA GLN A 1106 65.00 56.64 -1.71
C GLN A 1106 65.08 55.15 -2.01
N ARG A 1107 64.15 54.39 -1.44
CA ARG A 1107 64.12 52.94 -1.61
C ARG A 1107 63.29 52.49 -2.80
N ASN A 1108 62.46 53.38 -3.36
CA ASN A 1108 61.61 53.03 -4.50
C ASN A 1108 61.74 54.00 -5.65
N PHE A 1109 62.64 54.99 -5.55
CA PHE A 1109 62.83 55.95 -6.62
C PHE A 1109 64.23 56.54 -6.51
N TYR A 1110 64.95 56.59 -7.63
CA TYR A 1110 66.30 57.13 -7.62
C TYR A 1110 66.27 58.65 -7.54
N GLU A 1111 66.96 59.20 -6.54
CA GLU A 1111 67.04 60.64 -6.35
C GLU A 1111 68.36 60.95 -5.65
N PRO A 1112 69.42 61.24 -6.40
CA PRO A 1112 70.72 61.44 -5.78
C PRO A 1112 70.75 62.72 -4.94
N GLN A 1113 71.13 62.58 -3.68
CA GLN A 1113 71.24 63.70 -2.76
C GLN A 1113 72.59 63.65 -2.06
N ILE A 1114 73.08 64.82 -1.67
CA ILE A 1114 74.35 64.90 -0.97
C ILE A 1114 74.20 64.30 0.42
N ILE A 1115 75.16 63.48 0.82
CA ILE A 1115 75.13 62.78 2.11
C ILE A 1115 75.44 63.83 3.19
N THR A 1116 74.41 64.31 3.86
CA THR A 1116 74.53 65.31 4.90
C THR A 1116 74.18 64.70 6.25
N THR A 1117 74.44 65.46 7.31
CA THR A 1117 74.13 65.02 8.67
C THR A 1117 72.66 65.18 9.03
N ASP A 1118 71.87 65.88 8.19
CA ASP A 1118 70.46 66.07 8.47
C ASP A 1118 69.61 64.87 8.09
N ASN A 1119 70.15 63.96 7.28
CA ASN A 1119 69.42 62.76 6.87
C ASN A 1119 70.10 61.47 7.31
N THR A 1120 71.22 61.56 8.04
CA THR A 1120 71.93 60.39 8.52
C THR A 1120 72.23 60.56 10.00
N PHE A 1121 71.86 59.56 10.80
CA PHE A 1121 72.08 59.60 12.24
C PHE A 1121 73.34 58.80 12.59
N VAL A 1122 74.12 59.33 13.51
CA VAL A 1122 75.37 58.72 13.93
C VAL A 1122 75.15 57.91 15.20
N SER A 1123 75.72 56.71 15.24
CA SER A 1123 75.59 55.84 16.41
C SER A 1123 76.79 54.90 16.43
N GLY A 1124 77.74 55.17 17.32
CA GLY A 1124 78.90 54.33 17.47
C GLY A 1124 79.96 54.58 16.41
N ASN A 1125 80.98 53.73 16.44
CA ASN A 1125 82.11 53.81 15.52
C ASN A 1125 82.04 52.68 14.50
N CYS A 1126 82.84 52.83 13.43
CA CYS A 1126 82.87 51.85 12.35
C CYS A 1126 83.92 50.79 12.67
N ASP A 1127 83.66 50.02 13.72
CA ASP A 1127 84.56 48.97 14.15
C ASP A 1127 83.94 47.57 14.17
N VAL A 1128 82.62 47.44 14.06
CA VAL A 1128 81.96 46.14 14.10
C VAL A 1128 81.10 45.87 12.87
N VAL A 1129 80.59 46.90 12.20
CA VAL A 1129 79.74 46.70 11.04
C VAL A 1129 80.56 46.14 9.90
N ILE A 1130 80.00 45.17 9.17
CA ILE A 1130 80.69 44.53 8.05
C ILE A 1130 80.20 45.20 6.77
N GLY A 1131 81.15 45.76 6.01
CA GLY A 1131 80.82 46.41 4.76
C GLY A 1131 81.04 47.91 4.79
N ILE A 1132 81.81 48.37 5.78
CA ILE A 1132 82.06 49.79 5.92
C ILE A 1132 82.98 50.27 4.80
N VAL A 1133 82.73 51.50 4.33
CA VAL A 1133 83.55 52.13 3.29
C VAL A 1133 83.83 53.56 3.71
N ASN A 1134 85.03 54.04 3.40
CA ASN A 1134 85.42 55.38 3.79
C ASN A 1134 84.82 56.41 2.84
N ASN A 1135 84.20 57.44 3.41
CA ASN A 1135 83.58 58.50 2.63
C ASN A 1135 83.45 59.73 3.50
N THR A 1136 83.41 60.89 2.86
CA THR A 1136 83.26 62.17 3.54
C THR A 1136 81.78 62.54 3.61
N VAL A 1137 81.40 63.23 4.69
CA VAL A 1137 80.03 63.66 4.90
C VAL A 1137 79.99 65.18 4.93
N TYR A 1138 79.19 65.77 4.05
CA TYR A 1138 79.08 67.22 3.98
C TYR A 1138 78.30 67.75 5.18
N ASP A 1139 78.84 68.80 5.80
CA ASP A 1139 78.23 69.42 6.97
C ASP A 1139 77.65 70.77 6.58
N PRO A 1140 76.34 70.99 6.73
CA PRO A 1140 75.77 72.30 6.36
C PRO A 1140 76.21 73.43 7.27
N LEU A 1141 76.64 73.15 8.49
CA LEU A 1141 77.05 74.20 9.41
C LEU A 1141 78.44 74.73 9.13
N GLN A 1142 79.27 73.97 8.42
CA GLN A 1142 80.64 74.42 8.15
C GLN A 1142 80.69 75.67 7.28
N PRO A 1143 79.98 75.75 6.14
CA PRO A 1143 80.02 77.01 5.38
C PRO A 1143 79.33 78.16 6.09
N GLU A 1144 78.30 77.88 6.88
CA GLU A 1144 77.60 78.95 7.59
C GLU A 1144 78.46 79.52 8.71
N LEU A 1145 79.29 78.70 9.35
CA LEU A 1145 80.15 79.18 10.43
C LEU A 1145 81.28 80.07 9.91
N ASP A 1146 81.60 80.00 8.62
CA ASP A 1146 82.67 80.83 8.07
C ASP A 1146 82.27 82.30 8.05
N SER A 1147 81.16 82.62 7.39
CA SER A 1147 80.69 83.99 7.31
C SER A 1147 79.38 84.17 8.06
N GLN B 14 27.28 -54.51 27.85
CA GLN B 14 28.26 -54.72 28.91
C GLN B 14 28.90 -53.41 29.36
N CYS B 15 28.86 -53.17 30.67
CA CYS B 15 29.53 -52.02 31.26
C CYS B 15 29.83 -52.31 32.71
N VAL B 16 30.93 -51.75 33.22
CA VAL B 16 31.41 -52.03 34.57
C VAL B 16 31.67 -50.70 35.25
N ASN B 17 31.02 -50.47 36.39
CA ASN B 17 31.18 -49.20 37.09
C ASN B 17 32.58 -49.07 37.66
N LEU B 18 33.18 -47.90 37.47
CA LEU B 18 34.54 -47.63 37.90
C LEU B 18 34.51 -47.07 39.33
N THR B 19 34.76 -47.93 40.31
CA THR B 19 34.80 -47.53 41.70
C THR B 19 36.23 -47.14 42.08
N THR B 20 36.47 -46.96 43.37
CA THR B 20 37.79 -46.58 43.91
C THR B 20 38.30 -45.30 43.24
N ARG B 21 37.42 -44.32 43.14
CA ARG B 21 37.73 -43.02 42.54
C ARG B 21 37.67 -41.97 43.63
N THR B 22 38.84 -41.41 43.97
CA THR B 22 38.90 -40.39 45.01
C THR B 22 38.23 -39.11 44.53
N GLN B 23 37.25 -38.62 45.29
CA GLN B 23 36.52 -37.42 44.92
C GLN B 23 37.41 -36.19 45.11
N LEU B 24 37.66 -35.47 44.02
CA LEU B 24 38.48 -34.28 44.05
C LEU B 24 37.66 -33.06 43.61
N PRO B 25 37.86 -31.91 44.24
CA PRO B 25 37.12 -30.71 43.84
C PRO B 25 37.51 -30.27 42.45
N PRO B 26 36.53 -29.89 41.62
CA PRO B 26 36.84 -29.43 40.26
C PRO B 26 37.64 -28.14 40.28
N ALA B 27 38.75 -28.13 39.55
CA ALA B 27 39.61 -26.96 39.50
C ALA B 27 38.98 -25.87 38.63
N TYR B 28 39.61 -24.70 38.63
CA TYR B 28 39.12 -23.56 37.86
C TYR B 28 40.34 -22.77 37.38
N THR B 29 40.71 -22.95 36.11
CA THR B 29 41.84 -22.26 35.52
C THR B 29 41.33 -21.09 34.68
N ASN B 30 42.26 -20.43 33.98
CA ASN B 30 41.94 -19.28 33.15
C ASN B 30 42.61 -19.43 31.80
N SER B 31 41.85 -19.20 30.73
CA SER B 31 42.39 -19.29 29.39
C SER B 31 43.10 -18.00 29.00
N PHE B 32 43.88 -18.08 27.92
CA PHE B 32 44.66 -16.93 27.44
C PHE B 32 44.53 -16.87 25.93
N THR B 33 43.60 -16.05 25.45
CA THR B 33 43.37 -15.84 24.01
C THR B 33 43.13 -17.15 23.28
N ARG B 34 42.36 -18.03 23.89
CA ARG B 34 42.02 -19.32 23.31
C ARG B 34 40.56 -19.36 22.89
N GLY B 35 40.26 -20.27 21.97
CA GLY B 35 38.90 -20.44 21.50
C GLY B 35 38.54 -19.53 20.34
N VAL B 36 39.45 -19.42 19.37
CA VAL B 36 39.25 -18.60 18.18
C VAL B 36 39.46 -19.48 16.96
N TYR B 37 38.58 -19.34 15.97
CA TYR B 37 38.64 -20.12 14.75
C TYR B 37 38.26 -19.25 13.57
N TYR B 38 38.32 -19.83 12.38
CA TYR B 38 37.93 -19.12 11.17
C TYR B 38 36.40 -19.02 11.12
N PRO B 39 35.82 -17.83 11.12
CA PRO B 39 34.35 -17.74 11.13
C PRO B 39 33.71 -18.25 9.85
N ASP B 40 34.24 -17.86 8.70
CA ASP B 40 33.69 -18.23 7.40
C ASP B 40 34.76 -18.96 6.58
N LYS B 41 34.34 -19.46 5.41
CA LYS B 41 35.18 -20.29 4.56
C LYS B 41 35.72 -19.54 3.36
N VAL B 42 36.01 -18.25 3.50
CA VAL B 42 36.58 -17.47 2.43
C VAL B 42 38.00 -17.09 2.80
N PHE B 43 38.71 -16.46 1.85
CA PHE B 43 40.11 -16.09 2.03
C PHE B 43 40.21 -14.58 2.17
N ARG B 44 40.92 -14.13 3.20
CA ARG B 44 41.19 -12.72 3.44
C ARG B 44 42.67 -12.50 3.66
N SER B 45 43.10 -11.24 3.58
CA SER B 45 44.51 -10.92 3.74
C SER B 45 44.64 -9.44 4.06
N SER B 46 45.32 -9.13 5.18
CA SER B 46 45.65 -7.76 5.58
C SER B 46 44.39 -6.92 5.72
N VAL B 47 43.36 -7.49 6.33
CA VAL B 47 42.10 -6.79 6.57
C VAL B 47 41.63 -7.12 7.97
N LEU B 48 40.77 -6.25 8.50
CA LEU B 48 40.19 -6.41 9.83
C LEU B 48 38.67 -6.48 9.67
N HIS B 49 38.16 -7.70 9.52
CA HIS B 49 36.74 -7.93 9.31
C HIS B 49 36.10 -8.39 10.61
N SER B 50 35.14 -7.62 11.11
CA SER B 50 34.43 -7.98 12.33
C SER B 50 33.34 -9.00 12.02
N THR B 51 33.23 -10.02 12.87
CA THR B 51 32.26 -11.08 12.70
C THR B 51 31.39 -11.20 13.94
N GLN B 52 30.24 -11.84 13.77
CA GLN B 52 29.29 -12.06 14.87
C GLN B 52 28.93 -13.55 14.88
N ASP B 53 29.75 -14.35 15.57
CA ASP B 53 29.53 -15.78 15.64
C ASP B 53 29.71 -16.22 17.10
N LEU B 54 29.64 -17.52 17.33
CA LEU B 54 29.76 -18.09 18.67
C LEU B 54 31.22 -18.45 18.92
N PHE B 55 31.91 -17.60 19.66
CA PHE B 55 33.31 -17.80 20.01
C PHE B 55 33.45 -17.98 21.51
N LEU B 56 34.70 -18.13 21.96
CA LEU B 56 34.99 -18.29 23.38
C LEU B 56 35.53 -16.98 23.93
N PRO B 57 34.94 -16.43 24.99
CA PRO B 57 35.46 -15.18 25.55
C PRO B 57 36.85 -15.38 26.15
N PHE B 58 37.68 -14.35 26.02
CA PHE B 58 39.03 -14.41 26.55
C PHE B 58 39.04 -14.35 28.07
N PHE B 59 40.01 -15.03 28.67
CA PHE B 59 40.16 -15.10 30.12
C PHE B 59 38.88 -15.62 30.79
N SER B 60 38.32 -16.66 30.20
CA SER B 60 37.09 -17.26 30.70
C SER B 60 37.40 -18.31 31.76
N ASN B 61 36.51 -18.43 32.74
CA ASN B 61 36.65 -19.40 33.82
C ASN B 61 36.33 -20.79 33.26
N VAL B 62 37.37 -21.56 32.97
CA VAL B 62 37.23 -22.90 32.42
C VAL B 62 37.49 -23.92 33.52
N THR B 63 37.09 -25.16 33.24
CA THR B 63 37.25 -26.26 34.19
C THR B 63 38.46 -27.09 33.81
N TRP B 64 39.35 -27.33 34.77
CA TRP B 64 40.56 -28.12 34.57
C TRP B 64 40.32 -29.52 35.10
N PHE B 65 40.00 -30.45 34.20
CA PHE B 65 39.78 -31.85 34.57
C PHE B 65 41.09 -32.63 34.39
N HIS B 66 41.98 -32.44 35.36
CA HIS B 66 43.30 -33.06 35.34
C HIS B 66 43.16 -34.50 35.83
N ALA B 67 42.99 -35.41 34.88
CA ALA B 67 42.87 -36.84 35.20
C ALA B 67 44.26 -37.48 35.21
N ILE B 68 45.02 -37.14 36.26
CA ILE B 68 46.36 -37.64 36.43
C ILE B 68 46.32 -38.84 37.38
N HIS B 69 47.36 -39.66 37.34
CA HIS B 69 47.46 -40.84 38.18
C HIS B 69 48.84 -40.93 38.79
N VAL B 70 48.89 -41.06 40.11
CA VAL B 70 50.14 -41.19 40.85
C VAL B 70 50.13 -42.59 41.46
N SER B 71 51.26 -43.00 42.06
CA SER B 71 51.34 -44.34 42.64
C SER B 71 50.28 -44.55 43.73
N GLY B 72 49.91 -43.48 44.42
CA GLY B 72 48.87 -43.57 45.41
C GLY B 72 49.35 -43.39 46.84
N THR B 73 50.37 -42.55 47.02
CA THR B 73 50.89 -42.30 48.36
C THR B 73 49.94 -41.41 49.17
N ASN B 74 49.00 -40.76 48.52
CA ASN B 74 48.02 -39.90 49.19
C ASN B 74 46.60 -40.13 48.70
N GLY B 75 46.36 -41.21 47.97
CA GLY B 75 45.03 -41.50 47.48
C GLY B 75 44.64 -40.65 46.28
N THR B 76 45.40 -40.77 45.19
CA THR B 76 45.16 -40.02 43.96
C THR B 76 44.65 -40.99 42.90
N LYS B 77 43.34 -41.16 42.86
CA LYS B 77 42.67 -42.04 41.90
C LYS B 77 41.49 -41.32 41.26
N ARG B 78 41.64 -40.03 41.03
CA ARG B 78 40.57 -39.21 40.47
C ARG B 78 40.59 -39.33 38.95
N PHE B 79 39.57 -39.97 38.38
CA PHE B 79 39.40 -40.10 36.94
C PHE B 79 38.29 -39.14 36.53
N ASP B 80 38.69 -37.99 35.98
CA ASP B 80 37.74 -36.93 35.64
C ASP B 80 37.05 -37.27 34.33
N ASN B 81 35.80 -37.74 34.42
CA ASN B 81 34.99 -37.97 33.22
C ASN B 81 33.51 -37.77 33.54
N PRO B 82 33.09 -36.57 33.94
CA PRO B 82 31.68 -36.36 34.26
C PRO B 82 30.87 -35.90 33.07
N VAL B 83 29.56 -35.80 33.22
CA VAL B 83 28.68 -35.28 32.18
C VAL B 83 28.65 -33.76 32.29
N LEU B 84 28.74 -33.09 31.14
CA LEU B 84 28.78 -31.64 31.12
C LEU B 84 27.70 -31.08 30.20
N PRO B 85 27.04 -29.99 30.60
CA PRO B 85 26.01 -29.40 29.74
C PRO B 85 26.60 -28.83 28.45
N PHE B 86 25.74 -28.72 27.44
CA PHE B 86 26.12 -28.19 26.13
C PHE B 86 25.11 -27.10 25.77
N ASN B 87 25.39 -25.87 26.20
CA ASN B 87 24.48 -24.76 25.92
C ASN B 87 24.61 -24.28 24.48
N ASP B 88 25.81 -23.82 24.10
CA ASP B 88 26.06 -23.35 22.75
C ASP B 88 27.33 -23.90 22.12
N GLY B 89 28.30 -24.35 22.92
CA GLY B 89 29.53 -24.88 22.38
C GLY B 89 30.48 -25.25 23.50
N VAL B 90 31.47 -26.07 23.14
CA VAL B 90 32.46 -26.57 24.08
C VAL B 90 33.83 -26.44 23.43
N TYR B 91 34.72 -25.67 24.06
CA TYR B 91 36.10 -25.54 23.59
C TYR B 91 36.92 -26.63 24.27
N PHE B 92 37.09 -27.75 23.58
CA PHE B 92 37.82 -28.89 24.11
C PHE B 92 39.29 -28.77 23.73
N ALA B 93 40.16 -28.65 24.74
CA ALA B 93 41.60 -28.58 24.56
C ALA B 93 42.26 -29.52 25.54
N SER B 94 42.80 -30.62 25.03
CA SER B 94 43.42 -31.65 25.87
C SER B 94 44.92 -31.68 25.58
N THR B 95 45.72 -31.30 26.58
CA THR B 95 47.17 -31.37 26.46
C THR B 95 47.63 -32.72 27.02
N GLU B 96 48.01 -33.61 26.11
CA GLU B 96 48.39 -34.97 26.46
C GLU B 96 49.64 -35.36 25.69
N LYS B 97 50.12 -36.58 25.93
CA LYS B 97 51.30 -37.09 25.25
C LYS B 97 51.20 -38.55 24.84
N SER B 98 50.04 -39.21 25.04
CA SER B 98 49.92 -40.62 24.71
C SER B 98 48.58 -40.94 24.05
N ASN B 99 47.85 -39.93 23.57
CA ASN B 99 46.55 -40.11 22.91
C ASN B 99 45.58 -40.84 23.85
N ILE B 100 45.29 -40.20 24.98
CA ILE B 100 44.40 -40.79 25.96
C ILE B 100 42.95 -40.46 25.65
N ILE B 101 42.66 -39.18 25.45
CA ILE B 101 41.29 -38.74 25.16
C ILE B 101 40.92 -39.22 23.75
N ARG B 102 39.93 -40.12 23.66
CA ARG B 102 39.50 -40.67 22.39
C ARG B 102 37.98 -40.78 22.31
N GLY B 103 37.26 -39.88 22.98
CA GLY B 103 35.82 -39.94 22.97
C GLY B 103 35.14 -38.60 23.18
N TRP B 104 34.17 -38.29 22.32
CA TRP B 104 33.40 -37.04 22.39
C TRP B 104 31.92 -37.32 22.22
N ILE B 105 31.42 -38.30 22.96
CA ILE B 105 30.02 -38.70 22.84
C ILE B 105 29.11 -37.58 23.34
N PHE B 106 28.15 -37.19 22.50
CA PHE B 106 27.15 -36.18 22.83
C PHE B 106 25.81 -36.87 23.09
N GLY B 107 24.77 -36.06 23.30
CA GLY B 107 23.44 -36.58 23.52
C GLY B 107 22.68 -35.90 24.63
N THR B 108 21.44 -36.33 24.85
CA THR B 108 20.59 -35.77 25.90
C THR B 108 20.09 -36.81 26.88
N THR B 109 19.74 -38.01 26.42
CA THR B 109 19.23 -39.07 27.26
C THR B 109 20.14 -40.29 27.32
N LEU B 110 20.70 -40.70 26.18
CA LEU B 110 21.63 -41.83 26.12
C LEU B 110 21.00 -43.12 26.62
N ASP B 111 19.69 -43.28 26.41
CA ASP B 111 18.94 -44.45 26.87
C ASP B 111 17.99 -44.94 25.78
N SER B 112 18.50 -45.01 24.55
CA SER B 112 17.74 -45.48 23.38
C SER B 112 16.48 -44.62 23.18
N LYS B 113 16.61 -43.32 23.39
CA LYS B 113 15.51 -42.39 23.22
C LYS B 113 15.73 -41.35 22.12
N THR B 114 16.99 -41.02 21.82
CA THR B 114 17.29 -40.05 20.78
C THR B 114 18.65 -40.38 20.18
N GLN B 115 18.94 -39.74 19.05
CA GLN B 115 20.22 -39.95 18.38
C GLN B 115 21.33 -39.25 19.15
N SER B 116 22.55 -39.80 19.02
CA SER B 116 23.71 -39.25 19.71
C SER B 116 24.94 -39.47 18.84
N LEU B 117 26.02 -38.79 19.22
CA LEU B 117 27.29 -38.90 18.50
C LEU B 117 28.17 -39.98 19.12
N LEU B 118 28.99 -40.59 18.28
CA LEU B 118 29.87 -41.69 18.66
C LEU B 118 31.28 -41.47 18.11
N ILE B 119 31.81 -40.27 18.31
CA ILE B 119 33.14 -39.93 17.81
C ILE B 119 34.19 -40.63 18.65
N VAL B 120 34.67 -41.78 18.18
CA VAL B 120 35.64 -42.60 18.91
C VAL B 120 36.70 -43.09 17.93
N ASN B 121 37.94 -43.19 18.42
CA ASN B 121 39.07 -43.73 17.66
C ASN B 121 39.70 -44.83 18.52
N ASN B 122 39.25 -46.07 18.32
CA ASN B 122 39.70 -47.18 19.15
C ASN B 122 41.20 -47.42 19.02
N ALA B 123 41.67 -47.87 17.86
CA ALA B 123 43.10 -47.95 17.60
C ALA B 123 43.53 -47.52 16.19
N THR B 124 42.67 -47.65 15.18
CA THR B 124 43.06 -47.37 13.81
C THR B 124 42.18 -46.32 13.14
N ASN B 125 40.87 -46.45 13.24
CA ASN B 125 39.94 -45.61 12.48
C ASN B 125 39.28 -44.59 13.39
N VAL B 126 39.01 -43.43 12.82
CA VAL B 126 38.26 -42.37 13.50
C VAL B 126 36.78 -42.63 13.21
N VAL B 127 36.17 -43.44 14.08
CA VAL B 127 34.76 -43.78 13.94
C VAL B 127 33.94 -42.58 14.41
N ILE B 128 33.27 -41.91 13.47
CA ILE B 128 32.49 -40.71 13.78
C ILE B 128 31.05 -40.95 13.37
N LYS B 129 30.60 -42.20 13.49
CA LYS B 129 29.24 -42.54 13.09
C LYS B 129 28.22 -41.84 13.98
N VAL B 130 27.33 -41.07 13.35
CA VAL B 130 26.21 -40.45 14.04
C VAL B 130 25.15 -41.55 14.14
N CYS B 131 25.21 -42.29 15.25
CA CYS B 131 24.47 -43.54 15.40
C CYS B 131 23.81 -43.57 16.77
N GLU B 132 22.60 -44.13 16.81
CA GLU B 132 21.82 -44.20 18.04
C GLU B 132 22.29 -45.37 18.88
N PHE B 133 22.64 -45.10 20.14
CA PHE B 133 23.11 -46.12 21.06
C PHE B 133 22.68 -45.78 22.47
N GLN B 134 22.85 -46.76 23.36
CA GLN B 134 22.54 -46.61 24.78
C GLN B 134 23.79 -46.86 25.59
N PHE B 135 24.17 -45.89 26.41
CA PHE B 135 25.36 -45.97 27.24
C PHE B 135 24.98 -46.06 28.71
N CYS B 136 25.88 -46.62 29.50
CA CYS B 136 25.67 -46.75 30.94
C CYS B 136 26.21 -45.52 31.67
N ASN B 137 26.33 -45.62 32.99
CA ASN B 137 26.70 -44.46 33.80
C ASN B 137 28.10 -43.94 33.47
N ASP B 138 29.09 -44.82 33.32
CA ASP B 138 30.46 -44.40 33.11
C ASP B 138 31.16 -45.36 32.15
N PRO B 139 31.05 -45.09 30.84
CA PRO B 139 31.82 -45.88 29.88
C PRO B 139 33.29 -45.49 29.89
N PHE B 140 34.13 -46.42 29.44
CA PHE B 140 35.57 -46.20 29.42
C PHE B 140 36.19 -47.11 28.37
N LEU B 141 37.50 -46.94 28.19
CA LEU B 141 38.28 -47.74 27.25
C LEU B 141 39.38 -48.47 28.02
N GLY B 142 39.47 -49.79 27.80
CA GLY B 142 40.46 -50.59 28.50
C GLY B 142 41.41 -51.31 27.56
N VAL B 143 42.72 -51.09 27.76
CA VAL B 143 43.74 -51.76 26.99
C VAL B 143 44.54 -52.66 27.92
N TYR B 144 45.11 -53.72 27.35
CA TYR B 144 45.88 -54.72 28.10
C TYR B 144 47.32 -54.69 27.62
N TYR B 145 48.19 -54.01 28.35
CA TYR B 145 49.61 -53.96 28.04
C TYR B 145 50.28 -55.20 28.62
N HIS B 146 50.60 -56.16 27.76
CA HIS B 146 51.18 -57.42 28.20
C HIS B 146 52.67 -57.25 28.50
N LYS B 147 53.18 -58.08 29.40
CA LYS B 147 54.59 -58.01 29.77
C LYS B 147 55.46 -58.82 28.81
N ASN B 148 54.98 -59.99 28.39
CA ASN B 148 55.76 -60.82 27.47
C ASN B 148 55.84 -60.18 26.09
N ASN B 149 54.76 -59.53 25.64
CA ASN B 149 54.73 -58.83 24.37
C ASN B 149 54.84 -57.33 24.66
N LYS B 150 56.05 -56.79 24.55
CA LYS B 150 56.32 -55.39 24.87
C LYS B 150 55.77 -54.53 23.73
N SER B 151 54.44 -54.36 23.74
CA SER B 151 53.77 -53.55 22.73
C SER B 151 52.39 -53.17 23.26
N TRP B 152 51.99 -51.94 22.96
CA TRP B 152 50.70 -51.43 23.41
C TRP B 152 49.65 -51.67 22.33
N MET B 153 48.48 -52.16 22.73
CA MET B 153 47.41 -52.44 21.79
C MET B 153 46.08 -52.43 22.53
N GLU B 154 45.01 -52.24 21.76
CA GLU B 154 43.67 -52.24 22.31
C GLU B 154 43.14 -53.66 22.47
N SER B 155 42.48 -53.92 23.59
CA SER B 155 41.97 -55.24 23.91
C SER B 155 40.45 -55.32 23.90
N GLU B 156 39.78 -54.46 24.67
CA GLU B 156 38.33 -54.51 24.77
C GLU B 156 37.76 -53.11 24.57
N PHE B 157 36.58 -53.06 23.94
CA PHE B 157 35.89 -51.83 23.61
C PHE B 157 34.46 -51.93 24.11
N ARG B 158 34.24 -51.54 25.36
CA ARG B 158 32.93 -51.66 26.01
C ARG B 158 32.42 -50.26 26.36
N VAL B 159 31.73 -49.65 25.42
CA VAL B 159 31.10 -48.35 25.66
C VAL B 159 29.60 -48.43 25.38
N TYR B 160 29.23 -49.09 24.28
CA TYR B 160 27.82 -49.22 23.92
C TYR B 160 27.23 -50.48 24.52
N SER B 161 25.92 -50.46 24.73
CA SER B 161 25.20 -51.60 25.28
C SER B 161 24.20 -52.20 24.31
N SER B 162 23.36 -51.37 23.68
CA SER B 162 22.35 -51.83 22.76
C SER B 162 22.33 -50.93 21.53
N ALA B 163 22.20 -51.53 20.35
CA ALA B 163 22.15 -50.79 19.10
C ALA B 163 20.71 -50.51 18.70
N ASN B 164 20.53 -49.52 17.84
CA ASN B 164 19.20 -49.11 17.38
C ASN B 164 19.33 -48.70 15.91
N ASN B 165 18.28 -48.04 15.40
CA ASN B 165 18.32 -47.50 14.05
C ASN B 165 19.46 -46.49 13.93
N CYS B 166 20.17 -46.56 12.81
CA CYS B 166 21.39 -45.77 12.66
C CYS B 166 21.27 -44.89 11.42
N THR B 167 21.89 -43.70 11.50
CA THR B 167 21.70 -42.68 10.47
C THR B 167 22.95 -42.42 9.66
N PHE B 168 24.07 -42.08 10.30
CA PHE B 168 25.27 -41.66 9.60
C PHE B 168 26.47 -42.47 10.05
N GLU B 169 27.47 -42.57 9.17
CA GLU B 169 28.70 -43.27 9.45
C GLU B 169 29.83 -42.62 8.66
N TYR B 170 30.98 -42.45 9.30
CA TYR B 170 32.14 -41.78 8.71
C TYR B 170 33.41 -42.59 8.96
N VAL B 171 33.34 -43.90 8.68
CA VAL B 171 34.52 -44.74 8.83
C VAL B 171 35.57 -44.32 7.82
N SER B 172 36.76 -43.99 8.31
CA SER B 172 37.86 -43.50 7.49
C SER B 172 38.90 -44.60 7.31
N GLN B 173 40.01 -44.24 6.67
CA GLN B 173 41.07 -45.21 6.41
C GLN B 173 41.79 -45.57 7.71
N PRO B 174 42.08 -46.85 7.94
CA PRO B 174 42.76 -47.24 9.19
C PRO B 174 44.24 -46.90 9.19
N PHE B 175 44.64 -45.98 10.05
CA PHE B 175 46.04 -45.63 10.23
C PHE B 175 46.60 -46.41 11.43
N LEU B 176 47.83 -46.09 11.82
CA LEU B 176 48.51 -46.77 12.91
C LEU B 176 48.81 -45.78 14.03
N MET B 177 48.39 -46.12 15.24
CA MET B 177 48.66 -45.31 16.42
C MET B 177 49.83 -45.90 17.20
N ASP B 178 50.13 -45.28 18.35
CA ASP B 178 51.23 -45.72 19.20
C ASP B 178 50.75 -46.21 20.56
N LEU B 179 49.95 -45.40 21.26
CA LEU B 179 49.45 -45.74 22.60
C LEU B 179 50.57 -46.06 23.58
N GLU B 180 51.74 -45.47 23.37
CA GLU B 180 52.90 -45.75 24.21
C GLU B 180 52.86 -44.88 25.47
N GLY B 181 53.25 -45.49 26.59
CA GLY B 181 53.19 -44.82 27.88
C GLY B 181 54.47 -44.12 28.30
N LYS B 182 54.87 -43.08 27.57
CA LYS B 182 56.03 -42.31 27.96
C LYS B 182 55.75 -41.49 29.22
N GLN B 183 56.80 -41.04 29.87
CA GLN B 183 56.71 -40.24 31.10
C GLN B 183 57.49 -38.96 30.88
N GLY B 184 56.77 -37.86 30.73
CA GLY B 184 57.41 -36.57 30.54
C GLY B 184 56.40 -35.46 30.40
N ASN B 185 56.85 -34.35 29.83
CA ASN B 185 55.98 -33.21 29.62
C ASN B 185 55.01 -33.47 28.48
N PHE B 186 53.83 -32.88 28.57
CA PHE B 186 52.80 -33.04 27.55
C PHE B 186 53.18 -32.20 26.33
N LYS B 187 53.24 -32.85 25.16
CA LYS B 187 53.60 -32.18 23.92
C LYS B 187 52.49 -32.17 22.89
N ASN B 188 51.71 -33.25 22.79
CA ASN B 188 50.62 -33.34 21.82
C ASN B 188 49.44 -32.53 22.34
N LEU B 189 49.42 -31.25 21.97
CA LEU B 189 48.35 -30.33 22.36
C LEU B 189 47.34 -30.24 21.23
N ARG B 190 46.19 -30.87 21.41
CA ARG B 190 45.13 -30.86 20.41
C ARG B 190 43.94 -30.06 20.93
N GLU B 191 43.35 -29.27 20.05
CA GLU B 191 42.19 -28.45 20.38
C GLU B 191 41.00 -28.85 19.51
N PHE B 192 39.81 -28.79 20.10
CA PHE B 192 38.59 -29.17 19.41
C PHE B 192 37.47 -28.23 19.81
N VAL B 193 36.80 -27.65 18.81
CA VAL B 193 35.68 -26.74 19.03
C VAL B 193 34.44 -27.37 18.40
N PHE B 194 33.36 -27.46 19.16
CA PHE B 194 32.10 -28.02 18.70
C PHE B 194 31.01 -26.95 18.79
N LYS B 195 30.16 -26.91 17.78
CA LYS B 195 29.07 -25.94 17.73
C LYS B 195 27.98 -26.48 16.82
N ASN B 196 26.74 -26.07 17.12
CA ASN B 196 25.57 -26.49 16.36
C ASN B 196 24.82 -25.25 15.88
N ILE B 197 24.91 -24.98 14.58
CA ILE B 197 24.20 -23.87 13.95
C ILE B 197 23.60 -24.37 12.64
N ASP B 198 22.27 -24.25 12.52
CA ASP B 198 21.54 -24.65 11.31
C ASP B 198 21.82 -26.09 10.91
N GLY B 199 22.21 -26.92 11.87
CA GLY B 199 22.56 -28.30 11.58
C GLY B 199 23.90 -28.48 10.90
N TYR B 200 24.95 -27.89 11.47
CA TYR B 200 26.30 -28.01 10.92
C TYR B 200 27.30 -28.15 12.07
N PHE B 201 28.09 -29.21 12.03
CA PHE B 201 29.03 -29.54 13.10
C PHE B 201 30.43 -29.14 12.64
N LYS B 202 30.82 -27.92 12.96
CA LYS B 202 32.12 -27.38 12.56
C LYS B 202 33.17 -27.87 13.54
N ILE B 203 34.02 -28.79 13.08
CA ILE B 203 35.09 -29.35 13.89
C ILE B 203 36.40 -28.62 13.54
N TYR B 204 37.08 -28.14 14.56
CA TYR B 204 38.35 -27.44 14.39
C TYR B 204 39.45 -28.19 15.14
N SER B 205 40.66 -28.17 14.58
CA SER B 205 41.78 -28.88 15.16
C SER B 205 43.08 -28.17 14.79
N LYS B 206 44.02 -28.14 15.73
CA LYS B 206 45.33 -27.52 15.50
C LYS B 206 46.32 -28.18 16.44
N HIS B 207 47.13 -29.08 15.90
CA HIS B 207 48.12 -29.82 16.68
C HIS B 207 49.41 -29.00 16.75
N THR B 208 49.66 -28.39 17.90
CA THR B 208 50.85 -27.59 18.12
C THR B 208 51.70 -28.20 19.23
N PRO B 209 53.00 -28.41 19.02
CA PRO B 209 53.83 -28.95 20.08
C PRO B 209 54.18 -27.91 21.13
N ILE B 210 54.41 -28.39 22.36
CA ILE B 210 54.74 -27.54 23.49
C ILE B 210 55.60 -28.34 24.46
N ASN B 211 56.37 -27.63 25.28
CA ASN B 211 57.26 -28.26 26.24
C ASN B 211 56.79 -28.09 27.68
N LEU B 212 55.71 -27.36 27.91
CA LEU B 212 55.17 -27.18 29.24
C LEU B 212 54.20 -28.30 29.58
N VAL B 213 54.28 -28.78 30.83
CA VAL B 213 53.47 -29.93 31.24
C VAL B 213 52.07 -29.48 31.65
N ARG B 214 51.98 -28.45 32.49
CA ARG B 214 50.71 -27.94 32.98
C ARG B 214 50.68 -26.43 32.85
N ASP B 215 49.53 -25.83 33.15
CA ASP B 215 49.33 -24.39 33.07
C ASP B 215 49.63 -23.88 31.66
N LEU B 216 48.77 -24.32 30.73
CA LEU B 216 48.86 -24.06 29.29
C LEU B 216 49.29 -22.63 29.00
N PRO B 217 50.35 -22.45 28.20
CA PRO B 217 50.92 -21.11 28.02
C PRO B 217 50.00 -20.22 27.21
N GLN B 218 50.35 -18.93 27.19
CA GLN B 218 49.60 -17.93 26.46
C GLN B 218 49.98 -17.98 24.98
N GLY B 219 49.54 -16.99 24.22
CA GLY B 219 49.81 -16.91 22.80
C GLY B 219 48.53 -17.02 21.98
N PHE B 220 48.71 -16.97 20.67
CA PHE B 220 47.61 -17.04 19.72
C PHE B 220 47.81 -18.20 18.76
N SER B 221 46.69 -18.82 18.37
CA SER B 221 46.72 -19.93 17.44
C SER B 221 45.45 -19.91 16.61
N ALA B 222 45.51 -20.57 15.45
CA ALA B 222 44.37 -20.67 14.55
C ALA B 222 43.71 -22.03 14.69
N LEU B 223 42.51 -22.13 14.13
CA LEU B 223 41.72 -23.37 14.18
C LEU B 223 41.02 -23.53 12.83
N GLU B 224 41.51 -24.45 12.00
CA GLU B 224 40.94 -24.66 10.69
C GLU B 224 39.79 -25.67 10.77
N PRO B 225 38.74 -25.49 9.96
CA PRO B 225 37.63 -26.45 9.97
C PRO B 225 38.08 -27.79 9.41
N LEU B 226 37.84 -28.86 10.18
CA LEU B 226 38.23 -30.19 9.76
C LEU B 226 37.23 -30.78 8.77
N VAL B 227 35.99 -30.95 9.20
CA VAL B 227 34.95 -31.54 8.36
C VAL B 227 33.59 -31.18 8.95
N ASP B 228 32.63 -30.88 8.07
CA ASP B 228 31.28 -30.52 8.48
C ASP B 228 30.45 -31.80 8.58
N LEU B 229 29.99 -32.11 9.79
CA LEU B 229 29.21 -33.32 10.02
C LEU B 229 27.72 -33.02 9.84
N PRO B 230 26.97 -33.92 9.21
CA PRO B 230 25.52 -33.73 9.11
C PRO B 230 24.82 -33.95 10.43
N ILE B 231 24.27 -32.89 11.02
CA ILE B 231 23.61 -32.97 12.32
C ILE B 231 22.25 -32.29 12.22
N GLY B 232 21.60 -32.12 13.37
CA GLY B 232 20.24 -31.61 13.42
C GLY B 232 19.45 -32.26 14.54
N ILE B 233 20.09 -33.18 15.23
CA ILE B 233 19.49 -33.81 16.41
C ILE B 233 19.67 -32.90 17.62
N ASN B 234 18.90 -33.16 18.67
CA ASN B 234 18.96 -32.37 19.89
C ASN B 234 20.10 -32.88 20.77
N ILE B 235 21.03 -31.99 21.10
CA ILE B 235 22.17 -32.31 21.95
C ILE B 235 22.29 -31.24 23.03
N THR B 236 22.34 -31.67 24.29
CA THR B 236 22.45 -30.74 25.40
C THR B 236 23.46 -31.17 26.45
N ARG B 237 23.90 -32.43 26.44
CA ARG B 237 24.82 -32.94 27.45
C ARG B 237 26.03 -33.54 26.76
N PHE B 238 27.22 -33.02 27.08
CA PHE B 238 28.47 -33.54 26.53
C PHE B 238 29.17 -34.39 27.60
N GLN B 239 29.68 -35.55 27.17
CA GLN B 239 30.31 -36.48 28.09
C GLN B 239 31.73 -36.79 27.58
N THR B 240 32.72 -36.53 28.42
CA THR B 240 34.10 -36.82 28.08
C THR B 240 34.39 -38.30 28.28
N LEU B 241 35.05 -38.91 27.29
CA LEU B 241 35.37 -40.33 27.30
C LEU B 241 36.86 -40.49 27.05
N LEU B 242 37.59 -40.86 28.10
CA LEU B 242 39.03 -41.08 28.02
C LEU B 242 39.34 -42.57 27.95
N ALA B 243 40.63 -42.90 28.01
CA ALA B 243 41.09 -44.28 27.93
C ALA B 243 42.04 -44.56 29.08
N LEU B 244 41.83 -45.68 29.76
CA LEU B 244 42.69 -46.12 30.85
C LEU B 244 43.52 -47.32 30.42
N HIS B 245 44.72 -47.43 31.00
CA HIS B 245 45.69 -48.46 30.65
C HIS B 245 45.73 -49.49 31.78
N ARG B 246 44.99 -50.59 31.59
CA ARG B 246 45.01 -51.66 32.59
C ARG B 246 46.33 -52.42 32.53
N SER B 247 46.97 -52.57 33.68
CA SER B 247 48.25 -53.25 33.80
C SER B 247 48.07 -54.59 34.53
N TYR B 248 49.19 -55.29 34.74
CA TYR B 248 49.19 -56.58 35.41
C TYR B 248 49.90 -56.52 36.76
N LEU B 249 49.96 -55.33 37.37
CA LEU B 249 50.59 -55.20 38.68
C LEU B 249 49.67 -55.67 39.79
N THR B 250 48.50 -55.04 39.91
CA THR B 250 47.50 -55.43 40.91
C THR B 250 46.11 -55.41 40.26
N PRO B 251 45.81 -56.43 39.44
CA PRO B 251 44.51 -56.45 38.76
C PRO B 251 43.34 -56.53 39.72
N GLY B 252 43.33 -57.55 40.58
CA GLY B 252 42.25 -57.74 41.53
C GLY B 252 40.91 -57.91 40.87
N ASP B 253 40.05 -56.90 40.98
CA ASP B 253 38.74 -56.89 40.35
C ASP B 253 38.76 -55.98 39.12
N SER B 254 37.84 -56.27 38.20
CA SER B 254 37.74 -55.46 36.98
C SER B 254 37.32 -54.03 37.26
N SER B 255 36.69 -53.77 38.41
CA SER B 255 36.26 -52.43 38.77
C SER B 255 37.39 -51.59 39.39
N SER B 256 38.32 -52.22 40.09
CA SER B 256 39.41 -51.52 40.75
C SER B 256 40.76 -51.76 40.10
N GLY B 257 40.81 -52.48 38.99
CA GLY B 257 42.04 -52.76 38.29
C GLY B 257 42.45 -51.74 37.26
N TRP B 258 41.82 -50.56 37.26
CA TRP B 258 42.15 -49.53 36.29
C TRP B 258 43.34 -48.70 36.76
N THR B 259 44.24 -48.38 35.83
CA THR B 259 45.42 -47.56 36.09
C THR B 259 45.50 -46.52 34.97
N ALA B 260 44.92 -45.35 35.21
CA ALA B 260 44.89 -44.30 34.19
C ALA B 260 46.28 -43.69 34.02
N GLY B 261 46.39 -42.78 33.07
CA GLY B 261 47.63 -42.08 32.80
C GLY B 261 47.58 -40.63 33.21
N ALA B 262 48.48 -39.84 32.63
CA ALA B 262 48.58 -38.42 32.91
C ALA B 262 47.83 -37.66 31.81
N ALA B 263 46.52 -37.55 31.99
CA ALA B 263 45.64 -36.86 31.05
C ALA B 263 45.09 -35.59 31.68
N ALA B 264 44.78 -34.62 30.82
CA ALA B 264 44.24 -33.35 31.27
C ALA B 264 43.60 -32.65 30.08
N TYR B 265 42.34 -32.24 30.24
CA TYR B 265 41.61 -31.56 29.18
C TYR B 265 40.85 -30.37 29.77
N TYR B 266 40.73 -29.31 28.96
CA TYR B 266 40.03 -28.10 29.35
C TYR B 266 38.70 -28.01 28.59
N VAL B 267 37.65 -27.62 29.30
CA VAL B 267 36.31 -27.49 28.75
C VAL B 267 35.84 -26.06 28.96
N GLY B 268 35.36 -25.43 27.89
CA GLY B 268 34.85 -24.07 27.99
C GLY B 268 33.42 -23.96 27.51
N TYR B 269 32.93 -22.73 27.34
CA TYR B 269 31.57 -22.49 26.88
C TYR B 269 31.55 -21.25 26.00
N LEU B 270 30.89 -21.37 24.84
CA LEU B 270 30.83 -20.26 23.90
C LEU B 270 29.75 -19.26 24.33
N GLN B 271 29.88 -18.04 23.81
CA GLN B 271 28.97 -16.96 24.13
C GLN B 271 28.89 -16.02 22.93
N PRO B 272 27.68 -15.60 22.54
CA PRO B 272 27.56 -14.69 21.38
C PRO B 272 28.26 -13.37 21.66
N ARG B 273 29.29 -13.08 20.86
CA ARG B 273 30.05 -11.85 21.00
C ARG B 273 30.77 -11.58 19.69
N THR B 274 30.99 -10.30 19.41
CA THR B 274 31.67 -9.90 18.18
C THR B 274 33.18 -9.86 18.38
N PHE B 275 33.91 -10.44 17.43
CA PHE B 275 35.37 -10.43 17.44
C PHE B 275 35.84 -9.74 16.17
N LEU B 276 36.87 -8.91 16.28
CA LEU B 276 37.52 -8.29 15.13
C LEU B 276 38.84 -8.99 14.89
N LEU B 277 38.92 -9.79 13.83
CA LEU B 277 40.10 -10.57 13.51
C LEU B 277 40.89 -9.89 12.40
N LYS B 278 42.21 -9.96 12.50
CA LYS B 278 43.12 -9.38 11.51
C LYS B 278 43.85 -10.52 10.81
N TYR B 279 43.48 -10.78 9.56
CA TYR B 279 44.12 -11.83 8.79
C TYR B 279 45.50 -11.39 8.33
N ASN B 280 46.44 -12.33 8.32
CA ASN B 280 47.81 -12.05 7.91
C ASN B 280 47.88 -11.95 6.39
N GLU B 281 49.08 -11.64 5.88
CA GLU B 281 49.27 -11.54 4.44
C GLU B 281 49.13 -12.90 3.76
N ASN B 282 49.42 -13.99 4.48
CA ASN B 282 49.30 -15.32 3.91
C ASN B 282 47.87 -15.85 3.99
N GLY B 283 47.06 -15.36 4.94
CA GLY B 283 45.69 -15.79 5.05
C GLY B 283 45.40 -16.53 6.34
N THR B 284 46.11 -16.19 7.41
CA THR B 284 45.92 -16.80 8.71
C THR B 284 45.63 -15.74 9.76
N ILE B 285 44.95 -16.14 10.82
CA ILE B 285 44.60 -15.24 11.91
C ILE B 285 45.78 -15.14 12.86
N THR B 286 46.16 -13.91 13.23
CA THR B 286 47.30 -13.67 14.10
C THR B 286 46.92 -13.16 15.48
N ASP B 287 45.88 -12.33 15.59
CA ASP B 287 45.50 -11.77 16.88
C ASP B 287 44.02 -11.42 16.85
N ALA B 288 43.43 -11.38 18.05
CA ALA B 288 42.06 -10.96 18.25
C ALA B 288 42.02 -9.83 19.27
N VAL B 289 40.82 -9.25 19.44
CA VAL B 289 40.68 -8.09 20.32
C VAL B 289 39.68 -8.38 21.44
N ASP B 290 38.74 -9.29 21.19
CA ASP B 290 37.62 -9.55 22.09
C ASP B 290 36.84 -8.26 22.35
N CYS B 291 36.21 -7.79 21.27
CA CYS B 291 35.55 -6.49 21.19
C CYS B 291 34.58 -6.23 22.33
N ALA B 292 34.16 -7.28 23.04
CA ALA B 292 33.22 -7.13 24.15
C ALA B 292 33.77 -7.63 25.47
N LEU B 293 35.07 -7.46 25.71
CA LEU B 293 35.71 -7.90 26.96
C LEU B 293 35.90 -6.74 27.94
N ASP B 294 36.64 -5.72 27.53
CA ASP B 294 36.92 -4.56 28.36
C ASP B 294 36.90 -3.32 27.49
N PRO B 295 36.74 -2.13 28.10
CA PRO B 295 36.65 -0.90 27.28
C PRO B 295 37.82 -0.67 26.35
N LEU B 296 39.03 -1.13 26.73
CA LEU B 296 40.17 -0.98 25.82
C LEU B 296 39.95 -1.77 24.54
N SER B 297 39.41 -2.99 24.66
CA SER B 297 39.11 -3.78 23.48
C SER B 297 38.05 -3.11 22.62
N GLU B 298 37.03 -2.52 23.26
CA GLU B 298 36.00 -1.83 22.50
C GLU B 298 36.57 -0.62 21.77
N THR B 299 37.53 0.09 22.39
CA THR B 299 38.16 1.22 21.74
C THR B 299 39.00 0.78 20.55
N LYS B 300 39.81 -0.27 20.74
CA LYS B 300 40.62 -0.79 19.64
C LYS B 300 39.77 -1.45 18.55
N CYS B 301 38.53 -1.82 18.88
CA CYS B 301 37.62 -2.49 17.96
C CYS B 301 36.80 -1.51 17.14
N THR B 302 36.35 -0.41 17.74
CA THR B 302 35.60 0.58 16.98
C THR B 302 36.50 1.33 16.01
N LEU B 303 37.80 1.37 16.26
CA LEU B 303 38.75 2.03 15.38
C LEU B 303 39.26 1.14 14.26
N LYS B 304 39.00 -0.17 14.33
CA LYS B 304 39.44 -1.13 13.32
C LYS B 304 40.96 -1.09 13.14
N SER B 305 41.67 -1.15 14.25
CA SER B 305 43.13 -1.11 14.22
C SER B 305 43.65 -1.65 15.54
N PHE B 306 44.87 -2.21 15.49
CA PHE B 306 45.53 -2.73 16.68
C PHE B 306 46.32 -1.68 17.43
N THR B 307 46.20 -0.41 17.04
CA THR B 307 46.93 0.68 17.70
C THR B 307 46.02 1.87 17.81
N VAL B 308 45.99 2.48 19.01
CA VAL B 308 45.17 3.64 19.28
C VAL B 308 46.08 4.78 19.71
N GLU B 309 45.65 6.00 19.41
CA GLU B 309 46.40 7.20 19.75
C GLU B 309 45.88 7.82 21.04
N LYS B 310 46.66 8.75 21.59
CA LYS B 310 46.28 9.44 22.81
C LYS B 310 45.13 10.40 22.54
N GLY B 311 44.02 10.19 23.21
CA GLY B 311 42.86 11.04 23.04
C GLY B 311 41.59 10.32 23.42
N ILE B 312 40.52 11.09 23.55
CA ILE B 312 39.21 10.56 23.91
C ILE B 312 38.53 10.03 22.66
N TYR B 313 37.93 8.85 22.76
CA TYR B 313 37.25 8.20 21.65
C TYR B 313 35.76 8.02 21.99
N GLN B 314 35.04 7.41 21.06
CA GLN B 314 33.62 7.17 21.20
C GLN B 314 33.34 5.67 21.15
N THR B 315 32.45 5.20 22.02
CA THR B 315 32.08 3.79 22.10
C THR B 315 30.56 3.71 22.16
N SER B 316 30.06 2.52 22.49
CA SER B 316 28.62 2.30 22.57
C SER B 316 28.00 3.20 23.64
N ASN B 317 26.68 3.36 23.56
CA ASN B 317 25.92 4.23 24.45
C ASN B 317 25.42 3.43 25.65
N PHE B 318 25.48 4.04 26.83
CA PHE B 318 24.99 3.41 28.04
C PHE B 318 23.52 3.73 28.24
N ARG B 319 22.71 2.69 28.46
CA ARG B 319 21.28 2.86 28.66
C ARG B 319 20.80 1.85 29.70
N VAL B 320 19.97 2.32 30.63
CA VAL B 320 19.44 1.47 31.68
C VAL B 320 18.24 0.71 31.13
N GLN B 321 18.22 -0.62 31.34
CA GLN B 321 17.14 -1.46 30.86
C GLN B 321 15.99 -1.49 31.85
N PRO B 322 14.75 -1.61 31.37
CA PRO B 322 13.60 -1.67 32.28
C PRO B 322 13.66 -2.91 33.17
N THR B 323 13.57 -2.68 34.48
CA THR B 323 13.64 -3.78 35.44
C THR B 323 12.31 -4.52 35.52
N GLU B 324 11.21 -3.80 35.68
CA GLU B 324 9.88 -4.37 35.78
C GLU B 324 9.00 -3.85 34.65
N SER B 325 7.83 -4.47 34.52
CA SER B 325 6.85 -4.11 33.49
C SER B 325 5.55 -3.75 34.20
N ILE B 326 5.32 -2.46 34.39
CA ILE B 326 4.12 -1.98 35.07
C ILE B 326 3.00 -1.81 34.06
N VAL B 327 1.82 -2.30 34.40
CA VAL B 327 0.63 -2.18 33.58
C VAL B 327 -0.42 -1.42 34.38
N ARG B 328 -0.98 -0.37 33.79
CA ARG B 328 -1.99 0.46 34.44
C ARG B 328 -3.23 0.53 33.57
N PHE B 329 -4.39 0.39 34.21
CA PHE B 329 -5.68 0.44 33.52
C PHE B 329 -6.73 0.90 34.52
N PRO B 330 -7.82 1.50 34.04
CA PRO B 330 -8.88 1.94 34.97
C PRO B 330 -9.51 0.77 35.70
N ASN B 331 -10.23 1.11 36.76
CA ASN B 331 -10.91 0.10 37.57
C ASN B 331 -11.96 -0.62 36.73
N ILE B 332 -12.12 -1.92 36.98
CA ILE B 332 -13.13 -2.71 36.29
C ILE B 332 -14.49 -2.36 36.85
N THR B 333 -15.25 -1.55 36.10
CA THR B 333 -16.55 -1.08 36.53
C THR B 333 -17.61 -1.49 35.53
N ASN B 334 -18.85 -1.56 36.01
CA ASN B 334 -20.02 -1.91 35.20
C ASN B 334 -19.85 -3.27 34.53
N LEU B 335 -19.68 -4.28 35.38
CA LEU B 335 -19.71 -5.66 34.89
C LEU B 335 -21.13 -6.04 34.52
N CYS B 336 -21.40 -6.09 33.22
CA CYS B 336 -22.78 -6.30 32.78
C CYS B 336 -23.20 -7.72 33.09
N PRO B 337 -24.44 -7.97 33.47
CA PRO B 337 -24.81 -9.31 33.98
C PRO B 337 -24.78 -10.40 32.92
N PHE B 338 -24.02 -11.46 33.20
CA PHE B 338 -24.08 -12.70 32.45
C PHE B 338 -25.06 -13.69 33.05
N GLY B 339 -25.67 -13.35 34.20
CA GLY B 339 -26.61 -14.24 34.84
C GLY B 339 -27.95 -14.34 34.14
N GLU B 340 -28.26 -13.38 33.25
CA GLU B 340 -29.52 -13.41 32.52
C GLU B 340 -29.54 -14.48 31.43
N VAL B 341 -28.39 -15.06 31.09
CA VAL B 341 -28.33 -16.11 30.08
C VAL B 341 -27.85 -17.44 30.65
N PHE B 342 -27.23 -17.47 31.83
CA PHE B 342 -26.78 -18.70 32.45
C PHE B 342 -27.60 -19.04 33.69
N ASN B 343 -27.64 -18.14 34.67
CA ASN B 343 -28.43 -18.35 35.88
C ASN B 343 -29.83 -17.74 35.74
N ALA B 344 -30.54 -18.12 34.69
CA ALA B 344 -31.85 -17.57 34.41
C ALA B 344 -32.93 -18.34 35.16
N THR B 345 -34.02 -17.65 35.50
CA THR B 345 -35.13 -18.27 36.21
C THR B 345 -36.17 -18.81 35.25
N ARG B 346 -36.14 -18.36 33.99
CA ARG B 346 -37.06 -18.81 32.96
C ARG B 346 -36.32 -18.86 31.63
N PHE B 347 -36.25 -20.06 31.04
CA PHE B 347 -35.56 -20.25 29.78
C PHE B 347 -36.58 -20.33 28.65
N ALA B 348 -36.11 -20.57 27.42
CA ALA B 348 -36.96 -20.68 26.26
C ALA B 348 -36.62 -21.97 25.51
N SER B 349 -37.29 -22.15 24.37
CA SER B 349 -37.11 -23.33 23.53
C SER B 349 -36.55 -22.92 22.17
N VAL B 350 -36.42 -23.92 21.29
CA VAL B 350 -35.91 -23.66 19.95
C VAL B 350 -36.94 -22.98 19.08
N TYR B 351 -38.22 -23.06 19.42
CA TYR B 351 -39.26 -22.46 18.61
C TYR B 351 -39.37 -20.96 18.85
N ALA B 352 -39.11 -20.52 20.08
CA ALA B 352 -39.24 -19.13 20.48
C ALA B 352 -37.95 -18.63 21.12
N TRP B 353 -36.82 -18.91 20.47
CA TRP B 353 -35.54 -18.46 20.97
C TRP B 353 -35.45 -16.93 20.89
N ASN B 354 -35.23 -16.29 22.04
CA ASN B 354 -35.19 -14.83 22.12
C ASN B 354 -33.78 -14.33 21.87
N ARG B 355 -33.64 -13.01 21.76
CA ARG B 355 -32.36 -12.36 21.53
C ARG B 355 -32.12 -11.35 22.64
N LYS B 356 -31.00 -11.49 23.35
CA LYS B 356 -30.62 -10.60 24.44
C LYS B 356 -29.34 -9.89 24.05
N ARG B 357 -29.48 -8.75 23.36
CA ARG B 357 -28.34 -7.96 22.93
C ARG B 357 -28.04 -6.86 23.93
N ILE B 358 -26.83 -6.89 24.49
CA ILE B 358 -26.38 -5.91 25.47
C ILE B 358 -25.14 -5.22 24.94
N SER B 359 -25.11 -3.90 25.07
CA SER B 359 -23.98 -3.10 24.62
C SER B 359 -23.30 -2.47 25.83
N ASN B 360 -22.11 -1.91 25.59
CA ASN B 360 -21.30 -1.26 26.63
C ASN B 360 -21.01 -2.23 27.78
N CYS B 361 -20.28 -3.29 27.44
CA CYS B 361 -19.94 -4.35 28.40
C CYS B 361 -18.44 -4.44 28.58
N VAL B 362 -18.05 -4.98 29.74
CA VAL B 362 -16.73 -5.55 29.95
C VAL B 362 -16.93 -7.05 30.14
N ALA B 363 -16.86 -7.80 29.06
CA ALA B 363 -17.27 -9.21 29.07
C ALA B 363 -16.10 -10.08 29.45
N ASP B 364 -16.06 -10.52 30.71
CA ASP B 364 -14.98 -11.36 31.22
C ASP B 364 -15.33 -12.81 30.90
N TYR B 365 -14.87 -13.28 29.73
CA TYR B 365 -15.06 -14.67 29.36
C TYR B 365 -14.04 -15.60 30.02
N SER B 366 -13.04 -15.04 30.71
CA SER B 366 -12.03 -15.87 31.35
C SER B 366 -12.61 -16.66 32.51
N VAL B 367 -13.49 -16.04 33.29
CA VAL B 367 -14.11 -16.74 34.41
C VAL B 367 -15.11 -17.79 33.90
N LEU B 368 -15.70 -17.54 32.72
CA LEU B 368 -16.60 -18.52 32.13
C LEU B 368 -15.82 -19.71 31.58
N TYR B 369 -14.64 -19.45 31.01
CA TYR B 369 -13.80 -20.53 30.52
C TYR B 369 -13.18 -21.31 31.67
N ASN B 370 -12.92 -20.64 32.79
CA ASN B 370 -12.34 -21.26 33.98
C ASN B 370 -13.41 -21.81 34.91
N SER B 371 -14.69 -21.73 34.52
CA SER B 371 -15.75 -22.23 35.39
C SER B 371 -15.76 -23.75 35.44
N ALA B 372 -15.63 -24.40 34.29
CA ALA B 372 -15.62 -25.86 34.18
C ALA B 372 -16.87 -26.52 34.77
N SER B 373 -17.97 -25.77 34.84
CA SER B 373 -19.22 -26.30 35.36
C SER B 373 -20.18 -26.78 34.28
N PHE B 374 -20.05 -26.27 33.06
CA PHE B 374 -20.90 -26.70 31.96
C PHE B 374 -20.40 -28.01 31.36
N SER B 375 -21.23 -28.61 30.51
CA SER B 375 -20.87 -29.88 29.89
C SER B 375 -19.77 -29.68 28.85
N THR B 376 -20.00 -28.79 27.89
CA THR B 376 -19.05 -28.53 26.82
C THR B 376 -18.80 -27.04 26.72
N PHE B 377 -17.59 -26.68 26.24
CA PHE B 377 -17.23 -25.29 26.04
C PHE B 377 -16.55 -25.07 24.69
N LYS B 378 -16.25 -26.14 23.95
CA LYS B 378 -15.60 -26.01 22.65
C LYS B 378 -16.56 -25.38 21.66
N CYS B 379 -16.21 -24.21 21.15
CA CYS B 379 -17.05 -23.47 20.22
C CYS B 379 -16.42 -23.47 18.84
N TYR B 380 -17.25 -23.47 17.80
CA TYR B 380 -16.78 -23.55 16.41
C TYR B 380 -16.58 -22.15 15.81
N GLY B 381 -15.80 -21.33 16.50
CA GLY B 381 -15.49 -20.00 16.02
C GLY B 381 -14.01 -19.68 16.15
N VAL B 382 -13.69 -18.58 16.81
CA VAL B 382 -12.30 -18.22 17.09
C VAL B 382 -11.75 -19.18 18.14
N SER B 383 -10.43 -19.15 18.32
CA SER B 383 -9.80 -20.03 19.30
C SER B 383 -10.32 -19.70 20.70
N PRO B 384 -10.38 -20.69 21.60
CA PRO B 384 -10.88 -20.41 22.96
C PRO B 384 -10.03 -19.43 23.74
N THR B 385 -8.79 -19.19 23.31
CA THR B 385 -7.94 -18.17 23.91
C THR B 385 -7.89 -16.94 23.01
N LYS B 386 -7.34 -15.85 23.56
CA LYS B 386 -7.14 -14.58 22.89
C LYS B 386 -8.45 -13.85 22.58
N LEU B 387 -9.60 -14.46 22.87
CA LEU B 387 -10.87 -13.80 22.61
C LEU B 387 -11.22 -12.77 23.69
N ASN B 388 -10.55 -12.82 24.84
CA ASN B 388 -10.81 -11.87 25.91
C ASN B 388 -10.04 -10.56 25.75
N ASP B 389 -9.29 -10.40 24.66
CA ASP B 389 -8.53 -9.18 24.41
C ASP B 389 -8.95 -8.47 23.13
N LEU B 390 -9.72 -9.12 22.27
CA LEU B 390 -10.25 -8.51 21.06
C LEU B 390 -11.59 -7.84 21.40
N CYS B 391 -11.79 -6.64 20.85
CA CYS B 391 -12.92 -5.80 21.24
C CYS B 391 -13.95 -5.75 20.13
N PHE B 392 -15.21 -5.95 20.51
CA PHE B 392 -16.33 -5.99 19.58
C PHE B 392 -17.28 -4.83 19.87
N THR B 393 -18.26 -4.66 18.98
CA THR B 393 -19.21 -3.56 19.13
C THR B 393 -20.33 -3.92 20.11
N ASN B 394 -20.83 -5.15 20.04
CA ASN B 394 -21.88 -5.60 20.94
C ASN B 394 -21.97 -7.13 20.86
N VAL B 395 -22.55 -7.72 21.89
CA VAL B 395 -22.67 -9.17 22.00
C VAL B 395 -24.12 -9.57 21.79
N TYR B 396 -24.33 -10.69 21.10
CA TYR B 396 -25.67 -11.23 20.86
C TYR B 396 -25.82 -12.52 21.66
N ALA B 397 -26.95 -12.66 22.35
CA ALA B 397 -27.23 -13.83 23.17
C ALA B 397 -28.56 -14.44 22.78
N ASP B 398 -28.62 -15.77 22.79
CA ASP B 398 -29.83 -16.52 22.48
C ASP B 398 -30.13 -17.48 23.62
N SER B 399 -31.21 -18.24 23.46
CA SER B 399 -31.64 -19.19 24.49
C SER B 399 -32.55 -20.24 23.87
N PHE B 400 -32.13 -21.49 23.94
CA PHE B 400 -32.93 -22.60 23.44
C PHE B 400 -32.38 -23.90 24.03
N VAL B 401 -33.24 -24.92 24.07
CA VAL B 401 -32.90 -26.22 24.65
C VAL B 401 -33.09 -27.30 23.61
N ILE B 402 -32.14 -28.22 23.54
CA ILE B 402 -32.19 -29.39 22.67
C ILE B 402 -31.77 -30.60 23.49
N ARG B 403 -32.35 -31.76 23.15
CA ARG B 403 -32.05 -32.99 23.85
C ARG B 403 -30.58 -33.38 23.66
N GLY B 404 -30.12 -34.31 24.50
CA GLY B 404 -28.74 -34.74 24.47
C GLY B 404 -28.34 -35.53 23.23
N ASP B 405 -29.32 -35.94 22.42
CA ASP B 405 -29.04 -36.68 21.19
C ASP B 405 -28.76 -35.76 20.00
N GLU B 406 -29.09 -34.47 20.11
CA GLU B 406 -28.90 -33.51 19.03
C GLU B 406 -28.10 -32.30 19.48
N VAL B 407 -27.17 -32.47 20.42
CA VAL B 407 -26.36 -31.34 20.87
C VAL B 407 -25.29 -31.00 19.84
N ARG B 408 -25.12 -31.85 18.83
CA ARG B 408 -24.17 -31.56 17.76
C ARG B 408 -24.79 -30.80 16.60
N GLN B 409 -26.09 -30.50 16.66
CA GLN B 409 -26.79 -29.81 15.59
C GLN B 409 -26.75 -28.29 15.73
N ILE B 410 -25.84 -27.77 16.57
CA ILE B 410 -25.70 -26.33 16.74
C ILE B 410 -24.30 -25.96 16.25
N ALA B 411 -23.82 -26.69 15.24
CA ALA B 411 -22.53 -26.45 14.63
C ALA B 411 -22.70 -26.02 13.18
N PRO B 412 -21.85 -25.12 12.68
CA PRO B 412 -21.95 -24.70 11.28
C PRO B 412 -21.69 -25.86 10.33
N GLY B 413 -22.65 -26.11 9.45
CA GLY B 413 -22.55 -27.19 8.50
C GLY B 413 -23.06 -28.52 9.04
N GLN B 414 -24.23 -28.49 9.66
CA GLN B 414 -24.85 -29.68 10.23
C GLN B 414 -26.29 -29.78 9.77
N THR B 415 -26.82 -31.00 9.79
CA THR B 415 -28.20 -31.29 9.40
C THR B 415 -28.93 -31.87 10.60
N GLY B 416 -30.25 -31.67 10.65
CA GLY B 416 -31.05 -32.19 11.74
C GLY B 416 -32.51 -31.82 11.62
N LYS B 417 -33.40 -32.75 11.96
CA LYS B 417 -34.83 -32.47 11.88
C LYS B 417 -35.24 -31.39 12.88
N ILE B 418 -34.46 -31.20 13.96
CA ILE B 418 -34.77 -30.19 14.96
C ILE B 418 -34.13 -28.85 14.66
N ALA B 419 -32.91 -28.84 14.09
CA ALA B 419 -32.18 -27.61 13.85
C ALA B 419 -32.47 -26.96 12.50
N ASP B 420 -32.83 -27.74 11.49
CA ASP B 420 -33.08 -27.19 10.16
C ASP B 420 -34.43 -26.49 10.04
N TYR B 421 -35.23 -26.46 11.12
CA TYR B 421 -36.53 -25.81 11.09
C TYR B 421 -36.79 -24.93 12.30
N ASN B 422 -35.89 -24.89 13.27
CA ASN B 422 -36.06 -24.07 14.47
C ASN B 422 -34.97 -23.02 14.62
N TYR B 423 -33.71 -23.41 14.48
CA TYR B 423 -32.60 -22.46 14.63
C TYR B 423 -31.41 -22.98 13.84
N LYS B 424 -31.00 -22.25 12.81
CA LYS B 424 -29.87 -22.62 11.97
C LYS B 424 -28.64 -21.80 12.36
N LEU B 425 -27.49 -22.22 11.81
CA LEU B 425 -26.23 -21.57 12.08
C LEU B 425 -25.76 -20.77 10.86
N PRO B 426 -25.12 -19.62 11.08
CA PRO B 426 -24.62 -18.83 9.95
C PRO B 426 -23.52 -19.56 9.21
N ASP B 427 -23.32 -19.16 7.95
CA ASP B 427 -22.30 -19.79 7.13
C ASP B 427 -20.90 -19.42 7.60
N ASP B 428 -20.74 -18.27 8.23
CA ASP B 428 -19.45 -17.79 8.72
C ASP B 428 -19.55 -17.44 10.20
N PHE B 429 -20.13 -18.34 10.98
CA PHE B 429 -20.27 -18.13 12.41
C PHE B 429 -18.89 -18.02 13.06
N THR B 430 -18.64 -16.89 13.72
CA THR B 430 -17.35 -16.61 14.34
C THR B 430 -17.46 -16.51 15.86
N GLY B 431 -18.67 -16.45 16.40
CA GLY B 431 -18.86 -16.40 17.83
C GLY B 431 -18.66 -17.76 18.49
N CYS B 432 -19.37 -18.01 19.58
CA CYS B 432 -19.26 -19.28 20.26
C CYS B 432 -20.63 -19.71 20.79
N VAL B 433 -20.74 -21.00 21.07
CA VAL B 433 -21.98 -21.62 21.55
C VAL B 433 -21.65 -22.43 22.80
N ILE B 434 -22.34 -22.12 23.90
CA ILE B 434 -22.13 -22.78 25.18
C ILE B 434 -23.39 -23.56 25.52
N ALA B 435 -23.22 -24.77 26.06
CA ALA B 435 -24.33 -25.62 26.45
C ALA B 435 -23.96 -26.38 27.72
N TRP B 436 -24.95 -26.59 28.58
CA TRP B 436 -24.75 -27.33 29.83
C TRP B 436 -25.96 -28.23 30.07
N ASN B 437 -25.75 -29.22 30.94
CA ASN B 437 -26.79 -30.19 31.26
C ASN B 437 -27.91 -29.49 32.02
N SER B 438 -29.10 -29.43 31.42
CA SER B 438 -30.25 -28.80 32.03
C SER B 438 -31.13 -29.76 32.80
N ASN B 439 -30.66 -30.99 33.03
CA ASN B 439 -31.45 -31.98 33.77
C ASN B 439 -31.21 -31.84 35.27
N ASN B 440 -31.34 -30.65 35.80
CA ASN B 440 -31.20 -30.43 37.22
C ASN B 440 -32.40 -29.72 37.84
N LEU B 441 -32.97 -28.73 37.15
CA LEU B 441 -34.11 -27.99 37.68
C LEU B 441 -35.24 -27.81 36.67
N ASP B 442 -35.11 -28.32 35.45
CA ASP B 442 -36.10 -28.14 34.40
C ASP B 442 -36.53 -29.47 33.81
N SER B 443 -36.81 -30.45 34.67
CA SER B 443 -37.23 -31.77 34.21
C SER B 443 -38.17 -32.36 35.26
N LYS B 444 -39.46 -32.26 35.02
CA LYS B 444 -40.46 -32.79 35.94
C LYS B 444 -40.75 -34.25 35.62
N VAL B 445 -41.44 -34.91 36.55
CA VAL B 445 -41.79 -36.31 36.38
C VAL B 445 -42.95 -36.42 35.38
N GLY B 446 -43.00 -37.54 34.66
CA GLY B 446 -44.04 -37.78 33.69
C GLY B 446 -43.88 -37.06 32.37
N GLY B 447 -42.89 -36.19 32.24
CA GLY B 447 -42.67 -35.47 31.01
C GLY B 447 -42.97 -33.98 31.13
N ASN B 448 -41.92 -33.17 31.25
CA ASN B 448 -42.08 -31.72 31.36
C ASN B 448 -42.44 -31.14 30.00
N TYR B 449 -43.70 -30.75 29.83
CA TYR B 449 -44.20 -30.23 28.57
C TYR B 449 -44.15 -28.70 28.50
N ASN B 450 -43.31 -28.07 29.31
CA ASN B 450 -43.22 -26.60 29.29
C ASN B 450 -42.60 -26.11 27.99
N TYR B 451 -41.41 -26.61 27.66
CA TYR B 451 -40.75 -26.20 26.43
C TYR B 451 -41.44 -26.83 25.23
N LEU B 452 -41.26 -26.19 24.07
CA LEU B 452 -41.93 -26.60 22.84
C LEU B 452 -40.88 -26.92 21.79
N TYR B 453 -41.33 -27.45 20.66
CA TYR B 453 -40.45 -27.73 19.53
C TYR B 453 -41.29 -27.84 18.28
N ARG B 454 -40.62 -27.77 17.12
CA ARG B 454 -41.30 -27.80 15.84
C ARG B 454 -40.41 -28.52 14.84
N LEU B 455 -40.96 -29.57 14.21
CA LEU B 455 -40.20 -30.38 13.27
C LEU B 455 -40.81 -30.47 11.88
N PHE B 456 -42.06 -30.05 11.69
CA PHE B 456 -42.76 -30.19 10.40
C PHE B 456 -43.00 -28.81 9.83
N ARG B 457 -42.19 -28.44 8.82
CA ARG B 457 -42.32 -27.17 8.14
C ARG B 457 -42.16 -27.39 6.64
N LYS B 458 -43.04 -26.78 5.85
CA LYS B 458 -42.95 -26.90 4.40
C LYS B 458 -41.89 -26.00 3.80
N SER B 459 -41.65 -24.84 4.40
CA SER B 459 -40.66 -23.90 3.90
C SER B 459 -39.30 -24.18 4.54
N ASN B 460 -38.27 -23.53 3.98
CA ASN B 460 -36.91 -23.67 4.47
C ASN B 460 -36.60 -22.57 5.49
N LEU B 461 -35.64 -22.86 6.37
CA LEU B 461 -35.23 -21.94 7.42
C LEU B 461 -33.90 -21.32 7.07
N LYS B 462 -33.76 -20.02 7.36
CA LYS B 462 -32.53 -19.26 7.15
C LYS B 462 -31.84 -19.01 8.49
N PRO B 463 -30.51 -18.84 8.48
CA PRO B 463 -29.81 -18.55 9.73
C PRO B 463 -30.29 -17.24 10.35
N PHE B 464 -30.45 -17.24 11.67
CA PHE B 464 -30.92 -16.09 12.44
C PHE B 464 -32.29 -15.64 11.94
N GLU B 465 -33.26 -16.56 12.01
CA GLU B 465 -34.63 -16.29 11.57
C GLU B 465 -35.58 -16.90 12.62
N ARG B 466 -36.02 -16.07 13.56
CA ARG B 466 -36.95 -16.50 14.60
C ARG B 466 -38.38 -16.29 14.11
N ASP B 467 -39.12 -17.39 13.94
CA ASP B 467 -40.47 -17.35 13.45
C ASP B 467 -41.45 -17.77 14.56
N ILE B 468 -42.67 -17.25 14.44
CA ILE B 468 -43.73 -17.58 15.39
C ILE B 468 -44.83 -18.30 14.60
N SER B 469 -44.42 -19.04 13.57
CA SER B 469 -45.37 -19.79 12.76
C SER B 469 -46.09 -20.85 13.59
N THR B 470 -47.38 -20.64 13.81
CA THR B 470 -48.20 -21.55 14.62
C THR B 470 -49.27 -22.25 13.81
N GLU B 471 -49.51 -21.82 12.57
CA GLU B 471 -50.54 -22.43 11.73
C GLU B 471 -50.20 -23.90 11.46
N ILE B 472 -51.25 -24.66 11.15
CA ILE B 472 -51.09 -26.09 10.91
C ILE B 472 -50.36 -26.33 9.60
N TYR B 473 -49.55 -27.38 9.55
CA TYR B 473 -48.70 -27.69 8.41
C TYR B 473 -49.29 -28.88 7.64
N GLN B 474 -49.14 -28.84 6.32
CA GLN B 474 -49.64 -29.89 5.44
C GLN B 474 -48.47 -30.72 4.92
N ALA B 475 -48.51 -32.02 5.16
CA ALA B 475 -47.46 -32.94 4.70
C ALA B 475 -47.88 -33.59 3.38
N GLY B 476 -48.16 -32.76 2.39
CA GLY B 476 -48.60 -33.24 1.10
C GLY B 476 -49.25 -32.14 0.30
N SER B 477 -50.11 -32.56 -0.64
CA SER B 477 -50.75 -31.63 -1.56
C SER B 477 -52.16 -31.25 -1.15
N THR B 478 -52.85 -32.10 -0.40
CA THR B 478 -54.23 -31.80 -0.03
C THR B 478 -54.28 -30.66 0.98
N PRO B 479 -55.16 -29.68 0.82
CA PRO B 479 -55.22 -28.56 1.77
C PRO B 479 -55.70 -29.01 3.13
N CYS B 480 -55.34 -28.23 4.15
CA CYS B 480 -55.73 -28.54 5.52
C CYS B 480 -57.17 -28.13 5.79
N ASN B 481 -57.49 -26.84 5.61
CA ASN B 481 -58.80 -26.27 5.91
C ASN B 481 -59.17 -26.45 7.38
N GLY B 482 -58.19 -26.40 8.27
CA GLY B 482 -58.44 -26.44 9.70
C GLY B 482 -58.92 -27.79 10.22
N VAL B 483 -58.09 -28.82 10.07
CA VAL B 483 -58.41 -30.16 10.56
C VAL B 483 -57.11 -30.81 11.03
N GLU B 484 -57.23 -31.69 12.02
CA GLU B 484 -56.10 -32.43 12.58
C GLU B 484 -56.17 -33.89 12.15
N GLY B 485 -56.56 -34.14 10.90
CA GLY B 485 -56.69 -35.46 10.36
C GLY B 485 -55.52 -35.85 9.47
N PHE B 486 -55.82 -36.57 8.40
CA PHE B 486 -54.79 -37.01 7.47
C PHE B 486 -54.23 -35.84 6.69
N ASN B 487 -52.94 -35.93 6.36
CA ASN B 487 -52.24 -34.98 5.51
C ASN B 487 -52.21 -33.56 6.10
N CYS B 488 -52.28 -33.45 7.42
CA CYS B 488 -52.15 -32.15 8.08
C CYS B 488 -51.79 -32.42 9.54
N TYR B 489 -50.60 -31.98 9.95
CA TYR B 489 -50.12 -32.18 11.31
C TYR B 489 -49.76 -30.85 11.93
N PHE B 490 -49.97 -30.75 13.25
CA PHE B 490 -49.62 -29.54 13.98
C PHE B 490 -48.11 -29.51 14.21
N PRO B 491 -47.41 -28.44 13.83
CA PRO B 491 -45.95 -28.45 13.97
C PRO B 491 -45.47 -28.40 15.40
N LEU B 492 -46.18 -27.66 16.27
CA LEU B 492 -45.77 -27.53 17.67
C LEU B 492 -46.24 -28.74 18.46
N GLN B 493 -45.32 -29.68 18.70
CA GLN B 493 -45.61 -30.88 19.47
C GLN B 493 -45.03 -30.75 20.88
N SER B 494 -45.33 -31.73 21.72
CA SER B 494 -44.98 -31.69 23.13
C SER B 494 -43.54 -32.15 23.33
N TYR B 495 -42.71 -31.27 23.90
CA TYR B 495 -41.29 -31.55 24.13
C TYR B 495 -41.17 -32.11 25.54
N GLY B 496 -41.44 -33.41 25.68
CA GLY B 496 -41.49 -34.03 27.00
C GLY B 496 -40.10 -34.24 27.57
N PHE B 497 -39.98 -34.18 28.90
CA PHE B 497 -38.71 -34.36 29.60
C PHE B 497 -38.89 -35.49 30.60
N GLN B 498 -38.42 -36.69 30.24
CA GLN B 498 -38.42 -37.79 31.19
C GLN B 498 -37.27 -37.61 32.17
N PRO B 499 -37.54 -37.56 33.48
CA PRO B 499 -36.48 -37.23 34.43
C PRO B 499 -35.44 -38.32 34.59
N THR B 500 -35.74 -39.56 34.23
CA THR B 500 -34.83 -40.68 34.42
C THR B 500 -34.71 -41.46 33.09
N ASN B 501 -34.45 -40.72 32.02
CA ASN B 501 -34.27 -41.31 30.70
C ASN B 501 -32.78 -41.32 30.35
N GLY B 502 -32.47 -41.72 29.12
CA GLY B 502 -31.09 -41.72 28.67
C GLY B 502 -30.54 -40.33 28.50
N VAL B 503 -29.21 -40.27 28.34
CA VAL B 503 -28.52 -38.99 28.18
C VAL B 503 -28.98 -38.29 26.91
N GLY B 504 -29.30 -39.04 25.86
CA GLY B 504 -29.77 -38.46 24.62
C GLY B 504 -31.11 -37.75 24.72
N TYR B 505 -31.84 -37.96 25.82
CA TYR B 505 -33.13 -37.32 26.02
C TYR B 505 -33.12 -36.29 27.14
N GLN B 506 -31.99 -36.09 27.81
CA GLN B 506 -31.93 -35.11 28.89
C GLN B 506 -31.90 -33.70 28.32
N PRO B 507 -32.50 -32.74 29.02
CA PRO B 507 -32.48 -31.35 28.53
C PRO B 507 -31.09 -30.74 28.62
N TYR B 508 -30.80 -29.84 27.69
CA TYR B 508 -29.52 -29.15 27.62
C TYR B 508 -29.77 -27.70 27.24
N ARG B 509 -29.53 -26.79 28.18
CA ARG B 509 -29.68 -25.37 27.91
C ARG B 509 -28.53 -24.89 27.04
N VAL B 510 -28.86 -24.36 25.86
CA VAL B 510 -27.86 -23.91 24.89
C VAL B 510 -27.99 -22.41 24.73
N VAL B 511 -26.85 -21.72 24.67
CA VAL B 511 -26.79 -20.28 24.46
C VAL B 511 -25.77 -20.00 23.36
N VAL B 512 -26.12 -19.08 22.47
CA VAL B 512 -25.26 -18.70 21.35
C VAL B 512 -24.73 -17.29 21.62
N LEU B 513 -23.42 -17.13 21.53
CA LEU B 513 -22.75 -15.86 21.75
C LEU B 513 -22.04 -15.46 20.46
N SER B 514 -22.77 -14.77 19.58
CA SER B 514 -22.24 -14.38 18.28
C SER B 514 -21.39 -13.11 18.44
N PHE B 515 -20.16 -13.16 17.95
CA PHE B 515 -19.24 -12.03 18.00
C PHE B 515 -19.27 -11.28 16.67
N GLU B 516 -20.38 -10.61 16.42
CA GLU B 516 -20.55 -9.86 15.19
C GLU B 516 -19.86 -8.51 15.27
N LEU B 517 -19.31 -8.08 14.14
CA LEU B 517 -18.61 -6.81 14.04
C LEU B 517 -19.33 -5.90 13.05
N LEU B 518 -19.56 -4.66 13.46
CA LEU B 518 -20.23 -3.69 12.59
C LEU B 518 -19.32 -2.52 12.29
N HIS B 519 -19.84 -1.50 11.61
CA HIS B 519 -19.06 -0.31 11.32
C HIS B 519 -18.89 0.60 12.54
N ALA B 520 -19.73 0.42 13.56
CA ALA B 520 -19.61 1.22 14.76
C ALA B 520 -18.35 0.85 15.52
N PRO B 521 -17.79 1.78 16.30
CA PRO B 521 -16.59 1.46 17.09
C PRO B 521 -16.85 0.34 18.09
N ALA B 522 -15.80 -0.42 18.37
CA ALA B 522 -15.90 -1.58 19.26
C ALA B 522 -16.08 -1.10 20.71
N THR B 523 -17.06 -1.69 21.40
CA THR B 523 -17.34 -1.33 22.78
C THR B 523 -17.29 -2.49 23.76
N VAL B 524 -17.71 -3.68 23.34
CA VAL B 524 -17.84 -4.83 24.24
C VAL B 524 -16.55 -5.64 24.16
N CYS B 525 -15.75 -5.58 25.22
CA CYS B 525 -14.57 -6.41 25.36
C CYS B 525 -14.20 -6.54 26.84
N GLY B 526 -13.36 -7.52 27.16
CA GLY B 526 -13.20 -7.99 28.51
C GLY B 526 -12.16 -7.26 29.33
N PRO B 527 -11.54 -7.98 30.26
CA PRO B 527 -10.69 -7.33 31.27
C PRO B 527 -9.31 -6.94 30.77
N LYS B 528 -8.89 -5.72 31.08
CA LYS B 528 -7.54 -5.26 30.84
C LYS B 528 -6.88 -5.11 32.20
N LYS B 529 -6.26 -6.19 32.66
CA LYS B 529 -5.70 -6.24 34.00
C LYS B 529 -4.55 -5.26 34.15
N SER B 530 -4.28 -4.89 35.40
CA SER B 530 -3.23 -3.96 35.76
C SER B 530 -2.26 -4.62 36.75
N THR B 531 -1.20 -3.90 37.10
CA THR B 531 -0.20 -4.41 38.02
C THR B 531 0.01 -3.43 39.17
N ASN B 532 1.02 -3.70 40.01
CA ASN B 532 1.33 -2.82 41.13
C ASN B 532 2.07 -1.57 40.64
N LEU B 533 2.08 -0.56 41.50
CA LEU B 533 2.70 0.71 41.15
C LEU B 533 4.20 0.69 41.43
N VAL B 534 4.97 1.19 40.46
CA VAL B 534 6.43 1.26 40.57
C VAL B 534 6.82 2.73 40.58
N LYS B 535 7.67 3.11 41.53
CA LYS B 535 8.08 4.50 41.70
C LYS B 535 9.60 4.59 41.67
N ASN B 536 10.11 5.66 41.06
CA ASN B 536 11.54 5.99 41.03
C ASN B 536 12.37 4.89 40.39
N LYS B 537 11.90 4.35 39.26
CA LYS B 537 12.64 3.31 38.55
C LYS B 537 12.30 3.38 37.07
N CYS B 538 13.32 3.18 36.23
CA CYS B 538 13.12 3.13 34.78
C CYS B 538 12.44 1.82 34.43
N VAL B 539 11.12 1.88 34.22
CA VAL B 539 10.33 0.69 33.92
C VAL B 539 9.43 0.98 32.71
N ASN B 540 9.07 -0.09 32.01
CA ASN B 540 8.20 0.01 30.84
C ASN B 540 6.75 0.02 31.30
N PHE B 541 6.05 1.11 31.04
CA PHE B 541 4.65 1.25 31.42
C PHE B 541 3.73 0.87 30.27
N ASN B 542 2.54 0.38 30.64
CA ASN B 542 1.54 -0.12 29.69
C ASN B 542 0.20 0.54 29.96
N PHE B 543 0.21 1.87 30.04
CA PHE B 543 -1.01 2.63 30.27
C PHE B 543 -2.00 2.39 29.12
N ASN B 544 -3.25 2.81 29.35
CA ASN B 544 -4.30 2.60 28.36
C ASN B 544 -4.00 3.35 27.07
N GLY B 545 -3.52 4.58 27.18
CA GLY B 545 -3.24 5.39 26.00
C GLY B 545 -1.80 5.37 25.56
N LEU B 546 -0.87 5.41 26.51
CA LEU B 546 0.55 5.46 26.21
C LEU B 546 1.25 4.16 26.60
N THR B 547 2.31 3.83 25.86
CA THR B 547 3.16 2.67 26.14
C THR B 547 4.59 3.12 25.89
N GLY B 548 5.45 2.96 26.89
CA GLY B 548 6.83 3.35 26.75
C GLY B 548 7.62 3.10 28.02
N THR B 549 8.82 3.67 28.06
CA THR B 549 9.73 3.49 29.18
C THR B 549 10.01 4.85 29.82
N GLY B 550 10.33 4.81 31.11
CA GLY B 550 10.62 6.02 31.84
C GLY B 550 10.54 5.78 33.34
N VAL B 551 10.77 6.86 34.08
CA VAL B 551 10.72 6.83 35.54
C VAL B 551 9.41 7.47 35.98
N LEU B 552 8.66 6.76 36.82
CA LEU B 552 7.38 7.25 37.33
C LEU B 552 7.60 7.86 38.70
N THR B 553 7.68 9.19 38.76
CA THR B 553 7.88 9.92 40.00
C THR B 553 6.65 10.79 40.28
N GLU B 554 6.71 11.51 41.39
CA GLU B 554 5.64 12.43 41.79
C GLU B 554 6.05 13.85 41.44
N SER B 555 5.05 14.74 41.42
CA SER B 555 5.27 16.14 41.08
C SER B 555 4.22 16.98 41.80
N ASN B 556 4.23 18.28 41.51
CA ASN B 556 3.31 19.23 42.12
C ASN B 556 2.30 19.81 41.14
N LYS B 557 2.48 19.61 39.84
CA LYS B 557 1.53 20.12 38.87
C LYS B 557 0.21 19.37 38.96
N LYS B 558 -0.88 20.08 38.71
CA LYS B 558 -2.23 19.52 38.80
C LYS B 558 -2.87 19.57 37.42
N PHE B 559 -3.40 18.43 36.99
CA PHE B 559 -4.07 18.33 35.69
C PHE B 559 -5.53 18.75 35.82
N LEU B 560 -6.19 18.89 34.67
CA LEU B 560 -7.60 19.22 34.63
C LEU B 560 -8.43 18.00 35.01
N PRO B 561 -9.66 18.21 35.52
CA PRO B 561 -10.49 17.07 35.91
C PRO B 561 -10.78 16.09 34.79
N PHE B 562 -10.86 16.57 33.54
CA PHE B 562 -11.09 15.70 32.40
C PHE B 562 -9.80 15.31 31.68
N GLN B 563 -8.77 16.13 31.75
CA GLN B 563 -7.51 15.81 31.09
C GLN B 563 -6.79 14.70 31.85
N GLN B 564 -6.18 13.79 31.10
CA GLN B 564 -5.47 12.64 31.67
C GLN B 564 -3.98 12.66 31.38
N PHE B 565 -3.60 12.86 30.12
CA PHE B 565 -2.20 12.80 29.72
C PHE B 565 -1.59 14.19 29.76
N GLY B 566 -0.37 14.33 29.24
CA GLY B 566 0.31 15.61 29.23
C GLY B 566 1.54 15.62 28.36
N ARG B 567 1.72 16.67 27.56
CA ARG B 567 2.83 16.81 26.65
C ARG B 567 3.68 18.01 27.03
N ASP B 568 4.71 18.27 26.21
CA ASP B 568 5.60 19.41 26.43
C ASP B 568 5.70 20.26 25.17
N ILE B 569 6.65 21.18 25.15
CA ILE B 569 6.78 22.10 24.02
C ILE B 569 7.06 21.34 22.72
N ALA B 570 8.12 20.52 22.73
CA ALA B 570 8.51 19.78 21.52
C ALA B 570 7.90 18.38 21.49
N ASP B 571 6.59 18.30 21.73
CA ASP B 571 5.81 17.07 21.63
C ASP B 571 6.51 15.90 22.35
N THR B 572 6.72 16.09 23.66
CA THR B 572 7.27 15.05 24.51
C THR B 572 6.40 14.89 25.75
N THR B 573 6.11 13.64 26.11
CA THR B 573 5.29 13.37 27.28
C THR B 573 6.07 13.70 28.55
N ASP B 574 5.41 14.39 29.47
CA ASP B 574 6.02 14.78 30.75
C ASP B 574 5.38 14.11 31.95
N ALA B 575 4.05 14.05 31.99
CA ALA B 575 3.36 13.45 33.13
C ALA B 575 1.97 13.04 32.71
N VAL B 576 1.50 11.93 33.26
CA VAL B 576 0.17 11.39 33.00
C VAL B 576 -0.54 11.19 34.34
N ARG B 577 -1.80 10.77 34.26
CA ARG B 577 -2.61 10.50 35.43
C ARG B 577 -2.86 9.00 35.56
N ASP B 578 -2.73 8.49 36.78
CA ASP B 578 -2.97 7.07 37.01
C ASP B 578 -4.46 6.77 36.84
N PRO B 579 -4.83 5.81 36.00
CA PRO B 579 -6.27 5.52 35.82
C PRO B 579 -6.94 4.98 37.07
N GLN B 580 -6.22 4.28 37.93
CA GLN B 580 -6.83 3.73 39.14
C GLN B 580 -7.06 4.82 40.18
N THR B 581 -6.00 5.46 40.63
CA THR B 581 -6.08 6.52 41.62
C THR B 581 -5.76 7.86 40.97
N LEU B 582 -6.60 8.86 41.21
CA LEU B 582 -6.42 10.18 40.63
C LEU B 582 -5.17 10.82 41.22
N GLU B 583 -4.09 10.85 40.45
CA GLU B 583 -2.82 11.42 40.89
C GLU B 583 -1.96 11.70 39.68
N ILE B 584 -1.09 12.70 39.81
CA ILE B 584 -0.19 13.10 38.74
C ILE B 584 1.14 12.37 38.92
N LEU B 585 1.54 11.63 37.90
CA LEU B 585 2.78 10.86 37.92
C LEU B 585 3.73 11.44 36.88
N ASP B 586 4.83 12.03 37.34
CA ASP B 586 5.82 12.62 36.45
C ASP B 586 6.58 11.53 35.73
N ILE B 587 6.46 11.48 34.41
CA ILE B 587 7.13 10.49 33.57
C ILE B 587 8.38 11.15 33.01
N THR B 588 9.54 10.75 33.52
CA THR B 588 10.81 11.27 33.03
C THR B 588 11.64 10.16 32.41
N PRO B 589 12.29 10.44 31.28
CA PRO B 589 13.17 9.43 30.68
C PRO B 589 14.33 9.08 31.59
N CYS B 590 14.54 7.78 31.80
CA CYS B 590 15.56 7.34 32.73
C CYS B 590 16.96 7.64 32.20
N SER B 591 17.94 7.51 33.08
CA SER B 591 19.30 7.95 32.79
C SER B 591 19.90 7.15 31.64
N PHE B 592 20.39 7.86 30.62
CA PHE B 592 21.12 7.26 29.52
C PHE B 592 22.25 8.22 29.13
N GLY B 593 23.02 7.85 28.12
CA GLY B 593 24.11 8.70 27.66
C GLY B 593 25.05 7.92 26.77
N GLY B 594 26.26 8.44 26.66
CA GLY B 594 27.28 7.82 25.82
C GLY B 594 28.55 7.57 26.61
N VAL B 595 29.17 6.42 26.34
CA VAL B 595 30.40 6.02 27.01
C VAL B 595 31.57 6.44 26.13
N SER B 596 32.47 7.25 26.70
CA SER B 596 33.66 7.71 26.01
C SER B 596 34.88 7.20 26.78
N VAL B 597 35.64 6.31 26.16
CA VAL B 597 36.80 5.69 26.80
C VAL B 597 38.00 6.58 26.53
N ILE B 598 38.51 7.22 27.60
CA ILE B 598 39.68 8.08 27.50
C ILE B 598 40.92 7.24 27.80
N THR B 599 41.69 6.93 26.77
CA THR B 599 42.86 6.08 26.92
C THR B 599 44.08 6.73 26.29
N PRO B 600 45.26 6.57 26.88
CA PRO B 600 46.49 7.05 26.26
C PRO B 600 46.95 6.09 25.18
N GLY B 601 48.13 6.37 24.63
CA GLY B 601 48.72 5.52 23.62
C GLY B 601 48.92 4.09 24.08
N THR B 602 48.44 3.13 23.29
CA THR B 602 48.54 1.73 23.68
C THR B 602 49.98 1.23 23.75
N ASN B 603 50.91 1.92 23.09
CA ASN B 603 52.32 1.54 23.19
C ASN B 603 52.89 1.87 24.56
N THR B 604 52.36 2.89 25.23
CA THR B 604 52.87 3.27 26.55
C THR B 604 52.25 2.40 27.65
N SER B 605 50.93 2.43 27.78
CA SER B 605 50.22 1.68 28.81
C SER B 605 49.02 1.00 28.19
N ASN B 606 48.21 0.34 29.03
CA ASN B 606 47.03 -0.36 28.56
C ASN B 606 45.82 -0.15 29.47
N GLN B 607 45.86 0.92 30.28
CA GLN B 607 44.75 1.24 31.16
C GLN B 607 43.81 2.25 30.52
N VAL B 608 42.54 2.23 30.91
CA VAL B 608 41.54 3.13 30.35
C VAL B 608 40.76 3.77 31.50
N ALA B 609 39.84 4.67 31.13
CA ALA B 609 39.00 5.36 32.11
C ALA B 609 37.72 5.75 31.40
N VAL B 610 36.64 5.00 31.66
CA VAL B 610 35.37 5.27 30.99
C VAL B 610 34.71 6.52 31.57
N LEU B 611 33.87 7.15 30.75
CA LEU B 611 33.15 8.36 31.14
C LEU B 611 31.70 8.20 30.71
N TYR B 612 30.82 7.96 31.66
CA TYR B 612 29.37 7.88 31.40
C TYR B 612 28.84 9.30 31.32
N GLN B 613 28.58 9.77 30.10
CA GLN B 613 28.27 11.18 29.88
C GLN B 613 26.84 11.50 30.32
N ASP B 614 26.71 12.66 30.98
CA ASP B 614 25.42 13.23 31.38
C ASP B 614 24.65 12.26 32.28
N VAL B 615 25.36 11.61 33.20
CA VAL B 615 24.77 10.72 34.18
C VAL B 615 25.43 10.99 35.53
N ASN B 616 24.62 11.06 36.58
CA ASN B 616 25.14 11.15 37.95
C ASN B 616 25.84 9.87 38.38
N CYS B 617 25.71 8.82 37.57
CA CYS B 617 26.34 7.51 37.72
C CYS B 617 26.10 6.88 39.08
N THR B 618 25.00 7.24 39.76
CA THR B 618 24.46 6.43 40.84
C THR B 618 23.53 5.34 40.32
N GLU B 619 23.24 5.34 39.02
CA GLU B 619 22.40 4.32 38.39
C GLU B 619 23.19 3.27 37.63
N VAL B 620 24.47 3.52 37.38
CA VAL B 620 25.30 2.56 36.64
C VAL B 620 25.71 1.41 37.54
N ASN B 641 38.03 5.63 42.74
CA ASN B 641 38.31 6.20 41.43
C ASN B 641 37.10 6.96 40.88
N VAL B 642 36.00 6.92 41.63
CA VAL B 642 34.80 7.63 41.21
C VAL B 642 34.98 9.13 41.47
N PHE B 643 34.72 9.94 40.44
CA PHE B 643 34.87 11.39 40.55
C PHE B 643 33.83 12.03 39.64
N GLN B 644 32.77 12.57 40.23
CA GLN B 644 31.66 13.13 39.48
C GLN B 644 32.02 14.52 38.98
N THR B 645 32.01 14.69 37.66
CA THR B 645 32.25 15.98 37.04
C THR B 645 30.94 16.54 36.47
N ARG B 646 31.05 17.68 35.78
CA ARG B 646 29.87 18.33 35.22
C ARG B 646 29.25 17.54 34.07
N ALA B 647 30.00 16.62 33.45
CA ALA B 647 29.48 15.81 32.38
C ALA B 647 29.21 14.36 32.78
N GLY B 648 29.60 13.96 33.99
CA GLY B 648 29.40 12.60 34.46
C GLY B 648 30.36 12.28 35.58
N CYS B 649 30.81 11.03 35.66
CA CYS B 649 31.86 10.64 36.59
C CYS B 649 32.86 9.76 35.84
N LEU B 650 34.14 10.04 36.02
CA LEU B 650 35.22 9.39 35.27
C LEU B 650 35.69 8.18 36.06
N ILE B 651 35.18 7.00 35.70
CA ILE B 651 35.53 5.76 36.36
C ILE B 651 36.89 5.31 35.83
N GLY B 652 37.92 5.46 36.65
CA GLY B 652 39.26 5.03 36.25
C GLY B 652 40.30 6.14 36.35
N ALA B 653 39.94 7.24 36.99
CA ALA B 653 40.85 8.37 37.16
C ALA B 653 40.66 8.98 38.53
N GLU B 654 41.75 9.41 39.14
CA GLU B 654 41.74 10.03 40.46
C GLU B 654 41.84 11.54 40.33
N HIS B 655 41.13 12.25 41.20
CA HIS B 655 41.11 13.70 41.19
C HIS B 655 42.25 14.24 42.05
N VAL B 656 43.03 15.15 41.48
CA VAL B 656 44.14 15.78 42.18
C VAL B 656 43.92 17.29 42.22
N ASN B 657 44.50 17.93 43.23
CA ASN B 657 44.30 19.37 43.41
C ASN B 657 45.23 20.19 42.53
N ASN B 658 46.44 19.70 42.27
CA ASN B 658 47.38 20.45 41.45
C ASN B 658 46.92 20.46 39.99
N SER B 659 47.23 21.56 39.30
CA SER B 659 46.83 21.75 37.92
C SER B 659 48.04 21.85 37.01
N TYR B 660 47.85 21.42 35.76
CA TYR B 660 48.88 21.49 34.73
C TYR B 660 48.22 21.84 33.41
N GLU B 661 49.03 22.01 32.37
CA GLU B 661 48.51 22.17 31.03
C GLU B 661 47.91 20.87 30.53
N CYS B 662 46.58 20.80 30.52
CA CYS B 662 45.89 19.55 30.30
C CYS B 662 46.03 19.11 28.84
N ASP B 663 45.98 17.80 28.61
CA ASP B 663 46.27 17.21 27.32
C ASP B 663 45.04 16.64 26.62
N ILE B 664 44.29 15.77 27.28
CA ILE B 664 43.12 15.11 26.69
C ILE B 664 41.87 15.81 27.18
N PRO B 665 41.17 16.57 26.33
CA PRO B 665 39.97 17.29 26.78
C PRO B 665 38.84 16.31 27.08
N ILE B 666 38.31 16.40 28.31
CA ILE B 666 37.21 15.54 28.73
C ILE B 666 35.90 16.32 28.59
N GLY B 667 35.83 17.48 29.25
CA GLY B 667 34.63 18.29 29.18
C GLY B 667 34.44 19.18 30.40
N ALA B 668 33.97 20.40 30.18
CA ALA B 668 33.71 21.37 31.25
C ALA B 668 34.96 21.62 32.10
N GLY B 669 36.03 22.03 31.42
CA GLY B 669 37.27 22.38 32.08
C GLY B 669 38.09 21.22 32.61
N ILE B 670 37.57 20.00 32.52
CA ILE B 670 38.30 18.83 33.03
C ILE B 670 39.05 18.17 31.89
N CYS B 671 40.31 17.79 32.16
CA CYS B 671 41.11 17.07 31.19
C CYS B 671 41.78 15.89 31.89
N ALA B 672 42.24 14.92 31.10
CA ALA B 672 42.96 13.76 31.61
C ALA B 672 44.36 13.73 31.01
N SER B 673 45.23 12.97 31.66
CA SER B 673 46.62 12.83 31.21
C SER B 673 47.14 11.48 31.70
N TYR B 674 48.45 11.28 31.58
CA TYR B 674 49.11 10.04 32.00
C TYR B 674 50.47 10.40 32.58
N GLN B 675 50.55 10.46 33.91
CA GLN B 675 51.79 10.77 34.60
C GLN B 675 51.75 10.09 35.97
N THR B 676 52.72 10.42 36.81
CA THR B 676 52.80 9.85 38.15
C THR B 676 51.75 10.44 39.07
N SER B 689 53.48 5.16 40.94
CA SER B 689 53.91 4.64 39.65
C SER B 689 53.36 5.49 38.51
N GLN B 690 52.45 4.92 37.72
CA GLN B 690 51.84 5.61 36.60
C GLN B 690 50.34 5.34 36.60
N SER B 691 49.54 6.41 36.52
CA SER B 691 48.10 6.28 36.52
C SER B 691 47.50 7.49 35.80
N ILE B 692 46.21 7.36 35.46
CA ILE B 692 45.48 8.42 34.77
C ILE B 692 44.83 9.33 35.82
N ILE B 693 45.11 10.62 35.73
CA ILE B 693 44.56 11.60 36.66
C ILE B 693 43.64 12.55 35.90
N ALA B 694 42.61 13.02 36.58
CA ALA B 694 41.63 13.96 36.03
C ALA B 694 41.73 15.26 36.82
N TYR B 695 42.61 16.15 36.36
CA TYR B 695 42.85 17.41 37.05
C TYR B 695 42.18 18.56 36.31
N THR B 696 41.87 19.62 37.05
CA THR B 696 41.32 20.83 36.44
C THR B 696 42.37 21.50 35.59
N MET B 697 41.98 21.92 34.38
CA MET B 697 42.93 22.50 33.45
C MET B 697 43.46 23.83 33.98
N SER B 698 44.71 24.13 33.61
CA SER B 698 45.36 25.38 33.98
C SER B 698 45.41 26.29 32.75
N LEU B 699 44.94 27.53 32.93
CA LEU B 699 44.89 28.50 31.84
C LEU B 699 46.24 29.15 31.55
N GLY B 700 47.31 28.68 32.17
CA GLY B 700 48.64 29.24 31.98
C GLY B 700 49.27 29.65 33.29
N ALA B 701 50.54 30.04 33.17
CA ALA B 701 51.30 30.47 34.35
C ALA B 701 50.78 31.82 34.84
N GLU B 702 50.57 31.92 36.14
CA GLU B 702 50.09 33.16 36.74
C GLU B 702 51.17 34.23 36.69
N ASN B 703 50.75 35.47 36.50
CA ASN B 703 51.66 36.60 36.44
C ASN B 703 50.91 37.87 36.80
N SER B 704 51.60 38.77 37.50
CA SER B 704 51.03 40.04 37.94
C SER B 704 51.99 41.16 37.53
N VAL B 705 51.63 41.90 36.49
CA VAL B 705 52.45 43.00 36.02
C VAL B 705 52.38 44.14 37.02
N ALA B 706 53.53 44.51 37.58
CA ALA B 706 53.61 45.60 38.56
C ALA B 706 53.50 46.92 37.82
N TYR B 707 52.26 47.31 37.55
CA TYR B 707 52.00 48.54 36.82
C TYR B 707 52.33 49.77 37.68
N SER B 708 52.87 50.80 37.03
CA SER B 708 53.17 52.06 37.69
C SER B 708 53.14 53.17 36.65
N ASN B 709 52.74 54.37 37.11
CA ASN B 709 52.63 55.50 36.20
C ASN B 709 53.97 56.10 35.80
N ASN B 710 55.07 55.65 36.41
CA ASN B 710 56.40 56.16 36.09
C ASN B 710 57.39 55.01 36.01
N SER B 711 57.00 53.91 35.38
CA SER B 711 57.86 52.74 35.24
C SER B 711 57.60 52.07 33.90
N ILE B 712 58.67 51.82 33.15
CA ILE B 712 58.58 51.16 31.85
C ILE B 712 59.61 50.04 31.81
N ALA B 713 59.37 49.08 30.94
CA ALA B 713 60.23 47.91 30.76
C ALA B 713 60.69 47.88 29.31
N ILE B 714 61.85 48.49 29.04
CA ILE B 714 62.44 48.49 27.71
C ILE B 714 63.38 47.29 27.59
N PRO B 715 63.20 46.43 26.59
CA PRO B 715 64.08 45.26 26.47
C PRO B 715 65.48 45.66 26.02
N THR B 716 66.47 44.89 26.50
CA THR B 716 67.87 45.14 26.18
C THR B 716 68.46 44.07 25.27
N ASN B 717 67.66 43.10 24.84
CA ASN B 717 68.14 42.03 23.97
C ASN B 717 66.97 41.45 23.21
N PHE B 718 67.28 40.62 22.22
CA PHE B 718 66.27 39.99 21.38
C PHE B 718 66.74 38.60 20.99
N THR B 719 65.81 37.81 20.45
CA THR B 719 66.11 36.46 19.99
C THR B 719 65.22 36.14 18.81
N ILE B 720 65.74 35.37 17.86
CA ILE B 720 64.99 34.99 16.67
C ILE B 720 64.38 33.61 16.88
N SER B 721 63.08 33.49 16.60
CA SER B 721 62.34 32.25 16.76
C SER B 721 61.58 31.96 15.47
N VAL B 722 62.02 30.95 14.73
CA VAL B 722 61.38 30.57 13.47
C VAL B 722 60.14 29.74 13.79
N THR B 723 58.97 30.36 13.65
CA THR B 723 57.70 29.67 13.92
C THR B 723 57.27 28.92 12.66
N THR B 724 56.76 27.70 12.84
CA THR B 724 56.33 26.88 11.71
C THR B 724 54.81 26.78 11.73
N GLU B 725 54.18 27.21 10.65
CA GLU B 725 52.74 27.16 10.49
C GLU B 725 52.39 26.33 9.28
N ILE B 726 51.56 25.31 9.46
CA ILE B 726 51.16 24.39 8.40
C ILE B 726 49.67 24.60 8.13
N LEU B 727 49.33 24.83 6.85
CA LEU B 727 47.96 25.05 6.44
C LEU B 727 47.66 24.20 5.21
N PRO B 728 46.53 23.48 5.19
CA PRO B 728 46.19 22.69 4.00
C PRO B 728 45.88 23.59 2.81
N VAL B 729 46.25 23.12 1.62
CA VAL B 729 46.06 23.87 0.38
C VAL B 729 45.18 23.10 -0.59
N SER B 730 45.55 21.87 -0.93
CA SER B 730 44.84 21.08 -1.92
C SER B 730 44.29 19.81 -1.28
N MET B 731 43.36 19.18 -2.00
CA MET B 731 42.73 17.93 -1.56
C MET B 731 42.85 16.90 -2.67
N THR B 732 42.83 15.63 -2.28
CA THR B 732 42.93 14.54 -3.24
C THR B 732 41.73 14.54 -4.19
N LYS B 733 41.98 14.74 -5.47
CA LYS B 733 40.92 14.79 -6.46
C LYS B 733 40.44 13.38 -6.78
N THR B 734 39.18 13.10 -6.44
CA THR B 734 38.58 11.79 -6.68
C THR B 734 37.44 11.91 -7.68
N SER B 735 37.09 10.77 -8.27
CA SER B 735 36.02 10.69 -9.26
C SER B 735 35.18 9.45 -8.98
N VAL B 736 33.87 9.60 -9.03
CA VAL B 736 32.92 8.50 -8.78
C VAL B 736 32.11 8.29 -10.06
N ASP B 737 32.12 7.07 -10.57
CA ASP B 737 31.39 6.73 -11.78
C ASP B 737 29.95 6.39 -11.45
N CYS B 738 29.02 6.73 -12.34
CA CYS B 738 27.61 6.41 -12.12
C CYS B 738 27.38 4.91 -12.12
N THR B 739 27.59 4.26 -13.27
CA THR B 739 27.15 2.89 -13.44
C THR B 739 28.08 1.91 -12.74
N MET B 740 29.39 2.09 -12.90
CA MET B 740 30.34 1.14 -12.33
C MET B 740 30.24 1.11 -10.81
N TYR B 741 29.87 2.23 -10.19
CA TYR B 741 29.73 2.23 -8.74
C TYR B 741 28.34 1.81 -8.29
N ILE B 742 27.29 2.27 -8.97
CA ILE B 742 25.93 1.95 -8.52
C ILE B 742 25.68 0.45 -8.64
N CYS B 743 25.71 -0.08 -9.86
CA CYS B 743 25.57 -1.52 -10.08
C CYS B 743 26.76 -2.10 -10.83
N GLY B 744 27.16 -1.48 -11.94
CA GLY B 744 28.25 -2.00 -12.75
C GLY B 744 27.79 -2.91 -13.86
N ASP B 745 28.36 -2.71 -15.05
CA ASP B 745 28.22 -3.57 -16.23
C ASP B 745 26.83 -4.19 -16.35
N SER B 746 25.81 -3.32 -16.37
CA SER B 746 24.43 -3.76 -16.52
C SER B 746 23.66 -2.71 -17.31
N THR B 747 22.81 -3.18 -18.23
CA THR B 747 22.01 -2.29 -19.07
C THR B 747 20.63 -2.02 -18.46
N GLU B 748 19.99 -3.05 -17.92
CA GLU B 748 18.70 -2.86 -17.28
C GLU B 748 18.83 -1.95 -16.06
N CYS B 749 19.89 -2.13 -15.27
CA CYS B 749 20.13 -1.24 -14.15
C CYS B 749 20.42 0.18 -14.64
N SER B 750 21.13 0.31 -15.76
CA SER B 750 21.38 1.64 -16.32
C SER B 750 20.07 2.33 -16.70
N ASN B 751 19.15 1.59 -17.32
CA ASN B 751 17.86 2.16 -17.68
C ASN B 751 17.04 2.52 -16.44
N LEU B 752 17.04 1.64 -15.43
CA LEU B 752 16.30 1.93 -14.20
C LEU B 752 16.89 3.13 -13.47
N LEU B 753 18.20 3.34 -13.57
CA LEU B 753 18.82 4.50 -12.95
C LEU B 753 18.51 5.78 -13.72
N LEU B 754 18.57 5.72 -15.06
CA LEU B 754 18.19 6.87 -15.86
C LEU B 754 16.73 7.24 -15.67
N GLN B 755 15.90 6.26 -15.31
CA GLN B 755 14.51 6.55 -14.98
C GLN B 755 14.39 7.41 -13.72
N TYR B 756 15.43 7.45 -12.88
CA TYR B 756 15.43 8.26 -11.66
C TYR B 756 15.88 9.69 -11.90
N GLY B 757 16.03 10.10 -13.15
CA GLY B 757 16.46 11.44 -13.47
C GLY B 757 17.92 11.53 -13.84
N SER B 758 18.51 12.70 -13.55
CA SER B 758 19.89 13.00 -13.87
C SER B 758 20.67 13.38 -12.61
N PHE B 759 20.50 12.60 -11.54
CA PHE B 759 21.16 12.93 -10.28
C PHE B 759 22.67 12.74 -10.36
N CYS B 760 23.13 11.58 -10.81
CA CYS B 760 24.57 11.30 -10.80
C CYS B 760 25.27 12.14 -11.87
N THR B 761 24.53 12.65 -12.84
CA THR B 761 25.09 13.62 -13.77
C THR B 761 25.47 14.91 -13.04
N GLN B 762 24.56 15.41 -12.21
CA GLN B 762 24.89 16.56 -11.37
C GLN B 762 26.01 16.23 -10.40
N LEU B 763 26.05 14.98 -9.92
CA LEU B 763 27.15 14.57 -9.05
C LEU B 763 28.49 14.62 -9.76
N ASN B 764 28.54 14.16 -11.01
CA ASN B 764 29.78 14.22 -11.79
C ASN B 764 30.16 15.66 -12.11
N ARG B 765 29.16 16.51 -12.38
CA ARG B 765 29.43 17.92 -12.58
C ARG B 765 30.04 18.54 -11.33
N ALA B 766 29.51 18.20 -10.15
CA ALA B 766 30.05 18.73 -8.91
C ALA B 766 31.46 18.21 -8.66
N LEU B 767 31.73 16.95 -9.02
CA LEU B 767 33.07 16.41 -8.85
C LEU B 767 34.07 17.10 -9.77
N THR B 768 33.67 17.35 -11.02
CA THR B 768 34.53 18.10 -11.93
C THR B 768 34.77 19.52 -11.43
N GLY B 769 33.73 20.15 -10.87
CA GLY B 769 33.90 21.46 -10.30
C GLY B 769 34.85 21.46 -9.11
N ILE B 770 34.77 20.42 -8.28
CA ILE B 770 35.68 20.29 -7.15
C ILE B 770 37.12 20.12 -7.63
N ALA B 771 37.31 19.31 -8.68
CA ALA B 771 38.65 19.11 -9.23
C ALA B 771 39.21 20.42 -9.78
N VAL B 772 38.40 21.17 -10.53
CA VAL B 772 38.84 22.44 -11.07
C VAL B 772 39.12 23.43 -9.94
N GLU B 773 38.33 23.38 -8.87
CA GLU B 773 38.57 24.25 -7.73
C GLU B 773 39.89 23.94 -7.05
N GLN B 774 40.19 22.65 -6.85
CA GLN B 774 41.47 22.27 -6.27
C GLN B 774 42.63 22.69 -7.17
N ASP B 775 42.47 22.54 -8.49
CA ASP B 775 43.53 22.93 -9.42
C ASP B 775 43.79 24.44 -9.33
N LYS B 776 42.73 25.24 -9.39
CA LYS B 776 42.91 26.69 -9.35
C LYS B 776 43.39 27.15 -7.98
N ASN B 777 43.03 26.43 -6.90
CA ASN B 777 43.53 26.76 -5.58
C ASN B 777 45.03 26.53 -5.50
N THR B 778 45.49 25.37 -5.97
CA THR B 778 46.92 25.11 -6.02
C THR B 778 47.64 26.15 -6.88
N GLN B 779 47.04 26.53 -8.01
CA GLN B 779 47.64 27.52 -8.89
C GLN B 779 47.77 28.88 -8.20
N GLU B 780 46.71 29.33 -7.53
CA GLU B 780 46.74 30.64 -6.90
C GLU B 780 47.57 30.64 -5.62
N VAL B 781 47.80 29.48 -5.01
CA VAL B 781 48.60 29.42 -3.81
C VAL B 781 50.09 29.35 -4.15
N PHE B 782 50.47 28.43 -5.02
CA PHE B 782 51.89 28.23 -5.33
C PHE B 782 52.34 29.08 -6.52
N ALA B 783 51.65 28.96 -7.65
CA ALA B 783 52.04 29.68 -8.88
C ALA B 783 51.56 31.13 -8.80
N GLN B 784 52.26 31.90 -7.97
CA GLN B 784 51.98 33.33 -7.83
C GLN B 784 52.93 34.20 -8.65
N VAL B 785 54.19 33.81 -8.78
CA VAL B 785 55.16 34.55 -9.56
C VAL B 785 55.09 34.09 -11.01
N LYS B 786 55.35 35.02 -11.92
CA LYS B 786 55.32 34.75 -13.36
C LYS B 786 56.70 34.61 -13.97
N GLN B 787 57.74 34.44 -13.13
CA GLN B 787 59.10 34.30 -13.62
C GLN B 787 59.91 33.53 -12.59
N ILE B 788 60.40 32.36 -12.97
CA ILE B 788 61.18 31.52 -12.05
C ILE B 788 62.58 32.12 -11.90
N TYR B 789 62.98 32.35 -10.66
CA TYR B 789 64.31 32.86 -10.35
C TYR B 789 65.22 31.72 -9.92
N LYS B 790 66.52 32.04 -9.86
CA LYS B 790 67.54 31.06 -9.50
C LYS B 790 68.47 31.66 -8.45
N THR B 791 68.90 30.83 -7.51
CA THR B 791 69.82 31.28 -6.48
C THR B 791 71.21 31.48 -7.07
N PRO B 792 71.96 32.46 -6.58
CA PRO B 792 73.33 32.67 -7.07
C PRO B 792 74.22 31.50 -6.72
N PRO B 793 75.31 31.29 -7.47
CA PRO B 793 76.19 30.15 -7.16
C PRO B 793 76.84 30.25 -5.79
N ILE B 794 77.42 31.40 -5.47
CA ILE B 794 78.07 31.58 -4.17
C ILE B 794 77.01 31.84 -3.11
N LYS B 795 77.33 31.48 -1.87
CA LYS B 795 76.44 31.64 -0.73
C LYS B 795 77.10 32.65 0.22
N ASP B 796 76.80 33.93 0.00
CA ASP B 796 77.35 35.04 0.78
C ASP B 796 76.25 35.98 1.24
N PHE B 797 75.17 35.41 1.76
CA PHE B 797 74.03 36.21 2.21
C PHE B 797 74.26 36.75 3.62
N GLY B 798 75.39 37.43 3.82
CA GLY B 798 75.70 38.04 5.10
C GLY B 798 76.18 37.09 6.18
N GLY B 799 75.89 35.80 6.05
CA GLY B 799 76.30 34.84 7.05
C GLY B 799 75.22 33.83 7.37
N PHE B 800 74.00 34.08 6.88
CA PHE B 800 72.90 33.16 7.12
C PHE B 800 73.06 31.92 6.26
N ASN B 801 72.90 30.75 6.88
CA ASN B 801 73.03 29.47 6.18
C ASN B 801 71.68 29.08 5.61
N PHE B 802 71.49 29.32 4.32
CA PHE B 802 70.27 28.96 3.62
C PHE B 802 70.36 27.63 2.89
N SER B 803 71.45 26.88 3.08
CA SER B 803 71.60 25.60 2.38
C SER B 803 70.62 24.56 2.87
N GLN B 804 70.04 24.74 4.06
CA GLN B 804 69.07 23.77 4.57
C GLN B 804 67.70 23.91 3.90
N ILE B 805 67.38 25.10 3.41
CA ILE B 805 66.11 25.33 2.73
C ILE B 805 66.26 25.47 1.22
N LEU B 806 67.43 25.82 0.72
CA LEU B 806 67.63 25.90 -0.72
C LEU B 806 67.73 24.50 -1.32
N PRO B 807 67.31 24.34 -2.59
CA PRO B 807 67.39 23.02 -3.21
C PRO B 807 68.82 22.58 -3.43
N ASP B 808 69.01 21.26 -3.52
CA ASP B 808 70.32 20.67 -3.72
C ASP B 808 70.40 20.00 -5.08
N PRO B 809 71.52 20.14 -5.79
CA PRO B 809 71.67 19.52 -7.11
C PRO B 809 71.95 18.02 -7.07
N SER B 810 72.02 17.42 -5.89
CA SER B 810 72.30 15.99 -5.80
C SER B 810 71.13 15.17 -6.33
N LYS B 811 69.96 15.33 -5.72
CA LYS B 811 68.78 14.60 -6.16
C LYS B 811 68.15 15.27 -7.39
N PRO B 812 67.47 14.51 -8.24
CA PRO B 812 66.83 15.12 -9.42
C PRO B 812 65.79 16.17 -9.07
N SER B 813 64.95 15.90 -8.06
CA SER B 813 63.94 16.86 -7.66
C SER B 813 64.58 18.02 -6.89
N LYS B 814 63.86 19.14 -6.86
CA LYS B 814 64.32 20.34 -6.17
C LYS B 814 63.93 20.36 -4.69
N ARG B 815 63.58 19.21 -4.11
CA ARG B 815 63.20 19.17 -2.71
C ARG B 815 64.44 19.33 -1.83
N SER B 816 64.36 20.26 -0.88
CA SER B 816 65.46 20.51 0.04
C SER B 816 65.37 19.54 1.22
N PHE B 817 66.17 19.78 2.25
CA PHE B 817 66.16 18.91 3.42
C PHE B 817 64.85 19.03 4.19
N ILE B 818 64.36 20.25 4.38
CA ILE B 818 63.08 20.45 5.06
C ILE B 818 61.95 19.84 4.25
N GLU B 819 61.96 20.05 2.93
CA GLU B 819 60.94 19.46 2.08
C GLU B 819 61.03 17.94 2.10
N ASP B 820 62.24 17.39 2.15
CA ASP B 820 62.41 15.95 2.23
C ASP B 820 61.83 15.40 3.53
N LEU B 821 62.11 16.06 4.65
CA LEU B 821 61.55 15.62 5.93
C LEU B 821 60.03 15.72 5.94
N LEU B 822 59.49 16.78 5.35
CA LEU B 822 58.04 16.93 5.31
C LEU B 822 57.38 15.88 4.43
N PHE B 823 58.02 15.52 3.31
CA PHE B 823 57.47 14.49 2.44
C PHE B 823 57.63 13.11 3.04
N ASN B 824 58.65 12.91 3.88
CA ASN B 824 58.83 11.60 4.50
C ASN B 824 57.92 11.41 5.71
N LYS B 825 57.64 12.48 6.46
CA LYS B 825 56.77 12.36 7.62
C LYS B 825 55.32 12.16 7.20
N VAL B 826 54.89 12.82 6.14
CA VAL B 826 53.52 12.69 5.65
C VAL B 826 53.42 11.45 4.79
N THR B 827 52.63 10.48 5.22
CA THR B 827 52.45 9.24 4.48
C THR B 827 51.00 9.08 4.03
N LYS B 854 42.65 2.27 -8.70
CA LYS B 854 42.08 1.08 -9.32
C LYS B 854 41.13 0.38 -8.36
N PHE B 855 39.88 0.85 -8.33
CA PHE B 855 38.86 0.30 -7.46
C PHE B 855 37.66 -0.09 -8.31
N ASN B 856 36.56 -0.46 -7.65
CA ASN B 856 35.31 -0.83 -8.32
C ASN B 856 34.49 0.41 -8.69
N GLY B 857 35.11 1.33 -9.43
CA GLY B 857 34.49 2.58 -9.81
C GLY B 857 35.15 3.80 -9.22
N LEU B 858 35.85 3.67 -8.10
CA LEU B 858 36.54 4.78 -7.47
C LEU B 858 37.92 4.95 -8.10
N THR B 859 38.31 6.21 -8.29
CA THR B 859 39.61 6.52 -8.88
C THR B 859 40.03 7.91 -8.45
N VAL B 860 41.34 8.15 -8.42
CA VAL B 860 41.90 9.44 -8.05
C VAL B 860 42.52 10.05 -9.30
N LEU B 861 42.47 11.37 -9.39
CA LEU B 861 43.07 12.04 -10.53
C LEU B 861 44.38 12.71 -10.11
N PRO B 862 45.44 12.61 -10.93
CA PRO B 862 46.70 13.25 -10.56
C PRO B 862 46.59 14.76 -10.66
N PRO B 863 47.25 15.50 -9.78
CA PRO B 863 47.17 16.96 -9.84
C PRO B 863 47.91 17.51 -11.05
N LEU B 864 47.50 18.72 -11.45
CA LEU B 864 48.12 19.38 -12.60
C LEU B 864 49.57 19.71 -12.30
N LEU B 865 49.85 20.24 -11.11
CA LEU B 865 51.21 20.56 -10.71
C LEU B 865 51.78 19.41 -9.90
N THR B 866 52.83 18.77 -10.43
CA THR B 866 53.46 17.65 -9.74
C THR B 866 54.26 18.16 -8.54
N ASP B 867 54.81 17.21 -7.79
CA ASP B 867 55.61 17.57 -6.62
C ASP B 867 56.88 18.30 -7.01
N GLU B 868 57.49 17.92 -8.14
CA GLU B 868 58.69 18.61 -8.60
C GLU B 868 58.39 20.06 -8.97
N MET B 869 57.25 20.29 -9.63
CA MET B 869 56.90 21.65 -10.02
C MET B 869 56.56 22.51 -8.81
N ILE B 870 55.93 21.93 -7.79
CA ILE B 870 55.65 22.66 -6.57
C ILE B 870 56.95 22.98 -5.84
N ALA B 871 57.88 22.04 -5.82
CA ALA B 871 59.19 22.29 -5.21
C ALA B 871 59.94 23.39 -5.95
N GLN B 872 59.83 23.41 -7.29
CA GLN B 872 60.48 24.46 -8.06
C GLN B 872 59.83 25.82 -7.81
N TYR B 873 58.50 25.85 -7.69
CA TYR B 873 57.82 27.08 -7.31
C TYR B 873 58.32 27.59 -5.97
N THR B 874 58.42 26.69 -4.99
CA THR B 874 58.89 27.08 -3.66
C THR B 874 60.33 27.59 -3.71
N SER B 875 61.19 26.90 -4.45
CA SER B 875 62.58 27.35 -4.56
C SER B 875 62.69 28.70 -5.25
N ALA B 876 61.87 28.93 -6.28
CA ALA B 876 61.88 30.23 -6.95
C ALA B 876 61.41 31.33 -6.03
N LEU B 877 60.33 31.08 -5.26
CA LEU B 877 59.86 32.08 -4.32
C LEU B 877 60.90 32.37 -3.24
N LEU B 878 61.59 31.33 -2.76
CA LEU B 878 62.62 31.52 -1.75
C LEU B 878 63.79 32.33 -2.30
N ALA B 879 64.25 31.99 -3.51
CA ALA B 879 65.34 32.74 -4.12
C ALA B 879 64.94 34.20 -4.36
N GLY B 880 63.68 34.43 -4.76
CA GLY B 880 63.23 35.79 -4.96
C GLY B 880 63.19 36.59 -3.67
N THR B 881 62.61 36.01 -2.62
CA THR B 881 62.53 36.74 -1.35
C THR B 881 63.89 36.86 -0.68
N ILE B 882 64.86 36.06 -1.11
CA ILE B 882 66.21 36.18 -0.54
C ILE B 882 67.01 37.23 -1.27
N THR B 883 66.97 37.24 -2.61
CA THR B 883 67.82 38.11 -3.40
C THR B 883 67.17 39.43 -3.76
N SER B 884 65.87 39.61 -3.48
CA SER B 884 65.20 40.86 -3.82
C SER B 884 64.27 41.38 -2.74
N GLY B 885 64.20 40.73 -1.58
CA GLY B 885 63.33 41.17 -0.51
C GLY B 885 61.86 41.03 -0.84
N TRP B 886 61.18 42.16 -1.03
CA TRP B 886 59.77 42.19 -1.37
C TRP B 886 59.47 42.96 -2.64
N THR B 887 60.51 43.39 -3.37
CA THR B 887 60.31 44.16 -4.60
C THR B 887 59.89 43.28 -5.77
N PHE B 888 60.29 42.00 -5.79
CA PHE B 888 59.95 41.09 -6.88
C PHE B 888 58.46 40.77 -6.95
N GLY B 889 57.67 41.19 -5.97
CA GLY B 889 56.25 40.95 -5.98
C GLY B 889 55.46 42.07 -6.65
N ALA B 890 55.97 43.30 -6.51
CA ALA B 890 55.30 44.44 -7.13
C ALA B 890 55.62 44.54 -8.62
N GLY B 891 56.89 44.71 -8.95
CA GLY B 891 57.31 44.79 -10.34
C GLY B 891 58.32 43.72 -10.71
N ALA B 892 59.51 44.13 -11.11
CA ALA B 892 60.59 43.22 -11.45
C ALA B 892 61.52 43.05 -10.26
N ALA B 893 62.20 41.90 -10.24
CA ALA B 893 63.14 41.60 -9.16
C ALA B 893 64.35 42.51 -9.24
N LEU B 894 64.68 43.16 -8.13
CA LEU B 894 65.82 44.07 -8.04
C LEU B 894 66.84 43.51 -7.06
N GLN B 895 68.10 43.47 -7.49
CA GLN B 895 69.16 42.93 -6.65
C GLN B 895 69.38 43.82 -5.43
N ILE B 896 69.63 43.19 -4.29
CA ILE B 896 69.88 43.88 -3.03
C ILE B 896 70.53 42.91 -2.06
N PRO B 897 71.60 43.31 -1.35
CA PRO B 897 72.23 42.40 -0.39
C PRO B 897 71.28 42.06 0.75
N PHE B 898 71.46 40.86 1.29
CA PHE B 898 70.57 40.38 2.36
C PHE B 898 70.75 41.19 3.63
N ALA B 899 71.93 41.78 3.85
CA ALA B 899 72.14 42.59 5.04
C ALA B 899 71.24 43.82 5.03
N MET B 900 71.22 44.55 3.91
CA MET B 900 70.34 45.72 3.81
C MET B 900 68.88 45.31 3.82
N GLN B 901 68.55 44.13 3.26
CA GLN B 901 67.18 43.65 3.32
C GLN B 901 66.73 43.42 4.75
N MET B 902 67.57 42.75 5.55
CA MET B 902 67.24 42.54 6.95
C MET B 902 67.21 43.85 7.73
N ALA B 903 68.08 44.81 7.36
CA ALA B 903 68.02 46.12 7.99
C ALA B 903 66.69 46.82 7.71
N TYR B 904 66.19 46.70 6.47
CA TYR B 904 64.89 47.27 6.14
C TYR B 904 63.77 46.55 6.88
N ARG B 905 63.87 45.23 7.00
CA ARG B 905 62.88 44.49 7.77
C ARG B 905 62.85 44.94 9.23
N PHE B 906 64.02 45.20 9.80
CA PHE B 906 64.09 45.69 11.18
C PHE B 906 63.54 47.10 11.29
N ASN B 907 63.84 47.96 10.31
CA ASN B 907 63.33 49.32 10.33
C ASN B 907 61.82 49.37 10.15
N GLY B 908 61.25 48.36 9.48
CA GLY B 908 59.82 48.33 9.29
C GLY B 908 59.04 48.19 10.58
N ILE B 909 59.57 47.40 11.52
CA ILE B 909 58.87 47.18 12.79
C ILE B 909 59.19 48.24 13.84
N GLY B 910 60.33 48.92 13.74
CA GLY B 910 60.68 49.95 14.68
C GLY B 910 62.14 49.97 15.10
N VAL B 911 62.79 48.81 15.01
CA VAL B 911 64.20 48.73 15.40
C VAL B 911 65.06 49.42 14.35
N THR B 912 65.98 50.26 14.81
CA THR B 912 66.84 50.99 13.89
C THR B 912 67.81 50.04 13.20
N GLN B 913 68.42 50.54 12.12
CA GLN B 913 69.33 49.72 11.32
C GLN B 913 70.67 49.50 11.98
N ASN B 914 71.08 50.38 12.90
CA ASN B 914 72.38 50.24 13.53
C ASN B 914 72.45 49.00 14.41
N VAL B 915 71.33 48.65 15.05
CA VAL B 915 71.30 47.46 15.89
C VAL B 915 71.63 46.22 15.07
N LEU B 916 71.01 46.09 13.89
CA LEU B 916 71.29 44.95 13.03
C LEU B 916 72.69 45.03 12.45
N TYR B 917 73.11 46.22 11.99
CA TYR B 917 74.44 46.35 11.43
C TYR B 917 75.54 46.09 12.46
N GLU B 918 75.22 46.15 13.75
CA GLU B 918 76.19 45.84 14.78
C GLU B 918 76.11 44.38 15.25
N ASN B 919 74.90 43.81 15.32
CA ASN B 919 74.72 42.46 15.82
C ASN B 919 74.33 41.47 14.72
N GLN B 920 74.78 41.73 13.49
CA GLN B 920 74.57 40.77 12.40
C GLN B 920 75.10 39.39 12.74
N LYS B 921 76.24 39.32 13.42
CA LYS B 921 76.81 38.03 13.79
C LYS B 921 75.88 37.27 14.73
N LEU B 922 75.40 37.94 15.77
CA LEU B 922 74.48 37.30 16.71
C LEU B 922 73.17 36.92 16.03
N ILE B 923 72.70 37.76 15.11
CA ILE B 923 71.45 37.46 14.39
C ILE B 923 71.63 36.22 13.53
N ALA B 924 72.76 36.11 12.83
CA ALA B 924 73.01 34.93 12.02
C ALA B 924 73.15 33.68 12.88
N ASN B 925 73.83 33.81 14.02
CA ASN B 925 73.95 32.66 14.92
C ASN B 925 72.60 32.21 15.43
N GLN B 926 71.74 33.16 15.81
CA GLN B 926 70.40 32.81 16.30
C GLN B 926 69.57 32.18 15.20
N PHE B 927 69.68 32.68 13.97
CA PHE B 927 68.94 32.10 12.85
C PHE B 927 69.40 30.68 12.57
N ASN B 928 70.72 30.43 12.60
CA ASN B 928 71.23 29.08 12.39
C ASN B 928 70.79 28.15 13.52
N SER B 929 70.79 28.64 14.76
CA SER B 929 70.33 27.82 15.87
C SER B 929 68.84 27.48 15.74
N ALA B 930 68.04 28.45 15.31
CA ALA B 930 66.61 28.20 15.12
C ALA B 930 66.38 27.22 13.99
N ILE B 931 67.15 27.32 12.91
CA ILE B 931 67.03 26.37 11.81
C ILE B 931 67.40 24.96 12.28
N GLY B 932 68.47 24.84 13.06
CA GLY B 932 68.85 23.54 13.59
C GLY B 932 67.79 22.96 14.52
N LYS B 933 67.20 23.82 15.36
CA LYS B 933 66.15 23.34 16.27
C LYS B 933 64.92 22.90 15.50
N ILE B 934 64.56 23.63 14.45
CA ILE B 934 63.42 23.24 13.61
C ILE B 934 63.71 21.90 12.93
N GLN B 935 64.93 21.72 12.43
CA GLN B 935 65.29 20.45 11.81
C GLN B 935 65.23 19.30 12.80
N ASP B 936 65.73 19.52 14.02
CA ASP B 936 65.68 18.47 15.03
C ASP B 936 64.25 18.14 15.43
N SER B 937 63.39 19.16 15.54
CA SER B 937 62.00 18.91 15.89
C SER B 937 61.27 18.17 14.77
N LEU B 938 61.59 18.48 13.51
CA LEU B 938 60.96 17.79 12.40
C LEU B 938 61.48 16.37 12.24
N SER B 939 62.72 16.12 12.66
CA SER B 939 63.29 14.78 12.55
C SER B 939 62.88 13.89 13.72
N SER B 940 62.61 14.48 14.89
CA SER B 940 62.24 13.71 16.06
C SER B 940 60.72 13.46 16.12
N THR B 941 59.93 14.53 16.12
CA THR B 941 58.48 14.41 16.20
C THR B 941 57.94 14.05 14.83
N ALA B 942 57.42 12.82 14.69
CA ALA B 942 56.84 12.37 13.44
C ALA B 942 55.41 12.84 13.23
N SER B 943 54.80 13.46 14.23
CA SER B 943 53.43 13.95 14.14
C SER B 943 53.36 15.48 14.09
N ALA B 944 54.37 16.11 13.47
CA ALA B 944 54.38 17.56 13.37
C ALA B 944 53.28 18.07 12.44
N LEU B 945 53.19 17.47 11.24
CA LEU B 945 52.17 17.85 10.26
C LEU B 945 50.86 17.18 10.65
N GLY B 946 50.06 17.90 11.43
CA GLY B 946 48.81 17.35 11.92
C GLY B 946 47.62 17.59 11.01
N LYS B 947 47.54 18.79 10.42
CA LYS B 947 46.38 19.13 9.60
C LYS B 947 46.36 18.33 8.30
N LEU B 948 47.51 18.20 7.64
CA LEU B 948 47.57 17.43 6.40
C LEU B 948 47.25 15.96 6.64
N GLN B 949 47.83 15.39 7.71
CA GLN B 949 47.54 14.01 8.04
C GLN B 949 46.08 13.81 8.41
N ASP B 950 45.49 14.80 9.09
CA ASP B 950 44.07 14.72 9.43
C ASP B 950 43.19 14.76 8.19
N VAL B 951 43.54 15.62 7.22
CA VAL B 951 42.78 15.69 5.99
C VAL B 951 42.89 14.38 5.21
N VAL B 952 44.11 13.82 5.15
CA VAL B 952 44.30 12.56 4.44
C VAL B 952 43.51 11.44 5.11
N ASN B 953 43.53 11.41 6.45
CA ASN B 953 42.78 10.38 7.17
C ASN B 953 41.28 10.55 6.99
N GLN B 954 40.80 11.79 6.94
CA GLN B 954 39.38 12.03 6.70
C GLN B 954 38.97 11.56 5.30
N ASN B 955 39.80 11.85 4.29
CA ASN B 955 39.50 11.38 2.95
C ASN B 955 39.51 9.86 2.87
N ALA B 956 40.49 9.22 3.54
CA ALA B 956 40.55 7.76 3.54
C ALA B 956 39.34 7.16 4.23
N GLN B 957 38.92 7.76 5.34
CA GLN B 957 37.75 7.26 6.06
C GLN B 957 36.48 7.45 5.23
N ALA B 958 36.38 8.56 4.51
CA ALA B 958 35.22 8.76 3.63
C ALA B 958 35.19 7.72 2.52
N LEU B 959 36.34 7.45 1.89
CA LEU B 959 36.39 6.44 0.85
C LEU B 959 36.07 5.05 1.41
N ASN B 960 36.57 4.74 2.60
CA ASN B 960 36.29 3.44 3.21
C ASN B 960 34.81 3.29 3.55
N THR B 961 34.20 4.35 4.06
CA THR B 961 32.77 4.29 4.36
C THR B 961 31.94 4.16 3.09
N LEU B 962 32.37 4.82 2.01
CA LEU B 962 31.68 4.66 0.73
C LEU B 962 31.78 3.23 0.23
N VAL B 963 32.97 2.62 0.34
CA VAL B 963 33.15 1.24 -0.10
C VAL B 963 32.32 0.30 0.76
N LYS B 964 32.24 0.56 2.06
CA LYS B 964 31.45 -0.28 2.95
C LYS B 964 29.96 -0.15 2.65
N GLN B 965 29.50 1.06 2.34
CA GLN B 965 28.10 1.24 1.96
C GLN B 965 27.81 0.61 0.61
N LEU B 966 28.83 0.48 -0.25
CA LEU B 966 28.65 -0.24 -1.50
C LEU B 966 28.31 -1.70 -1.24
N SER B 967 28.90 -2.30 -0.20
CA SER B 967 28.66 -3.68 0.17
C SER B 967 27.51 -3.85 1.15
N SER B 968 26.57 -2.91 1.17
CA SER B 968 25.42 -2.97 2.08
C SER B 968 24.20 -3.52 1.35
N ASN B 969 23.27 -4.05 2.13
CA ASN B 969 22.07 -4.67 1.59
C ASN B 969 20.93 -3.69 1.37
N PHE B 970 20.81 -2.67 2.24
CA PHE B 970 19.76 -1.66 2.15
C PHE B 970 18.37 -2.29 2.18
N GLY B 971 18.23 -3.43 2.84
CA GLY B 971 16.94 -4.10 2.90
C GLY B 971 16.60 -4.92 1.68
N ALA B 972 17.57 -5.65 1.13
CA ALA B 972 17.33 -6.47 -0.04
C ALA B 972 17.76 -7.91 0.21
N ILE B 973 17.76 -8.74 -0.84
CA ILE B 973 18.14 -10.13 -0.69
C ILE B 973 19.66 -10.27 -0.63
N SER B 974 20.37 -9.44 -1.41
CA SER B 974 21.82 -9.48 -1.46
C SER B 974 22.34 -8.09 -1.81
N SER B 975 23.66 -7.93 -1.70
CA SER B 975 24.31 -6.65 -1.97
C SER B 975 25.00 -6.63 -3.32
N VAL B 976 24.82 -7.67 -4.13
CA VAL B 976 25.40 -7.75 -5.47
C VAL B 976 24.26 -7.78 -6.47
N LEU B 977 24.54 -7.34 -7.70
CA LEU B 977 23.47 -7.22 -8.70
C LEU B 977 23.49 -8.40 -9.67
N ASN B 978 24.68 -8.93 -9.96
CA ASN B 978 24.78 -10.03 -10.93
C ASN B 978 24.11 -11.30 -10.40
N ASP B 979 24.33 -11.63 -9.13
CA ASP B 979 23.68 -12.81 -8.56
C ASP B 979 22.17 -12.62 -8.47
N ILE B 980 21.73 -11.39 -8.20
CA ILE B 980 20.29 -11.13 -8.16
C ILE B 980 19.68 -11.30 -9.56
N LEU B 981 20.38 -10.82 -10.59
CA LEU B 981 19.88 -10.98 -11.95
C LEU B 981 19.90 -12.44 -12.39
N SER B 982 20.87 -13.22 -11.93
CA SER B 982 20.94 -14.61 -12.30
C SER B 982 19.91 -15.47 -11.56
N ARG B 983 19.60 -15.11 -10.30
CA ARG B 983 18.64 -15.88 -9.53
C ARG B 983 17.21 -15.49 -9.89
N LEU B 984 16.85 -14.23 -9.69
CA LEU B 984 15.49 -13.76 -9.92
C LEU B 984 15.31 -13.30 -11.36
N ASP B 985 14.03 -13.15 -11.75
CA ASP B 985 13.70 -12.60 -13.05
C ASP B 985 13.50 -11.10 -12.95
N PRO B 986 13.72 -10.36 -14.05
CA PRO B 986 13.59 -8.90 -14.02
C PRO B 986 12.26 -8.43 -13.46
N PRO B 987 11.11 -9.02 -13.86
CA PRO B 987 9.84 -8.51 -13.31
C PRO B 987 9.74 -8.57 -11.79
N GLU B 988 10.38 -9.55 -11.16
CA GLU B 988 10.32 -9.65 -9.70
C GLU B 988 11.56 -9.10 -9.01
N ALA B 989 12.68 -9.01 -9.73
CA ALA B 989 13.90 -8.43 -9.19
C ALA B 989 13.99 -6.92 -9.38
N GLU B 990 13.02 -6.33 -10.09
CA GLU B 990 13.04 -4.89 -10.30
C GLU B 990 12.90 -4.14 -8.98
N VAL B 991 12.15 -4.69 -8.03
CA VAL B 991 11.97 -4.02 -6.74
C VAL B 991 13.27 -4.03 -5.95
N GLN B 992 14.00 -5.16 -5.99
CA GLN B 992 15.27 -5.22 -5.30
C GLN B 992 16.30 -4.32 -5.96
N ILE B 993 16.30 -4.26 -7.30
CA ILE B 993 17.21 -3.37 -8.01
C ILE B 993 16.90 -1.91 -7.65
N ASP B 994 15.63 -1.56 -7.59
CA ASP B 994 15.24 -0.19 -7.25
C ASP B 994 15.65 0.15 -5.82
N ARG B 995 15.45 -0.80 -4.89
CA ARG B 995 15.86 -0.56 -3.50
C ARG B 995 17.36 -0.34 -3.39
N LEU B 996 18.15 -1.21 -4.03
CA LEU B 996 19.59 -1.05 -4.00
C LEU B 996 20.02 0.26 -4.64
N ILE B 997 19.39 0.62 -5.75
CA ILE B 997 19.74 1.86 -6.45
C ILE B 997 19.45 3.07 -5.57
N THR B 998 18.28 3.07 -4.92
CA THR B 998 17.93 4.20 -4.05
C THR B 998 18.88 4.28 -2.86
N GLY B 999 19.21 3.15 -2.24
CA GLY B 999 20.13 3.18 -1.11
C GLY B 999 21.50 3.68 -1.49
N ARG B 1000 22.06 3.14 -2.58
CA ARG B 1000 23.39 3.56 -3.00
C ARG B 1000 23.39 5.01 -3.50
N LEU B 1001 22.29 5.47 -4.08
CA LEU B 1001 22.20 6.86 -4.51
C LEU B 1001 22.15 7.80 -3.32
N GLN B 1002 21.41 7.43 -2.28
CA GLN B 1002 21.40 8.23 -1.06
C GLN B 1002 22.78 8.27 -0.42
N SER B 1003 23.47 7.12 -0.39
CA SER B 1003 24.83 7.09 0.15
C SER B 1003 25.77 7.97 -0.66
N LEU B 1004 25.67 7.91 -1.99
CA LEU B 1004 26.52 8.73 -2.84
C LEU B 1004 26.22 10.21 -2.69
N GLN B 1005 24.95 10.55 -2.52
CA GLN B 1005 24.59 11.96 -2.31
C GLN B 1005 25.12 12.47 -0.98
N THR B 1006 25.04 11.66 0.07
CA THR B 1006 25.62 12.05 1.36
C THR B 1006 27.13 12.23 1.24
N TYR B 1007 27.80 11.31 0.54
CA TYR B 1007 29.25 11.43 0.36
C TYR B 1007 29.60 12.67 -0.45
N VAL B 1008 28.78 13.00 -1.46
CA VAL B 1008 29.06 14.17 -2.29
C VAL B 1008 28.85 15.44 -1.48
N THR B 1009 27.83 15.47 -0.62
CA THR B 1009 27.63 16.64 0.24
C THR B 1009 28.79 16.82 1.21
N GLN B 1010 29.24 15.72 1.82
CA GLN B 1010 30.39 15.80 2.71
C GLN B 1010 31.62 16.26 1.98
N GLN B 1011 31.84 15.77 0.76
CA GLN B 1011 33.00 16.16 -0.02
C GLN B 1011 32.92 17.63 -0.42
N LEU B 1012 31.71 18.13 -0.70
CA LEU B 1012 31.54 19.54 -1.04
C LEU B 1012 31.83 20.42 0.17
N ILE B 1013 31.39 20.02 1.35
CA ILE B 1013 31.69 20.79 2.56
C ILE B 1013 33.19 20.78 2.82
N ARG B 1014 33.83 19.62 2.66
CA ARG B 1014 35.28 19.54 2.86
C ARG B 1014 36.01 20.38 1.81
N ALA B 1015 35.50 20.44 0.59
CA ALA B 1015 36.12 21.24 -0.45
C ALA B 1015 35.96 22.73 -0.17
N ALA B 1016 34.83 23.12 0.41
CA ALA B 1016 34.67 24.52 0.81
C ALA B 1016 35.63 24.88 1.93
N GLU B 1017 35.81 23.98 2.90
CA GLU B 1017 36.79 24.22 3.96
C GLU B 1017 38.20 24.31 3.39
N ILE B 1018 38.53 23.44 2.44
CA ILE B 1018 39.86 23.47 1.81
C ILE B 1018 40.04 24.75 1.00
N ARG B 1019 38.97 25.23 0.36
CA ARG B 1019 39.06 26.49 -0.37
C ARG B 1019 39.31 27.65 0.56
N ALA B 1020 38.63 27.67 1.72
CA ALA B 1020 38.88 28.71 2.70
C ALA B 1020 40.33 28.66 3.20
N SER B 1021 40.82 27.46 3.50
CA SER B 1021 42.21 27.31 3.96
C SER B 1021 43.19 27.74 2.87
N ALA B 1022 42.88 27.44 1.62
CA ALA B 1022 43.77 27.82 0.52
C ALA B 1022 43.76 29.32 0.30
N ASN B 1023 42.61 29.97 0.46
CA ASN B 1023 42.57 31.42 0.38
C ASN B 1023 43.38 32.05 1.51
N LEU B 1024 43.28 31.50 2.72
CA LEU B 1024 44.10 31.99 3.82
C LEU B 1024 45.58 31.80 3.54
N ALA B 1025 45.96 30.64 3.01
CA ALA B 1025 47.36 30.38 2.70
C ALA B 1025 47.87 31.30 1.59
N ALA B 1026 47.01 31.60 0.60
CA ALA B 1026 47.41 32.51 -0.46
C ALA B 1026 47.59 33.92 0.06
N THR B 1027 46.69 34.37 0.94
CA THR B 1027 46.86 35.68 1.56
C THR B 1027 48.14 35.74 2.37
N LYS B 1028 48.46 34.66 3.10
CA LYS B 1028 49.70 34.62 3.86
C LYS B 1028 50.91 34.68 2.95
N MET B 1029 50.90 33.90 1.86
CA MET B 1029 52.02 33.89 0.92
C MET B 1029 52.18 35.25 0.25
N SER B 1030 51.08 35.96 0.03
CA SER B 1030 51.16 37.26 -0.62
C SER B 1030 51.61 38.35 0.34
N GLU B 1031 51.29 38.23 1.63
CA GLU B 1031 51.61 39.28 2.59
C GLU B 1031 52.95 39.04 3.28
N CYS B 1032 53.08 37.91 3.97
CA CYS B 1032 54.29 37.68 4.77
C CYS B 1032 55.50 37.37 3.89
N VAL B 1033 55.32 36.52 2.88
CA VAL B 1033 56.45 36.12 2.05
C VAL B 1033 56.88 37.25 1.11
N LEU B 1034 55.93 37.77 0.33
CA LEU B 1034 56.19 38.81 -0.65
C LEU B 1034 56.18 40.21 -0.05
N GLY B 1035 56.26 40.32 1.27
CA GLY B 1035 56.24 41.63 1.89
C GLY B 1035 56.52 41.54 3.37
N GLN B 1036 55.99 42.52 4.10
CA GLN B 1036 56.12 42.56 5.56
C GLN B 1036 54.76 42.99 6.13
N SER B 1037 53.93 42.01 6.45
CA SER B 1037 52.60 42.27 6.98
C SER B 1037 52.70 42.63 8.46
N LYS B 1038 52.26 43.82 8.81
CA LYS B 1038 52.29 44.29 10.21
C LYS B 1038 51.00 43.91 10.94
N ARG B 1039 50.66 42.62 10.90
CA ARG B 1039 49.49 42.08 11.59
C ARG B 1039 49.96 41.15 12.69
N VAL B 1040 49.51 41.40 13.92
CA VAL B 1040 49.98 40.65 15.07
C VAL B 1040 49.46 39.22 15.01
N ASP B 1041 50.35 38.27 15.30
CA ASP B 1041 50.00 36.84 15.34
C ASP B 1041 49.42 36.36 14.02
N PHE B 1042 49.89 36.94 12.92
CA PHE B 1042 49.51 36.51 11.59
C PHE B 1042 50.65 35.84 10.85
N CYS B 1043 51.79 36.51 10.72
CA CYS B 1043 53.00 35.90 10.16
C CYS B 1043 53.92 35.43 11.29
N GLY B 1044 53.42 34.47 12.07
CA GLY B 1044 54.15 33.96 13.20
C GLY B 1044 53.94 34.79 14.45
N LYS B 1045 54.20 34.16 15.60
CA LYS B 1045 54.02 34.82 16.88
C LYS B 1045 55.17 35.78 17.15
N GLY B 1046 54.86 37.06 17.33
CA GLY B 1046 55.84 38.08 17.58
C GLY B 1046 55.96 39.05 16.41
N TYR B 1047 56.96 39.93 16.52
CA TYR B 1047 57.22 40.90 15.47
C TYR B 1047 57.69 40.18 14.21
N HIS B 1048 56.98 40.39 13.11
CA HIS B 1048 57.29 39.68 11.87
C HIS B 1048 58.44 40.34 11.13
N LEU B 1049 59.37 39.51 10.66
CA LEU B 1049 60.50 39.96 9.86
C LEU B 1049 60.45 39.41 8.45
N MET B 1050 60.37 38.09 8.30
CA MET B 1050 60.30 37.46 6.99
C MET B 1050 59.75 36.05 7.17
N SER B 1051 59.39 35.43 6.05
CA SER B 1051 58.87 34.07 6.06
C SER B 1051 59.34 33.34 4.81
N PHE B 1052 59.68 32.07 4.98
CA PHE B 1052 60.17 31.24 3.88
C PHE B 1052 59.19 30.12 3.62
N PRO B 1053 58.55 30.08 2.45
CA PRO B 1053 57.61 28.99 2.16
C PRO B 1053 58.34 27.68 1.91
N GLN B 1054 57.66 26.57 2.21
CA GLN B 1054 58.21 25.24 2.01
C GLN B 1054 57.13 24.33 1.45
N SER B 1055 57.51 23.49 0.51
CA SER B 1055 56.56 22.56 -0.09
C SER B 1055 56.17 21.47 0.91
N ALA B 1056 54.98 20.91 0.71
CA ALA B 1056 54.45 19.87 1.59
C ALA B 1056 53.39 19.11 0.82
N PRO B 1057 53.16 17.83 1.15
CA PRO B 1057 52.11 17.07 0.47
C PRO B 1057 50.72 17.62 0.74
N HIS B 1058 50.08 18.16 -0.30
CA HIS B 1058 48.74 18.74 -0.19
C HIS B 1058 48.70 19.86 0.85
N GLY B 1059 49.68 20.75 0.77
CA GLY B 1059 49.75 21.86 1.70
C GLY B 1059 51.05 22.63 1.53
N VAL B 1060 51.17 23.67 2.34
CA VAL B 1060 52.36 24.53 2.33
C VAL B 1060 52.75 24.81 3.78
N VAL B 1061 54.06 24.94 4.01
CA VAL B 1061 54.61 25.19 5.34
C VAL B 1061 55.42 26.47 5.28
N PHE B 1062 55.05 27.44 6.11
CA PHE B 1062 55.73 28.73 6.17
C PHE B 1062 56.69 28.74 7.35
N LEU B 1063 57.92 29.19 7.11
CA LEU B 1063 58.93 29.33 8.15
C LEU B 1063 58.97 30.79 8.58
N HIS B 1064 57.99 31.17 9.41
CA HIS B 1064 57.87 32.55 9.86
C HIS B 1064 59.03 32.91 10.77
N VAL B 1065 59.89 33.82 10.30
CA VAL B 1065 61.01 34.33 11.10
C VAL B 1065 60.49 35.53 11.89
N THR B 1066 60.36 35.34 13.20
CA THR B 1066 59.78 36.35 14.08
C THR B 1066 60.85 37.03 14.91
N TYR B 1067 60.50 38.18 15.47
CA TYR B 1067 61.40 38.98 16.30
C TYR B 1067 60.79 39.07 17.70
N VAL B 1068 61.42 38.41 18.67
CA VAL B 1068 60.91 38.37 20.03
C VAL B 1068 61.94 38.96 20.98
N PRO B 1069 61.67 40.12 21.59
CA PRO B 1069 62.63 40.70 22.53
C PRO B 1069 62.67 39.91 23.83
N ALA B 1070 63.79 40.06 24.55
CA ALA B 1070 63.99 39.38 25.81
C ALA B 1070 64.91 40.22 26.67
N GLN B 1071 65.23 39.70 27.87
CA GLN B 1071 66.10 40.35 28.83
C GLN B 1071 65.58 41.75 29.18
N GLU B 1072 64.40 41.76 29.81
CA GLU B 1072 63.75 43.01 30.16
C GLU B 1072 64.46 43.69 31.34
N LYS B 1073 64.18 44.98 31.50
CA LYS B 1073 64.78 45.76 32.57
C LYS B 1073 63.85 46.91 32.91
N ASN B 1074 63.68 47.16 34.21
CA ASN B 1074 62.83 48.26 34.66
C ASN B 1074 63.54 49.59 34.53
N PHE B 1075 62.76 50.63 34.22
CA PHE B 1075 63.28 51.98 34.10
C PHE B 1075 62.24 52.96 34.63
N THR B 1076 62.66 54.22 34.77
CA THR B 1076 61.77 55.29 35.23
C THR B 1076 61.43 56.17 34.02
N THR B 1077 60.18 56.08 33.58
CA THR B 1077 59.71 56.80 32.40
C THR B 1077 58.95 58.06 32.80
N ALA B 1078 58.69 58.90 31.80
CA ALA B 1078 57.96 60.14 31.99
C ALA B 1078 57.39 60.57 30.65
N PRO B 1079 56.26 61.29 30.63
CA PRO B 1079 55.71 61.73 29.34
C PRO B 1079 56.63 62.66 28.58
N ALA B 1080 57.11 63.73 29.22
CA ALA B 1080 57.99 64.68 28.57
C ALA B 1080 58.82 65.39 29.62
N ILE B 1081 59.75 66.23 29.17
CA ILE B 1081 60.60 67.01 30.04
C ILE B 1081 60.44 68.48 29.69
N CYS B 1082 60.66 69.35 30.67
CA CYS B 1082 60.53 70.79 30.51
C CYS B 1082 61.89 71.43 30.79
N HIS B 1083 62.46 72.07 29.77
CA HIS B 1083 63.80 72.63 29.91
C HIS B 1083 63.75 74.11 30.30
N ASP B 1084 63.15 74.95 29.46
CA ASP B 1084 63.11 76.39 29.66
C ASP B 1084 61.66 76.88 29.62
N GLY B 1085 60.78 76.20 30.35
CA GLY B 1085 59.39 76.56 30.40
C GLY B 1085 58.53 75.93 29.32
N LYS B 1086 59.14 75.39 28.27
CA LYS B 1086 58.41 74.74 27.19
C LYS B 1086 58.62 73.23 27.27
N ALA B 1087 57.59 72.49 26.90
CA ALA B 1087 57.67 71.03 26.94
C ALA B 1087 58.59 70.51 25.84
N HIS B 1088 59.00 69.25 26.00
CA HIS B 1088 59.88 68.59 25.03
C HIS B 1088 59.41 67.15 24.88
N PHE B 1089 58.59 66.91 23.86
CA PHE B 1089 58.09 65.56 23.62
C PHE B 1089 59.03 64.81 22.68
N PRO B 1090 59.29 63.52 22.93
CA PRO B 1090 60.18 62.77 22.05
C PRO B 1090 59.56 62.54 20.68
N ARG B 1091 60.42 62.44 19.67
CA ARG B 1091 59.95 62.24 18.31
C ARG B 1091 59.41 60.82 18.13
N GLU B 1092 60.26 59.81 18.31
CA GLU B 1092 59.87 58.41 18.18
C GLU B 1092 60.53 57.58 19.26
N GLY B 1093 60.61 58.11 20.48
CA GLY B 1093 61.26 57.41 21.57
C GLY B 1093 60.57 57.55 22.90
N VAL B 1094 61.21 57.05 23.96
CA VAL B 1094 60.69 57.10 25.31
C VAL B 1094 61.77 57.64 26.22
N PHE B 1095 61.36 58.40 27.25
CA PHE B 1095 62.31 59.04 28.17
C PHE B 1095 62.52 58.14 29.37
N VAL B 1096 63.45 57.19 29.21
CA VAL B 1096 63.83 56.30 30.30
C VAL B 1096 64.83 56.99 31.21
N SER B 1097 65.05 56.44 32.39
CA SER B 1097 66.00 57.00 33.33
C SER B 1097 66.45 55.91 34.30
N ASN B 1098 67.74 55.89 34.60
CA ASN B 1098 68.31 54.94 35.56
C ASN B 1098 68.55 55.59 36.91
N GLY B 1099 67.70 56.54 37.30
CA GLY B 1099 67.83 57.23 38.57
C GLY B 1099 68.60 58.52 38.54
N THR B 1100 69.82 58.50 37.99
CA THR B 1100 70.66 59.69 37.97
C THR B 1100 70.29 60.61 36.81
N HIS B 1101 70.42 60.12 35.57
CA HIS B 1101 70.18 60.93 34.38
C HIS B 1101 69.02 60.36 33.58
N TRP B 1102 68.54 61.17 32.64
CA TRP B 1102 67.46 60.79 31.75
C TRP B 1102 67.99 60.59 30.34
N PHE B 1103 67.47 59.57 29.66
CA PHE B 1103 67.91 59.24 28.31
C PHE B 1103 66.69 58.86 27.47
N VAL B 1104 66.85 58.96 26.15
CA VAL B 1104 65.83 58.59 25.19
C VAL B 1104 66.31 57.36 24.43
N THR B 1105 65.40 56.41 24.20
CA THR B 1105 65.73 55.17 23.52
C THR B 1105 64.52 54.73 22.69
N GLN B 1106 64.72 53.67 21.91
CA GLN B 1106 63.64 53.14 21.08
C GLN B 1106 62.59 52.43 21.94
N ARG B 1107 61.47 52.10 21.32
CA ARG B 1107 60.38 51.41 22.00
C ARG B 1107 60.54 49.90 22.01
N ASN B 1108 61.49 49.35 21.23
CA ASN B 1108 61.70 47.91 21.19
C ASN B 1108 63.14 47.51 21.46
N PHE B 1109 64.02 48.45 21.76
CA PHE B 1109 65.42 48.13 22.06
C PHE B 1109 66.01 49.25 22.90
N TYR B 1110 66.75 48.87 23.94
CA TYR B 1110 67.34 49.84 24.86
C TYR B 1110 68.61 50.41 24.22
N GLU B 1111 68.51 51.60 23.66
CA GLU B 1111 69.64 52.32 23.07
C GLU B 1111 69.70 53.69 23.70
N PRO B 1112 70.40 53.84 24.83
CA PRO B 1112 70.44 55.14 25.51
C PRO B 1112 71.21 56.17 24.70
N GLN B 1113 70.58 57.32 24.48
CA GLN B 1113 71.20 58.43 23.75
C GLN B 1113 70.95 59.72 24.51
N ILE B 1114 71.86 60.69 24.30
CA ILE B 1114 71.73 61.98 24.96
C ILE B 1114 70.51 62.71 24.42
N ILE B 1115 69.78 63.38 25.30
CA ILE B 1115 68.56 64.09 24.94
C ILE B 1115 68.97 65.42 24.29
N THR B 1116 68.98 65.45 22.95
CA THR B 1116 69.31 66.65 22.19
C THR B 1116 68.05 67.25 21.60
N THR B 1117 68.20 68.45 21.05
CA THR B 1117 67.06 69.14 20.43
C THR B 1117 66.63 68.51 19.12
N ASP B 1118 67.43 67.61 18.54
CA ASP B 1118 67.06 66.94 17.30
C ASP B 1118 66.19 65.72 17.53
N ASN B 1119 66.16 65.18 18.75
CA ASN B 1119 65.36 64.01 19.08
C ASN B 1119 64.08 64.39 19.83
N THR B 1120 63.68 65.64 19.80
CA THR B 1120 62.49 66.09 20.48
C THR B 1120 61.96 67.36 19.82
N PHE B 1121 60.68 67.63 20.04
CA PHE B 1121 60.01 68.81 19.51
C PHE B 1121 59.23 69.50 20.61
N VAL B 1122 59.19 70.83 20.55
CA VAL B 1122 58.50 71.63 21.55
C VAL B 1122 57.05 71.80 21.14
N SER B 1123 56.15 71.74 22.12
CA SER B 1123 54.72 71.92 21.86
C SER B 1123 54.07 72.39 23.16
N GLY B 1124 53.78 73.70 23.24
CA GLY B 1124 53.13 74.26 24.40
C GLY B 1124 54.05 74.33 25.62
N ASN B 1125 53.46 74.77 26.72
CA ASN B 1125 54.16 74.90 27.98
C ASN B 1125 54.00 73.64 28.82
N CYS B 1126 54.85 73.53 29.85
CA CYS B 1126 54.83 72.38 30.76
C CYS B 1126 53.96 72.67 31.99
N ASP B 1127 52.70 72.99 31.72
CA ASP B 1127 51.75 73.31 32.77
C ASP B 1127 50.47 72.48 32.74
N VAL B 1128 50.10 71.91 31.60
CA VAL B 1128 48.88 71.12 31.49
C VAL B 1128 49.15 69.61 31.52
N VAL B 1129 50.30 69.17 31.02
CA VAL B 1129 50.61 67.75 30.99
C VAL B 1129 50.95 67.28 32.39
N ILE B 1130 50.45 66.10 32.75
CA ILE B 1130 50.73 65.49 34.05
C ILE B 1130 51.95 64.58 33.91
N GLY B 1131 52.75 64.50 34.96
CA GLY B 1131 53.96 63.71 34.93
C GLY B 1131 55.19 64.40 34.41
N ILE B 1132 55.12 65.73 34.21
CA ILE B 1132 56.28 66.47 33.69
C ILE B 1132 57.39 66.46 34.73
N VAL B 1133 58.63 66.39 34.25
CA VAL B 1133 59.81 66.37 35.12
C VAL B 1133 60.82 67.38 34.56
N ASN B 1134 61.48 68.10 35.45
CA ASN B 1134 62.46 69.10 35.03
C ASN B 1134 63.76 68.43 34.62
N ASN B 1135 64.28 68.81 33.45
CA ASN B 1135 65.52 68.27 32.94
C ASN B 1135 66.15 69.27 31.98
N THR B 1136 67.46 69.16 31.81
CA THR B 1136 68.22 70.04 30.93
C THR B 1136 68.41 69.35 29.58
N VAL B 1137 67.84 69.94 28.53
CA VAL B 1137 67.97 69.40 27.19
C VAL B 1137 69.26 69.92 26.58
N TYR B 1138 70.15 69.01 26.21
CA TYR B 1138 71.42 69.39 25.61
C TYR B 1138 71.21 69.96 24.22
N ASP B 1139 72.00 70.98 23.87
CA ASP B 1139 71.92 71.63 22.58
C ASP B 1139 73.20 71.36 21.80
N PRO B 1140 73.11 70.79 20.59
CA PRO B 1140 74.35 70.49 19.85
C PRO B 1140 75.08 71.73 19.37
N LEU B 1141 74.36 72.74 18.90
CA LEU B 1141 74.99 73.94 18.36
C LEU B 1141 75.36 74.95 19.44
N GLN B 1142 75.03 74.69 20.70
CA GLN B 1142 75.39 75.63 21.76
C GLN B 1142 76.89 75.74 21.95
N PRO B 1143 77.66 74.64 22.08
CA PRO B 1143 79.12 74.80 22.20
C PRO B 1143 79.75 75.36 20.93
N GLU B 1144 79.21 75.05 19.76
CA GLU B 1144 79.75 75.59 18.52
C GLU B 1144 79.51 77.10 18.40
N LEU B 1145 78.38 77.58 18.92
CA LEU B 1145 78.08 79.01 18.88
C LEU B 1145 78.75 79.77 20.01
N ASP B 1146 79.05 79.10 21.14
CA ASP B 1146 79.71 79.77 22.25
C ASP B 1146 81.22 79.81 22.10
N SER B 1147 81.79 78.97 21.24
CA SER B 1147 83.23 78.95 21.03
C SER B 1147 83.68 80.13 20.17
N GLN C 14 -50.36 11.42 20.76
CA GLN C 14 -50.63 12.71 21.38
C GLN C 14 -50.02 13.84 20.57
N CYS C 15 -49.88 13.61 19.26
CA CYS C 15 -49.24 14.59 18.37
C CYS C 15 -50.32 15.41 17.67
N VAL C 16 -50.45 16.65 18.10
CA VAL C 16 -51.26 17.66 17.42
C VAL C 16 -50.38 18.88 17.21
N ASN C 17 -50.52 19.52 16.04
CA ASN C 17 -49.57 20.55 15.62
C ASN C 17 -49.97 21.88 16.25
N LEU C 18 -49.02 22.52 16.93
CA LEU C 18 -49.22 23.80 17.58
C LEU C 18 -48.25 24.80 16.97
N THR C 19 -48.64 25.40 15.85
CA THR C 19 -47.78 26.41 15.23
C THR C 19 -48.01 27.78 15.89
N THR C 20 -49.21 28.34 15.74
CA THR C 20 -49.61 29.61 16.32
C THR C 20 -48.46 30.63 16.30
N ARG C 21 -47.87 30.80 15.11
CA ARG C 21 -46.64 31.55 14.97
C ARG C 21 -46.80 32.64 13.92
N THR C 22 -46.24 33.81 14.20
CA THR C 22 -46.16 34.92 13.26
C THR C 22 -44.67 35.12 12.95
N GLN C 23 -44.17 34.39 11.97
CA GLN C 23 -42.74 34.37 11.68
C GLN C 23 -42.31 35.67 11.00
N LEU C 24 -41.02 35.94 11.10
CA LEU C 24 -40.40 37.12 10.50
C LEU C 24 -38.99 36.74 10.05
N PRO C 25 -38.43 37.45 9.09
CA PRO C 25 -37.06 37.17 8.64
C PRO C 25 -36.09 37.15 9.82
N PRO C 26 -35.48 36.00 10.10
CA PRO C 26 -34.60 35.90 11.26
C PRO C 26 -33.31 36.67 11.05
N ALA C 27 -32.81 37.25 12.15
CA ALA C 27 -31.58 38.02 12.12
C ALA C 27 -30.38 37.11 12.36
N TYR C 28 -29.19 37.70 12.33
CA TYR C 28 -27.95 36.97 12.53
C TYR C 28 -27.02 37.80 13.41
N THR C 29 -26.25 37.11 14.24
CA THR C 29 -25.32 37.74 15.17
C THR C 29 -23.88 37.31 14.84
N ASN C 30 -22.94 38.05 15.41
CA ASN C 30 -21.52 37.80 15.20
C ASN C 30 -20.97 36.93 16.33
N SER C 31 -20.03 36.05 15.96
CA SER C 31 -19.39 35.14 16.91
C SER C 31 -18.13 35.81 17.42
N PHE C 32 -18.24 36.50 18.56
CA PHE C 32 -17.12 37.22 19.15
C PHE C 32 -16.27 36.23 19.94
N THR C 33 -15.38 35.55 19.23
CA THR C 33 -14.46 34.57 19.81
C THR C 33 -15.20 33.51 20.62
N ARG C 34 -16.06 32.77 19.94
CA ARG C 34 -16.86 31.71 20.54
C ARG C 34 -16.70 30.42 19.75
N GLY C 35 -16.84 29.30 20.44
CA GLY C 35 -16.76 28.00 19.80
C GLY C 35 -15.37 27.39 19.82
N VAL C 36 -14.75 27.38 21.01
CA VAL C 36 -13.41 26.81 21.18
C VAL C 36 -13.47 25.81 22.33
N TYR C 37 -13.15 24.56 22.03
CA TYR C 37 -13.12 23.49 23.02
C TYR C 37 -11.72 22.88 23.06
N TYR C 38 -11.58 21.80 23.83
CA TYR C 38 -10.31 21.11 23.95
C TYR C 38 -10.27 19.95 22.96
N PRO C 39 -9.34 19.94 22.01
CA PRO C 39 -9.31 18.86 21.00
C PRO C 39 -8.89 17.52 21.55
N ASP C 40 -8.28 17.46 22.72
CA ASP C 40 -7.82 16.21 23.31
C ASP C 40 -7.65 16.41 24.81
N LYS C 41 -7.06 15.42 25.48
CA LYS C 41 -6.92 15.41 26.94
C LYS C 41 -5.47 15.62 27.37
N VAL C 42 -4.68 16.32 26.57
CA VAL C 42 -3.28 16.55 26.90
C VAL C 42 -3.17 17.80 27.77
N PHE C 43 -2.17 17.82 28.65
CA PHE C 43 -1.92 18.95 29.54
C PHE C 43 -0.63 19.63 29.11
N ARG C 44 -0.72 20.93 28.83
CA ARG C 44 0.43 21.71 28.40
C ARG C 44 0.41 23.07 29.09
N SER C 45 1.58 23.52 29.52
CA SER C 45 1.73 24.78 30.23
C SER C 45 2.56 25.74 29.40
N SER C 46 2.02 26.92 29.12
CA SER C 46 2.70 27.97 28.35
C SER C 46 3.14 27.44 26.98
N VAL C 47 2.19 26.81 26.28
CA VAL C 47 2.43 26.25 24.96
C VAL C 47 1.45 26.87 23.99
N LEU C 48 1.94 27.13 22.77
CA LEU C 48 1.16 27.73 21.70
C LEU C 48 0.97 26.75 20.56
N HIS C 49 0.68 25.50 20.91
CA HIS C 49 0.51 24.46 19.90
C HIS C 49 -0.76 24.70 19.08
N SER C 50 -0.64 24.51 17.77
CA SER C 50 -1.75 24.66 16.84
C SER C 50 -2.15 23.30 16.29
N THR C 51 -3.40 23.22 15.82
CA THR C 51 -3.92 21.97 15.29
C THR C 51 -4.99 22.27 14.26
N GLN C 52 -5.30 21.27 13.44
CA GLN C 52 -6.35 21.34 12.43
C GLN C 52 -7.58 20.66 13.00
N ASP C 53 -8.51 21.45 13.51
CA ASP C 53 -9.73 20.95 14.14
C ASP C 53 -10.94 21.57 13.46
N LEU C 54 -12.12 21.27 13.99
CA LEU C 54 -13.39 21.76 13.45
C LEU C 54 -13.99 22.87 14.30
N PHE C 55 -13.15 23.75 14.84
CA PHE C 55 -13.62 24.83 15.69
C PHE C 55 -14.49 25.81 14.90
N LEU C 56 -15.19 26.67 15.63
CA LEU C 56 -16.03 27.68 15.01
C LEU C 56 -15.20 28.90 14.63
N PRO C 57 -15.31 29.41 13.42
CA PRO C 57 -14.52 30.58 13.02
C PRO C 57 -14.98 31.83 13.77
N PHE C 58 -14.00 32.65 14.15
CA PHE C 58 -14.30 33.88 14.87
C PHE C 58 -14.87 34.93 13.93
N PHE C 59 -15.75 35.78 14.48
CA PHE C 59 -16.38 36.87 13.74
C PHE C 59 -17.11 36.34 12.50
N SER C 60 -18.01 35.39 12.72
CA SER C 60 -18.78 34.76 11.66
C SER C 60 -20.27 34.86 11.97
N ASN C 61 -21.07 35.06 10.93
CA ASN C 61 -22.52 35.18 11.08
C ASN C 61 -23.11 33.83 11.47
N VAL C 62 -23.70 33.76 12.65
CA VAL C 62 -24.36 32.55 13.12
C VAL C 62 -25.86 32.76 13.04
N THR C 63 -26.60 31.66 12.98
CA THR C 63 -28.05 31.73 12.86
C THR C 63 -28.69 31.99 14.23
N TRP C 64 -29.64 32.91 14.24
CA TRP C 64 -30.32 33.31 15.47
C TRP C 64 -31.80 32.94 15.37
N PHE C 65 -32.32 32.30 16.41
CA PHE C 65 -33.71 31.90 16.49
C PHE C 65 -34.33 32.52 17.73
N HIS C 66 -35.39 33.30 17.54
CA HIS C 66 -36.07 33.95 18.66
C HIS C 66 -37.21 33.06 19.16
N ALA C 67 -37.34 32.99 20.49
CA ALA C 67 -38.37 32.19 21.14
C ALA C 67 -39.00 32.97 22.29
N ILE C 68 -39.27 34.25 22.07
CA ILE C 68 -39.85 35.13 23.09
C ILE C 68 -41.29 35.40 22.71
N HIS C 69 -42.20 35.21 23.67
CA HIS C 69 -43.63 35.45 23.46
C HIS C 69 -43.98 36.78 24.13
N VAL C 70 -44.03 37.83 23.33
CA VAL C 70 -44.35 39.16 23.81
C VAL C 70 -45.87 39.27 23.95
N SER C 71 -46.33 39.79 25.08
CA SER C 71 -47.75 39.97 25.36
C SER C 71 -48.05 41.40 25.80
N GLY C 72 -47.45 42.37 25.13
CA GLY C 72 -47.66 43.77 25.45
C GLY C 72 -48.82 44.39 24.70
N THR C 73 -48.53 45.46 23.96
CA THR C 73 -49.58 46.11 23.16
C THR C 73 -50.04 45.20 22.03
N ASN C 74 -49.11 44.79 21.16
CA ASN C 74 -49.40 43.86 20.08
C ASN C 74 -48.71 42.52 20.29
N GLY C 75 -47.40 42.53 20.50
CA GLY C 75 -46.66 41.32 20.82
C GLY C 75 -46.52 40.40 19.61
N THR C 76 -45.69 39.37 19.81
CA THR C 76 -45.43 38.34 18.82
C THR C 76 -45.30 37.00 19.51
N LYS C 77 -45.66 35.94 18.80
CA LYS C 77 -45.64 34.58 19.32
C LYS C 77 -44.62 33.73 18.56
N ARG C 78 -43.44 34.30 18.34
CA ARG C 78 -42.40 33.60 17.61
C ARG C 78 -41.93 32.38 18.39
N PHE C 79 -42.17 31.20 17.82
CA PHE C 79 -41.79 29.93 18.45
C PHE C 79 -41.19 29.06 17.35
N ASP C 80 -39.88 29.16 17.16
CA ASP C 80 -39.21 28.50 16.05
C ASP C 80 -38.42 27.29 16.54
N ASN C 81 -38.65 26.15 15.91
CA ASN C 81 -37.89 24.93 16.16
C ASN C 81 -37.78 24.12 14.88
N PRO C 82 -37.10 24.64 13.85
CA PRO C 82 -37.11 23.96 12.55
C PRO C 82 -35.99 22.94 12.42
N VAL C 83 -35.90 22.32 11.25
CA VAL C 83 -34.83 21.38 10.94
C VAL C 83 -33.63 22.15 10.42
N LEU C 84 -32.43 21.71 10.79
CA LEU C 84 -31.20 22.38 10.40
C LEU C 84 -30.24 21.36 9.80
N PRO C 85 -29.72 21.61 8.60
CA PRO C 85 -28.74 20.67 8.01
C PRO C 85 -27.48 20.59 8.86
N PHE C 86 -27.19 19.38 9.35
CA PHE C 86 -26.05 19.12 10.20
C PHE C 86 -24.91 18.59 9.33
N ASN C 87 -23.95 19.45 9.02
CA ASN C 87 -22.85 19.05 8.15
C ASN C 87 -21.77 18.31 8.92
N ASP C 88 -21.14 18.99 9.89
CA ASP C 88 -20.09 18.36 10.69
C ASP C 88 -20.31 18.61 12.18
N GLY C 89 -20.90 19.75 12.51
CA GLY C 89 -21.11 20.08 13.91
C GLY C 89 -21.97 21.31 14.05
N VAL C 90 -22.09 21.78 15.28
CA VAL C 90 -22.89 22.96 15.60
C VAL C 90 -22.42 23.52 16.93
N TYR C 91 -22.39 24.84 17.04
CA TYR C 91 -22.06 25.54 18.27
C TYR C 91 -23.36 26.03 18.89
N PHE C 92 -23.82 25.32 19.91
CA PHE C 92 -25.10 25.62 20.54
C PHE C 92 -24.91 26.48 21.78
N ALA C 93 -25.71 27.53 21.90
CA ALA C 93 -25.73 28.39 23.06
C ALA C 93 -27.16 28.54 23.57
N SER C 94 -27.30 29.14 24.76
CA SER C 94 -28.61 29.32 25.36
C SER C 94 -28.53 30.52 26.30
N THR C 95 -29.01 31.68 25.84
CA THR C 95 -29.04 32.88 26.66
C THR C 95 -30.39 32.99 27.37
N GLU C 96 -30.73 31.90 28.04
CA GLU C 96 -32.00 31.76 28.76
C GLU C 96 -31.83 32.16 30.21
N LYS C 97 -32.96 32.36 30.88
CA LYS C 97 -32.98 32.71 32.30
C LYS C 97 -33.84 31.77 33.14
N SER C 98 -34.70 30.94 32.53
CA SER C 98 -35.57 30.03 33.26
C SER C 98 -35.38 28.59 32.81
N ASN C 99 -34.28 28.29 32.12
CA ASN C 99 -33.96 26.93 31.66
C ASN C 99 -35.08 26.38 30.77
N ILE C 100 -35.30 27.05 29.64
CA ILE C 100 -36.38 26.67 28.74
C ILE C 100 -35.93 25.54 27.82
N ILE C 101 -34.84 25.77 27.06
CA ILE C 101 -34.33 24.75 26.14
C ILE C 101 -33.68 23.64 26.95
N ARG C 102 -34.20 22.42 26.80
CA ARG C 102 -33.71 21.28 27.57
C ARG C 102 -33.68 20.01 26.73
N GLY C 103 -33.69 20.12 25.41
CA GLY C 103 -33.74 18.94 24.57
C GLY C 103 -32.93 19.03 23.29
N TRP C 104 -32.36 17.91 22.86
CA TRP C 104 -31.56 17.86 21.64
C TRP C 104 -31.74 16.49 21.01
N ILE C 105 -32.42 16.45 19.86
CA ILE C 105 -32.61 15.21 19.12
C ILE C 105 -31.97 15.36 17.75
N PHE C 106 -31.56 14.22 17.19
CA PHE C 106 -30.83 14.19 15.92
C PHE C 106 -31.40 13.08 15.06
N GLY C 107 -30.74 12.80 13.95
CA GLY C 107 -31.16 11.76 13.03
C GLY C 107 -30.93 12.12 11.58
N THR C 108 -31.10 11.14 10.68
CA THR C 108 -30.92 11.36 9.25
C THR C 108 -32.25 11.70 8.58
N THR C 109 -33.22 10.77 8.66
CA THR C 109 -34.55 11.00 8.11
C THR C 109 -35.59 11.31 9.17
N LEU C 110 -35.39 10.82 10.41
CA LEU C 110 -36.21 11.13 11.58
C LEU C 110 -37.59 10.50 11.54
N ASP C 111 -37.83 9.54 10.64
CA ASP C 111 -39.11 8.81 10.59
C ASP C 111 -38.85 7.31 10.53
N SER C 112 -38.65 6.70 11.71
CA SER C 112 -38.50 5.26 11.89
C SER C 112 -37.60 4.60 10.84
N LYS C 113 -36.51 5.26 10.46
CA LYS C 113 -35.55 4.70 9.51
C LYS C 113 -34.17 4.52 10.11
N THR C 114 -33.65 5.54 10.78
CA THR C 114 -32.31 5.51 11.33
C THR C 114 -32.35 5.58 12.85
N GLN C 115 -31.23 5.22 13.46
CA GLN C 115 -31.10 5.27 14.92
C GLN C 115 -31.08 6.72 15.39
N SER C 116 -32.10 7.10 16.16
CA SER C 116 -32.26 8.47 16.61
C SER C 116 -31.74 8.63 18.04
N LEU C 117 -31.91 9.84 18.58
CA LEU C 117 -31.46 10.17 19.93
C LEU C 117 -32.59 10.87 20.68
N LEU C 118 -32.52 10.80 22.01
CA LEU C 118 -33.50 11.39 22.90
C LEU C 118 -32.80 12.13 24.05
N ILE C 119 -31.83 12.97 23.70
CA ILE C 119 -31.10 13.73 24.70
C ILE C 119 -31.99 14.85 25.21
N VAL C 120 -32.60 14.64 26.38
CA VAL C 120 -33.54 15.59 26.96
C VAL C 120 -33.49 15.46 28.48
N ASN C 121 -33.82 16.56 29.16
CA ASN C 121 -33.83 16.59 30.62
C ASN C 121 -34.94 17.56 31.05
N ASN C 122 -36.14 17.01 31.27
CA ASN C 122 -37.26 17.83 31.72
C ASN C 122 -37.02 18.39 33.12
N ALA C 123 -36.97 17.53 34.14
CA ALA C 123 -36.62 17.96 35.48
C ALA C 123 -35.84 16.94 36.28
N THR C 124 -35.53 15.77 35.71
CA THR C 124 -34.91 14.69 36.47
C THR C 124 -33.41 14.59 36.23
N ASN C 125 -33.00 14.36 34.98
CA ASN C 125 -31.60 14.19 34.61
C ASN C 125 -31.54 14.09 33.10
N VAL C 126 -30.32 14.14 32.56
CA VAL C 126 -30.11 14.00 31.12
C VAL C 126 -30.18 12.53 30.75
N VAL C 127 -31.33 12.10 30.23
CA VAL C 127 -31.53 10.70 29.85
C VAL C 127 -31.06 10.50 28.42
N ILE C 128 -29.81 10.10 28.25
CA ILE C 128 -29.26 9.83 26.93
C ILE C 128 -29.67 8.43 26.52
N LYS C 129 -30.83 8.32 25.88
CA LYS C 129 -31.38 7.04 25.45
C LYS C 129 -31.28 6.98 23.93
N VAL C 130 -30.38 6.15 23.42
CA VAL C 130 -30.18 6.00 21.98
C VAL C 130 -31.22 4.99 21.51
N CYS C 131 -32.44 5.48 21.31
CA CYS C 131 -33.57 4.67 20.94
C CYS C 131 -33.92 4.91 19.47
N GLU C 132 -34.76 4.04 18.91
CA GLU C 132 -35.12 4.13 17.50
C GLU C 132 -36.62 4.24 17.33
N PHE C 133 -37.25 5.11 18.11
CA PHE C 133 -38.67 5.37 17.96
C PHE C 133 -38.93 6.31 16.78
N GLN C 134 -40.18 6.37 16.37
CA GLN C 134 -40.62 7.30 15.33
C GLN C 134 -41.33 8.45 16.03
N PHE C 135 -40.57 9.51 16.32
CA PHE C 135 -41.16 10.71 16.87
C PHE C 135 -41.79 11.53 15.75
N CYS C 136 -42.85 12.26 16.10
CA CYS C 136 -43.65 12.96 15.09
C CYS C 136 -43.03 14.30 14.74
N ASN C 137 -43.59 14.92 13.70
CA ASN C 137 -42.89 15.98 12.98
C ASN C 137 -42.57 17.19 13.86
N ASP C 138 -43.45 17.54 14.79
CA ASP C 138 -43.28 18.76 15.60
C ASP C 138 -43.51 18.41 17.06
N PRO C 139 -42.48 17.92 17.73
CA PRO C 139 -42.58 17.64 19.17
C PRO C 139 -42.25 18.85 20.01
N PHE C 140 -42.75 18.84 21.24
CA PHE C 140 -42.55 19.95 22.15
C PHE C 140 -42.80 19.47 23.58
N LEU C 141 -42.02 20.01 24.52
CA LEU C 141 -42.21 19.73 25.93
C LEU C 141 -43.07 20.83 26.54
N GLY C 142 -43.23 20.80 27.87
CA GLY C 142 -44.02 21.81 28.53
C GLY C 142 -44.30 21.53 29.99
N VAL C 143 -44.44 22.60 30.78
CA VAL C 143 -44.77 22.50 32.19
C VAL C 143 -46.08 23.25 32.43
N TYR C 144 -46.70 22.99 33.58
CA TYR C 144 -47.96 23.60 33.95
C TYR C 144 -47.79 24.38 35.24
N TYR C 145 -48.47 25.52 35.33
CA TYR C 145 -48.50 26.34 36.55
C TYR C 145 -49.81 26.03 37.27
N HIS C 146 -49.81 24.93 38.01
CA HIS C 146 -51.02 24.47 38.69
C HIS C 146 -51.41 25.43 39.79
N LYS C 147 -52.69 25.74 39.88
CA LYS C 147 -53.22 26.60 40.93
C LYS C 147 -53.51 25.85 42.22
N ASN C 148 -53.50 24.51 42.19
CA ASN C 148 -53.75 23.72 43.37
C ASN C 148 -52.48 23.32 44.12
N ASN C 149 -51.31 23.44 43.47
CA ASN C 149 -50.05 23.10 44.10
C ASN C 149 -49.13 24.30 44.31
N LYS C 150 -49.27 25.36 43.50
CA LYS C 150 -48.40 26.53 43.56
C LYS C 150 -46.93 26.12 43.38
N SER C 151 -46.68 25.41 42.29
CA SER C 151 -45.34 24.92 41.99
C SER C 151 -45.25 24.63 40.49
N TRP C 152 -44.03 24.74 39.96
CA TRP C 152 -43.78 24.52 38.53
C TRP C 152 -43.29 23.09 38.33
N MET C 153 -44.25 22.18 38.20
CA MET C 153 -43.95 20.77 37.98
C MET C 153 -44.13 20.41 36.50
N GLU C 154 -43.38 19.40 36.07
CA GLU C 154 -43.45 18.92 34.71
C GLU C 154 -44.59 17.92 34.56
N SER C 155 -45.44 18.11 33.56
CA SER C 155 -46.57 17.21 33.34
C SER C 155 -46.79 16.88 31.87
N GLU C 156 -45.91 17.33 30.98
CA GLU C 156 -46.06 17.07 29.54
C GLU C 156 -44.78 16.42 29.03
N PHE C 157 -44.92 15.23 28.44
CA PHE C 157 -43.81 14.50 27.84
C PHE C 157 -44.22 13.92 26.50
N ARG C 158 -44.96 14.70 25.71
CA ARG C 158 -45.44 14.26 24.40
C ARG C 158 -44.39 14.57 23.36
N VAL C 159 -43.43 13.67 23.20
CA VAL C 159 -42.36 13.83 22.22
C VAL C 159 -42.44 12.68 21.22
N TYR C 160 -42.33 11.45 21.70
CA TYR C 160 -42.41 10.27 20.87
C TYR C 160 -43.77 9.60 21.03
N SER C 161 -44.23 8.96 19.94
CA SER C 161 -45.51 8.27 19.92
C SER C 161 -45.36 6.77 19.82
N SER C 162 -44.64 6.27 18.82
CA SER C 162 -44.42 4.85 18.63
C SER C 162 -43.04 4.49 19.18
N ALA C 163 -42.99 4.28 20.49
CA ALA C 163 -41.73 3.94 21.16
C ALA C 163 -41.29 2.54 20.77
N ASN C 164 -40.08 2.42 20.23
CA ASN C 164 -39.51 1.15 19.80
C ASN C 164 -38.43 0.73 20.80
N ASN C 165 -37.75 -0.36 20.48
CA ASN C 165 -36.66 -0.85 21.32
C ASN C 165 -35.52 0.15 21.36
N CYS C 166 -34.67 0.05 22.38
CA CYS C 166 -33.59 1.00 22.56
C CYS C 166 -32.25 0.28 22.58
N THR C 167 -31.17 1.04 22.39
CA THR C 167 -29.83 0.46 22.29
C THR C 167 -28.86 0.91 23.38
N PHE C 168 -28.97 2.13 23.90
CA PHE C 168 -28.00 2.62 24.87
C PHE C 168 -28.72 3.45 25.92
N GLU C 169 -28.33 3.28 27.18
CA GLU C 169 -28.91 4.00 28.30
C GLU C 169 -27.79 4.66 29.10
N TYR C 170 -27.90 5.97 29.29
CA TYR C 170 -26.93 6.75 30.04
C TYR C 170 -27.65 7.69 31.01
N VAL C 171 -28.59 7.14 31.77
CA VAL C 171 -29.34 7.94 32.74
C VAL C 171 -28.40 8.41 33.84
N SER C 172 -28.30 9.72 34.01
CA SER C 172 -27.41 10.30 35.01
C SER C 172 -28.09 10.30 36.37
N GLN C 173 -27.49 10.99 37.33
CA GLN C 173 -28.06 11.04 38.68
C GLN C 173 -29.35 11.87 38.66
N PRO C 174 -30.46 11.34 39.17
CA PRO C 174 -31.71 12.10 39.17
C PRO C 174 -31.66 13.25 40.16
N PHE C 175 -32.10 14.43 39.70
CA PHE C 175 -32.18 15.60 40.57
C PHE C 175 -33.52 16.30 40.38
N LEU C 176 -33.68 17.47 41.00
CA LEU C 176 -34.92 18.23 40.93
C LEU C 176 -34.60 19.69 40.74
N MET C 177 -35.10 20.28 39.66
CA MET C 177 -34.91 21.70 39.38
C MET C 177 -36.08 22.50 39.95
N ASP C 178 -36.16 23.77 39.59
CA ASP C 178 -37.22 24.67 40.06
C ASP C 178 -38.21 25.04 38.96
N LEU C 179 -37.72 25.20 37.72
CA LEU C 179 -38.57 25.52 36.57
C LEU C 179 -39.35 26.82 36.77
N GLU C 180 -38.76 27.76 37.48
CA GLU C 180 -39.40 29.05 37.74
C GLU C 180 -39.29 29.92 36.48
N GLY C 181 -40.42 30.15 35.82
CA GLY C 181 -40.44 30.95 34.61
C GLY C 181 -40.54 32.43 34.88
N LYS C 182 -39.65 32.94 35.74
CA LYS C 182 -39.66 34.36 36.08
C LYS C 182 -39.04 35.18 34.96
N GLN C 183 -39.43 36.46 34.91
CA GLN C 183 -38.92 37.40 33.93
C GLN C 183 -37.83 38.25 34.55
N GLY C 184 -37.16 39.04 33.71
CA GLY C 184 -36.11 39.92 34.18
C GLY C 184 -34.86 39.88 33.32
N ASN C 185 -33.71 39.68 33.97
CA ASN C 185 -32.42 39.68 33.31
C ASN C 185 -31.87 38.27 33.21
N PHE C 186 -31.20 37.98 32.10
CA PHE C 186 -30.56 36.69 31.91
C PHE C 186 -29.40 36.54 32.87
N LYS C 187 -29.26 35.33 33.45
CA LYS C 187 -28.21 35.10 34.44
C LYS C 187 -27.55 33.73 34.28
N ASN C 188 -27.71 33.07 33.14
CA ASN C 188 -27.11 31.76 32.94
C ASN C 188 -26.91 31.51 31.44
N LEU C 189 -25.82 30.83 31.11
CA LEU C 189 -25.50 30.49 29.72
C LEU C 189 -24.72 29.18 29.72
N ARG C 190 -25.25 28.18 29.04
CA ARG C 190 -24.60 26.88 28.90
C ARG C 190 -24.40 26.58 27.41
N GLU C 191 -23.13 26.45 27.01
CA GLU C 191 -22.78 26.20 25.62
C GLU C 191 -22.46 24.72 25.42
N PHE C 192 -22.82 24.21 24.25
CA PHE C 192 -22.61 22.80 23.93
C PHE C 192 -22.20 22.67 22.47
N VAL C 193 -21.43 21.63 22.18
CA VAL C 193 -20.97 21.31 20.83
C VAL C 193 -21.34 19.86 20.56
N PHE C 194 -22.35 19.64 19.73
CA PHE C 194 -22.84 18.30 19.41
C PHE C 194 -22.19 17.77 18.14
N LYS C 195 -20.86 17.71 18.14
CA LYS C 195 -20.10 17.22 17.01
C LYS C 195 -19.89 15.71 17.13
N ASN C 196 -19.67 15.07 15.99
CA ASN C 196 -19.51 13.62 15.92
C ASN C 196 -18.56 13.28 14.78
N ILE C 197 -17.40 12.74 15.10
CA ILE C 197 -16.40 12.31 14.12
C ILE C 197 -15.92 10.93 14.50
N ASP C 198 -15.76 10.07 13.48
CA ASP C 198 -15.28 8.69 13.66
C ASP C 198 -16.21 7.91 14.60
N GLY C 199 -17.50 8.20 14.52
CA GLY C 199 -18.47 7.51 15.35
C GLY C 199 -18.33 7.78 16.84
N TYR C 200 -17.93 9.00 17.20
CA TYR C 200 -17.78 9.38 18.60
C TYR C 200 -18.55 10.68 18.82
N PHE C 201 -19.69 10.58 19.50
CA PHE C 201 -20.54 11.74 19.78
C PHE C 201 -19.93 12.53 20.93
N LYS C 202 -18.90 13.32 20.60
CA LYS C 202 -18.20 14.12 21.60
C LYS C 202 -19.09 15.28 22.02
N ILE C 203 -19.34 15.39 23.33
CA ILE C 203 -20.21 16.43 23.88
C ILE C 203 -19.39 17.32 24.80
N TYR C 204 -19.50 18.63 24.61
CA TYR C 204 -18.80 19.61 25.41
C TYR C 204 -19.82 20.47 26.15
N SER C 205 -19.39 21.04 27.27
CA SER C 205 -20.29 21.83 28.10
C SER C 205 -19.49 22.85 28.90
N LYS C 206 -20.11 24.00 29.15
CA LYS C 206 -19.50 25.05 29.96
C LYS C 206 -20.60 25.99 30.42
N HIS C 207 -20.69 26.19 31.74
CA HIS C 207 -21.71 27.05 32.34
C HIS C 207 -21.06 28.36 32.77
N THR C 208 -21.40 29.44 32.09
CA THR C 208 -20.84 30.76 32.39
C THR C 208 -21.96 31.76 32.65
N PRO C 209 -21.84 32.56 33.70
CA PRO C 209 -22.88 33.58 33.97
C PRO C 209 -22.81 34.72 32.97
N ILE C 210 -23.97 35.29 32.69
CA ILE C 210 -24.09 36.39 31.73
C ILE C 210 -25.02 37.44 32.30
N ASN C 211 -24.91 38.66 31.79
CA ASN C 211 -25.79 39.77 32.15
C ASN C 211 -26.02 40.59 30.88
N LEU C 212 -27.12 40.30 30.19
CA LEU C 212 -27.40 40.92 28.91
C LEU C 212 -28.89 40.88 28.63
N VAL C 213 -29.30 41.55 27.55
CA VAL C 213 -30.72 41.59 27.18
C VAL C 213 -30.94 40.90 25.85
N ARG C 214 -30.36 41.45 24.77
CA ARG C 214 -30.59 40.93 23.43
C ARG C 214 -29.31 40.96 22.61
N ASP C 215 -28.20 40.53 23.20
CA ASP C 215 -26.93 40.50 22.49
C ASP C 215 -26.09 39.33 22.97
N LEU C 216 -25.28 38.78 22.07
CA LEU C 216 -24.40 37.67 22.42
C LEU C 216 -23.25 38.18 23.28
N PRO C 217 -22.90 37.48 24.36
CA PRO C 217 -21.82 37.96 25.23
C PRO C 217 -20.47 37.81 24.54
N GLN C 218 -19.68 38.89 24.60
CA GLN C 218 -18.36 38.91 23.99
C GLN C 218 -17.31 38.43 25.00
N GLY C 219 -16.24 37.85 24.47
CA GLY C 219 -15.16 37.33 25.27
C GLY C 219 -14.81 35.91 24.87
N PHE C 220 -13.83 35.36 25.59
CA PHE C 220 -13.34 34.02 25.33
C PHE C 220 -13.72 33.10 26.49
N SER C 221 -14.14 31.89 26.15
CA SER C 221 -14.51 30.89 27.15
C SER C 221 -14.25 29.51 26.59
N ALA C 222 -13.64 28.65 27.41
CA ALA C 222 -13.34 27.28 27.00
C ALA C 222 -14.61 26.43 27.03
N LEU C 223 -14.46 25.19 26.56
CA LEU C 223 -15.57 24.23 26.52
C LEU C 223 -15.04 22.87 26.96
N GLU C 224 -15.34 22.49 28.19
CA GLU C 224 -14.86 21.21 28.71
C GLU C 224 -15.75 20.08 28.19
N PRO C 225 -15.16 18.94 27.83
CA PRO C 225 -15.96 17.81 27.34
C PRO C 225 -16.86 17.24 28.43
N LEU C 226 -18.11 16.94 28.05
CA LEU C 226 -19.07 16.37 28.98
C LEU C 226 -19.05 14.84 28.93
N VAL C 227 -19.26 14.27 27.75
CA VAL C 227 -19.28 12.83 27.58
C VAL C 227 -18.87 12.51 26.15
N ASP C 228 -18.30 11.31 25.96
CA ASP C 228 -17.85 10.84 24.66
C ASP C 228 -18.60 9.55 24.33
N LEU C 229 -19.74 9.70 23.66
CA LEU C 229 -20.57 8.55 23.33
C LEU C 229 -19.92 7.75 22.19
N PRO C 230 -19.69 6.45 22.36
CA PRO C 230 -19.07 5.65 21.30
C PRO C 230 -20.03 5.19 20.21
N ILE C 231 -21.26 5.72 20.17
CA ILE C 231 -22.21 5.31 19.14
C ILE C 231 -21.85 5.98 17.82
N GLY C 232 -21.93 5.22 16.73
CA GLY C 232 -21.50 5.70 15.43
C GLY C 232 -22.61 5.87 14.41
N ILE C 233 -23.74 6.44 14.84
CA ILE C 233 -24.88 6.64 13.96
C ILE C 233 -24.65 7.86 13.07
N ASN C 234 -25.46 8.00 12.04
CA ASN C 234 -25.36 9.12 11.09
C ASN C 234 -26.19 10.28 11.60
N ILE C 235 -25.57 11.45 11.71
CA ILE C 235 -26.24 12.67 12.14
C ILE C 235 -26.13 13.68 11.00
N THR C 236 -27.27 13.95 10.35
CA THR C 236 -27.31 14.90 9.25
C THR C 236 -28.38 15.98 9.45
N ARG C 237 -29.08 15.97 10.58
CA ARG C 237 -30.13 16.95 10.85
C ARG C 237 -29.95 17.49 12.26
N PHE C 238 -30.82 18.41 12.64
CA PHE C 238 -30.75 19.04 13.96
C PHE C 238 -32.13 19.54 14.34
N GLN C 239 -32.59 19.17 15.53
CA GLN C 239 -33.90 19.58 16.03
C GLN C 239 -33.80 19.89 17.52
N THR C 240 -34.44 20.97 17.94
CA THR C 240 -34.44 21.39 19.33
C THR C 240 -35.79 21.11 19.98
N LEU C 241 -35.76 20.92 21.30
CA LEU C 241 -36.95 20.67 22.09
C LEU C 241 -37.04 21.73 23.18
N LEU C 242 -37.98 22.65 23.02
CA LEU C 242 -38.15 23.77 23.94
C LEU C 242 -39.30 23.46 24.90
N ALA C 243 -39.45 24.30 25.92
CA ALA C 243 -40.41 24.08 27.01
C ALA C 243 -41.54 25.09 26.93
N LEU C 244 -42.77 24.63 27.08
CA LEU C 244 -43.96 25.47 27.06
C LEU C 244 -44.45 25.69 28.48
N HIS C 245 -44.22 26.89 29.02
CA HIS C 245 -44.66 27.22 30.37
C HIS C 245 -46.13 27.65 30.31
N ARG C 246 -47.00 26.66 30.10
CA ARG C 246 -48.43 26.93 30.03
C ARG C 246 -49.00 27.23 31.41
N SER C 247 -50.07 28.02 31.42
CA SER C 247 -50.70 28.43 32.67
C SER C 247 -52.21 28.38 32.50
N TYR C 248 -52.91 28.47 33.63
CA TYR C 248 -54.37 28.44 33.63
C TYR C 248 -54.97 29.84 33.54
N LEU C 249 -54.25 30.88 33.96
CA LEU C 249 -54.76 32.23 33.86
C LEU C 249 -54.87 32.68 32.41
N THR C 250 -53.97 32.22 31.55
CA THR C 250 -54.03 32.58 30.14
C THR C 250 -55.05 31.71 29.41
N PRO C 251 -55.94 32.29 28.62
CA PRO C 251 -56.94 31.47 27.92
C PRO C 251 -56.35 30.72 26.74
N GLY C 252 -57.19 29.98 26.01
CA GLY C 252 -56.77 29.21 24.87
C GLY C 252 -57.19 27.76 25.01
N ASP C 253 -56.76 26.94 24.06
CA ASP C 253 -57.09 25.53 24.06
C ASP C 253 -55.82 24.69 23.96
N SER C 254 -55.98 23.37 23.75
CA SER C 254 -54.83 22.49 23.61
C SER C 254 -54.01 22.76 22.36
N SER C 255 -54.49 23.59 21.44
CA SER C 255 -53.77 23.90 20.22
C SER C 255 -53.25 25.33 20.17
N SER C 256 -53.75 26.23 21.02
CA SER C 256 -53.30 27.61 21.01
C SER C 256 -53.11 28.20 22.40
N GLY C 257 -53.38 27.46 23.47
CA GLY C 257 -53.26 28.00 24.81
C GLY C 257 -51.92 27.75 25.45
N TRP C 258 -50.84 27.86 24.66
CA TRP C 258 -49.49 27.66 25.14
C TRP C 258 -48.81 29.02 25.31
N THR C 259 -48.19 29.23 26.46
CA THR C 259 -47.49 30.48 26.77
C THR C 259 -45.99 30.21 26.78
N ALA C 260 -45.31 30.65 25.72
CA ALA C 260 -43.87 30.46 25.64
C ALA C 260 -43.15 31.42 26.58
N GLY C 261 -41.92 31.05 26.93
CA GLY C 261 -41.11 31.86 27.83
C GLY C 261 -40.33 32.94 27.11
N ALA C 262 -39.04 33.04 27.42
CA ALA C 262 -38.18 34.05 26.81
C ALA C 262 -36.76 33.47 26.75
N ALA C 263 -36.37 32.98 25.58
CA ALA C 263 -35.05 32.40 25.41
C ALA C 263 -34.69 32.44 23.93
N ALA C 264 -33.44 32.12 23.63
CA ALA C 264 -32.94 32.10 22.26
C ALA C 264 -31.64 31.33 22.22
N TYR C 265 -31.47 30.51 21.19
CA TYR C 265 -30.28 29.71 21.00
C TYR C 265 -29.53 30.17 19.75
N TYR C 266 -28.24 30.42 19.88
CA TYR C 266 -27.41 30.91 18.79
C TYR C 266 -26.66 29.72 18.18
N VAL C 267 -27.36 29.00 17.31
CA VAL C 267 -26.74 27.88 16.62
C VAL C 267 -25.81 28.40 15.52
N GLY C 268 -24.79 27.62 15.21
CA GLY C 268 -23.82 28.01 14.19
C GLY C 268 -23.06 26.85 13.60
N TYR C 269 -23.01 26.77 12.28
CA TYR C 269 -22.30 25.69 11.61
C TYR C 269 -20.80 25.93 11.64
N LEU C 270 -20.04 24.85 11.67
CA LEU C 270 -18.59 24.88 11.71
C LEU C 270 -18.02 24.27 10.44
N GLN C 271 -16.69 24.33 10.33
CA GLN C 271 -15.98 23.84 9.15
C GLN C 271 -14.53 23.59 9.56
N PRO C 272 -13.82 22.73 8.81
CA PRO C 272 -12.40 22.50 9.13
C PRO C 272 -11.59 23.79 9.05
N ARG C 273 -10.94 24.12 10.17
CA ARG C 273 -10.20 25.37 10.27
C ARG C 273 -9.11 25.20 11.32
N THR C 274 -7.88 25.53 10.94
CA THR C 274 -6.76 25.46 11.87
C THR C 274 -6.84 26.61 12.88
N PHE C 275 -6.44 26.32 14.11
CA PHE C 275 -6.52 27.30 15.19
C PHE C 275 -5.23 27.25 16.00
N LEU C 276 -4.87 28.41 16.56
CA LEU C 276 -3.66 28.56 17.37
C LEU C 276 -4.10 28.73 18.83
N LEU C 277 -4.15 27.60 19.55
CA LEU C 277 -4.54 27.62 20.95
C LEU C 277 -3.36 28.05 21.82
N LYS C 278 -3.67 28.80 22.87
CA LYS C 278 -2.66 29.30 23.81
C LYS C 278 -3.04 28.82 25.21
N TYR C 279 -2.41 27.72 25.64
CA TYR C 279 -2.69 27.17 26.95
C TYR C 279 -2.07 28.04 28.04
N ASN C 280 -2.78 28.18 29.16
CA ASN C 280 -2.29 28.98 30.28
C ASN C 280 -1.35 28.15 31.14
N GLU C 281 -0.80 28.79 32.17
CA GLU C 281 0.11 28.09 33.07
C GLU C 281 -0.63 27.05 33.92
N ASN C 282 -1.94 27.24 34.11
CA ASN C 282 -2.74 26.28 34.87
C ASN C 282 -3.27 25.15 34.01
N GLY C 283 -3.29 25.30 32.71
CA GLY C 283 -3.77 24.28 31.80
C GLY C 283 -5.05 24.60 31.05
N THR C 284 -5.45 25.86 30.98
CA THR C 284 -6.68 26.26 30.30
C THR C 284 -6.35 27.14 29.10
N ILE C 285 -7.30 27.21 28.18
CA ILE C 285 -7.14 28.01 26.97
C ILE C 285 -7.65 29.42 27.26
N THR C 286 -6.72 30.37 27.37
CA THR C 286 -7.09 31.75 27.64
C THR C 286 -7.48 32.49 26.37
N ASP C 287 -6.62 32.43 25.36
CA ASP C 287 -6.86 33.09 24.08
C ASP C 287 -6.56 32.14 22.94
N ALA C 288 -6.99 32.50 21.74
CA ALA C 288 -6.77 31.69 20.56
C ALA C 288 -6.79 32.57 19.32
N VAL C 289 -6.18 32.08 18.25
CA VAL C 289 -6.10 32.79 16.98
C VAL C 289 -6.87 31.99 15.93
N ASP C 290 -7.62 32.71 15.09
CA ASP C 290 -8.42 32.04 14.06
C ASP C 290 -7.54 31.42 12.98
N CYS C 291 -6.36 31.98 12.73
CA CYS C 291 -5.43 31.51 11.69
C CYS C 291 -6.04 31.65 10.29
N ALA C 292 -7.22 32.25 10.20
CA ALA C 292 -7.84 32.52 8.92
C ALA C 292 -8.49 33.90 8.85
N LEU C 293 -8.36 34.71 9.90
CA LEU C 293 -8.88 36.07 9.93
C LEU C 293 -7.90 36.98 9.21
N ASP C 294 -8.01 38.30 9.40
CA ASP C 294 -7.14 39.31 8.81
C ASP C 294 -5.67 38.92 8.91
N PRO C 295 -4.82 39.36 7.97
CA PRO C 295 -3.44 38.85 7.89
C PRO C 295 -2.64 38.92 9.17
N LEU C 296 -3.05 39.78 10.12
CA LEU C 296 -2.39 39.81 11.42
C LEU C 296 -2.56 38.48 12.15
N SER C 297 -3.76 37.90 12.07
CA SER C 297 -4.00 36.60 12.71
C SER C 297 -3.18 35.51 12.03
N GLU C 298 -3.10 35.53 10.70
CA GLU C 298 -2.28 34.55 10.00
C GLU C 298 -0.81 34.72 10.35
N THR C 299 -0.35 35.95 10.56
CA THR C 299 1.02 36.19 10.96
C THR C 299 1.29 35.62 12.35
N LYS C 300 0.40 35.92 13.31
CA LYS C 300 0.55 35.37 14.65
C LYS C 300 0.46 33.85 14.64
N CYS C 301 -0.27 33.28 13.68
CA CYS C 301 -0.39 31.83 13.60
C CYS C 301 0.87 31.19 13.05
N THR C 302 1.42 31.75 11.97
CA THR C 302 2.62 31.15 11.37
C THR C 302 3.85 31.44 12.22
N LEU C 303 3.82 32.49 13.04
CA LEU C 303 4.94 32.79 13.91
C LEU C 303 4.86 32.06 15.24
N LYS C 304 3.72 31.44 15.55
CA LYS C 304 3.53 30.71 16.81
C LYS C 304 3.78 31.61 18.02
N SER C 305 3.42 32.89 17.88
CA SER C 305 3.61 33.86 18.96
C SER C 305 2.55 34.94 18.82
N PHE C 306 2.01 35.39 19.96
CA PHE C 306 1.02 36.45 19.96
C PHE C 306 1.63 37.83 19.75
N THR C 307 2.92 37.99 20.01
CA THR C 307 3.61 39.26 19.82
C THR C 307 4.48 39.18 18.57
N VAL C 308 4.16 40.02 17.58
CA VAL C 308 4.86 40.05 16.31
C VAL C 308 5.57 41.39 16.19
N GLU C 309 6.86 41.35 15.87
CA GLU C 309 7.65 42.56 15.70
C GLU C 309 7.52 43.07 14.26
N LYS C 310 8.23 44.16 13.96
CA LYS C 310 8.19 44.74 12.63
C LYS C 310 8.96 43.85 11.65
N GLY C 311 8.77 44.13 10.36
CA GLY C 311 9.44 43.42 9.30
C GLY C 311 8.46 42.66 8.42
N ILE C 312 9.04 41.99 7.41
CA ILE C 312 8.27 41.20 6.46
C ILE C 312 8.12 39.79 7.01
N TYR C 313 6.98 39.15 6.71
CA TYR C 313 6.69 37.80 7.19
C TYR C 313 5.86 37.09 6.13
N GLN C 314 6.37 35.98 5.62
CA GLN C 314 5.62 35.18 4.67
C GLN C 314 4.73 34.18 5.41
N THR C 315 3.46 34.11 5.00
CA THR C 315 2.49 33.25 5.67
C THR C 315 2.08 32.06 4.81
N SER C 316 1.62 32.29 3.59
CA SER C 316 1.19 31.20 2.72
C SER C 316 1.50 31.49 1.27
N ASN C 317 0.95 30.68 0.36
CA ASN C 317 1.19 30.81 -1.08
C ASN C 317 -0.15 31.05 -1.77
N PHE C 318 -0.32 32.26 -2.31
CA PHE C 318 -1.53 32.56 -3.07
C PHE C 318 -1.43 31.96 -4.48
N ARG C 319 -2.53 31.38 -4.94
CA ARG C 319 -2.56 30.74 -6.25
C ARG C 319 -3.98 30.80 -6.79
N VAL C 320 -4.13 31.32 -8.01
CA VAL C 320 -5.44 31.42 -8.63
C VAL C 320 -5.91 30.02 -9.03
N GLN C 321 -7.12 29.66 -8.62
CA GLN C 321 -7.66 28.34 -8.94
C GLN C 321 -8.52 28.41 -10.20
N PRO C 322 -8.50 27.35 -11.01
CA PRO C 322 -9.33 27.34 -12.22
C PRO C 322 -10.81 27.31 -11.88
N THR C 323 -11.63 27.56 -12.91
CA THR C 323 -13.08 27.59 -12.76
C THR C 323 -13.77 26.45 -13.50
N GLU C 324 -13.50 26.30 -14.79
CA GLU C 324 -14.13 25.26 -15.60
C GLU C 324 -13.05 24.54 -16.41
N SER C 325 -13.47 23.50 -17.13
CA SER C 325 -12.57 22.72 -17.97
C SER C 325 -12.93 22.92 -19.43
N ILE C 326 -11.93 22.67 -20.29
CA ILE C 326 -12.08 22.82 -21.73
C ILE C 326 -11.68 21.51 -22.39
N VAL C 327 -12.59 20.91 -23.14
CA VAL C 327 -12.34 19.66 -23.84
C VAL C 327 -12.12 19.97 -25.32
N ARG C 328 -10.90 19.73 -25.79
CA ARG C 328 -10.53 20.01 -27.17
C ARG C 328 -10.18 18.70 -27.87
N PHE C 329 -10.88 18.41 -28.97
CA PHE C 329 -10.67 17.19 -29.74
C PHE C 329 -10.93 17.49 -31.20
N PRO C 330 -10.31 16.76 -32.13
CA PRO C 330 -10.53 17.01 -33.55
C PRO C 330 -11.97 16.73 -33.96
N ASN C 331 -12.29 17.12 -35.19
CA ASN C 331 -13.63 16.95 -35.72
C ASN C 331 -13.97 15.47 -35.91
N ILE C 332 -15.26 15.19 -36.03
CA ILE C 332 -15.75 13.84 -36.26
C ILE C 332 -15.96 13.69 -37.77
N THR C 333 -14.96 13.11 -38.43
CA THR C 333 -14.99 12.93 -39.88
C THR C 333 -15.08 11.46 -40.30
N ASN C 334 -14.23 10.60 -39.73
CA ASN C 334 -14.24 9.19 -40.08
C ASN C 334 -15.35 8.45 -39.33
N LEU C 335 -16.58 8.79 -39.69
CA LEU C 335 -17.75 8.19 -39.05
C LEU C 335 -17.94 6.77 -39.54
N CYS C 336 -18.15 5.85 -38.59
CA CYS C 336 -18.31 4.44 -38.92
C CYS C 336 -19.61 4.24 -39.69
N PRO C 337 -19.58 3.57 -40.85
CA PRO C 337 -20.82 3.40 -41.63
C PRO C 337 -21.81 2.47 -40.96
N PHE C 338 -22.37 2.89 -39.82
CA PHE C 338 -23.37 2.10 -39.13
C PHE C 338 -24.74 2.21 -39.78
N GLY C 339 -24.98 3.26 -40.57
CA GLY C 339 -26.29 3.41 -41.19
C GLY C 339 -26.60 2.33 -42.20
N GLU C 340 -25.60 1.93 -42.98
CA GLU C 340 -25.78 0.87 -43.97
C GLU C 340 -25.79 -0.52 -43.35
N VAL C 341 -25.44 -0.65 -42.07
CA VAL C 341 -25.47 -1.95 -41.41
C VAL C 341 -26.86 -2.25 -40.87
N PHE C 342 -27.37 -1.38 -39.99
CA PHE C 342 -28.70 -1.59 -39.42
C PHE C 342 -29.79 -1.29 -40.43
N ASN C 343 -29.71 -0.14 -41.12
CA ASN C 343 -30.69 0.24 -42.11
C ASN C 343 -30.21 -0.19 -43.50
N ALA C 344 -30.15 -1.50 -43.68
CA ALA C 344 -29.72 -2.08 -44.95
C ALA C 344 -30.92 -2.44 -45.82
N THR C 345 -30.64 -2.65 -47.10
CA THR C 345 -31.71 -3.00 -48.05
C THR C 345 -31.91 -4.50 -48.13
N ARG C 346 -30.85 -5.27 -47.92
CA ARG C 346 -30.92 -6.73 -47.96
C ARG C 346 -30.08 -7.31 -46.83
N PHE C 347 -30.58 -8.38 -46.22
CA PHE C 347 -29.91 -9.05 -45.12
C PHE C 347 -29.61 -10.50 -45.50
N ALA C 348 -29.10 -11.26 -44.53
CA ALA C 348 -28.74 -12.66 -44.72
C ALA C 348 -29.57 -13.52 -43.78
N SER C 349 -29.31 -14.83 -43.82
CA SER C 349 -29.99 -15.80 -42.99
C SER C 349 -29.00 -16.44 -42.02
N VAL C 350 -29.49 -17.42 -41.25
CA VAL C 350 -28.66 -18.05 -40.23
C VAL C 350 -27.75 -19.11 -40.85
N TYR C 351 -28.10 -19.65 -42.02
CA TYR C 351 -27.25 -20.65 -42.64
C TYR C 351 -26.02 -20.02 -43.27
N ALA C 352 -26.10 -18.74 -43.66
CA ALA C 352 -24.96 -18.02 -44.22
C ALA C 352 -25.11 -16.56 -43.80
N TRP C 353 -24.46 -16.20 -42.70
CA TRP C 353 -24.54 -14.86 -42.14
C TRP C 353 -23.36 -14.02 -42.63
N ASN C 354 -23.67 -12.85 -43.18
CA ASN C 354 -22.64 -11.96 -43.67
C ASN C 354 -21.99 -11.19 -42.52
N ARG C 355 -20.68 -11.06 -42.57
CA ARG C 355 -19.90 -10.38 -41.53
C ARG C 355 -19.10 -9.25 -42.16
N LYS C 356 -19.27 -8.05 -41.61
CA LYS C 356 -18.55 -6.86 -42.07
C LYS C 356 -17.38 -6.56 -41.15
N ARG C 357 -16.37 -5.91 -41.71
CA ARG C 357 -15.16 -5.54 -40.98
C ARG C 357 -15.08 -4.01 -40.94
N ILE C 358 -15.68 -3.43 -39.90
CA ILE C 358 -15.68 -1.99 -39.70
C ILE C 358 -14.47 -1.63 -38.84
N SER C 359 -13.49 -0.98 -39.45
CA SER C 359 -12.26 -0.64 -38.74
C SER C 359 -11.80 0.76 -39.14
N ASN C 360 -10.99 1.36 -38.26
CA ASN C 360 -10.42 2.68 -38.46
C ASN C 360 -11.49 3.73 -38.69
N CYS C 361 -12.34 3.91 -37.68
CA CYS C 361 -13.40 4.90 -37.71
C CYS C 361 -13.89 5.15 -36.30
N VAL C 362 -14.32 6.38 -36.03
CA VAL C 362 -14.87 6.72 -34.73
C VAL C 362 -16.30 6.21 -34.65
N ALA C 363 -16.61 5.49 -33.57
CA ALA C 363 -17.92 4.87 -33.44
C ALA C 363 -18.97 5.92 -33.09
N ASP C 364 -20.24 5.51 -33.17
CA ASP C 364 -21.37 6.37 -32.92
C ASP C 364 -22.38 5.66 -32.01
N TYR C 365 -21.86 5.09 -30.92
CA TYR C 365 -22.73 4.36 -29.98
C TYR C 365 -23.78 5.25 -29.35
N SER C 366 -23.60 6.57 -29.39
CA SER C 366 -24.60 7.47 -28.82
C SER C 366 -25.92 7.39 -29.57
N VAL C 367 -25.88 7.13 -30.88
CA VAL C 367 -27.11 7.02 -31.66
C VAL C 367 -27.80 5.70 -31.34
N LEU C 368 -27.04 4.61 -31.26
CA LEU C 368 -27.63 3.31 -30.97
C LEU C 368 -28.10 3.21 -29.52
N TYR C 369 -27.58 4.04 -28.62
CA TYR C 369 -27.98 3.99 -27.23
C TYR C 369 -29.40 4.52 -27.04
N ASN C 370 -29.64 5.75 -27.46
CA ASN C 370 -30.95 6.39 -27.38
C ASN C 370 -31.48 6.56 -28.79
N SER C 371 -32.28 5.59 -29.23
CA SER C 371 -32.87 5.61 -30.57
C SER C 371 -34.38 5.43 -30.59
N ALA C 372 -34.98 4.79 -29.59
CA ALA C 372 -36.42 4.58 -29.49
C ALA C 372 -36.97 3.82 -30.71
N SER C 373 -36.13 3.03 -31.37
CA SER C 373 -36.54 2.24 -32.53
C SER C 373 -36.47 0.74 -32.28
N PHE C 374 -35.37 0.25 -31.74
CA PHE C 374 -35.23 -1.17 -31.47
C PHE C 374 -36.08 -1.58 -30.27
N SER C 375 -36.30 -2.89 -30.14
CA SER C 375 -37.14 -3.40 -29.07
C SER C 375 -36.45 -3.27 -27.72
N THR C 376 -35.29 -3.92 -27.57
CA THR C 376 -34.56 -3.90 -26.32
C THR C 376 -33.07 -3.96 -26.63
N PHE C 377 -32.28 -3.53 -25.65
CA PHE C 377 -30.82 -3.62 -25.78
C PHE C 377 -30.34 -4.94 -25.19
N LYS C 378 -30.42 -5.09 -23.86
CA LYS C 378 -30.27 -6.37 -23.15
C LYS C 378 -29.10 -7.19 -23.71
N CYS C 379 -27.95 -6.54 -23.81
CA CYS C 379 -26.80 -7.18 -24.46
C CYS C 379 -25.80 -7.63 -23.41
N TYR C 380 -25.27 -8.84 -23.59
CA TYR C 380 -24.68 -9.62 -22.52
C TYR C 380 -23.20 -9.33 -22.25
N GLY C 381 -22.64 -8.27 -22.84
CA GLY C 381 -21.21 -8.05 -22.73
C GLY C 381 -20.82 -7.08 -21.62
N VAL C 382 -20.52 -5.84 -22.00
CA VAL C 382 -20.17 -4.82 -21.03
C VAL C 382 -21.37 -3.91 -20.82
N SER C 383 -21.25 -3.01 -19.85
CA SER C 383 -22.36 -2.12 -19.52
C SER C 383 -22.66 -1.21 -20.70
N PRO C 384 -23.93 -0.98 -21.03
CA PRO C 384 -24.26 -0.09 -22.15
C PRO C 384 -23.86 1.35 -21.91
N THR C 385 -23.85 1.79 -20.66
CA THR C 385 -23.49 3.18 -20.35
C THR C 385 -21.99 3.37 -20.44
N LYS C 386 -21.59 4.58 -20.82
CA LYS C 386 -20.18 4.97 -20.96
C LYS C 386 -19.44 4.07 -21.95
N LEU C 387 -20.13 3.65 -23.01
CA LEU C 387 -19.49 2.81 -24.02
C LEU C 387 -18.49 3.61 -24.86
N ASN C 388 -18.64 4.95 -24.89
CA ASN C 388 -17.72 5.77 -25.67
C ASN C 388 -16.35 5.87 -24.99
N ASP C 389 -16.26 5.52 -23.71
CA ASP C 389 -14.98 5.60 -23.01
C ASP C 389 -14.05 4.47 -23.42
N LEU C 390 -14.56 3.24 -23.45
CA LEU C 390 -13.74 2.11 -23.86
C LEU C 390 -13.46 2.16 -25.35
N CYS C 391 -12.32 1.57 -25.74
CA CYS C 391 -11.90 1.57 -27.13
C CYS C 391 -11.43 0.18 -27.52
N PHE C 392 -11.84 -0.26 -28.70
CA PHE C 392 -11.54 -1.59 -29.20
C PHE C 392 -10.74 -1.49 -30.49
N THR C 393 -10.26 -2.65 -30.94
CA THR C 393 -9.48 -2.70 -32.18
C THR C 393 -10.37 -2.86 -33.39
N ASN C 394 -11.19 -3.91 -33.41
CA ASN C 394 -12.09 -4.20 -34.53
C ASN C 394 -13.43 -4.66 -34.00
N VAL C 395 -14.48 -4.39 -34.76
CA VAL C 395 -15.85 -4.77 -34.42
C VAL C 395 -16.49 -5.38 -35.67
N TYR C 396 -17.10 -6.55 -35.51
CA TYR C 396 -17.76 -7.21 -36.63
C TYR C 396 -19.23 -6.81 -36.69
N ALA C 397 -19.83 -7.00 -37.85
CA ALA C 397 -21.24 -6.68 -38.10
C ALA C 397 -21.90 -7.90 -38.75
N ASP C 398 -22.39 -8.82 -37.93
CA ASP C 398 -23.09 -9.99 -38.41
C ASP C 398 -24.57 -9.68 -38.52
N SER C 399 -25.06 -9.52 -39.75
CA SER C 399 -26.45 -9.16 -40.02
C SER C 399 -27.18 -10.37 -40.57
N PHE C 400 -28.19 -10.84 -39.85
CA PHE C 400 -28.99 -11.98 -40.29
C PHE C 400 -30.39 -11.84 -39.72
N VAL C 401 -31.31 -12.65 -40.25
CA VAL C 401 -32.69 -12.68 -39.80
C VAL C 401 -32.93 -14.02 -39.10
N ILE C 402 -33.72 -13.98 -38.03
CA ILE C 402 -33.99 -15.14 -37.20
C ILE C 402 -35.50 -15.26 -37.00
N ARG C 403 -35.89 -16.25 -36.19
CA ARG C 403 -37.28 -16.48 -35.83
C ARG C 403 -37.73 -15.53 -34.74
N GLY C 404 -38.84 -15.85 -34.07
CA GLY C 404 -39.44 -14.97 -33.10
C GLY C 404 -38.94 -15.22 -31.70
N ASP C 405 -39.72 -15.92 -30.88
CA ASP C 405 -39.38 -16.16 -29.49
C ASP C 405 -38.01 -16.80 -29.29
N GLU C 406 -37.37 -17.22 -30.39
CA GLU C 406 -36.02 -17.76 -30.36
C GLU C 406 -34.95 -16.70 -30.08
N VAL C 407 -35.31 -15.46 -29.76
CA VAL C 407 -34.31 -14.45 -29.41
C VAL C 407 -33.54 -14.88 -28.16
N ARG C 408 -34.21 -15.61 -27.25
CA ARG C 408 -33.54 -16.11 -26.06
C ARG C 408 -32.41 -17.08 -26.40
N GLN C 409 -32.49 -17.74 -27.56
CA GLN C 409 -31.41 -18.65 -27.96
C GLN C 409 -30.11 -17.89 -28.24
N ILE C 410 -30.21 -16.65 -28.71
CA ILE C 410 -29.02 -15.84 -28.98
C ILE C 410 -28.56 -15.23 -27.67
N ALA C 411 -27.69 -15.93 -26.96
CA ALA C 411 -27.20 -15.50 -25.66
C ALA C 411 -26.05 -16.44 -25.26
N PRO C 412 -25.15 -15.99 -24.39
CA PRO C 412 -24.10 -16.89 -23.88
C PRO C 412 -24.71 -18.08 -23.18
N GLY C 413 -24.49 -19.27 -23.75
CA GLY C 413 -25.09 -20.48 -23.24
C GLY C 413 -26.41 -20.77 -23.93
N GLN C 414 -27.40 -21.21 -23.15
CA GLN C 414 -28.75 -21.50 -23.67
C GLN C 414 -28.69 -22.53 -24.79
N THR C 415 -28.22 -23.72 -24.45
CA THR C 415 -28.12 -24.80 -25.42
C THR C 415 -29.48 -25.23 -25.91
N GLY C 416 -29.54 -25.67 -27.16
CA GLY C 416 -30.78 -26.10 -27.77
C GLY C 416 -30.61 -26.60 -29.19
N LYS C 417 -31.52 -26.19 -30.07
CA LYS C 417 -31.49 -26.59 -31.48
C LYS C 417 -31.00 -25.47 -32.39
N ILE C 418 -31.58 -24.28 -32.29
CA ILE C 418 -31.17 -23.17 -33.15
C ILE C 418 -29.83 -22.61 -32.71
N ALA C 419 -29.63 -22.44 -31.42
CA ALA C 419 -28.39 -21.85 -30.89
C ALA C 419 -27.21 -22.82 -30.92
N ASP C 420 -27.36 -23.98 -31.55
CA ASP C 420 -26.28 -24.95 -31.62
C ASP C 420 -26.05 -25.55 -33.00
N TYR C 421 -26.88 -25.22 -34.00
CA TYR C 421 -26.77 -25.83 -35.32
C TYR C 421 -26.50 -24.83 -36.44
N ASN C 422 -26.81 -23.55 -36.26
CA ASN C 422 -26.61 -22.58 -37.32
C ASN C 422 -25.80 -21.39 -36.84
N TYR C 423 -25.91 -21.05 -35.56
CA TYR C 423 -25.18 -19.92 -35.00
C TYR C 423 -25.06 -20.09 -33.50
N LYS C 424 -23.95 -19.62 -32.95
CA LYS C 424 -23.69 -19.72 -31.51
C LYS C 424 -22.64 -18.69 -31.13
N LEU C 425 -22.83 -18.07 -29.96
CA LEU C 425 -21.91 -17.08 -29.44
C LEU C 425 -20.95 -17.70 -28.43
N PRO C 426 -19.72 -17.18 -28.34
CA PRO C 426 -18.76 -17.72 -27.38
C PRO C 426 -19.20 -17.48 -25.94
N ASP C 427 -18.68 -18.33 -25.04
CA ASP C 427 -18.99 -18.19 -23.63
C ASP C 427 -18.34 -16.95 -23.01
N ASP C 428 -17.28 -16.43 -23.62
CA ASP C 428 -16.61 -15.22 -23.15
C ASP C 428 -16.85 -14.06 -24.10
N PHE C 429 -18.03 -14.03 -24.73
CA PHE C 429 -18.36 -12.98 -25.68
C PHE C 429 -18.54 -11.66 -24.95
N THR C 430 -17.53 -10.79 -25.03
CA THR C 430 -17.56 -9.48 -24.40
C THR C 430 -18.30 -8.46 -25.26
N GLY C 431 -18.77 -8.86 -26.44
CA GLY C 431 -19.61 -7.99 -27.22
C GLY C 431 -21.06 -8.38 -27.05
N CYS C 432 -21.93 -7.80 -27.86
CA CYS C 432 -23.36 -7.96 -27.66
C CYS C 432 -24.16 -7.48 -28.86
N VAL C 433 -25.44 -7.83 -28.86
CA VAL C 433 -26.24 -7.87 -30.08
C VAL C 433 -27.40 -6.89 -29.97
N ILE C 434 -27.95 -6.51 -31.12
CA ILE C 434 -29.09 -5.61 -31.25
C ILE C 434 -30.18 -6.33 -32.03
N ALA C 435 -31.41 -6.29 -31.52
CA ALA C 435 -32.53 -6.92 -32.21
C ALA C 435 -33.73 -5.98 -32.25
N TRP C 436 -34.55 -6.14 -33.28
CA TRP C 436 -35.77 -5.35 -33.42
C TRP C 436 -36.72 -6.07 -34.36
N ASN C 437 -38.00 -5.70 -34.26
CA ASN C 437 -39.04 -6.33 -35.08
C ASN C 437 -38.94 -5.85 -36.52
N SER C 438 -39.04 -6.79 -37.46
CA SER C 438 -38.94 -6.49 -38.88
C SER C 438 -40.08 -7.14 -39.65
N ASN C 439 -41.25 -7.27 -39.02
CA ASN C 439 -42.41 -7.87 -39.67
C ASN C 439 -43.16 -6.88 -40.56
N ASN C 440 -42.64 -5.67 -40.75
CA ASN C 440 -43.30 -4.68 -41.57
C ASN C 440 -42.69 -4.51 -42.95
N LEU C 441 -41.40 -4.87 -43.12
CA LEU C 441 -40.72 -4.73 -44.39
C LEU C 441 -40.22 -6.07 -44.94
N ASP C 442 -40.57 -7.17 -44.30
CA ASP C 442 -40.09 -8.48 -44.75
C ASP C 442 -41.24 -9.48 -44.85
N SER C 443 -42.30 -9.26 -44.07
CA SER C 443 -43.43 -10.18 -44.06
C SER C 443 -44.32 -9.94 -45.27
N LYS C 444 -44.72 -11.03 -45.92
CA LYS C 444 -45.58 -10.98 -47.08
C LYS C 444 -46.79 -11.89 -46.86
N VAL C 445 -47.82 -11.70 -47.68
CA VAL C 445 -49.00 -12.54 -47.61
C VAL C 445 -48.68 -13.93 -48.15
N GLY C 446 -49.14 -14.96 -47.45
CA GLY C 446 -48.87 -16.33 -47.85
C GLY C 446 -47.65 -16.89 -47.17
N GLY C 447 -46.84 -17.66 -47.91
CA GLY C 447 -45.65 -18.27 -47.34
C GLY C 447 -44.36 -17.66 -47.87
N ASN C 448 -43.65 -16.94 -47.02
CA ASN C 448 -42.35 -16.34 -47.39
C ASN C 448 -41.30 -17.44 -47.36
N TYR C 449 -40.98 -17.98 -48.54
CA TYR C 449 -40.04 -19.08 -48.66
C TYR C 449 -38.65 -18.62 -49.11
N ASN C 450 -38.32 -17.34 -48.91
CA ASN C 450 -37.02 -16.84 -49.35
C ASN C 450 -35.92 -17.23 -48.36
N TYR C 451 -36.12 -16.91 -47.09
CA TYR C 451 -35.10 -17.20 -46.08
C TYR C 451 -35.18 -18.66 -45.64
N LEU C 452 -34.03 -19.23 -45.31
CA LEU C 452 -33.92 -20.62 -44.89
C LEU C 452 -33.03 -20.72 -43.66
N TYR C 453 -33.05 -21.89 -43.03
CA TYR C 453 -32.26 -22.14 -41.83
C TYR C 453 -31.67 -23.55 -41.87
N ARG C 454 -31.13 -23.96 -40.72
CA ARG C 454 -30.50 -25.27 -40.57
C ARG C 454 -31.09 -25.96 -39.35
N LEU C 455 -31.64 -27.16 -39.54
CA LEU C 455 -32.26 -27.91 -38.46
C LEU C 455 -31.56 -29.24 -38.22
N PHE C 456 -31.29 -30.01 -39.28
CA PHE C 456 -30.70 -31.34 -39.14
C PHE C 456 -29.19 -31.21 -39.18
N ARG C 457 -28.53 -31.52 -38.06
CA ARG C 457 -27.08 -31.47 -37.96
C ARG C 457 -26.61 -32.62 -37.08
N LYS C 458 -25.30 -32.89 -37.15
CA LYS C 458 -24.69 -33.93 -36.35
C LYS C 458 -23.55 -33.45 -35.47
N SER C 459 -22.94 -32.31 -35.77
CA SER C 459 -21.83 -31.78 -35.00
C SER C 459 -22.09 -30.31 -34.69
N ASN C 460 -21.92 -29.94 -33.43
CA ASN C 460 -22.11 -28.55 -33.02
C ASN C 460 -21.01 -27.67 -33.61
N LEU C 461 -21.41 -26.54 -34.19
CA LEU C 461 -20.45 -25.65 -34.82
C LEU C 461 -19.64 -24.89 -33.77
N LYS C 462 -18.50 -24.37 -34.20
CA LYS C 462 -17.62 -23.62 -33.32
C LYS C 462 -18.08 -22.16 -33.23
N PRO C 463 -17.73 -21.47 -32.16
CA PRO C 463 -18.10 -20.05 -32.04
C PRO C 463 -17.48 -19.23 -33.16
N PHE C 464 -18.29 -18.38 -33.77
CA PHE C 464 -17.88 -17.51 -34.89
C PHE C 464 -17.32 -18.35 -36.04
N GLU C 465 -18.17 -19.22 -36.57
CA GLU C 465 -17.81 -20.09 -37.68
C GLU C 465 -18.91 -20.06 -38.73
N ARG C 466 -18.52 -19.83 -39.99
CA ARG C 466 -19.46 -19.80 -41.10
C ARG C 466 -19.56 -21.21 -41.68
N ASP C 467 -20.69 -21.87 -41.46
CA ASP C 467 -20.91 -23.24 -41.91
C ASP C 467 -22.00 -23.24 -42.97
N ILE C 468 -21.58 -23.21 -44.23
CA ILE C 468 -22.50 -23.27 -45.37
C ILE C 468 -22.53 -24.72 -45.82
N SER C 469 -23.51 -25.47 -45.32
CA SER C 469 -23.67 -26.88 -45.64
C SER C 469 -24.80 -27.03 -46.66
N THR C 470 -24.50 -27.67 -47.78
CA THR C 470 -25.47 -27.90 -48.85
C THR C 470 -25.71 -29.37 -49.14
N GLU C 471 -24.76 -30.25 -48.84
CA GLU C 471 -24.89 -31.66 -49.13
C GLU C 471 -26.12 -32.26 -48.45
N ILE C 472 -26.59 -33.37 -49.01
CA ILE C 472 -27.80 -34.02 -48.51
C ILE C 472 -27.53 -34.62 -47.14
N TYR C 473 -28.26 -34.15 -46.13
CA TYR C 473 -28.08 -34.65 -44.78
C TYR C 473 -28.53 -36.10 -44.68
N GLN C 474 -27.65 -36.95 -44.15
CA GLN C 474 -27.96 -38.36 -43.95
C GLN C 474 -28.76 -38.50 -42.66
N ALA C 475 -30.08 -38.53 -42.77
CA ALA C 475 -30.97 -38.64 -41.63
C ALA C 475 -31.38 -40.11 -41.43
N GLY C 476 -32.26 -40.33 -40.46
CA GLY C 476 -32.75 -41.68 -40.22
C GLY C 476 -31.64 -42.58 -39.74
N SER C 477 -31.48 -43.72 -40.42
CA SER C 477 -30.43 -44.69 -40.08
C SER C 477 -29.67 -45.21 -41.29
N THR C 478 -30.16 -44.98 -42.52
CA THR C 478 -29.49 -45.45 -43.71
C THR C 478 -29.35 -44.31 -44.72
N PRO C 479 -28.24 -44.25 -45.45
CA PRO C 479 -28.07 -43.18 -46.44
C PRO C 479 -28.96 -43.40 -47.65
N CYS C 480 -29.36 -42.30 -48.27
CA CYS C 480 -30.18 -42.33 -49.47
C CYS C 480 -29.56 -41.66 -50.68
N ASN C 481 -28.49 -40.89 -50.48
CA ASN C 481 -27.70 -40.31 -51.57
C ASN C 481 -28.56 -39.44 -52.50
N GLY C 482 -29.08 -38.36 -51.93
CA GLY C 482 -29.81 -37.37 -52.71
C GLY C 482 -31.32 -37.53 -52.68
N VAL C 483 -31.83 -38.65 -53.20
CA VAL C 483 -33.25 -38.90 -53.22
C VAL C 483 -33.72 -39.10 -51.79
N GLU C 484 -34.47 -38.13 -51.26
CA GLU C 484 -34.88 -38.15 -49.86
C GLU C 484 -35.72 -39.37 -49.54
N GLY C 485 -36.90 -39.48 -50.14
CA GLY C 485 -37.77 -40.60 -49.91
C GLY C 485 -38.16 -40.79 -48.45
N PHE C 486 -37.58 -41.82 -47.81
CA PHE C 486 -37.87 -42.14 -46.42
C PHE C 486 -36.57 -42.26 -45.65
N ASN C 487 -36.66 -41.99 -44.34
CA ASN C 487 -35.48 -41.97 -43.45
C ASN C 487 -34.45 -40.93 -43.90
N CYS C 488 -34.92 -39.86 -44.53
CA CYS C 488 -34.02 -38.80 -44.96
C CYS C 488 -34.74 -37.46 -44.86
N TYR C 489 -33.95 -36.40 -44.83
CA TYR C 489 -34.47 -35.03 -44.77
C TYR C 489 -33.53 -34.12 -45.54
N PHE C 490 -34.12 -33.16 -46.25
CA PHE C 490 -33.32 -32.20 -47.00
C PHE C 490 -33.07 -30.95 -46.16
N PRO C 491 -31.82 -30.50 -46.06
CA PRO C 491 -31.54 -29.29 -45.26
C PRO C 491 -32.10 -28.03 -45.89
N LEU C 492 -31.82 -26.88 -45.26
CA LEU C 492 -32.26 -25.58 -45.74
C LEU C 492 -33.80 -25.52 -45.81
N GLN C 493 -34.42 -25.78 -44.67
CA GLN C 493 -35.87 -25.75 -44.58
C GLN C 493 -36.38 -24.31 -44.56
N SER C 494 -37.68 -24.16 -44.76
CA SER C 494 -38.30 -22.85 -44.90
C SER C 494 -38.79 -22.33 -43.56
N TYR C 495 -38.79 -20.99 -43.43
CA TYR C 495 -39.30 -20.37 -42.21
C TYR C 495 -40.82 -20.47 -42.13
N GLY C 496 -41.52 -19.94 -43.12
CA GLY C 496 -42.97 -19.89 -43.08
C GLY C 496 -43.49 -18.62 -42.43
N PHE C 497 -42.89 -17.49 -42.78
CA PHE C 497 -43.25 -16.20 -42.20
C PHE C 497 -44.65 -15.81 -42.63
N GLN C 498 -45.60 -15.87 -41.70
CA GLN C 498 -46.99 -15.48 -41.91
C GLN C 498 -47.23 -14.06 -41.38
N PRO C 499 -48.15 -13.32 -41.99
CA PRO C 499 -48.41 -11.96 -41.49
C PRO C 499 -49.12 -11.93 -40.15
N THR C 500 -50.15 -12.75 -39.97
CA THR C 500 -50.96 -12.74 -38.75
C THR C 500 -50.47 -13.76 -37.73
N ASN C 501 -49.20 -13.67 -37.36
CA ASN C 501 -48.58 -14.59 -36.42
C ASN C 501 -48.39 -13.92 -35.06
N GLY C 502 -48.14 -14.75 -34.05
CA GLY C 502 -47.86 -14.25 -32.72
C GLY C 502 -46.51 -13.56 -32.64
N VAL C 503 -46.28 -12.93 -31.49
CA VAL C 503 -45.02 -12.22 -31.26
C VAL C 503 -43.85 -13.20 -31.28
N GLY C 504 -44.06 -14.42 -30.80
CA GLY C 504 -43.02 -15.44 -30.80
C GLY C 504 -42.74 -16.07 -32.14
N TYR C 505 -43.41 -15.61 -33.20
CA TYR C 505 -43.21 -16.17 -34.53
C TYR C 505 -42.87 -15.11 -35.59
N GLN C 506 -43.00 -13.83 -35.28
CA GLN C 506 -42.70 -12.79 -36.23
C GLN C 506 -41.20 -12.76 -36.55
N PRO C 507 -40.83 -12.29 -37.75
CA PRO C 507 -39.40 -12.20 -38.08
C PRO C 507 -38.69 -11.15 -37.24
N TYR C 508 -37.41 -11.40 -36.99
CA TYR C 508 -36.57 -10.50 -36.22
C TYR C 508 -35.17 -10.45 -36.83
N ARG C 509 -34.62 -9.24 -36.89
CA ARG C 509 -33.28 -9.03 -37.40
C ARG C 509 -32.31 -8.77 -36.25
N VAL C 510 -31.17 -9.45 -36.28
CA VAL C 510 -30.18 -9.38 -35.21
C VAL C 510 -28.85 -8.96 -35.80
N VAL C 511 -28.25 -7.92 -35.24
CA VAL C 511 -26.93 -7.44 -35.65
C VAL C 511 -25.97 -7.70 -34.50
N VAL C 512 -24.94 -8.50 -34.75
CA VAL C 512 -23.96 -8.87 -33.74
C VAL C 512 -22.81 -7.88 -33.79
N LEU C 513 -22.48 -7.30 -32.64
CA LEU C 513 -21.37 -6.35 -32.51
C LEU C 513 -20.32 -6.98 -31.59
N SER C 514 -19.31 -7.59 -32.18
CA SER C 514 -18.26 -8.25 -31.41
C SER C 514 -17.27 -7.22 -30.90
N PHE C 515 -16.98 -7.29 -29.60
CA PHE C 515 -16.04 -6.38 -28.94
C PHE C 515 -14.87 -7.22 -28.42
N GLU C 516 -13.79 -7.27 -29.18
CA GLU C 516 -12.61 -8.04 -28.83
C GLU C 516 -11.37 -7.17 -28.96
N LEU C 517 -10.39 -7.43 -28.08
CA LEU C 517 -9.16 -6.66 -28.02
C LEU C 517 -8.00 -7.53 -28.49
N LEU C 518 -7.46 -7.21 -29.67
CA LEU C 518 -6.31 -7.91 -30.20
C LEU C 518 -5.04 -7.17 -29.78
N HIS C 519 -3.89 -7.58 -30.36
CA HIS C 519 -2.63 -6.92 -30.06
C HIS C 519 -2.44 -5.63 -30.86
N ALA C 520 -3.30 -5.35 -31.82
CA ALA C 520 -3.20 -4.12 -32.58
C ALA C 520 -3.69 -2.94 -31.75
N PRO C 521 -3.21 -1.72 -32.05
CA PRO C 521 -3.66 -0.55 -31.29
C PRO C 521 -5.16 -0.33 -31.45
N ALA C 522 -5.73 0.35 -30.46
CA ALA C 522 -7.16 0.63 -30.44
C ALA C 522 -7.50 1.65 -31.52
N THR C 523 -8.47 1.31 -32.37
CA THR C 523 -8.85 2.16 -33.49
C THR C 523 -10.29 2.64 -33.42
N VAL C 524 -11.25 1.73 -33.22
CA VAL C 524 -12.67 2.06 -33.35
C VAL C 524 -13.23 2.21 -31.94
N CYS C 525 -13.84 3.36 -31.68
CA CYS C 525 -14.58 3.65 -30.46
C CYS C 525 -15.26 5.01 -30.54
N GLY C 526 -16.02 5.33 -29.50
CA GLY C 526 -16.88 6.49 -29.49
C GLY C 526 -16.16 7.81 -29.61
N PRO C 527 -16.91 8.88 -29.89
CA PRO C 527 -16.29 10.19 -30.06
C PRO C 527 -16.03 10.86 -28.72
N LYS C 528 -15.46 12.07 -28.81
CA LYS C 528 -15.14 12.88 -27.64
C LYS C 528 -15.85 14.23 -27.81
N LYS C 529 -16.85 14.48 -26.97
CA LYS C 529 -17.62 15.72 -27.04
C LYS C 529 -16.73 16.90 -26.65
N SER C 530 -16.56 17.83 -27.57
CA SER C 530 -15.73 19.00 -27.34
C SER C 530 -16.53 20.09 -26.62
N THR C 531 -15.81 21.11 -26.15
CA THR C 531 -16.43 22.22 -25.44
C THR C 531 -16.03 23.55 -26.07
N ASN C 532 -16.39 24.66 -25.41
CA ASN C 532 -16.06 25.97 -25.92
C ASN C 532 -14.65 26.37 -25.49
N LEU C 533 -13.96 27.08 -26.38
CA LEU C 533 -12.58 27.51 -26.14
C LEU C 533 -12.60 28.87 -25.45
N VAL C 534 -12.22 28.89 -24.18
CA VAL C 534 -12.16 30.11 -23.39
C VAL C 534 -10.77 30.72 -23.53
N LYS C 535 -10.70 32.05 -23.55
CA LYS C 535 -9.45 32.76 -23.74
C LYS C 535 -9.27 33.81 -22.65
N ASN C 536 -8.01 34.13 -22.37
CA ASN C 536 -7.65 35.19 -21.42
C ASN C 536 -8.20 34.90 -20.02
N LYS C 537 -8.21 33.62 -19.65
CA LYS C 537 -8.69 33.21 -18.33
C LYS C 537 -7.89 32.01 -17.85
N CYS C 538 -7.54 32.01 -16.57
CA CYS C 538 -6.82 30.90 -15.96
C CYS C 538 -7.81 29.77 -15.70
N VAL C 539 -7.92 28.85 -16.66
CA VAL C 539 -8.87 27.75 -16.60
C VAL C 539 -8.14 26.45 -16.90
N ASN C 540 -8.90 25.35 -16.87
CA ASN C 540 -8.37 24.02 -17.13
C ASN C 540 -8.73 23.60 -18.55
N PHE C 541 -7.85 22.81 -19.16
CA PHE C 541 -8.06 22.30 -20.51
C PHE C 541 -7.80 20.80 -20.54
N ASN C 542 -8.54 20.11 -21.38
CA ASN C 542 -8.43 18.65 -21.56
C ASN C 542 -8.17 18.39 -23.04
N PHE C 543 -6.90 18.42 -23.42
CA PHE C 543 -6.49 18.17 -24.80
C PHE C 543 -6.43 16.68 -25.09
N ASN C 544 -5.76 16.30 -26.18
CA ASN C 544 -5.66 14.91 -26.61
C ASN C 544 -4.76 14.07 -25.71
N GLY C 545 -4.32 14.58 -24.57
CA GLY C 545 -3.47 13.85 -23.66
C GLY C 545 -2.49 14.74 -22.92
N LEU C 546 -2.42 16.01 -23.33
CA LEU C 546 -1.56 16.99 -22.69
C LEU C 546 -2.42 17.84 -21.75
N THR C 547 -2.75 17.25 -20.60
CA THR C 547 -3.58 17.92 -19.62
C THR C 547 -2.78 18.98 -18.87
N GLY C 548 -3.50 19.88 -18.22
CA GLY C 548 -2.86 20.93 -17.45
C GLY C 548 -3.82 22.08 -17.22
N THR C 549 -3.26 23.18 -16.70
CA THR C 549 -4.03 24.38 -16.42
C THR C 549 -3.18 25.60 -16.75
N GLY C 550 -3.86 26.70 -17.07
CA GLY C 550 -3.18 27.94 -17.39
C GLY C 550 -4.05 28.80 -18.29
N VAL C 551 -3.56 30.02 -18.53
CA VAL C 551 -4.26 30.96 -19.38
C VAL C 551 -3.96 30.64 -20.83
N LEU C 552 -5.02 30.53 -21.64
CA LEU C 552 -4.89 30.24 -23.07
C LEU C 552 -5.11 31.52 -23.85
N THR C 553 -4.03 32.05 -24.43
CA THR C 553 -4.08 33.27 -25.20
C THR C 553 -3.41 33.06 -26.55
N GLU C 554 -3.68 33.97 -27.48
CA GLU C 554 -3.10 33.90 -28.80
C GLU C 554 -1.64 34.34 -28.77
N SER C 555 -0.86 33.80 -29.69
CA SER C 555 0.56 34.12 -29.76
C SER C 555 0.94 34.59 -31.16
N ASN C 556 2.24 34.76 -31.41
CA ASN C 556 2.73 35.23 -32.70
C ASN C 556 3.53 34.16 -33.45
N LYS C 557 3.88 33.06 -32.81
CA LYS C 557 4.64 32.01 -33.49
C LYS C 557 3.75 31.27 -34.48
N LYS C 558 4.39 30.68 -35.49
CA LYS C 558 3.71 29.94 -36.54
C LYS C 558 4.10 28.47 -36.48
N PHE C 559 3.14 27.60 -36.76
CA PHE C 559 3.34 26.17 -36.77
C PHE C 559 3.12 25.62 -38.17
N LEU C 560 4.06 24.81 -38.64
CA LEU C 560 3.88 24.13 -39.91
C LEU C 560 2.72 23.14 -39.81
N PRO C 561 2.02 22.88 -40.93
CA PRO C 561 0.82 22.03 -40.85
C PRO C 561 1.13 20.55 -40.72
N PHE C 562 2.14 20.21 -39.93
CA PHE C 562 2.41 18.83 -39.56
C PHE C 562 2.75 18.65 -38.09
N GLN C 563 2.96 19.72 -37.34
CA GLN C 563 3.43 19.63 -35.96
C GLN C 563 2.27 19.61 -34.98
N GLN C 564 2.62 19.50 -33.69
CA GLN C 564 1.66 19.45 -32.61
C GLN C 564 2.10 20.45 -31.54
N PHE C 565 1.50 20.32 -30.35
CA PHE C 565 1.85 21.15 -29.19
C PHE C 565 3.35 21.33 -29.06
N GLY C 566 3.76 22.56 -28.76
CA GLY C 566 5.17 22.90 -28.67
C GLY C 566 5.69 22.91 -27.24
N ARG C 567 7.01 22.92 -27.13
CA ARG C 567 7.71 22.94 -25.85
C ARG C 567 8.62 24.16 -25.78
N ASP C 568 9.43 24.21 -24.73
CA ASP C 568 10.37 25.32 -24.53
C ASP C 568 11.73 24.81 -24.08
N ILE C 569 12.58 25.71 -23.61
CA ILE C 569 13.90 25.30 -23.11
C ILE C 569 13.77 24.33 -21.95
N ALA C 570 12.71 24.46 -21.16
CA ALA C 570 12.45 23.55 -20.06
C ALA C 570 11.58 22.39 -20.55
N ASP C 571 11.08 21.58 -19.62
CA ASP C 571 10.24 20.43 -19.96
C ASP C 571 8.76 20.70 -19.72
N THR C 572 8.32 21.94 -19.93
CA THR C 572 6.93 22.32 -19.78
C THR C 572 6.33 22.63 -21.15
N THR C 573 5.00 22.49 -21.25
CA THR C 573 4.31 22.73 -22.50
C THR C 573 4.19 24.24 -22.74
N ASP C 574 4.91 24.73 -23.75
CA ASP C 574 4.87 26.16 -24.05
C ASP C 574 3.60 26.54 -24.79
N ALA C 575 3.40 25.95 -25.98
CA ALA C 575 2.24 26.26 -26.80
C ALA C 575 1.60 24.97 -27.30
N VAL C 576 0.33 25.08 -27.68
CA VAL C 576 -0.44 23.95 -28.21
C VAL C 576 -1.12 24.37 -29.49
N ARG C 577 -1.43 23.38 -30.32
CA ARG C 577 -2.14 23.60 -31.58
C ARG C 577 -3.58 23.18 -31.40
N ASP C 578 -4.50 24.12 -31.63
CA ASP C 578 -5.92 23.86 -31.46
C ASP C 578 -6.39 22.83 -32.49
N PRO C 579 -6.85 21.65 -32.07
CA PRO C 579 -7.33 20.65 -33.03
C PRO C 579 -8.73 20.91 -33.58
N GLN C 580 -9.31 22.08 -33.34
CA GLN C 580 -10.64 22.42 -33.82
C GLN C 580 -10.62 23.50 -34.89
N THR C 581 -9.98 24.63 -34.62
CA THR C 581 -9.90 25.73 -35.59
C THR C 581 -8.52 25.91 -36.18
N LEU C 582 -7.56 25.04 -35.83
CA LEU C 582 -6.19 25.10 -36.34
C LEU C 582 -5.55 26.46 -36.04
N GLU C 583 -5.70 26.90 -34.80
CA GLU C 583 -5.15 28.17 -34.35
C GLU C 583 -4.00 27.93 -33.37
N ILE C 584 -3.05 28.85 -33.36
CA ILE C 584 -1.88 28.75 -32.50
C ILE C 584 -2.21 29.41 -31.16
N LEU C 585 -2.20 28.62 -30.10
CA LEU C 585 -2.51 29.10 -28.75
C LEU C 585 -1.30 28.94 -27.85
N ASP C 586 -1.09 29.91 -26.98
CA ASP C 586 0.01 29.91 -26.03
C ASP C 586 -0.50 29.61 -24.63
N ILE C 587 0.24 28.78 -23.90
CA ILE C 587 -0.11 28.42 -22.53
C ILE C 587 0.77 29.23 -21.58
N THR C 588 0.13 30.03 -20.74
CA THR C 588 0.80 30.79 -19.70
C THR C 588 0.10 30.54 -18.38
N PRO C 589 0.80 30.00 -17.37
CA PRO C 589 0.17 29.80 -16.07
C PRO C 589 -0.23 31.13 -15.44
N CYS C 590 -1.44 31.15 -14.88
CA CYS C 590 -1.94 32.38 -14.26
C CYS C 590 -1.11 32.75 -13.05
N SER C 591 -1.23 34.02 -12.64
CA SER C 591 -0.32 34.60 -11.65
C SER C 591 -0.46 33.89 -10.31
N PHE C 592 0.69 33.55 -9.71
CA PHE C 592 0.74 32.96 -8.39
C PHE C 592 1.96 33.48 -7.66
N GLY C 593 1.84 33.58 -6.34
CA GLY C 593 2.94 34.09 -5.54
C GLY C 593 2.69 34.00 -4.04
N GLY C 594 3.76 33.99 -3.26
CA GLY C 594 3.61 33.91 -1.81
C GLY C 594 3.15 35.24 -1.24
N VAL C 595 2.08 35.19 -0.46
CA VAL C 595 1.55 36.40 0.19
C VAL C 595 2.50 36.82 1.30
N SER C 596 2.78 38.11 1.38
CA SER C 596 3.69 38.67 2.38
C SER C 596 2.96 39.74 3.17
N VAL C 597 2.91 39.59 4.49
CA VAL C 597 2.24 40.52 5.37
C VAL C 597 3.27 41.52 5.89
N ILE C 598 2.92 42.79 5.89
CA ILE C 598 3.80 43.86 6.39
C ILE C 598 3.12 44.43 7.62
N THR C 599 3.50 43.92 8.79
CA THR C 599 2.88 44.44 9.99
C THR C 599 3.81 45.40 10.72
N PRO C 600 3.29 46.50 11.27
CA PRO C 600 4.14 47.44 12.01
C PRO C 600 4.35 47.07 13.47
N GLY C 601 4.05 45.84 13.86
CA GLY C 601 4.17 45.44 15.25
C GLY C 601 2.85 45.41 15.97
N THR C 602 2.57 44.31 16.68
CA THR C 602 1.29 44.18 17.36
C THR C 602 1.14 45.21 18.49
N ASN C 603 2.24 45.57 19.14
CA ASN C 603 2.17 46.54 20.22
C ASN C 603 1.85 47.94 19.71
N THR C 604 2.24 48.25 18.48
CA THR C 604 2.00 49.58 17.93
C THR C 604 0.57 49.71 17.40
N SER C 605 0.21 48.91 16.40
CA SER C 605 -1.12 48.96 15.81
C SER C 605 -1.42 47.59 15.21
N ASN C 606 -2.48 47.52 14.41
CA ASN C 606 -2.89 46.28 13.76
C ASN C 606 -3.14 46.45 12.27
N GLN C 607 -2.73 47.59 11.72
CA GLN C 607 -2.91 47.86 10.29
C GLN C 607 -1.87 47.14 9.47
N VAL C 608 -2.16 45.92 9.05
CA VAL C 608 -1.24 45.13 8.26
C VAL C 608 -1.35 45.53 6.79
N ALA C 609 -0.39 45.10 5.98
CA ALA C 609 -0.38 45.42 4.56
C ALA C 609 -0.07 44.15 3.78
N VAL C 610 -0.97 43.78 2.85
CA VAL C 610 -0.76 42.58 2.07
C VAL C 610 0.12 42.87 0.86
N LEU C 611 1.13 42.02 0.65
CA LEU C 611 2.07 42.15 -0.46
C LEU C 611 1.98 40.89 -1.31
N TYR C 612 1.11 40.91 -2.32
CA TYR C 612 1.03 39.80 -3.26
C TYR C 612 2.19 39.87 -4.25
N GLN C 613 2.87 38.75 -4.46
CA GLN C 613 4.05 38.70 -5.30
C GLN C 613 3.73 38.07 -6.66
N ASP C 614 4.51 38.48 -7.67
CA ASP C 614 4.39 37.95 -9.03
C ASP C 614 2.98 38.13 -9.57
N VAL C 615 2.42 39.32 -9.38
CA VAL C 615 1.07 39.64 -9.82
C VAL C 615 1.00 41.08 -10.29
N ASN C 616 0.04 41.35 -11.17
CA ASN C 616 -0.39 42.70 -11.50
C ASN C 616 -1.63 43.06 -10.71
N CYS C 617 -2.02 42.15 -9.81
CA CYS C 617 -3.26 42.21 -9.03
C CYS C 617 -4.46 42.71 -9.83
N THR C 618 -4.57 42.27 -11.08
CA THR C 618 -5.80 42.42 -11.84
C THR C 618 -6.62 41.14 -11.90
N GLU C 619 -6.12 40.04 -11.34
CA GLU C 619 -6.84 38.77 -11.29
C GLU C 619 -7.12 38.33 -9.86
N VAL C 620 -6.63 39.07 -8.86
CA VAL C 620 -6.83 38.70 -7.46
C VAL C 620 -8.29 38.92 -7.06
N ASN C 641 -5.24 53.40 -2.84
CA ASN C 641 -5.09 52.23 -1.98
C ASN C 641 -3.97 51.32 -2.47
N VAL C 642 -4.21 50.65 -3.60
CA VAL C 642 -3.22 49.76 -4.17
C VAL C 642 -2.16 50.55 -4.92
N PHE C 643 -1.00 49.92 -5.11
CA PHE C 643 0.10 50.56 -5.84
C PHE C 643 0.95 49.46 -6.47
N GLN C 644 1.15 49.54 -7.78
CA GLN C 644 1.87 48.52 -8.51
C GLN C 644 3.38 48.74 -8.34
N THR C 645 4.08 47.72 -7.87
CA THR C 645 5.52 47.76 -7.71
C THR C 645 6.18 46.75 -8.65
N ARG C 646 7.50 46.61 -8.51
CA ARG C 646 8.25 45.67 -9.35
C ARG C 646 8.06 44.23 -8.93
N ALA C 647 7.90 43.96 -7.64
CA ALA C 647 7.67 42.60 -7.15
C ALA C 647 6.19 42.23 -7.06
N GLY C 648 5.31 43.06 -7.60
CA GLY C 648 3.88 42.81 -7.52
C GLY C 648 3.11 44.10 -7.38
N CYS C 649 2.25 44.13 -6.38
CA CYS C 649 1.55 45.36 -5.99
C CYS C 649 1.19 45.28 -4.51
N LEU C 650 1.20 46.44 -3.85
CA LEU C 650 0.98 46.51 -2.40
C LEU C 650 -0.48 46.90 -2.14
N ILE C 651 -1.20 46.03 -1.45
CA ILE C 651 -2.61 46.24 -1.12
C ILE C 651 -2.70 46.45 0.38
N GLY C 652 -3.04 47.67 0.79
CA GLY C 652 -3.21 47.97 2.20
C GLY C 652 -2.32 49.08 2.70
N ALA C 653 -1.65 49.78 1.79
CA ALA C 653 -0.76 50.86 2.16
C ALA C 653 -0.74 51.90 1.04
N GLU C 654 -0.78 53.17 1.41
CA GLU C 654 -0.80 54.25 0.43
C GLU C 654 0.60 54.56 -0.04
N HIS C 655 0.71 54.97 -1.31
CA HIS C 655 1.99 55.30 -1.91
C HIS C 655 2.21 56.81 -1.83
N VAL C 656 3.22 57.22 -1.08
CA VAL C 656 3.55 58.63 -0.92
C VAL C 656 4.80 58.94 -1.72
N ASN C 657 5.00 60.23 -1.99
CA ASN C 657 6.14 60.71 -2.77
C ASN C 657 7.29 61.19 -1.90
N ASN C 658 7.43 60.65 -0.68
CA ASN C 658 8.49 61.05 0.23
C ASN C 658 9.65 60.06 0.13
N SER C 659 10.72 60.35 0.88
CA SER C 659 11.91 59.51 0.88
C SER C 659 12.58 59.65 2.24
N TYR C 660 12.42 58.64 3.10
CA TYR C 660 13.04 58.60 4.41
C TYR C 660 13.91 57.35 4.53
N GLU C 661 14.62 57.25 5.64
CA GLU C 661 15.38 56.05 5.94
C GLU C 661 14.43 54.93 6.36
N CYS C 662 14.24 53.97 5.45
CA CYS C 662 13.23 52.94 5.64
C CYS C 662 13.75 51.86 6.58
N ASP C 663 12.83 51.19 7.26
CA ASP C 663 13.15 50.13 8.22
C ASP C 663 12.68 48.76 7.79
N ILE C 664 11.55 48.68 7.08
CA ILE C 664 11.00 47.41 6.65
C ILE C 664 11.26 47.22 5.16
N PRO C 665 12.21 46.38 4.77
CA PRO C 665 12.47 46.15 3.34
C PRO C 665 11.34 45.39 2.67
N ILE C 666 10.73 45.97 1.64
CA ILE C 666 9.63 45.33 0.93
C ILE C 666 10.18 44.63 -0.30
N GLY C 667 10.87 45.38 -1.17
CA GLY C 667 11.45 44.81 -2.37
C GLY C 667 11.61 45.81 -3.50
N ALA C 668 12.73 45.71 -4.21
CA ALA C 668 13.03 46.59 -5.34
C ALA C 668 12.99 48.06 -4.95
N GLY C 669 13.59 48.38 -3.80
CA GLY C 669 13.66 49.73 -3.31
C GLY C 669 12.44 50.21 -2.55
N ILE C 670 11.33 49.48 -2.61
CA ILE C 670 10.13 49.88 -1.88
C ILE C 670 10.30 49.55 -0.41
N CYS C 671 9.82 50.44 0.46
CA CYS C 671 9.92 50.26 1.89
C CYS C 671 8.66 50.79 2.56
N ALA C 672 8.18 50.07 3.57
CA ALA C 672 7.00 50.46 4.32
C ALA C 672 7.39 50.86 5.74
N SER C 673 6.58 51.74 6.34
CA SER C 673 6.84 52.22 7.69
C SER C 673 5.57 52.85 8.23
N TYR C 674 5.30 52.62 9.52
CA TYR C 674 4.13 53.21 10.17
C TYR C 674 4.46 54.63 10.59
N GLN C 675 4.02 55.60 9.78
CA GLN C 675 4.30 57.00 10.04
C GLN C 675 3.10 57.84 9.62
N THR C 676 2.85 58.91 10.37
CA THR C 676 1.75 59.81 10.07
C THR C 676 1.99 60.58 8.77
N SER C 689 -4.03 60.96 12.21
CA SER C 689 -4.12 59.54 11.90
C SER C 689 -2.82 59.04 11.27
N GLN C 690 -2.44 57.80 11.62
CA GLN C 690 -1.22 57.19 11.11
C GLN C 690 -1.57 55.88 10.41
N SER C 691 -0.84 55.59 9.34
CA SER C 691 -1.06 54.38 8.56
C SER C 691 0.25 53.96 7.92
N ILE C 692 0.21 52.83 7.21
CA ILE C 692 1.40 52.30 6.55
C ILE C 692 1.58 53.02 5.22
N ILE C 693 2.72 53.66 5.03
CA ILE C 693 3.04 54.36 3.81
C ILE C 693 3.98 53.50 2.97
N ALA C 694 3.99 53.76 1.66
CA ALA C 694 4.81 53.02 0.71
C ALA C 694 5.60 54.05 -0.11
N TYR C 695 6.85 54.28 0.27
CA TYR C 695 7.71 55.24 -0.39
C TYR C 695 9.01 54.58 -0.83
N THR C 696 9.63 55.16 -1.86
CA THR C 696 10.93 54.68 -2.30
C THR C 696 11.99 55.04 -1.25
N MET C 697 12.79 54.05 -0.87
CA MET C 697 13.79 54.26 0.17
C MET C 697 14.86 55.22 -0.29
N SER C 698 15.45 55.95 0.66
CA SER C 698 16.52 56.88 0.40
C SER C 698 17.86 56.24 0.70
N LEU C 699 18.93 56.88 0.21
CA LEU C 699 20.29 56.38 0.40
C LEU C 699 21.09 57.25 1.37
N GLY C 700 20.41 58.06 2.18
CA GLY C 700 21.06 58.94 3.12
C GLY C 700 20.76 60.40 2.82
N ALA C 701 21.73 61.25 3.14
CA ALA C 701 21.59 62.69 2.92
C ALA C 701 21.94 63.02 1.47
N GLU C 702 21.98 64.31 1.15
CA GLU C 702 22.30 64.80 -0.19
C GLU C 702 23.46 65.78 -0.12
N ASN C 703 24.46 65.45 0.70
CA ASN C 703 25.61 66.32 0.88
C ASN C 703 26.41 66.44 -0.41
N SER C 704 26.93 67.63 -0.67
CA SER C 704 27.71 67.92 -1.87
C SER C 704 28.95 68.70 -1.44
N VAL C 705 30.10 68.02 -1.40
CA VAL C 705 31.34 68.67 -1.00
C VAL C 705 31.77 69.65 -2.08
N ALA C 706 31.90 70.92 -1.69
CA ALA C 706 32.30 71.98 -2.62
C ALA C 706 33.81 71.85 -2.88
N TYR C 707 34.15 70.93 -3.78
CA TYR C 707 35.56 70.68 -4.08
C TYR C 707 36.14 71.83 -4.91
N SER C 708 37.35 72.23 -4.54
CA SER C 708 38.10 73.25 -5.26
C SER C 708 39.58 73.06 -4.95
N ASN C 709 40.43 73.23 -5.96
CA ASN C 709 41.86 73.04 -5.76
C ASN C 709 42.50 74.30 -5.18
N ASN C 710 41.92 74.81 -4.10
CA ASN C 710 42.52 75.93 -3.38
C ASN C 710 42.26 75.89 -1.89
N SER C 711 41.61 74.86 -1.36
CA SER C 711 41.24 74.81 0.04
C SER C 711 41.29 73.39 0.56
N ILE C 712 41.47 73.25 1.88
CA ILE C 712 41.52 71.96 2.55
C ILE C 712 40.74 72.06 3.84
N ALA C 713 40.21 70.92 4.29
CA ALA C 713 39.45 70.83 5.53
C ALA C 713 40.28 70.05 6.55
N ILE C 714 40.78 70.76 7.55
CA ILE C 714 41.59 70.17 8.62
C ILE C 714 40.77 70.20 9.89
N PRO C 715 40.55 69.06 10.55
CA PRO C 715 39.73 69.07 11.78
C PRO C 715 40.47 69.71 12.94
N THR C 716 39.71 70.33 13.83
CA THR C 716 40.25 71.00 15.00
C THR C 716 39.94 70.25 16.29
N ASN C 717 38.85 69.51 16.34
CA ASN C 717 38.46 68.79 17.55
C ASN C 717 38.28 67.32 17.19
N PHE C 718 38.17 66.49 18.23
CA PHE C 718 37.98 65.06 18.05
C PHE C 718 37.14 64.52 19.19
N THR C 719 36.32 63.52 18.88
CA THR C 719 35.47 62.88 19.87
C THR C 719 35.77 61.39 19.89
N ILE C 720 36.20 60.88 21.05
CA ILE C 720 36.46 59.46 21.18
C ILE C 720 35.15 58.70 21.31
N SER C 721 34.93 57.74 20.44
CA SER C 721 33.71 56.93 20.41
C SER C 721 34.07 55.46 20.54
N VAL C 722 33.29 54.73 21.33
CA VAL C 722 33.50 53.30 21.56
C VAL C 722 32.39 52.55 20.84
N THR C 723 32.76 51.88 19.75
CA THR C 723 31.81 51.10 18.97
C THR C 723 31.95 49.61 19.30
N THR C 724 30.82 48.93 19.42
CA THR C 724 30.77 47.53 19.78
C THR C 724 30.24 46.71 18.60
N GLU C 725 30.64 45.43 18.56
CA GLU C 725 30.17 44.53 17.53
C GLU C 725 30.30 43.10 18.06
N ILE C 726 29.27 42.29 17.86
CA ILE C 726 29.24 40.92 18.36
C ILE C 726 29.63 39.97 17.24
N LEU C 727 30.23 38.84 17.62
CA LEU C 727 30.66 37.85 16.65
C LEU C 727 30.55 36.45 17.25
N PRO C 728 29.74 35.57 16.65
CA PRO C 728 29.64 34.20 17.17
C PRO C 728 30.93 33.43 16.94
N VAL C 729 31.32 32.62 17.92
CA VAL C 729 32.54 31.82 17.87
C VAL C 729 32.24 30.34 17.92
N SER C 730 31.29 29.93 18.75
CA SER C 730 30.97 28.52 18.94
C SER C 730 29.46 28.33 18.99
N MET C 731 29.05 27.06 18.98
CA MET C 731 27.65 26.69 19.08
C MET C 731 27.46 25.70 20.22
N THR C 732 26.26 25.13 20.34
CA THR C 732 25.99 24.08 21.32
C THR C 732 26.35 22.75 20.67
N LYS C 733 27.45 22.16 21.15
CA LYS C 733 27.90 20.88 20.61
C LYS C 733 27.02 19.75 21.13
N THR C 734 26.44 18.99 20.21
CA THR C 734 25.52 17.91 20.54
C THR C 734 26.02 16.61 19.92
N SER C 735 25.35 15.51 20.30
CA SER C 735 25.67 14.19 19.77
C SER C 735 24.45 13.31 19.96
N VAL C 736 23.92 12.78 18.86
CA VAL C 736 22.69 11.99 18.87
C VAL C 736 23.04 10.52 18.89
N ASP C 737 22.15 9.70 19.46
CA ASP C 737 22.32 8.26 19.48
C ASP C 737 21.41 7.67 18.39
N CYS C 738 22.03 7.22 17.30
CA CYS C 738 21.26 6.79 16.13
C CYS C 738 20.37 5.58 16.44
N THR C 739 20.93 4.56 17.09
CA THR C 739 20.16 3.35 17.35
C THR C 739 18.93 3.65 18.18
N MET C 740 19.04 4.51 19.19
CA MET C 740 17.91 4.88 20.02
C MET C 740 17.02 5.91 19.39
N TYR C 741 17.57 6.83 18.60
CA TYR C 741 16.76 7.84 17.93
C TYR C 741 15.83 7.18 16.92
N ILE C 742 16.37 6.32 16.06
CA ILE C 742 15.56 5.71 15.01
C ILE C 742 14.63 4.65 15.59
N CYS C 743 15.13 3.86 16.53
CA CYS C 743 14.38 2.76 17.13
C CYS C 743 14.46 2.87 18.65
N GLY C 744 13.34 3.22 19.28
CA GLY C 744 13.32 3.36 20.72
C GLY C 744 13.03 2.06 21.44
N ASP C 745 14.07 1.40 21.93
CA ASP C 745 13.96 0.15 22.68
C ASP C 745 13.18 -0.92 21.88
N SER C 746 13.76 -1.29 20.74
CA SER C 746 13.16 -2.30 19.88
C SER C 746 14.27 -3.13 19.25
N THR C 747 14.16 -4.45 19.38
CA THR C 747 15.18 -5.34 18.84
C THR C 747 15.00 -5.56 17.34
N GLU C 748 13.75 -5.78 16.89
CA GLU C 748 13.50 -5.98 15.48
C GLU C 748 13.80 -4.72 14.67
N CYS C 749 13.49 -3.55 15.23
CA CYS C 749 13.81 -2.30 14.54
C CYS C 749 15.31 -2.12 14.40
N SER C 750 16.07 -2.45 15.44
CA SER C 750 17.53 -2.36 15.34
C SER C 750 18.08 -3.37 14.35
N ASN C 751 17.50 -4.58 14.31
CA ASN C 751 17.94 -5.57 13.33
C ASN C 751 17.67 -5.12 11.91
N LEU C 752 16.53 -4.47 11.67
CA LEU C 752 16.21 -3.96 10.34
C LEU C 752 16.97 -2.68 10.02
N LEU C 753 17.48 -1.98 11.04
CA LEU C 753 18.23 -0.75 10.79
C LEU C 753 19.71 -1.03 10.51
N LEU C 754 20.28 -2.04 11.19
CA LEU C 754 21.70 -2.33 11.00
C LEU C 754 22.03 -2.81 9.61
N GLN C 755 21.03 -3.29 8.85
CA GLN C 755 21.26 -3.72 7.48
C GLN C 755 21.38 -2.58 6.50
N TYR C 756 21.08 -1.35 6.92
CA TYR C 756 21.20 -0.18 6.06
C TYR C 756 22.64 0.29 5.88
N GLY C 757 23.59 -0.29 6.61
CA GLY C 757 24.98 0.10 6.49
C GLY C 757 25.51 0.82 7.72
N SER C 758 26.36 1.80 7.51
CA SER C 758 26.96 2.58 8.59
C SER C 758 26.68 4.07 8.41
N PHE C 759 25.42 4.40 8.08
CA PHE C 759 25.06 5.80 7.90
C PHE C 759 25.16 6.57 9.21
N CYS C 760 24.53 6.07 10.28
CA CYS C 760 24.53 6.80 11.54
C CYS C 760 25.90 6.78 12.18
N THR C 761 26.75 5.81 11.82
CA THR C 761 28.14 5.86 12.24
C THR C 761 28.85 7.07 11.65
N GLN C 762 28.64 7.31 10.35
CA GLN C 762 29.19 8.52 9.72
C GLN C 762 28.57 9.77 10.33
N LEU C 763 27.29 9.72 10.69
CA LEU C 763 26.65 10.87 11.33
C LEU C 763 27.32 11.18 12.68
N ASN C 764 27.54 10.15 13.49
CA ASN C 764 28.20 10.37 14.78
C ASN C 764 29.64 10.84 14.59
N ARG C 765 30.33 10.33 13.57
CA ARG C 765 31.68 10.79 13.29
C ARG C 765 31.69 12.26 12.92
N ALA C 766 30.74 12.69 12.08
CA ALA C 766 30.63 14.10 11.72
C ALA C 766 30.27 14.96 12.93
N LEU C 767 29.45 14.42 13.84
CA LEU C 767 29.10 15.16 15.04
C LEU C 767 30.31 15.37 15.94
N THR C 768 31.11 14.32 16.16
CA THR C 768 32.32 14.48 16.94
C THR C 768 33.31 15.41 16.24
N GLY C 769 33.36 15.36 14.91
CA GLY C 769 34.22 16.30 14.19
C GLY C 769 33.79 17.74 14.39
N ILE C 770 32.49 17.99 14.35
CA ILE C 770 31.97 19.33 14.62
C ILE C 770 32.29 19.75 16.04
N ALA C 771 32.20 18.81 16.99
CA ALA C 771 32.51 19.13 18.38
C ALA C 771 33.97 19.54 18.54
N VAL C 772 34.89 18.75 17.97
CA VAL C 772 36.31 19.09 18.06
C VAL C 772 36.60 20.39 17.33
N GLU C 773 35.88 20.66 16.23
CA GLU C 773 36.07 21.91 15.50
C GLU C 773 35.65 23.11 16.35
N GLN C 774 34.50 23.01 17.02
CA GLN C 774 34.06 24.09 17.89
C GLN C 774 35.02 24.27 19.07
N ASP C 775 35.52 23.16 19.62
CA ASP C 775 36.50 23.27 20.70
C ASP C 775 37.77 23.96 20.23
N LYS C 776 38.22 23.65 19.01
CA LYS C 776 39.41 24.30 18.47
C LYS C 776 39.16 25.79 18.23
N ASN C 777 37.97 26.14 17.72
CA ASN C 777 37.66 27.55 17.53
C ASN C 777 37.64 28.30 18.86
N THR C 778 37.07 27.68 19.90
CA THR C 778 37.02 28.33 21.21
C THR C 778 38.42 28.47 21.80
N GLN C 779 39.27 27.46 21.62
CA GLN C 779 40.64 27.54 22.12
C GLN C 779 41.50 28.51 21.31
N GLU C 780 41.12 28.78 20.06
CA GLU C 780 41.88 29.70 19.23
C GLU C 780 41.45 31.15 19.41
N VAL C 781 40.18 31.39 19.73
CA VAL C 781 39.68 32.76 19.84
C VAL C 781 40.01 33.36 21.19
N PHE C 782 39.63 32.68 22.27
CA PHE C 782 39.73 33.25 23.61
C PHE C 782 41.04 32.91 24.32
N ALA C 783 41.91 32.11 23.71
CA ALA C 783 43.15 31.69 24.36
C ALA C 783 44.35 32.02 23.49
N GLN C 784 44.39 33.27 22.99
CA GLN C 784 45.52 33.74 22.21
C GLN C 784 46.71 34.13 23.08
N VAL C 785 46.53 34.23 24.40
CA VAL C 785 47.59 34.59 25.32
C VAL C 785 48.00 33.35 26.10
N LYS C 786 49.27 33.31 26.51
CA LYS C 786 49.81 32.17 27.24
C LYS C 786 49.70 32.37 28.75
N GLN C 787 50.29 33.45 29.27
CA GLN C 787 50.27 33.73 30.69
C GLN C 787 49.03 34.52 31.07
N ILE C 788 48.42 34.14 32.19
CA ILE C 788 47.22 34.81 32.68
C ILE C 788 47.66 36.00 33.52
N TYR C 789 47.37 37.21 33.04
CA TYR C 789 47.73 38.43 33.75
C TYR C 789 46.58 38.89 34.65
N LYS C 790 46.95 39.67 35.66
CA LYS C 790 45.98 40.21 36.61
C LYS C 790 46.23 41.69 36.82
N THR C 791 45.15 42.45 36.91
CA THR C 791 45.27 43.89 37.10
C THR C 791 45.77 44.20 38.52
N PRO C 792 46.60 45.22 38.69
CA PRO C 792 47.08 45.58 40.03
C PRO C 792 45.95 46.22 40.83
N PRO C 793 46.05 46.18 42.17
CA PRO C 793 45.01 46.81 42.99
C PRO C 793 44.87 48.31 42.76
N ILE C 794 45.99 49.02 42.65
CA ILE C 794 45.94 50.45 42.40
C ILE C 794 45.57 50.70 40.95
N LYS C 795 44.48 51.44 40.73
CA LYS C 795 43.98 51.72 39.39
C LYS C 795 44.21 53.22 39.11
N ASP C 796 45.37 53.53 38.54
CA ASP C 796 45.71 54.90 38.17
C ASP C 796 46.04 54.99 36.70
N PHE C 797 45.22 54.37 35.85
CA PHE C 797 45.49 54.28 34.41
C PHE C 797 45.22 55.62 33.72
N GLY C 798 46.03 56.62 34.09
CA GLY C 798 45.97 57.91 33.45
C GLY C 798 44.77 58.76 33.81
N GLY C 799 43.74 58.13 34.37
CA GLY C 799 42.52 58.84 34.70
C GLY C 799 41.27 58.13 34.19
N PHE C 800 41.47 57.17 33.29
CA PHE C 800 40.35 56.40 32.76
C PHE C 800 39.76 55.51 33.84
N ASN C 801 38.44 55.34 33.79
CA ASN C 801 37.71 54.56 34.78
C ASN C 801 37.45 53.17 34.19
N PHE C 802 38.42 52.27 34.37
CA PHE C 802 38.28 50.89 33.93
C PHE C 802 37.67 50.01 35.01
N SER C 803 36.51 50.42 35.53
CA SER C 803 35.82 49.69 36.57
C SER C 803 34.56 49.00 36.06
N GLN C 804 34.21 49.18 34.79
CA GLN C 804 33.02 48.55 34.22
C GLN C 804 33.36 47.32 33.38
N ILE C 805 34.56 47.26 32.81
CA ILE C 805 34.96 46.12 31.99
C ILE C 805 35.77 45.09 32.75
N LEU C 806 36.44 45.48 33.83
CA LEU C 806 37.21 44.54 34.62
C LEU C 806 36.29 43.75 35.56
N PRO C 807 36.63 42.48 35.82
CA PRO C 807 35.77 41.67 36.70
C PRO C 807 35.79 42.18 38.13
N ASP C 808 34.78 41.75 38.89
CA ASP C 808 34.62 42.14 40.28
C ASP C 808 35.02 41.00 41.19
N PRO C 809 35.82 41.25 42.22
CA PRO C 809 36.23 40.15 43.13
C PRO C 809 35.08 39.64 43.99
N SER C 810 34.19 40.51 44.45
CA SER C 810 33.07 40.09 45.27
C SER C 810 31.98 39.39 44.48
N LYS C 811 32.11 39.33 43.16
CA LYS C 811 31.09 38.68 42.34
C LYS C 811 31.27 37.16 42.39
N PRO C 812 30.20 36.39 42.61
CA PRO C 812 30.35 34.93 42.64
C PRO C 812 30.62 34.32 41.27
N SER C 813 30.22 34.99 40.19
CA SER C 813 30.44 34.47 38.84
C SER C 813 31.80 34.86 38.28
N LYS C 814 32.55 35.73 38.95
CA LYS C 814 33.88 36.17 38.51
C LYS C 814 33.82 36.78 37.11
N ARG C 815 32.86 37.67 36.91
CA ARG C 815 32.67 38.36 35.64
C ARG C 815 32.59 39.86 35.90
N SER C 816 32.33 40.62 34.84
CA SER C 816 32.22 42.06 34.91
C SER C 816 30.76 42.49 34.82
N PHE C 817 30.53 43.81 34.91
CA PHE C 817 29.18 44.34 34.80
C PHE C 817 28.66 44.22 33.37
N ILE C 818 29.48 44.62 32.40
CA ILE C 818 29.08 44.48 30.99
C ILE C 818 28.92 43.01 30.64
N GLU C 819 29.80 42.14 31.17
CA GLU C 819 29.66 40.71 30.93
C GLU C 819 28.37 40.18 31.56
N ASP C 820 28.01 40.68 32.74
CA ASP C 820 26.75 40.28 33.36
C ASP C 820 25.55 40.71 32.50
N LEU C 821 25.59 41.93 31.97
CA LEU C 821 24.51 42.39 31.11
C LEU C 821 24.41 41.55 29.84
N LEU C 822 25.57 41.19 29.26
CA LEU C 822 25.57 40.37 28.06
C LEU C 822 25.02 38.98 28.35
N PHE C 823 25.39 38.39 29.49
CA PHE C 823 24.89 37.06 29.83
C PHE C 823 23.41 37.09 30.17
N ASN C 824 22.92 38.19 30.72
CA ASN C 824 21.50 38.29 31.07
C ASN C 824 20.64 38.57 29.84
N LYS C 825 21.18 39.30 28.86
CA LYS C 825 20.39 39.64 27.68
C LYS C 825 20.19 38.41 26.79
N VAL C 826 21.28 37.67 26.52
CA VAL C 826 21.22 36.49 25.67
C VAL C 826 20.66 35.34 26.51
N THR C 827 19.48 34.84 26.14
CA THR C 827 18.84 33.75 26.85
C THR C 827 18.81 32.48 25.99
N LYS C 854 17.98 15.70 27.30
CA LYS C 854 17.62 14.30 27.09
C LYS C 854 16.12 14.13 26.90
N PHE C 855 15.69 14.01 25.64
CA PHE C 855 14.30 13.75 25.30
C PHE C 855 14.09 12.36 24.69
N ASN C 856 14.82 12.05 23.62
CA ASN C 856 14.66 10.79 22.92
C ASN C 856 15.98 10.27 22.32
N GLY C 857 17.11 10.80 22.77
CA GLY C 857 18.41 10.39 22.24
C GLY C 857 19.34 11.56 22.03
N LEU C 858 18.77 12.76 21.93
CA LEU C 858 19.56 13.97 21.73
C LEU C 858 20.27 14.36 23.03
N THR C 859 21.60 14.40 22.97
CA THR C 859 22.43 14.75 24.12
C THR C 859 23.18 16.03 23.83
N VAL C 860 23.03 17.02 24.71
CA VAL C 860 23.74 18.29 24.59
C VAL C 860 25.04 18.18 25.37
N LEU C 861 26.17 18.24 24.67
CA LEU C 861 27.46 18.13 25.33
C LEU C 861 27.93 19.50 25.80
N PRO C 862 28.45 19.60 27.01
CA PRO C 862 28.94 20.89 27.51
C PRO C 862 30.28 21.24 26.88
N PRO C 863 30.54 22.53 26.66
CA PRO C 863 31.83 22.92 26.07
C PRO C 863 32.98 22.65 27.01
N LEU C 864 34.18 22.61 26.43
CA LEU C 864 35.38 22.38 27.24
C LEU C 864 35.66 23.56 28.16
N LEU C 865 35.81 24.75 27.60
CA LEU C 865 36.05 25.94 28.39
C LEU C 865 34.73 26.46 28.94
N THR C 866 34.59 26.44 30.27
CA THR C 866 33.37 26.90 30.91
C THR C 866 33.31 28.42 30.89
N ASP C 867 32.24 28.96 31.49
CA ASP C 867 32.08 30.41 31.55
C ASP C 867 33.17 31.05 32.39
N GLU C 868 33.58 30.38 33.47
CA GLU C 868 34.65 30.92 34.31
C GLU C 868 35.96 30.99 33.56
N MET C 869 36.25 29.98 32.73
CA MET C 869 37.48 29.99 31.95
C MET C 869 37.50 31.14 30.95
N ILE C 870 36.38 31.37 30.26
CA ILE C 870 36.31 32.47 29.30
C ILE C 870 36.40 33.81 30.02
N ALA C 871 35.79 33.90 31.21
CA ALA C 871 35.88 35.13 31.99
C ALA C 871 37.32 35.42 32.41
N GLN C 872 38.04 34.38 32.85
CA GLN C 872 39.44 34.57 33.23
C GLN C 872 40.29 34.92 32.02
N TYR C 873 40.00 34.32 30.87
CA TYR C 873 40.71 34.67 29.63
C TYR C 873 40.50 36.14 29.29
N THR C 874 39.25 36.60 29.36
CA THR C 874 38.95 38.00 29.06
C THR C 874 39.62 38.93 30.06
N SER C 875 39.61 38.56 31.34
CA SER C 875 40.27 39.38 32.36
C SER C 875 41.77 39.47 32.11
N ALA C 876 42.40 38.35 31.75
CA ALA C 876 43.83 38.37 31.47
C ALA C 876 44.14 39.21 30.24
N LEU C 877 43.31 39.09 29.19
CA LEU C 877 43.52 39.89 28.00
C LEU C 877 43.37 41.37 28.30
N LEU C 878 42.37 41.74 29.10
CA LEU C 878 42.19 43.14 29.47
C LEU C 878 43.35 43.66 30.29
N ALA C 879 43.81 42.87 31.27
CA ALA C 879 44.96 43.28 32.08
C ALA C 879 46.19 43.46 31.22
N GLY C 880 46.42 42.56 30.26
CA GLY C 880 47.56 42.69 29.37
C GLY C 880 47.46 43.92 28.49
N THR C 881 46.28 44.19 27.93
CA THR C 881 46.11 45.34 27.07
C THR C 881 46.25 46.64 27.86
N ILE C 882 45.89 46.62 29.15
CA ILE C 882 45.98 47.83 29.95
C ILE C 882 47.41 48.07 30.41
N THR C 883 48.11 47.02 30.85
CA THR C 883 49.45 47.19 31.39
C THR C 883 50.48 47.33 30.27
N SER C 884 50.54 46.35 29.36
CA SER C 884 51.55 46.33 28.31
C SER C 884 51.06 46.96 27.01
N GLY C 885 49.84 46.65 26.59
CA GLY C 885 49.32 47.18 25.35
C GLY C 885 49.39 46.19 24.21
N TRP C 886 50.36 46.36 23.31
CA TRP C 886 50.56 45.45 22.19
C TRP C 886 51.85 44.64 22.31
N THR C 887 52.54 44.74 23.44
CA THR C 887 53.79 44.00 23.64
C THR C 887 53.59 42.69 24.36
N PHE C 888 52.48 42.50 25.08
CA PHE C 888 52.21 41.25 25.76
C PHE C 888 51.69 40.17 24.83
N GLY C 889 51.36 40.51 23.58
CA GLY C 889 50.93 39.54 22.59
C GLY C 889 51.95 39.24 21.52
N ALA C 890 53.16 39.77 21.62
CA ALA C 890 54.22 39.52 20.64
C ALA C 890 55.51 39.16 21.35
N GLY C 891 55.42 38.33 22.38
CA GLY C 891 56.59 37.95 23.17
C GLY C 891 56.31 37.99 24.65
N ALA C 892 57.09 38.78 25.38
CA ALA C 892 56.92 38.94 26.82
C ALA C 892 56.28 40.29 27.12
N ALA C 893 55.60 40.36 28.26
CA ALA C 893 54.90 41.57 28.65
C ALA C 893 55.89 42.66 29.03
N LEU C 894 55.63 43.88 28.57
CA LEU C 894 56.44 45.05 28.87
C LEU C 894 55.57 46.08 29.57
N GLN C 895 55.84 46.32 30.86
CA GLN C 895 55.06 47.29 31.60
C GLN C 895 55.30 48.69 31.07
N ILE C 896 54.22 49.49 31.02
CA ILE C 896 54.27 50.84 30.47
C ILE C 896 53.03 51.59 30.95
N PRO C 897 53.16 52.84 31.39
CA PRO C 897 51.97 53.60 31.81
C PRO C 897 50.94 53.71 30.71
N PHE C 898 49.67 53.70 31.10
CA PHE C 898 48.59 53.76 30.12
C PHE C 898 48.57 55.10 29.39
N ALA C 899 49.03 56.18 30.04
CA ALA C 899 49.10 57.46 29.37
C ALA C 899 50.06 57.42 28.19
N MET C 900 51.26 56.88 28.41
CA MET C 900 52.22 56.76 27.31
C MET C 900 51.74 55.76 26.26
N GLN C 901 51.02 54.72 26.67
CA GLN C 901 50.47 53.77 25.69
C GLN C 901 49.47 54.45 24.78
N MET C 902 48.54 55.21 25.35
CA MET C 902 47.58 55.95 24.54
C MET C 902 48.27 57.03 23.69
N ALA C 903 49.33 57.64 24.22
CA ALA C 903 50.09 58.61 23.43
C ALA C 903 50.71 57.94 22.21
N TYR C 904 51.23 56.72 22.38
CA TYR C 904 51.80 56.00 21.24
C TYR C 904 50.70 55.59 20.25
N ARG C 905 49.55 55.17 20.77
CA ARG C 905 48.43 54.82 19.88
C ARG C 905 48.00 56.03 19.06
N PHE C 906 48.01 57.22 19.67
CA PHE C 906 47.71 58.44 18.92
C PHE C 906 48.81 58.77 17.93
N ASN C 907 50.07 58.61 18.33
CA ASN C 907 51.19 58.89 17.44
C ASN C 907 51.18 57.98 16.22
N GLY C 908 50.62 56.78 16.36
CA GLY C 908 50.53 55.89 15.21
C GLY C 908 49.63 56.44 14.11
N ILE C 909 48.43 56.88 14.48
CA ILE C 909 47.44 57.33 13.50
C ILE C 909 47.63 58.83 13.32
N GLY C 910 48.59 59.19 12.48
CA GLY C 910 48.70 60.56 11.98
C GLY C 910 49.19 61.58 12.98
N VAL C 911 48.36 61.86 14.00
CA VAL C 911 48.67 62.95 14.93
C VAL C 911 49.89 62.61 15.77
N THR C 912 50.43 63.62 16.43
CA THR C 912 51.62 63.47 17.25
C THR C 912 51.22 63.11 18.69
N GLN C 913 52.19 63.14 19.60
CA GLN C 913 51.93 62.79 20.98
C GLN C 913 51.41 63.96 21.81
N ASN C 914 51.67 65.20 21.38
CA ASN C 914 51.25 66.37 22.15
C ASN C 914 49.74 66.59 22.12
N VAL C 915 49.02 65.91 21.23
CA VAL C 915 47.57 66.11 21.16
C VAL C 915 46.88 65.40 22.32
N LEU C 916 47.54 64.42 22.94
CA LEU C 916 46.96 63.70 24.06
C LEU C 916 47.46 64.20 25.41
N TYR C 917 48.74 64.55 25.50
CA TYR C 917 49.31 65.02 26.76
C TYR C 917 48.76 66.38 27.17
N GLU C 918 48.12 67.11 26.26
CA GLU C 918 47.52 68.39 26.59
C GLU C 918 46.02 68.31 26.82
N ASN C 919 45.36 67.25 26.34
CA ASN C 919 43.92 67.07 26.49
C ASN C 919 43.61 65.69 27.06
N GLN C 920 44.40 65.25 28.04
CA GLN C 920 44.19 63.93 28.62
C GLN C 920 42.91 63.86 29.42
N LYS C 921 42.59 64.93 30.16
CA LYS C 921 41.36 64.95 30.96
C LYS C 921 40.13 64.88 30.07
N LEU C 922 40.12 65.64 28.97
CA LEU C 922 38.99 65.61 28.05
C LEU C 922 38.85 64.25 27.39
N ILE C 923 39.98 63.62 27.04
CA ILE C 923 39.93 62.29 26.44
C ILE C 923 39.36 61.27 27.43
N ALA C 924 39.80 61.34 28.69
CA ALA C 924 39.29 60.42 29.70
C ALA C 924 37.80 60.64 29.94
N ASN C 925 37.37 61.91 29.99
CA ASN C 925 35.95 62.19 30.19
C ASN C 925 35.11 61.68 29.03
N GLN C 926 35.59 61.88 27.79
CA GLN C 926 34.85 61.40 26.63
C GLN C 926 34.81 59.87 26.60
N PHE C 927 35.90 59.22 27.00
CA PHE C 927 35.90 57.76 27.06
C PHE C 927 34.92 57.25 28.09
N ASN C 928 34.88 57.88 29.27
CA ASN C 928 33.93 57.47 30.30
C ASN C 928 32.50 57.70 29.84
N SER C 929 32.24 58.82 29.15
CA SER C 929 30.90 59.08 28.64
C SER C 929 30.50 58.05 27.59
N ALA C 930 31.44 57.68 26.72
CA ALA C 930 31.14 56.66 25.71
C ALA C 930 30.88 55.31 26.34
N ILE C 931 31.65 54.96 27.38
CA ILE C 931 31.41 53.70 28.08
C ILE C 931 30.03 53.70 28.73
N GLY C 932 29.66 54.81 29.37
CA GLY C 932 28.34 54.90 29.98
C GLY C 932 27.23 54.81 28.96
N LYS C 933 27.40 55.47 27.81
CA LYS C 933 26.39 55.41 26.76
C LYS C 933 26.26 54.01 26.19
N ILE C 934 27.38 53.31 26.03
CA ILE C 934 27.34 51.93 25.54
C ILE C 934 26.64 51.03 26.54
N GLN C 935 26.92 51.22 27.83
CA GLN C 935 26.25 50.42 28.86
C GLN C 935 24.74 50.69 28.86
N ASP C 936 24.35 51.96 28.73
CA ASP C 936 22.93 52.31 28.70
C ASP C 936 22.25 51.72 27.48
N SER C 937 22.91 51.76 26.32
CA SER C 937 22.32 51.21 25.11
C SER C 937 22.20 49.69 25.20
N LEU C 938 23.18 49.04 25.84
CA LEU C 938 23.11 47.59 26.00
C LEU C 938 22.07 47.16 27.03
N SER C 939 21.83 47.98 28.06
CA SER C 939 20.85 47.64 29.07
C SER C 939 19.43 48.01 28.69
N SER C 940 19.25 49.00 27.82
CA SER C 940 17.91 49.43 27.41
C SER C 940 17.47 48.73 26.12
N THR C 941 18.23 48.89 25.05
CA THR C 941 17.90 48.29 23.76
C THR C 941 18.27 46.82 23.77
N ALA C 942 17.31 45.95 23.42
CA ALA C 942 17.51 44.51 23.43
C ALA C 942 17.71 43.94 22.03
N SER C 943 17.92 44.79 21.02
CA SER C 943 18.14 44.35 19.66
C SER C 943 19.62 44.38 19.26
N ALA C 944 20.51 44.73 20.18
CA ALA C 944 21.93 44.76 19.87
C ALA C 944 22.48 43.34 19.77
N LEU C 945 22.18 42.50 20.75
CA LEU C 945 22.63 41.11 20.77
C LEU C 945 21.74 40.30 19.82
N GLY C 946 22.01 40.46 18.53
CA GLY C 946 21.20 39.82 17.51
C GLY C 946 21.79 38.53 16.97
N LYS C 947 23.08 38.56 16.63
CA LYS C 947 23.71 37.41 15.99
C LYS C 947 23.71 36.19 16.92
N LEU C 948 24.13 36.38 18.17
CA LEU C 948 24.13 35.27 19.12
C LEU C 948 22.71 34.78 19.40
N GLN C 949 21.77 35.71 19.55
CA GLN C 949 20.38 35.32 19.76
C GLN C 949 19.82 34.59 18.55
N ASP C 950 20.18 35.05 17.34
CA ASP C 950 19.72 34.36 16.14
C ASP C 950 20.30 32.96 16.05
N VAL C 951 21.57 32.79 16.41
CA VAL C 951 22.18 31.46 16.39
C VAL C 951 21.50 30.53 17.39
N VAL C 952 21.24 31.05 18.60
CA VAL C 952 20.58 30.24 19.63
C VAL C 952 19.18 29.85 19.17
N ASN C 953 18.44 30.80 18.59
CA ASN C 953 17.09 30.50 18.13
C ASN C 953 17.11 29.51 16.98
N GLN C 954 18.09 29.60 16.09
CA GLN C 954 18.19 28.64 15.00
C GLN C 954 18.48 27.24 15.52
N ASN C 955 19.40 27.13 16.48
CA ASN C 955 19.69 25.82 17.06
C ASN C 955 18.47 25.24 17.77
N ALA C 956 17.74 26.08 18.52
CA ALA C 956 16.56 25.61 19.21
C ALA C 956 15.48 25.16 18.22
N GLN C 957 15.29 25.92 17.14
CA GLN C 957 14.30 25.55 16.14
C GLN C 957 14.69 24.27 15.43
N ALA C 958 15.99 24.08 15.17
CA ALA C 958 16.44 22.83 14.54
C ALA C 958 16.18 21.64 15.46
N LEU C 959 16.51 21.77 16.74
CA LEU C 959 16.25 20.68 17.68
C LEU C 959 14.75 20.39 17.78
N ASN C 960 13.93 21.44 17.84
CA ASN C 960 12.48 21.25 17.95
C ASN C 960 11.92 20.57 16.71
N THR C 961 12.35 21.00 15.52
CA THR C 961 11.82 20.39 14.30
C THR C 961 12.34 18.96 14.14
N LEU C 962 13.53 18.67 14.68
CA LEU C 962 14.01 17.28 14.65
C LEU C 962 13.16 16.39 15.55
N VAL C 963 12.87 16.85 16.77
CA VAL C 963 12.03 16.07 17.68
C VAL C 963 10.63 15.94 17.13
N LYS C 964 10.16 16.96 16.38
CA LYS C 964 8.84 16.88 15.78
C LYS C 964 8.82 15.87 14.62
N GLN C 965 9.86 15.89 13.78
CA GLN C 965 9.93 14.94 12.68
C GLN C 965 10.07 13.50 13.17
N LEU C 966 10.68 13.31 14.35
CA LEU C 966 10.71 11.96 14.91
C LEU C 966 9.30 11.44 15.19
N SER C 967 8.35 12.32 15.48
CA SER C 967 6.97 11.95 15.76
C SER C 967 6.08 12.13 14.54
N SER C 968 6.61 11.88 13.36
CA SER C 968 5.87 11.98 12.11
C SER C 968 5.45 10.59 11.63
N ASN C 969 4.55 10.57 10.65
CA ASN C 969 4.04 9.33 10.09
C ASN C 969 4.90 8.80 8.95
N PHE C 970 5.40 9.70 8.09
CA PHE C 970 6.23 9.33 6.94
C PHE C 970 5.52 8.35 6.01
N GLY C 971 4.19 8.45 5.94
CA GLY C 971 3.42 7.56 5.09
C GLY C 971 2.98 6.27 5.73
N ALA C 972 3.10 6.14 7.05
CA ALA C 972 2.68 4.94 7.76
C ALA C 972 1.29 5.15 8.34
N ILE C 973 0.82 4.14 9.10
CA ILE C 973 -0.48 4.24 9.74
C ILE C 973 -0.42 4.94 11.09
N SER C 974 0.74 4.96 11.74
CA SER C 974 0.90 5.62 13.03
C SER C 974 2.32 6.16 13.12
N SER C 975 2.71 6.59 14.32
CA SER C 975 4.05 7.11 14.56
C SER C 975 4.74 6.44 15.75
N VAL C 976 4.12 5.41 16.33
CA VAL C 976 4.69 4.68 17.46
C VAL C 976 5.02 3.26 17.00
N LEU C 977 6.16 2.75 17.45
CA LEU C 977 6.62 1.44 16.97
C LEU C 977 5.91 0.30 17.70
N ASN C 978 5.53 0.53 18.96
CA ASN C 978 4.90 -0.54 19.75
C ASN C 978 3.55 -0.94 19.16
N ASP C 979 2.71 0.03 18.84
CA ASP C 979 1.40 -0.28 18.28
C ASP C 979 1.52 -0.89 16.89
N ILE C 980 2.63 -0.63 16.18
CA ILE C 980 2.83 -1.24 14.88
C ILE C 980 3.27 -2.69 15.01
N LEU C 981 4.20 -2.96 15.94
CA LEU C 981 4.66 -4.32 16.14
C LEU C 981 3.66 -5.19 16.90
N SER C 982 2.66 -4.58 17.53
CA SER C 982 1.69 -5.34 18.32
C SER C 982 0.34 -5.51 17.64
N ARG C 983 0.03 -4.70 16.62
CA ARG C 983 -1.26 -4.75 15.95
C ARG C 983 -1.14 -5.03 14.46
N LEU C 984 -0.04 -5.64 14.02
CA LEU C 984 0.16 -5.94 12.62
C LEU C 984 0.88 -7.28 12.47
N ASP C 985 0.63 -7.93 11.34
CA ASP C 985 1.35 -9.15 11.00
C ASP C 985 2.81 -8.83 10.69
N PRO C 986 3.71 -9.78 10.91
CA PRO C 986 5.15 -9.50 10.80
C PRO C 986 5.54 -8.89 9.47
N PRO C 987 5.02 -9.36 8.32
CA PRO C 987 5.39 -8.71 7.05
C PRO C 987 5.05 -7.22 7.00
N GLU C 988 3.78 -6.86 7.21
CA GLU C 988 3.41 -5.45 7.20
C GLU C 988 4.09 -4.69 8.34
N ALA C 989 4.33 -5.37 9.46
CA ALA C 989 5.04 -4.74 10.56
C ALA C 989 6.44 -4.29 10.15
N GLU C 990 7.22 -5.20 9.55
CA GLU C 990 8.57 -4.83 9.14
C GLU C 990 8.55 -3.86 7.96
N VAL C 991 7.50 -3.92 7.14
CA VAL C 991 7.36 -2.94 6.06
C VAL C 991 7.22 -1.54 6.63
N GLN C 992 6.27 -1.36 7.55
CA GLN C 992 6.09 -0.05 8.17
C GLN C 992 7.33 0.35 8.97
N ILE C 993 8.02 -0.61 9.57
CA ILE C 993 9.22 -0.31 10.34
C ILE C 993 10.32 0.22 9.43
N ASP C 994 10.53 -0.42 8.29
CA ASP C 994 11.57 0.05 7.37
C ASP C 994 11.18 1.38 6.74
N ARG C 995 9.88 1.60 6.52
CA ARG C 995 9.43 2.90 6.03
C ARG C 995 9.75 4.01 7.03
N LEU C 996 9.40 3.79 8.31
CA LEU C 996 9.71 4.77 9.35
C LEU C 996 11.21 4.95 9.50
N ILE C 997 11.98 3.87 9.35
CA ILE C 997 13.43 3.95 9.46
C ILE C 997 14.01 4.82 8.35
N THR C 998 13.53 4.62 7.12
CA THR C 998 13.99 5.45 6.00
C THR C 998 13.61 6.90 6.21
N GLY C 999 12.39 7.16 6.69
CA GLY C 999 11.99 8.54 6.93
C GLY C 999 12.83 9.22 7.98
N ARG C 1000 13.03 8.54 9.12
CA ARG C 1000 13.84 9.11 10.19
C ARG C 1000 15.30 9.27 9.75
N LEU C 1001 15.81 8.36 8.93
CA LEU C 1001 17.19 8.49 8.44
C LEU C 1001 17.32 9.68 7.51
N GLN C 1002 16.34 9.90 6.63
CA GLN C 1002 16.38 11.08 5.77
C GLN C 1002 16.31 12.35 6.60
N SER C 1003 15.44 12.37 7.61
CA SER C 1003 15.33 13.55 8.47
C SER C 1003 16.64 13.82 9.21
N LEU C 1004 17.26 12.76 9.73
CA LEU C 1004 18.51 12.91 10.47
C LEU C 1004 19.65 13.36 9.53
N GLN C 1005 19.66 12.86 8.30
CA GLN C 1005 20.68 13.29 7.35
C GLN C 1005 20.50 14.75 6.97
N THR C 1006 19.25 15.19 6.79
CA THR C 1006 19.01 16.61 6.52
C THR C 1006 19.44 17.46 7.69
N TYR C 1007 19.12 17.03 8.92
CA TYR C 1007 19.54 17.77 10.10
C TYR C 1007 21.06 17.84 10.21
N VAL C 1008 21.74 16.73 9.91
CA VAL C 1008 23.20 16.71 9.99
C VAL C 1008 23.81 17.62 8.94
N THR C 1009 23.24 17.65 7.73
CA THR C 1009 23.73 18.54 6.69
C THR C 1009 23.54 20.00 7.08
N GLN C 1010 22.38 20.34 7.63
CA GLN C 1010 22.15 21.70 8.09
C GLN C 1010 23.11 22.07 9.22
N GLN C 1011 23.36 21.15 10.14
CA GLN C 1011 24.29 21.40 11.23
C GLN C 1011 25.71 21.58 10.71
N LEU C 1012 26.09 20.83 9.69
CA LEU C 1012 27.42 20.97 9.10
C LEU C 1012 27.58 22.32 8.40
N ILE C 1013 26.54 22.76 7.69
CA ILE C 1013 26.60 24.06 7.04
C ILE C 1013 26.70 25.17 8.08
N ARG C 1014 25.88 25.09 9.13
CA ARG C 1014 25.94 26.08 10.19
C ARG C 1014 27.28 26.06 10.91
N ALA C 1015 27.86 24.87 11.07
CA ALA C 1015 29.17 24.77 11.73
C ALA C 1015 30.27 25.38 10.87
N ALA C 1016 30.18 25.20 9.54
CA ALA C 1016 31.14 25.83 8.66
C ALA C 1016 31.00 27.35 8.71
N GLU C 1017 29.77 27.86 8.70
CA GLU C 1017 29.56 29.30 8.81
C GLU C 1017 30.10 29.83 10.15
N ILE C 1018 29.86 29.10 11.23
CA ILE C 1018 30.33 29.53 12.54
C ILE C 1018 31.86 29.45 12.63
N ARG C 1019 32.47 28.48 11.94
CA ARG C 1019 33.93 28.40 11.92
C ARG C 1019 34.52 29.57 11.15
N ALA C 1020 33.90 29.95 10.03
CA ALA C 1020 34.35 31.14 9.32
C ALA C 1020 34.22 32.39 10.18
N SER C 1021 33.08 32.53 10.86
CA SER C 1021 32.88 33.69 11.74
C SER C 1021 33.87 33.68 12.89
N ALA C 1022 34.23 32.50 13.40
CA ALA C 1022 35.18 32.41 14.50
C ALA C 1022 36.59 32.74 14.04
N ASN C 1023 36.96 32.32 12.83
CA ASN C 1023 38.25 32.72 12.28
C ASN C 1023 38.31 34.24 12.09
N LEU C 1024 37.22 34.83 11.60
CA LEU C 1024 37.17 36.29 11.47
C LEU C 1024 37.31 36.96 12.84
N ALA C 1025 36.59 36.46 13.85
CA ALA C 1025 36.68 37.04 15.18
C ALA C 1025 38.06 36.88 15.77
N ALA C 1026 38.73 35.75 15.49
CA ALA C 1026 40.06 35.53 16.02
C ALA C 1026 41.08 36.46 15.38
N THR C 1027 41.02 36.62 14.05
CA THR C 1027 41.96 37.53 13.40
C THR C 1027 41.67 38.98 13.79
N LYS C 1028 40.40 39.32 14.03
CA LYS C 1028 40.08 40.65 14.51
C LYS C 1028 40.62 40.88 15.91
N MET C 1029 40.46 39.89 16.80
CA MET C 1029 41.06 39.96 18.13
C MET C 1029 42.56 40.19 18.03
N SER C 1030 43.25 39.37 17.24
CA SER C 1030 44.70 39.46 17.10
C SER C 1030 45.16 40.78 16.51
N GLU C 1031 44.40 41.36 15.59
CA GLU C 1031 44.85 42.58 14.90
C GLU C 1031 44.36 43.85 15.56
N CYS C 1032 43.40 43.78 16.48
CA CYS C 1032 42.90 44.98 17.16
C CYS C 1032 43.30 45.03 18.63
N VAL C 1033 43.14 43.94 19.37
CA VAL C 1033 43.45 43.96 20.80
C VAL C 1033 44.95 43.82 21.02
N LEU C 1034 45.59 42.88 20.34
CA LEU C 1034 47.02 42.64 20.49
C LEU C 1034 47.87 43.60 19.67
N GLY C 1035 47.30 44.68 19.16
CA GLY C 1035 48.06 45.63 18.37
C GLY C 1035 47.20 46.63 17.62
N GLN C 1036 47.78 47.78 17.29
CA GLN C 1036 47.06 48.80 16.54
C GLN C 1036 47.08 48.47 15.05
N SER C 1037 45.90 48.40 14.44
CA SER C 1037 45.76 48.05 13.04
C SER C 1037 45.50 49.28 12.21
N LYS C 1038 46.13 49.35 11.04
CA LYS C 1038 45.94 50.43 10.09
C LYS C 1038 44.92 50.07 9.01
N ARG C 1039 44.20 48.97 9.16
CA ARG C 1039 43.19 48.57 8.21
C ARG C 1039 41.94 49.43 8.41
N VAL C 1040 41.55 50.17 7.37
CA VAL C 1040 40.41 51.07 7.46
C VAL C 1040 39.13 50.26 7.62
N ASP C 1041 38.30 50.67 8.57
CA ASP C 1041 37.00 50.03 8.82
C ASP C 1041 37.15 48.56 9.18
N PHE C 1042 38.13 48.25 10.03
CA PHE C 1042 38.34 46.91 10.54
C PHE C 1042 38.09 46.81 12.04
N CYS C 1043 38.78 47.62 12.84
CA CYS C 1043 38.54 47.69 14.28
C CYS C 1043 37.62 48.87 14.61
N GLY C 1044 36.40 48.78 14.10
CA GLY C 1044 35.42 49.83 14.29
C GLY C 1044 35.49 50.89 13.19
N LYS C 1045 34.40 51.66 13.09
CA LYS C 1045 34.29 52.69 12.08
C LYS C 1045 35.08 53.92 12.52
N GLY C 1046 36.17 54.21 11.83
CA GLY C 1046 37.03 55.33 12.14
C GLY C 1046 38.44 54.88 12.43
N TYR C 1047 39.26 55.83 12.89
CA TYR C 1047 40.64 55.54 13.24
C TYR C 1047 40.68 54.66 14.49
N HIS C 1048 41.36 53.52 14.39
CA HIS C 1048 41.40 52.57 15.49
C HIS C 1048 42.40 53.00 16.55
N LEU C 1049 41.98 52.92 17.82
CA LEU C 1049 42.84 53.24 18.96
C LEU C 1049 43.12 52.01 19.81
N MET C 1050 42.08 51.34 20.28
CA MET C 1050 42.24 50.15 21.12
C MET C 1050 40.91 49.41 21.17
N SER C 1051 40.98 48.15 21.60
CA SER C 1051 39.79 47.30 21.69
C SER C 1051 39.81 46.55 23.00
N PHE C 1052 38.63 46.31 23.55
CA PHE C 1052 38.47 45.59 24.81
C PHE C 1052 37.51 44.42 24.61
N PRO C 1053 37.99 43.19 24.55
CA PRO C 1053 37.08 42.05 24.36
C PRO C 1053 36.23 41.80 25.60
N GLN C 1054 35.06 41.21 25.36
CA GLN C 1054 34.12 40.87 26.43
C GLN C 1054 33.51 39.50 26.15
N SER C 1055 33.35 38.71 27.21
CA SER C 1055 32.76 37.39 27.07
C SER C 1055 31.27 37.50 26.78
N ALA C 1056 30.73 36.45 26.15
CA ALA C 1056 29.32 36.41 25.78
C ALA C 1056 28.93 34.96 25.56
N PRO C 1057 27.66 34.60 25.79
CA PRO C 1057 27.23 33.22 25.55
C PRO C 1057 27.31 32.84 24.09
N HIS C 1058 28.21 31.91 23.76
CA HIS C 1058 28.42 31.45 22.39
C HIS C 1058 28.74 32.62 21.45
N GLY C 1059 29.73 33.41 21.85
CA GLY C 1059 30.13 34.56 21.06
C GLY C 1059 31.09 35.42 21.83
N VAL C 1060 31.58 36.45 21.14
CA VAL C 1060 32.52 37.41 21.70
C VAL C 1060 32.03 38.81 21.34
N VAL C 1061 32.17 39.74 22.29
CA VAL C 1061 31.74 41.12 22.11
C VAL C 1061 32.96 42.02 22.25
N PHE C 1062 33.15 42.91 21.28
CA PHE C 1062 34.29 43.82 21.25
C PHE C 1062 33.86 45.22 21.68
N LEU C 1063 34.86 46.02 22.03
CA LEU C 1063 34.68 47.41 22.47
C LEU C 1063 35.67 48.32 21.76
N HIS C 1064 35.73 48.20 20.43
CA HIS C 1064 36.68 48.96 19.62
C HIS C 1064 36.53 50.46 19.87
N VAL C 1065 37.61 51.07 20.37
CA VAL C 1065 37.65 52.51 20.57
C VAL C 1065 38.06 53.17 19.26
N THR C 1066 37.18 54.00 18.72
CA THR C 1066 37.39 54.63 17.42
C THR C 1066 37.70 56.12 17.61
N TYR C 1067 38.59 56.63 16.76
CA TYR C 1067 38.96 58.04 16.78
C TYR C 1067 38.35 58.72 15.56
N VAL C 1068 37.29 59.49 15.78
CA VAL C 1068 36.60 60.17 14.68
C VAL C 1068 36.73 61.69 14.87
N PRO C 1069 37.24 62.40 13.86
CA PRO C 1069 37.36 63.86 13.99
C PRO C 1069 36.01 64.54 13.84
N ALA C 1070 35.92 65.75 14.37
CA ALA C 1070 34.69 66.55 14.29
C ALA C 1070 35.05 68.01 14.43
N GLN C 1071 34.06 68.87 14.12
CA GLN C 1071 34.21 70.32 14.21
C GLN C 1071 35.38 70.81 13.35
N GLU C 1072 35.33 70.44 12.07
CA GLU C 1072 36.36 70.81 11.13
C GLU C 1072 36.11 72.20 10.56
N LYS C 1073 37.17 72.80 10.02
CA LYS C 1073 37.09 74.12 9.42
C LYS C 1073 38.02 74.17 8.21
N ASN C 1074 37.57 74.83 7.15
CA ASN C 1074 38.34 74.88 5.92
C ASN C 1074 39.37 76.01 5.98
N PHE C 1075 40.52 75.76 5.33
CA PHE C 1075 41.60 76.73 5.24
C PHE C 1075 42.08 76.78 3.78
N THR C 1076 43.06 77.63 3.53
CA THR C 1076 43.65 77.77 2.21
C THR C 1076 44.94 76.96 2.16
N THR C 1077 45.00 76.00 1.24
CA THR C 1077 46.12 75.08 1.13
C THR C 1077 46.93 75.35 -0.13
N ALA C 1078 48.09 74.70 -0.21
CA ALA C 1078 48.98 74.82 -1.35
C ALA C 1078 49.92 73.63 -1.33
N PRO C 1079 50.36 73.15 -2.50
CA PRO C 1079 51.29 72.00 -2.51
C PRO C 1079 52.61 72.29 -1.83
N ALA C 1080 53.23 73.43 -2.14
CA ALA C 1080 54.50 73.79 -1.54
C ALA C 1080 54.72 75.29 -1.70
N ILE C 1081 55.80 75.78 -1.11
CA ILE C 1081 56.22 77.17 -1.25
C ILE C 1081 57.69 77.19 -1.66
N CYS C 1082 58.11 78.33 -2.20
CA CYS C 1082 59.52 78.53 -2.57
C CYS C 1082 59.92 79.95 -2.18
N HIS C 1083 60.99 80.06 -1.41
CA HIS C 1083 61.50 81.35 -0.95
C HIS C 1083 62.78 81.75 -1.67
N ASP C 1084 63.81 80.92 -1.63
CA ASP C 1084 65.08 81.18 -2.31
C ASP C 1084 65.11 80.54 -3.69
N GLY C 1085 64.08 80.79 -4.49
CA GLY C 1085 64.01 80.25 -5.84
C GLY C 1085 63.96 78.74 -5.92
N LYS C 1086 63.75 78.08 -4.78
CA LYS C 1086 63.70 76.63 -4.71
C LYS C 1086 62.50 76.19 -3.87
N ALA C 1087 61.80 75.18 -4.35
CA ALA C 1087 60.58 74.72 -3.71
C ALA C 1087 60.88 74.15 -2.32
N HIS C 1088 59.85 74.15 -1.47
CA HIS C 1088 59.96 73.63 -0.11
C HIS C 1088 58.73 72.77 0.15
N PHE C 1089 58.87 71.46 -0.05
CA PHE C 1089 57.76 70.56 0.19
C PHE C 1089 57.70 70.18 1.67
N PRO C 1090 56.51 70.07 2.25
CA PRO C 1090 56.42 69.73 3.68
C PRO C 1090 56.87 68.31 3.96
N ARG C 1091 57.64 68.14 5.02
CA ARG C 1091 58.13 66.81 5.39
C ARG C 1091 56.98 65.95 5.90
N GLU C 1092 56.33 66.37 6.98
CA GLU C 1092 55.18 65.66 7.55
C GLU C 1092 54.20 66.72 8.05
N GLY C 1093 53.25 67.09 7.19
CA GLY C 1093 52.28 68.09 7.55
C GLY C 1093 51.58 68.62 6.32
N VAL C 1094 50.69 69.59 6.55
CA VAL C 1094 49.89 70.22 5.50
C VAL C 1094 50.11 71.72 5.56
N PHE C 1095 50.42 72.32 4.42
CA PHE C 1095 50.62 73.77 4.33
C PHE C 1095 49.26 74.44 4.28
N VAL C 1096 48.81 74.95 5.42
CA VAL C 1096 47.52 75.62 5.52
C VAL C 1096 47.76 77.12 5.75
N SER C 1097 46.69 77.89 5.66
CA SER C 1097 46.75 79.33 5.87
C SER C 1097 45.36 79.84 6.16
N ASN C 1098 45.24 80.71 7.17
CA ASN C 1098 43.98 81.30 7.55
C ASN C 1098 43.64 82.54 6.74
N GLY C 1099 44.28 82.73 5.59
CA GLY C 1099 44.00 83.85 4.72
C GLY C 1099 45.17 84.77 4.49
N THR C 1100 45.94 85.05 5.55
CA THR C 1100 47.09 85.93 5.47
C THR C 1100 48.41 85.23 5.73
N HIS C 1101 48.54 84.54 6.86
CA HIS C 1101 49.77 83.87 7.24
C HIS C 1101 49.66 82.38 6.95
N TRP C 1102 50.77 81.80 6.45
CA TRP C 1102 50.82 80.39 6.13
C TRP C 1102 51.41 79.61 7.30
N PHE C 1103 50.89 78.40 7.52
CA PHE C 1103 51.34 77.54 8.60
C PHE C 1103 51.34 76.09 8.15
N VAL C 1104 52.01 75.25 8.92
CA VAL C 1104 52.05 73.81 8.69
C VAL C 1104 51.41 73.13 9.90
N THR C 1105 50.52 72.17 9.63
CA THR C 1105 49.79 71.47 10.67
C THR C 1105 49.72 69.99 10.34
N GLN C 1106 49.33 69.20 11.34
CA GLN C 1106 49.19 67.77 11.14
C GLN C 1106 48.04 67.47 10.18
N ARG C 1107 48.06 66.26 9.63
CA ARG C 1107 47.06 65.85 8.65
C ARG C 1107 45.75 65.41 9.27
N ASN C 1108 45.69 65.28 10.60
CA ASN C 1108 44.47 64.86 11.28
C ASN C 1108 44.10 65.74 12.47
N PHE C 1109 44.84 66.83 12.71
CA PHE C 1109 44.55 67.73 13.82
C PHE C 1109 45.14 69.09 13.51
N TYR C 1110 44.33 70.14 13.69
CA TYR C 1110 44.77 71.49 13.39
C TYR C 1110 45.74 71.97 14.46
N GLU C 1111 46.99 72.20 14.07
CA GLU C 1111 48.02 72.73 14.98
C GLU C 1111 48.94 73.63 14.17
N PRO C 1112 48.63 74.93 14.10
CA PRO C 1112 49.45 75.83 13.30
C PRO C 1112 50.83 76.03 13.92
N GLN C 1113 51.87 75.87 13.09
CA GLN C 1113 53.25 76.02 13.53
C GLN C 1113 54.00 76.90 12.52
N ILE C 1114 55.06 77.53 13.00
CA ILE C 1114 55.87 78.38 12.14
C ILE C 1114 56.63 77.52 11.13
N ILE C 1115 56.59 77.93 9.88
CA ILE C 1115 57.24 77.20 8.80
C ILE C 1115 58.74 77.39 8.92
N THR C 1116 59.43 76.34 9.36
CA THR C 1116 60.88 76.36 9.51
C THR C 1116 61.50 75.30 8.62
N THR C 1117 62.84 75.32 8.54
CA THR C 1117 63.55 74.39 7.68
C THR C 1117 63.55 72.96 8.21
N ASP C 1118 63.15 72.74 9.46
CA ASP C 1118 63.11 71.40 10.02
C ASP C 1118 61.84 70.65 9.67
N ASN C 1119 60.81 71.34 9.18
CA ASN C 1119 59.55 70.71 8.82
C ASN C 1119 59.36 70.61 7.31
N THR C 1120 60.34 71.02 6.52
CA THR C 1120 60.23 70.98 5.07
C THR C 1120 61.58 70.64 4.47
N PHE C 1121 61.56 70.08 3.26
CA PHE C 1121 62.76 69.71 2.54
C PHE C 1121 62.76 70.38 1.17
N VAL C 1122 63.96 70.64 0.65
CA VAL C 1122 64.14 71.33 -0.62
C VAL C 1122 64.47 70.30 -1.70
N SER C 1123 63.78 70.39 -2.83
CA SER C 1123 64.05 69.50 -3.96
C SER C 1123 63.56 70.18 -5.23
N GLY C 1124 64.51 70.64 -6.06
CA GLY C 1124 64.17 71.28 -7.31
C GLY C 1124 63.72 72.72 -7.14
N ASN C 1125 63.35 73.32 -8.27
CA ASN C 1125 62.88 74.69 -8.32
C ASN C 1125 61.36 74.72 -8.39
N CYS C 1126 60.79 75.88 -8.09
CA CYS C 1126 59.34 76.07 -8.09
C CYS C 1126 58.85 76.57 -9.45
N ASP C 1127 59.23 75.83 -10.49
CA ASP C 1127 58.81 76.15 -11.85
C ASP C 1127 58.11 74.98 -12.55
N VAL C 1128 58.00 73.82 -11.92
CA VAL C 1128 57.36 72.65 -12.50
C VAL C 1128 56.05 72.31 -11.81
N VAL C 1129 55.97 72.53 -10.49
CA VAL C 1129 54.77 72.20 -9.75
C VAL C 1129 53.70 73.25 -10.02
N ILE C 1130 52.45 72.80 -10.19
CA ILE C 1130 51.32 73.69 -10.42
C ILE C 1130 50.66 73.96 -9.07
N GLY C 1131 50.41 75.23 -8.78
CA GLY C 1131 49.81 75.61 -7.52
C GLY C 1131 50.80 76.20 -6.55
N ILE C 1132 52.00 76.51 -7.04
CA ILE C 1132 53.03 77.07 -6.19
C ILE C 1132 52.64 78.48 -5.77
N VAL C 1133 52.93 78.82 -4.51
CA VAL C 1133 52.63 80.13 -3.95
C VAL C 1133 53.92 80.74 -3.41
N ASN C 1134 54.00 82.07 -3.40
CA ASN C 1134 55.17 82.74 -2.89
C ASN C 1134 55.04 82.99 -1.39
N ASN C 1135 56.02 82.51 -0.62
CA ASN C 1135 56.02 82.69 0.82
C ASN C 1135 57.45 82.57 1.33
N THR C 1136 57.73 83.28 2.41
CA THR C 1136 59.05 83.25 3.04
C THR C 1136 59.08 82.18 4.11
N VAL C 1137 60.26 81.63 4.38
CA VAL C 1137 60.44 80.60 5.39
C VAL C 1137 61.36 81.14 6.48
N TYR C 1138 61.02 80.86 7.73
CA TYR C 1138 61.81 81.33 8.86
C TYR C 1138 62.97 80.38 9.12
N ASP C 1139 64.19 80.91 9.12
CA ASP C 1139 65.38 80.11 9.37
C ASP C 1139 65.68 80.09 10.86
N PRO C 1140 65.81 78.90 11.48
CA PRO C 1140 66.05 78.87 12.93
C PRO C 1140 67.42 79.38 13.32
N LEU C 1141 68.47 78.98 12.59
CA LEU C 1141 69.84 79.34 12.95
C LEU C 1141 70.22 80.74 12.48
N GLN C 1142 69.33 81.47 11.82
CA GLN C 1142 69.68 82.82 11.37
C GLN C 1142 69.69 83.82 12.52
N PRO C 1143 68.64 83.95 13.34
CA PRO C 1143 68.72 84.88 14.47
C PRO C 1143 69.47 84.34 15.66
N GLU C 1144 69.58 83.00 15.78
CA GLU C 1144 70.29 82.43 16.93
C GLU C 1144 71.79 82.71 16.86
N LEU C 1145 72.37 82.59 15.67
CA LEU C 1145 73.81 82.84 15.47
C LEU C 1145 74.06 84.34 15.45
N ASP C 1146 73.94 84.95 16.63
CA ASP C 1146 74.15 86.38 16.80
C ASP C 1146 75.32 86.69 17.72
N SER C 1147 75.36 86.09 18.90
CA SER C 1147 76.45 86.33 19.85
C SER C 1147 77.67 85.47 19.50
N GLN D 1 -5.35 -58.42 -17.73
CA GLN D 1 -4.34 -58.06 -16.73
C GLN D 1 -4.91 -58.15 -15.32
N VAL D 2 -6.23 -57.95 -15.20
CA VAL D 2 -6.89 -58.01 -13.91
C VAL D 2 -7.94 -59.12 -13.95
N THR D 3 -7.69 -60.20 -13.20
CA THR D 3 -8.57 -61.35 -13.16
C THR D 3 -9.19 -61.43 -11.76
N LEU D 4 -10.35 -60.80 -11.61
CA LEU D 4 -11.07 -60.81 -10.33
C LEU D 4 -12.10 -61.95 -10.34
N ARG D 5 -11.58 -63.17 -10.48
CA ARG D 5 -12.41 -64.36 -10.55
C ARG D 5 -12.80 -64.78 -9.14
N GLU D 6 -14.11 -64.89 -8.90
CA GLU D 6 -14.60 -65.29 -7.59
C GLU D 6 -14.63 -66.82 -7.48
N SER D 7 -14.50 -67.30 -6.25
CA SER D 7 -14.50 -68.73 -6.00
C SER D 7 -15.02 -68.99 -4.58
N GLY D 8 -15.57 -70.18 -4.39
CA GLY D 8 -16.11 -70.56 -3.10
C GLY D 8 -17.47 -71.24 -3.22
N PRO D 9 -18.22 -71.25 -2.13
CA PRO D 9 -19.54 -71.88 -2.15
C PRO D 9 -20.57 -71.00 -2.86
N THR D 10 -21.63 -71.66 -3.33
CA THR D 10 -22.73 -70.99 -4.01
C THR D 10 -24.08 -71.22 -3.36
N LEU D 11 -24.25 -72.29 -2.59
CA LEU D 11 -25.49 -72.58 -1.89
C LEU D 11 -25.27 -72.46 -0.39
N VAL D 12 -26.26 -71.88 0.30
CA VAL D 12 -26.16 -71.65 1.74
C VAL D 12 -27.54 -71.83 2.35
N LYS D 13 -27.58 -72.44 3.53
CA LYS D 13 -28.80 -72.63 4.29
C LYS D 13 -29.23 -71.33 4.94
N PRO D 14 -30.52 -71.17 5.25
CA PRO D 14 -30.97 -69.93 5.90
C PRO D 14 -30.37 -69.77 7.29
N LYS D 15 -30.06 -68.52 7.64
CA LYS D 15 -29.48 -68.17 8.94
C LYS D 15 -28.17 -68.92 9.19
N GLN D 16 -27.20 -68.67 8.31
CA GLN D 16 -25.90 -69.31 8.43
C GLN D 16 -24.78 -68.29 8.23
N THR D 17 -23.54 -68.76 8.21
CA THR D 17 -22.37 -67.92 8.01
C THR D 17 -21.77 -68.21 6.65
N LEU D 18 -21.87 -67.25 5.74
CA LEU D 18 -21.37 -67.39 4.38
C LEU D 18 -19.97 -66.81 4.25
N THR D 19 -19.18 -67.39 3.35
CA THR D 19 -17.78 -67.00 3.15
C THR D 19 -17.50 -66.98 1.65
N LEU D 20 -17.22 -65.79 1.11
CA LEU D 20 -16.93 -65.64 -0.31
C LEU D 20 -15.49 -65.18 -0.50
N THR D 21 -14.88 -65.62 -1.60
CA THR D 21 -13.51 -65.27 -1.95
C THR D 21 -13.41 -64.93 -3.43
N CYS D 22 -12.37 -64.17 -3.78
CA CYS D 22 -12.09 -63.85 -5.17
C CYS D 22 -10.59 -63.69 -5.32
N THR D 23 -9.96 -64.63 -6.02
CA THR D 23 -8.52 -64.60 -6.25
C THR D 23 -8.21 -63.61 -7.37
N PHE D 24 -7.24 -62.72 -7.12
CA PHE D 24 -6.87 -61.70 -8.08
C PHE D 24 -5.38 -61.83 -8.41
N SER D 25 -5.01 -61.29 -9.57
CA SER D 25 -3.63 -61.33 -10.03
C SER D 25 -3.39 -60.13 -10.94
N GLY D 26 -2.12 -59.89 -11.25
CA GLY D 26 -1.73 -58.79 -12.10
C GLY D 26 -1.47 -57.48 -11.38
N PHE D 27 -1.75 -57.40 -10.09
CA PHE D 27 -1.51 -56.19 -9.32
C PHE D 27 -1.26 -56.59 -7.87
N SER D 28 -1.22 -55.60 -6.98
CA SER D 28 -0.97 -55.81 -5.56
C SER D 28 -1.85 -54.87 -4.75
N LEU D 29 -1.87 -55.11 -3.44
CA LEU D 29 -2.64 -54.30 -2.50
C LEU D 29 -1.73 -53.47 -1.59
N SER D 30 -0.63 -52.95 -2.15
CA SER D 30 0.31 -52.13 -1.40
C SER D 30 0.52 -50.75 -2.00
N THR D 31 0.15 -50.53 -3.25
CA THR D 31 0.32 -49.23 -3.86
C THR D 31 -0.68 -48.24 -3.26
N PRO D 32 -0.30 -46.96 -3.14
CA PRO D 32 -1.22 -45.96 -2.60
C PRO D 32 -2.45 -45.80 -3.49
N GLY D 33 -3.63 -45.88 -2.88
CA GLY D 33 -4.88 -45.78 -3.60
C GLY D 33 -5.48 -47.10 -4.05
N GLY D 34 -4.83 -48.23 -3.77
CA GLY D 34 -5.37 -49.51 -4.15
C GLY D 34 -6.49 -49.97 -3.23
N GLY D 35 -7.39 -50.78 -3.79
CA GLY D 35 -8.51 -51.27 -3.02
C GLY D 35 -9.26 -52.41 -3.70
N VAL D 36 -9.68 -53.39 -2.90
CA VAL D 36 -10.46 -54.53 -3.38
C VAL D 36 -11.74 -54.58 -2.55
N GLY D 37 -12.90 -54.51 -3.23
CA GLY D 37 -14.17 -54.51 -2.56
C GLY D 37 -15.12 -55.55 -3.15
N TRP D 38 -16.29 -55.64 -2.54
CA TRP D 38 -17.33 -56.57 -2.95
C TRP D 38 -18.59 -55.79 -3.31
N ILE D 39 -19.15 -56.07 -4.48
CA ILE D 39 -20.35 -55.41 -4.96
C ILE D 39 -21.33 -56.49 -5.44
N ARG D 40 -22.56 -56.43 -4.94
CA ARG D 40 -23.60 -57.38 -5.30
C ARG D 40 -24.74 -56.66 -6.01
N GLN D 41 -25.54 -57.44 -6.72
CA GLN D 41 -26.67 -56.89 -7.47
C GLN D 41 -27.76 -57.94 -7.61
N PRO D 42 -28.89 -57.78 -6.92
CA PRO D 42 -30.01 -58.71 -7.09
C PRO D 42 -30.58 -58.61 -8.50
N PRO D 43 -30.96 -59.75 -9.10
CA PRO D 43 -31.51 -59.72 -10.46
C PRO D 43 -32.83 -58.97 -10.53
N GLY D 44 -32.84 -57.83 -11.20
CA GLY D 44 -34.03 -57.02 -11.36
C GLY D 44 -33.97 -55.64 -10.72
N LYS D 45 -32.90 -55.32 -10.00
CA LYS D 45 -32.78 -54.04 -9.32
C LYS D 45 -31.38 -53.49 -9.57
N ALA D 46 -31.04 -52.41 -8.86
CA ALA D 46 -29.76 -51.74 -9.02
C ALA D 46 -28.69 -52.45 -8.18
N LEU D 47 -27.54 -51.82 -8.05
CA LEU D 47 -26.42 -52.37 -7.29
C LEU D 47 -26.30 -51.68 -5.94
N GLU D 48 -25.66 -52.38 -4.99
CA GLU D 48 -25.44 -51.86 -3.65
C GLU D 48 -24.03 -52.19 -3.21
N TRP D 49 -23.35 -51.21 -2.61
CA TRP D 49 -21.98 -51.40 -2.15
C TRP D 49 -21.97 -52.13 -0.81
N LEU D 50 -21.18 -53.20 -0.73
CA LEU D 50 -21.08 -54.00 0.48
C LEU D 50 -19.91 -53.57 1.36
N ALA D 51 -18.69 -53.64 0.82
CA ALA D 51 -17.51 -53.27 1.59
C ALA D 51 -16.38 -52.95 0.61
N LEU D 52 -15.34 -52.31 1.14
CA LEU D 52 -14.18 -51.92 0.32
C LEU D 52 -12.99 -51.76 1.23
N ILE D 53 -12.04 -52.68 1.14
CA ILE D 53 -10.80 -52.61 1.91
C ILE D 53 -9.78 -51.81 1.12
N TYR D 54 -8.79 -51.26 1.83
CA TYR D 54 -7.76 -50.44 1.23
C TYR D 54 -6.38 -51.05 1.53
N TRP D 55 -5.34 -50.33 1.13
CA TRP D 55 -3.96 -50.80 1.31
C TRP D 55 -3.43 -50.53 2.71
N ASP D 56 -4.14 -49.75 3.53
CA ASP D 56 -3.71 -49.42 4.88
C ASP D 56 -4.53 -50.20 5.92
N ASP D 57 -5.01 -51.38 5.56
CA ASP D 57 -5.79 -52.25 6.45
C ASP D 57 -7.05 -51.55 6.95
N ASP D 58 -7.62 -50.66 6.14
CA ASP D 58 -8.85 -49.96 6.49
C ASP D 58 -10.04 -50.74 5.94
N LYS D 59 -10.89 -51.22 6.83
CA LYS D 59 -12.04 -52.05 6.47
C LYS D 59 -13.30 -51.19 6.60
N ARG D 60 -13.73 -50.61 5.48
CA ARG D 60 -14.95 -49.82 5.45
C ARG D 60 -16.13 -50.72 5.10
N TYR D 61 -17.19 -50.63 5.92
CA TYR D 61 -18.37 -51.46 5.75
C TYR D 61 -19.55 -50.62 5.31
N SER D 62 -20.64 -51.30 4.97
CA SER D 62 -21.87 -50.63 4.56
C SER D 62 -22.62 -50.12 5.78
N PRO D 63 -23.31 -48.99 5.66
CA PRO D 63 -24.05 -48.46 6.81
C PRO D 63 -25.14 -49.39 7.32
N SER D 64 -25.80 -50.13 6.42
CA SER D 64 -26.85 -51.04 6.86
C SER D 64 -26.24 -52.34 7.41
N LEU D 65 -25.31 -52.94 6.66
CA LEU D 65 -24.60 -54.14 7.12
C LEU D 65 -23.31 -53.70 7.79
N LYS D 66 -23.41 -53.39 9.08
CA LYS D 66 -22.26 -52.93 9.86
C LYS D 66 -21.65 -54.02 10.73
N SER D 67 -22.38 -55.08 11.01
CA SER D 67 -21.91 -56.16 11.87
C SER D 67 -21.70 -57.48 11.14
N SER D 68 -22.48 -57.75 10.10
CA SER D 68 -22.37 -59.02 9.39
C SER D 68 -21.16 -59.04 8.47
N LEU D 69 -20.98 -57.97 7.68
CA LEU D 69 -19.89 -57.91 6.71
C LEU D 69 -18.58 -57.66 7.43
N THR D 70 -17.74 -58.70 7.51
CA THR D 70 -16.40 -58.61 8.11
C THR D 70 -15.41 -59.09 7.06
N ILE D 71 -14.90 -58.16 6.26
CA ILE D 71 -13.97 -58.50 5.17
C ILE D 71 -12.55 -58.48 5.70
N THR D 72 -11.73 -59.40 5.20
CA THR D 72 -10.32 -59.48 5.54
C THR D 72 -9.50 -59.64 4.27
N LYS D 73 -8.19 -59.38 4.40
CA LYS D 73 -7.27 -59.44 3.28
C LYS D 73 -6.21 -60.50 3.51
N ASP D 74 -5.59 -60.95 2.43
CA ASP D 74 -4.51 -61.94 2.50
C ASP D 74 -3.55 -61.65 1.35
N THR D 75 -2.48 -60.91 1.65
CA THR D 75 -1.51 -60.52 0.63
C THR D 75 -0.57 -61.67 0.26
N SER D 76 -0.35 -62.62 1.17
CA SER D 76 0.59 -63.71 0.89
C SER D 76 0.16 -64.54 -0.30
N LYS D 77 -1.15 -64.76 -0.46
CA LYS D 77 -1.68 -65.53 -1.58
C LYS D 77 -2.56 -64.71 -2.50
N ASN D 78 -2.68 -63.40 -2.26
CA ASN D 78 -3.48 -62.50 -3.08
C ASN D 78 -4.94 -62.97 -3.14
N GLN D 79 -5.55 -63.06 -1.97
CA GLN D 79 -6.94 -63.49 -1.85
C GLN D 79 -7.67 -62.58 -0.88
N VAL D 80 -8.92 -62.27 -1.20
CA VAL D 80 -9.78 -61.43 -0.37
C VAL D 80 -10.96 -62.28 0.09
N VAL D 81 -11.18 -62.31 1.40
CA VAL D 81 -12.23 -63.12 2.01
C VAL D 81 -13.30 -62.19 2.57
N LEU D 82 -14.56 -62.52 2.28
CA LEU D 82 -15.72 -61.75 2.74
C LEU D 82 -16.60 -62.67 3.56
N THR D 83 -16.82 -62.33 4.82
CA THR D 83 -17.65 -63.11 5.72
C THR D 83 -18.94 -62.35 6.01
N MET D 84 -20.06 -63.07 6.00
CA MET D 84 -21.36 -62.47 6.28
C MET D 84 -22.25 -63.50 6.97
N THR D 85 -22.94 -63.06 8.01
CA THR D 85 -23.83 -63.91 8.78
C THR D 85 -25.29 -63.49 8.55
N ASN D 86 -26.20 -64.21 9.20
CA ASN D 86 -27.64 -63.95 9.12
C ASN D 86 -28.11 -64.00 7.67
N MET D 87 -28.00 -65.18 7.08
CA MET D 87 -28.37 -65.38 5.68
C MET D 87 -29.88 -65.37 5.51
N ASP D 88 -30.44 -64.20 5.18
CA ASP D 88 -31.85 -64.01 4.91
C ASP D 88 -32.14 -64.21 3.42
N PRO D 89 -33.38 -64.57 3.07
CA PRO D 89 -33.70 -64.77 1.65
C PRO D 89 -33.84 -63.46 0.89
N VAL D 90 -32.88 -62.56 1.06
CA VAL D 90 -32.86 -61.28 0.35
C VAL D 90 -31.45 -61.08 -0.19
N ASP D 91 -30.49 -61.84 0.34
CA ASP D 91 -29.09 -61.71 -0.02
C ASP D 91 -28.73 -62.40 -1.33
N THR D 92 -29.70 -62.98 -2.03
CA THR D 92 -29.44 -63.65 -3.30
C THR D 92 -29.09 -62.60 -4.35
N ALA D 93 -27.91 -62.73 -4.93
CA ALA D 93 -27.39 -61.77 -5.90
C ALA D 93 -26.11 -62.32 -6.51
N THR D 94 -25.60 -61.60 -7.52
CA THR D 94 -24.32 -61.92 -8.13
C THR D 94 -23.26 -61.01 -7.51
N TYR D 95 -22.38 -61.60 -6.71
CA TYR D 95 -21.37 -60.86 -5.96
C TYR D 95 -20.16 -60.65 -6.85
N TYR D 96 -19.91 -59.39 -7.24
CA TYR D 96 -18.76 -59.05 -8.06
C TYR D 96 -17.60 -58.63 -7.19
N CYS D 97 -16.41 -59.17 -7.49
CA CYS D 97 -15.18 -58.73 -6.85
C CYS D 97 -14.64 -57.52 -7.59
N ALA D 98 -14.55 -56.39 -6.89
CA ALA D 98 -14.19 -55.12 -7.49
C ALA D 98 -12.72 -54.81 -7.23
N ARG D 99 -12.21 -53.80 -7.95
CA ARG D 99 -10.83 -53.35 -7.81
C ARG D 99 -10.83 -51.83 -7.90
N LEU D 100 -10.30 -51.18 -6.88
CA LEU D 100 -10.22 -49.72 -6.83
C LEU D 100 -8.74 -49.33 -6.93
N THR D 101 -8.28 -49.09 -8.16
CA THR D 101 -6.88 -48.72 -8.36
C THR D 101 -6.58 -47.32 -7.85
N ALA D 102 -7.57 -46.43 -7.89
CA ALA D 102 -7.39 -45.06 -7.42
C ALA D 102 -8.73 -44.52 -6.96
N ALA D 103 -8.68 -43.37 -6.30
CA ALA D 103 -9.90 -42.78 -5.76
C ALA D 103 -10.76 -42.14 -6.84
N ASP D 104 -10.13 -41.57 -7.88
CA ASP D 104 -10.91 -40.92 -8.93
C ASP D 104 -11.62 -41.94 -9.80
N THR D 105 -10.97 -43.07 -10.09
CA THR D 105 -11.58 -44.13 -10.90
C THR D 105 -12.31 -45.10 -9.97
N ILE D 106 -13.63 -45.01 -10.00
CA ILE D 106 -14.49 -45.81 -9.12
C ILE D 106 -14.73 -47.17 -9.78
N PHE D 107 -14.01 -48.19 -9.33
CA PHE D 107 -14.20 -49.57 -9.78
C PHE D 107 -14.03 -49.68 -11.30
N ASP D 108 -12.81 -49.41 -11.75
CA ASP D 108 -12.52 -49.41 -13.18
C ASP D 108 -12.78 -50.78 -13.81
N CYS D 109 -12.06 -51.81 -13.35
CA CYS D 109 -12.18 -53.15 -13.89
C CYS D 109 -12.87 -54.05 -12.88
N TRP D 110 -13.78 -54.88 -13.38
CA TRP D 110 -14.55 -55.82 -12.57
C TRP D 110 -14.15 -57.25 -12.92
N GLY D 111 -14.80 -58.20 -12.25
CA GLY D 111 -14.53 -59.61 -12.50
C GLY D 111 -15.62 -60.29 -13.31
N GLN D 112 -16.18 -61.37 -12.77
CA GLN D 112 -17.26 -62.09 -13.42
C GLN D 112 -18.49 -62.23 -12.53
N GLY D 113 -18.32 -62.46 -11.24
CA GLY D 113 -19.43 -62.56 -10.32
C GLY D 113 -20.09 -63.92 -10.31
N THR D 114 -20.39 -64.43 -9.13
CA THR D 114 -21.07 -65.70 -8.96
C THR D 114 -22.43 -65.47 -8.30
N LEU D 115 -23.43 -66.25 -8.72
CA LEU D 115 -24.79 -66.10 -8.21
C LEU D 115 -24.96 -67.05 -7.03
N VAL D 116 -25.10 -66.48 -5.83
CA VAL D 116 -25.31 -67.24 -4.61
C VAL D 116 -26.78 -67.15 -4.24
N THR D 117 -27.48 -68.27 -4.32
CA THR D 117 -28.90 -68.31 -3.98
C THR D 117 -29.08 -68.64 -2.50
N VAL D 118 -30.12 -68.07 -1.89
CA VAL D 118 -30.42 -68.26 -0.49
C VAL D 118 -31.70 -69.05 -0.40
N SER D 119 -31.59 -70.34 -0.08
CA SER D 119 -32.75 -71.20 0.08
C SER D 119 -32.40 -72.30 1.08
N SER D 120 -33.29 -73.28 1.20
CA SER D 120 -33.10 -74.39 2.14
C SER D 120 -33.01 -75.74 1.45
N ALA D 121 -33.10 -75.80 0.13
CA ALA D 121 -33.01 -77.06 -0.58
C ALA D 121 -31.56 -77.45 -0.81
N SER D 122 -31.34 -78.74 -1.08
CA SER D 122 -30.01 -79.27 -1.32
C SER D 122 -29.73 -79.23 -2.83
N THR D 123 -28.63 -79.88 -3.24
CA THR D 123 -28.24 -79.94 -4.63
C THR D 123 -28.68 -81.27 -5.24
N LYS D 124 -28.86 -81.28 -6.55
CA LYS D 124 -29.31 -82.46 -7.28
C LYS D 124 -28.37 -82.74 -8.45
N GLY D 125 -28.46 -83.96 -8.96
CA GLY D 125 -27.64 -84.37 -10.08
C GLY D 125 -28.15 -83.82 -11.40
N PRO D 126 -27.30 -83.88 -12.41
CA PRO D 126 -27.68 -83.38 -13.74
C PRO D 126 -28.61 -84.35 -14.46
N SER D 127 -29.18 -83.86 -15.55
CA SER D 127 -30.11 -84.62 -16.38
C SER D 127 -29.74 -84.47 -17.85
N VAL D 128 -28.46 -84.67 -18.16
CA VAL D 128 -27.96 -84.52 -19.52
C VAL D 128 -28.62 -85.54 -20.43
N PHE D 129 -29.43 -85.06 -21.38
CA PHE D 129 -30.12 -85.92 -22.32
C PHE D 129 -30.11 -85.29 -23.71
N PRO D 130 -29.51 -85.94 -24.70
CA PRO D 130 -29.41 -85.33 -26.03
C PRO D 130 -30.78 -85.17 -26.67
N LEU D 131 -30.86 -84.17 -27.55
CA LEU D 131 -32.08 -83.85 -28.29
C LEU D 131 -31.78 -83.96 -29.78
N ALA D 132 -32.01 -85.15 -30.34
CA ALA D 132 -31.79 -85.41 -31.74
C ALA D 132 -33.04 -85.12 -32.55
N PRO D 133 -32.90 -84.72 -33.82
CA PRO D 133 -34.09 -84.46 -34.64
C PRO D 133 -34.88 -85.72 -34.90
N SER D 134 -36.21 -85.59 -34.85
CA SER D 134 -37.13 -86.69 -35.04
C SER D 134 -38.00 -86.43 -36.28
N SER D 135 -38.99 -87.29 -36.47
CA SER D 135 -39.88 -87.16 -37.62
C SER D 135 -40.74 -85.90 -37.56
N LYS D 136 -40.92 -85.32 -36.36
CA LYS D 136 -41.69 -84.10 -36.18
C LYS D 136 -40.80 -82.96 -35.71
N SER D 137 -39.58 -82.90 -36.25
CA SER D 137 -38.62 -81.87 -35.89
C SER D 137 -38.37 -80.87 -37.01
N THR D 138 -39.03 -81.05 -38.16
CA THR D 138 -38.84 -80.17 -39.32
C THR D 138 -39.99 -79.16 -39.36
N SER D 139 -39.69 -77.92 -38.96
CA SER D 139 -40.65 -76.83 -39.00
C SER D 139 -40.30 -75.78 -40.05
N GLY D 140 -39.07 -75.28 -40.04
CA GLY D 140 -38.64 -74.32 -41.02
C GLY D 140 -37.26 -74.62 -41.57
N GLY D 141 -36.63 -75.67 -41.04
CA GLY D 141 -35.29 -76.05 -41.47
C GLY D 141 -34.30 -76.16 -40.33
N THR D 142 -34.57 -75.45 -39.24
CA THR D 142 -33.70 -75.45 -38.07
C THR D 142 -33.90 -76.75 -37.30
N ALA D 143 -32.85 -77.56 -37.21
CA ALA D 143 -32.87 -78.83 -36.48
C ALA D 143 -31.62 -78.94 -35.62
N ALA D 144 -31.32 -77.88 -34.88
CA ALA D 144 -30.13 -77.86 -34.04
C ALA D 144 -30.25 -78.85 -32.89
N LEU D 145 -29.11 -79.42 -32.50
CA LEU D 145 -29.08 -80.41 -31.44
C LEU D 145 -29.04 -79.71 -30.08
N GLY D 146 -29.29 -80.50 -29.03
CA GLY D 146 -29.26 -79.98 -27.68
C GLY D 146 -29.19 -81.12 -26.68
N CYS D 147 -28.77 -80.77 -25.46
CA CYS D 147 -28.66 -81.70 -24.35
C CYS D 147 -29.28 -81.10 -23.09
N LEU D 148 -30.53 -80.64 -23.22
CA LEU D 148 -31.29 -80.02 -22.14
C LEU D 148 -31.05 -80.73 -20.81
N VAL D 149 -30.74 -79.94 -19.78
CA VAL D 149 -30.50 -80.44 -18.44
C VAL D 149 -31.51 -79.79 -17.50
N LYS D 150 -32.14 -80.59 -16.65
CA LYS D 150 -33.11 -80.09 -15.67
C LYS D 150 -32.89 -80.85 -14.36
N ASP D 151 -33.84 -80.69 -13.44
CA ASP D 151 -33.81 -81.35 -12.13
C ASP D 151 -32.53 -81.00 -11.37
N TYR D 152 -32.29 -79.71 -11.22
CA TYR D 152 -31.12 -79.23 -10.50
C TYR D 152 -31.46 -77.89 -9.85
N PHE D 153 -31.14 -77.77 -8.56
CA PHE D 153 -31.44 -76.55 -7.80
C PHE D 153 -30.43 -75.43 -8.04
N PRO D 154 -29.12 -75.68 -7.96
CA PRO D 154 -28.17 -74.58 -8.15
C PRO D 154 -28.23 -74.01 -9.55
N GLU D 155 -28.63 -72.73 -9.65
CA GLU D 155 -28.78 -72.10 -10.96
C GLU D 155 -27.46 -71.98 -11.73
N PRO D 156 -26.34 -71.51 -11.13
CA PRO D 156 -25.10 -71.36 -11.92
C PRO D 156 -24.63 -72.66 -12.54
N VAL D 157 -24.66 -72.72 -13.86
CA VAL D 157 -24.21 -73.90 -14.61
C VAL D 157 -23.97 -73.46 -16.05
N THR D 158 -22.96 -74.06 -16.67
CA THR D 158 -22.58 -73.71 -18.04
C THR D 158 -22.53 -74.97 -18.89
N VAL D 159 -22.61 -74.78 -20.20
CA VAL D 159 -22.57 -75.86 -21.18
C VAL D 159 -21.34 -75.65 -22.05
N SER D 160 -20.44 -76.64 -22.04
CA SER D 160 -19.20 -76.57 -22.81
C SER D 160 -19.13 -77.78 -23.74
N TRP D 161 -19.20 -77.52 -25.04
CA TRP D 161 -19.12 -78.60 -26.03
C TRP D 161 -17.67 -78.91 -26.34
N ASN D 162 -17.29 -80.18 -26.18
CA ASN D 162 -15.93 -80.65 -26.47
C ASN D 162 -14.89 -79.87 -25.68
N SER D 163 -15.22 -79.55 -24.43
CA SER D 163 -14.32 -78.82 -23.53
C SER D 163 -13.90 -77.48 -24.11
N GLY D 164 -14.83 -76.83 -24.80
CA GLY D 164 -14.54 -75.53 -25.39
C GLY D 164 -13.84 -75.59 -26.72
N ALA D 165 -14.16 -76.57 -27.56
CA ALA D 165 -13.56 -76.72 -28.88
C ALA D 165 -14.54 -76.42 -30.01
N LEU D 166 -15.73 -77.03 -29.97
CA LEU D 166 -16.77 -76.79 -30.97
C LEU D 166 -17.82 -75.82 -30.47
N THR D 167 -17.43 -74.83 -29.66
CA THR D 167 -18.35 -73.86 -29.09
C THR D 167 -18.59 -72.66 -29.99
N SER D 168 -18.35 -72.79 -31.29
CA SER D 168 -18.55 -71.69 -32.21
C SER D 168 -20.03 -71.56 -32.55
N GLY D 169 -20.64 -70.46 -32.14
CA GLY D 169 -22.05 -70.23 -32.43
C GLY D 169 -23.00 -70.80 -31.40
N VAL D 170 -22.59 -70.87 -30.14
CA VAL D 170 -23.44 -71.41 -29.08
C VAL D 170 -24.42 -70.34 -28.62
N HIS D 171 -25.70 -70.69 -28.56
CA HIS D 171 -26.76 -69.78 -28.13
C HIS D 171 -27.48 -70.35 -26.91
N THR D 172 -26.72 -70.98 -26.00
CA THR D 172 -27.29 -71.56 -24.79
C THR D 172 -27.83 -70.44 -23.91
N PHE D 173 -29.16 -70.35 -23.80
CA PHE D 173 -29.81 -69.31 -23.02
C PHE D 173 -30.41 -69.92 -21.76
N PRO D 174 -29.93 -69.55 -20.58
CA PRO D 174 -30.49 -70.10 -19.34
C PRO D 174 -31.92 -69.61 -19.11
N ALA D 175 -32.53 -70.18 -18.07
CA ALA D 175 -33.91 -69.83 -17.72
C ALA D 175 -34.00 -69.47 -16.24
N VAL D 176 -35.21 -69.28 -15.74
CA VAL D 176 -35.44 -68.93 -14.35
C VAL D 176 -36.13 -70.12 -13.66
N LEU D 177 -36.36 -69.96 -12.36
CA LEU D 177 -36.97 -71.03 -11.57
C LEU D 177 -38.40 -71.29 -12.05
N GLN D 178 -38.71 -72.56 -12.27
CA GLN D 178 -40.03 -72.96 -12.71
C GLN D 178 -40.98 -73.04 -11.51
N SER D 179 -42.22 -73.47 -11.78
CA SER D 179 -43.20 -73.60 -10.72
C SER D 179 -42.96 -74.82 -9.84
N SER D 180 -42.26 -75.83 -10.34
CA SER D 180 -41.99 -77.02 -9.54
C SER D 180 -40.85 -76.78 -8.56
N GLY D 181 -39.83 -76.03 -8.96
CA GLY D 181 -38.71 -75.75 -8.10
C GLY D 181 -37.40 -76.27 -8.65
N LEU D 182 -37.33 -76.50 -9.95
CA LEU D 182 -36.15 -77.01 -10.61
C LEU D 182 -35.87 -76.19 -11.86
N TYR D 183 -34.61 -75.76 -12.01
CA TYR D 183 -34.21 -74.99 -13.18
C TYR D 183 -34.04 -75.90 -14.39
N SER D 184 -33.84 -75.27 -15.56
CA SER D 184 -33.68 -76.00 -16.79
C SER D 184 -33.06 -75.08 -17.84
N LEU D 185 -32.18 -75.64 -18.67
CA LEU D 185 -31.55 -74.86 -19.73
C LEU D 185 -31.14 -75.82 -20.85
N SER D 186 -31.21 -75.32 -22.08
CA SER D 186 -30.87 -76.09 -23.27
C SER D 186 -29.85 -75.34 -24.10
N SER D 187 -29.26 -76.04 -25.06
CA SER D 187 -28.25 -75.48 -25.95
C SER D 187 -28.89 -75.19 -27.30
N VAL D 188 -28.59 -74.01 -27.85
CA VAL D 188 -29.17 -73.57 -29.11
C VAL D 188 -28.00 -73.30 -30.06
N VAL D 189 -26.93 -74.08 -29.92
CA VAL D 189 -25.77 -73.92 -30.79
C VAL D 189 -26.17 -74.13 -32.24
N THR D 190 -25.69 -73.24 -33.11
CA THR D 190 -26.10 -73.25 -34.51
C THR D 190 -25.36 -74.35 -35.28
N VAL D 191 -25.97 -75.53 -35.34
CA VAL D 191 -25.43 -76.65 -36.13
C VAL D 191 -26.53 -77.15 -37.06
N PRO D 192 -26.31 -77.13 -38.37
CA PRO D 192 -27.34 -77.59 -39.30
C PRO D 192 -27.63 -79.07 -39.15
N SER D 193 -28.74 -79.50 -39.76
CA SER D 193 -29.14 -80.91 -39.71
C SER D 193 -28.29 -81.80 -40.59
N SER D 194 -27.33 -81.24 -41.33
CA SER D 194 -26.48 -82.06 -42.20
C SER D 194 -25.28 -82.59 -41.44
N SER D 195 -24.55 -81.70 -40.76
CA SER D 195 -23.33 -82.08 -40.05
C SER D 195 -23.66 -82.39 -38.58
N LEU D 196 -24.22 -83.57 -38.37
CA LEU D 196 -24.58 -84.04 -37.04
C LEU D 196 -23.97 -85.39 -36.70
N GLY D 197 -23.77 -86.27 -37.68
CA GLY D 197 -23.20 -87.57 -37.43
C GLY D 197 -21.70 -87.62 -37.66
N THR D 198 -21.18 -86.65 -38.40
CA THR D 198 -19.75 -86.62 -38.68
C THR D 198 -18.95 -86.13 -37.48
N GLN D 199 -19.30 -84.97 -36.95
CA GLN D 199 -18.59 -84.40 -35.81
C GLN D 199 -19.10 -85.00 -34.50
N THR D 200 -18.23 -84.99 -33.50
CA THR D 200 -18.57 -85.47 -32.17
C THR D 200 -19.00 -84.32 -31.28
N TYR D 201 -20.16 -84.48 -30.63
CA TYR D 201 -20.74 -83.44 -29.78
C TYR D 201 -20.88 -83.99 -28.37
N ILE D 202 -20.07 -83.48 -27.45
CA ILE D 202 -20.11 -83.87 -26.05
C ILE D 202 -20.16 -82.58 -25.23
N CYS D 203 -21.35 -82.23 -24.76
CA CYS D 203 -21.53 -81.03 -23.94
C CYS D 203 -21.13 -81.35 -22.51
N ASN D 204 -19.91 -80.98 -22.15
CA ASN D 204 -19.36 -81.23 -20.82
C ASN D 204 -20.01 -80.26 -19.84
N VAL D 205 -20.98 -80.75 -19.08
CA VAL D 205 -21.65 -79.91 -18.10
C VAL D 205 -20.70 -79.66 -16.93
N ASN D 206 -20.83 -78.48 -16.31
CA ASN D 206 -19.96 -78.06 -15.21
C ASN D 206 -20.86 -77.64 -14.05
N HIS D 207 -21.04 -78.53 -13.08
CA HIS D 207 -21.81 -78.25 -11.87
C HIS D 207 -20.85 -77.87 -10.76
N LYS D 208 -21.00 -76.65 -10.24
CA LYS D 208 -20.07 -76.16 -9.23
C LYS D 208 -20.30 -76.79 -7.86
N PRO D 209 -21.54 -76.86 -7.32
CA PRO D 209 -21.72 -77.44 -5.99
C PRO D 209 -21.58 -78.96 -5.97
N SER D 210 -22.16 -79.63 -6.96
CA SER D 210 -22.26 -81.09 -6.94
C SER D 210 -21.00 -81.78 -7.44
N ASN D 211 -20.20 -81.11 -8.28
CA ASN D 211 -19.00 -81.70 -8.87
C ASN D 211 -19.34 -82.97 -9.65
N THR D 212 -20.21 -82.81 -10.64
CA THR D 212 -20.66 -83.91 -11.49
C THR D 212 -20.21 -83.61 -12.92
N LYS D 213 -19.04 -84.15 -13.29
CA LYS D 213 -18.50 -83.97 -14.64
C LYS D 213 -18.88 -85.18 -15.51
N VAL D 214 -20.18 -85.30 -15.75
CA VAL D 214 -20.72 -86.38 -16.56
C VAL D 214 -20.64 -85.98 -18.03
N ASP D 215 -20.54 -86.97 -18.91
CA ASP D 215 -20.46 -86.74 -20.35
C ASP D 215 -21.47 -87.61 -21.07
N LYS D 216 -21.95 -87.10 -22.20
CA LYS D 216 -22.95 -87.82 -22.99
C LYS D 216 -22.80 -87.40 -24.45
N ARG D 217 -22.50 -88.38 -25.31
CA ARG D 217 -22.36 -88.10 -26.73
C ARG D 217 -23.74 -87.93 -27.37
N VAL D 218 -23.77 -87.19 -28.48
CA VAL D 218 -25.00 -86.90 -29.21
C VAL D 218 -24.89 -87.54 -30.59
N GLU D 219 -25.83 -88.43 -30.90
CA GLU D 219 -25.91 -89.12 -32.18
C GLU D 219 -27.32 -89.07 -32.71
N PRO D 220 -27.52 -89.28 -34.00
CA PRO D 220 -28.89 -89.33 -34.55
C PRO D 220 -29.62 -90.57 -34.05
N LYS D 221 -30.64 -90.35 -33.23
CA LYS D 221 -31.45 -91.43 -32.67
C LYS D 221 -32.66 -91.67 -33.57
N SER D 222 -33.04 -92.94 -33.69
CA SER D 222 -34.22 -93.32 -34.46
C SER D 222 -35.44 -93.37 -33.52
N CYS D 223 -36.55 -93.88 -34.03
CA CYS D 223 -37.77 -93.99 -33.24
C CYS D 223 -37.78 -95.26 -32.40
N ALA E 3 -29.15 -41.84 -1.63
CA ALA E 3 -29.39 -42.73 -2.74
C ALA E 3 -30.05 -41.99 -3.90
N LEU E 4 -29.27 -41.71 -4.94
CA LEU E 4 -29.81 -41.00 -6.10
C LEU E 4 -30.50 -41.96 -7.05
N THR E 5 -31.50 -41.45 -7.77
CA THR E 5 -32.27 -42.23 -8.72
C THR E 5 -31.95 -41.76 -10.15
N GLN E 6 -32.67 -42.33 -11.12
CA GLN E 6 -32.49 -41.98 -12.52
C GLN E 6 -33.70 -42.46 -13.30
N PRO E 7 -34.00 -41.84 -14.44
CA PRO E 7 -35.18 -42.28 -15.21
C PRO E 7 -35.03 -43.70 -15.72
N ALA E 8 -36.17 -44.28 -16.12
CA ALA E 8 -36.19 -45.67 -16.54
C ALA E 8 -35.82 -45.84 -18.01
N SER E 9 -36.39 -45.00 -18.87
CA SER E 9 -36.18 -45.14 -20.31
C SER E 9 -35.87 -43.76 -20.90
N VAL E 10 -34.70 -43.63 -21.52
CA VAL E 10 -34.31 -42.41 -22.22
C VAL E 10 -33.94 -42.86 -23.63
N SER E 11 -34.56 -43.94 -24.09
CA SER E 11 -34.24 -44.51 -25.39
C SER E 11 -34.69 -43.58 -26.52
N GLY E 12 -34.01 -43.69 -27.66
CA GLY E 12 -34.31 -42.88 -28.81
C GLY E 12 -33.94 -43.61 -30.09
N SER E 13 -34.13 -42.91 -31.21
CA SER E 13 -33.82 -43.46 -32.52
C SER E 13 -32.31 -43.50 -32.74
N PRO E 14 -31.83 -44.48 -33.50
CA PRO E 14 -30.39 -44.54 -33.80
C PRO E 14 -29.94 -43.31 -34.59
N GLY E 15 -28.67 -42.98 -34.44
CA GLY E 15 -28.12 -41.79 -35.08
C GLY E 15 -28.26 -40.52 -34.29
N LEU E 16 -29.44 -40.28 -33.72
CA LEU E 16 -29.65 -39.10 -32.90
C LEU E 16 -28.95 -39.24 -31.56
N SER E 17 -28.79 -38.11 -30.88
CA SER E 17 -28.12 -38.07 -29.58
C SER E 17 -29.13 -38.03 -28.46
N ILE E 18 -28.84 -38.78 -27.39
CA ILE E 18 -29.68 -38.82 -26.20
C ILE E 18 -28.78 -38.61 -24.98
N THR E 19 -29.38 -38.09 -23.91
CA THR E 19 -28.66 -37.74 -22.70
C THR E 19 -29.30 -38.47 -21.53
N ILE E 20 -28.57 -39.41 -20.92
CA ILE E 20 -29.04 -40.10 -19.73
C ILE E 20 -28.70 -39.23 -18.52
N SER E 21 -29.66 -38.41 -18.09
CA SER E 21 -29.44 -37.46 -17.00
C SER E 21 -29.93 -38.09 -15.70
N CYS E 22 -29.00 -38.72 -14.99
CA CYS E 22 -29.33 -39.30 -13.69
C CYS E 22 -29.28 -38.22 -12.61
N THR E 23 -30.18 -38.33 -11.63
CA THR E 23 -30.40 -37.28 -10.65
C THR E 23 -29.15 -37.07 -9.78
N ALA E 24 -29.20 -36.01 -8.98
CA ALA E 24 -28.08 -35.62 -8.12
C ALA E 24 -28.29 -36.04 -6.67
N THR E 25 -29.42 -35.66 -6.07
CA THR E 25 -29.75 -35.98 -4.68
C THR E 25 -28.64 -35.51 -3.75
N SER E 26 -28.51 -34.19 -3.68
CA SER E 26 -27.43 -33.53 -2.94
C SER E 26 -27.54 -33.74 -1.43
N SER E 27 -28.52 -34.53 -0.98
CA SER E 27 -28.67 -34.80 0.44
C SER E 27 -27.48 -35.55 1.00
N ASP E 28 -26.97 -36.56 0.27
CA ASP E 28 -25.87 -37.37 0.74
C ASP E 28 -24.54 -36.94 0.12
N VAL E 29 -24.55 -36.62 -1.18
CA VAL E 29 -23.33 -36.19 -1.84
C VAL E 29 -22.98 -34.77 -1.42
N GLY E 30 -21.68 -34.47 -1.38
CA GLY E 30 -21.22 -33.17 -0.94
C GLY E 30 -21.05 -32.16 -2.05
N ALA E 31 -20.27 -32.52 -3.07
CA ALA E 31 -20.00 -31.60 -4.17
C ALA E 31 -20.03 -32.25 -5.55
N TYR E 32 -20.37 -33.53 -5.65
CA TYR E 32 -20.41 -34.24 -6.92
C TYR E 32 -19.07 -34.17 -7.64
N ASN E 33 -18.01 -34.49 -6.90
CA ASN E 33 -16.66 -34.39 -7.45
C ASN E 33 -16.36 -35.55 -8.39
N TYR E 34 -16.44 -36.78 -7.88
CA TYR E 34 -16.13 -37.97 -8.66
C TYR E 34 -17.44 -38.68 -9.00
N VAL E 35 -17.62 -39.01 -10.28
CA VAL E 35 -18.80 -39.72 -10.76
C VAL E 35 -18.38 -40.65 -11.89
N SER E 36 -18.87 -41.89 -11.85
CA SER E 36 -18.56 -42.88 -12.85
C SER E 36 -19.85 -43.42 -13.48
N TRP E 37 -19.71 -43.99 -14.67
CA TRP E 37 -20.83 -44.55 -15.40
C TRP E 37 -20.47 -45.94 -15.89
N TYR E 38 -21.41 -46.88 -15.76
CA TYR E 38 -21.21 -48.26 -16.17
C TYR E 38 -22.11 -48.60 -17.35
N GLN E 39 -21.66 -49.57 -18.14
CA GLN E 39 -22.38 -50.05 -19.33
C GLN E 39 -22.54 -51.56 -19.26
N GLN E 40 -23.02 -52.06 -18.13
CA GLN E 40 -23.16 -53.49 -17.89
C GLN E 40 -23.98 -54.15 -18.99
N HIS E 41 -23.34 -55.07 -19.71
CA HIS E 41 -24.01 -55.83 -20.75
C HIS E 41 -24.88 -56.92 -20.14
N PRO E 42 -26.08 -57.16 -20.68
CA PRO E 42 -26.95 -58.21 -20.13
C PRO E 42 -26.31 -59.58 -20.21
N GLY E 43 -26.03 -60.18 -19.05
CA GLY E 43 -25.41 -61.48 -18.99
C GLY E 43 -23.96 -61.46 -18.54
N GLN E 44 -23.34 -60.29 -18.45
CA GLN E 44 -21.94 -60.20 -18.05
C GLN E 44 -21.77 -59.22 -16.90
N ALA E 45 -20.52 -58.92 -16.54
CA ALA E 45 -20.19 -58.01 -15.45
C ALA E 45 -20.11 -56.58 -15.96
N PRO E 46 -20.42 -55.59 -15.11
CA PRO E 46 -20.34 -54.19 -15.53
C PRO E 46 -18.93 -53.78 -15.88
N LYS E 47 -18.81 -52.92 -16.87
CA LYS E 47 -17.52 -52.39 -17.32
C LYS E 47 -17.58 -50.87 -17.33
N LEU E 48 -16.48 -50.25 -16.93
CA LEU E 48 -16.42 -48.80 -16.84
C LEU E 48 -16.16 -48.18 -18.21
N MET E 49 -16.83 -47.06 -18.48
CA MET E 49 -16.62 -46.30 -19.70
C MET E 49 -16.15 -44.88 -19.45
N ILE E 50 -16.41 -44.31 -18.28
CA ILE E 50 -15.90 -42.99 -17.91
C ILE E 50 -15.73 -42.93 -16.40
N TYR E 51 -14.55 -42.52 -15.94
CA TYR E 51 -14.26 -42.51 -14.51
C TYR E 51 -14.43 -41.13 -13.89
N ASP E 52 -14.06 -40.08 -14.60
CA ASP E 52 -14.20 -38.72 -14.11
C ASP E 52 -15.51 -38.12 -14.65
N VAL E 53 -15.69 -36.81 -14.45
CA VAL E 53 -16.89 -36.15 -14.97
C VAL E 53 -16.87 -36.12 -16.49
N SER E 54 -15.71 -35.84 -17.08
CA SER E 54 -15.58 -35.78 -18.53
C SER E 54 -14.44 -36.66 -19.03
N LYS E 55 -13.41 -36.84 -18.19
CA LYS E 55 -12.26 -37.62 -18.59
C LYS E 55 -12.63 -39.11 -18.69
N ARG E 56 -12.30 -39.72 -19.82
CA ARG E 56 -12.62 -41.12 -20.09
C ARG E 56 -11.34 -41.95 -20.11
N PRO E 57 -11.41 -43.22 -19.69
CA PRO E 57 -10.21 -44.07 -19.72
C PRO E 57 -9.84 -44.45 -21.14
N SER E 58 -8.58 -44.85 -21.29
CA SER E 58 -8.07 -45.23 -22.59
C SER E 58 -8.58 -46.61 -23.00
N GLY E 59 -8.38 -46.93 -24.28
CA GLY E 59 -8.79 -48.21 -24.81
C GLY E 59 -10.25 -48.27 -25.21
N VAL E 60 -11.14 -48.37 -24.23
CA VAL E 60 -12.58 -48.42 -24.50
C VAL E 60 -13.16 -47.01 -24.45
N SER E 61 -13.02 -46.28 -25.56
CA SER E 61 -13.55 -44.92 -25.65
C SER E 61 -13.65 -44.53 -27.11
N ASN E 62 -14.87 -44.28 -27.58
CA ASN E 62 -15.11 -43.80 -28.94
C ASN E 62 -15.69 -42.40 -28.96
N ARG E 63 -16.88 -42.20 -28.37
CA ARG E 63 -17.47 -40.88 -28.29
C ARG E 63 -18.14 -40.62 -26.94
N PHE E 64 -17.92 -41.48 -25.95
CA PHE E 64 -18.55 -41.30 -24.65
C PHE E 64 -18.01 -40.06 -23.96
N SER E 65 -18.90 -39.16 -23.56
CA SER E 65 -18.53 -37.93 -22.90
C SER E 65 -19.59 -37.56 -21.87
N GLY E 66 -19.17 -36.79 -20.86
CA GLY E 66 -20.08 -36.34 -19.83
C GLY E 66 -19.74 -34.92 -19.41
N SER E 67 -20.73 -34.27 -18.82
CA SER E 67 -20.58 -32.88 -18.39
C SER E 67 -21.54 -32.60 -17.24
N LYS E 68 -21.02 -32.06 -16.14
CA LYS E 68 -21.82 -31.67 -14.99
C LYS E 68 -21.87 -30.15 -14.93
N SER E 69 -23.09 -29.60 -14.93
CA SER E 69 -23.23 -28.15 -14.92
C SER E 69 -23.06 -27.59 -13.50
N ALA E 70 -23.98 -27.93 -12.60
CA ALA E 70 -23.87 -27.48 -11.22
C ALA E 70 -23.97 -28.61 -10.20
N ASN E 71 -24.83 -29.60 -10.44
CA ASN E 71 -25.01 -30.67 -9.47
C ASN E 71 -25.13 -32.07 -10.08
N THR E 72 -25.36 -32.22 -11.38
CA THR E 72 -25.58 -33.52 -11.98
C THR E 72 -24.95 -33.58 -13.35
N ALA E 73 -24.52 -34.77 -13.75
CA ALA E 73 -23.92 -35.01 -15.05
C ALA E 73 -24.84 -35.83 -15.93
N SER E 74 -24.40 -36.07 -17.16
CA SER E 74 -25.19 -36.80 -18.14
C SER E 74 -24.28 -37.32 -19.23
N LEU E 75 -24.49 -38.57 -19.63
CA LEU E 75 -23.73 -39.16 -20.72
C LEU E 75 -24.24 -38.65 -22.06
N THR E 76 -23.32 -38.32 -22.95
CA THR E 76 -23.67 -37.78 -24.27
C THR E 76 -23.14 -38.73 -25.34
N ILE E 77 -24.04 -39.50 -25.95
CA ILE E 77 -23.71 -40.42 -27.02
C ILE E 77 -24.60 -40.10 -28.22
N SER E 78 -23.98 -39.89 -29.37
CA SER E 78 -24.68 -39.50 -30.59
C SER E 78 -24.63 -40.57 -31.66
N GLY E 79 -23.44 -41.04 -32.03
CA GLY E 79 -23.31 -41.97 -33.14
C GLY E 79 -23.32 -43.43 -32.73
N LEU E 80 -22.64 -43.75 -31.63
CA LEU E 80 -22.53 -45.14 -31.18
C LEU E 80 -23.82 -45.56 -30.48
N GLN E 81 -24.84 -45.82 -31.30
CA GLN E 81 -26.17 -46.21 -30.82
C GLN E 81 -26.65 -47.49 -31.51
N ALA E 82 -25.73 -48.27 -32.08
CA ALA E 82 -26.08 -49.50 -32.78
C ALA E 82 -25.15 -50.64 -32.40
N GLU E 83 -24.74 -50.71 -31.14
CA GLU E 83 -23.84 -51.78 -30.69
C GLU E 83 -24.56 -52.76 -29.76
N ASP E 84 -25.28 -52.25 -28.77
CA ASP E 84 -26.02 -53.08 -27.83
C ASP E 84 -26.89 -52.18 -26.96
N GLU E 85 -28.04 -52.72 -26.55
CA GLU E 85 -28.98 -51.99 -25.69
C GLU E 85 -28.79 -52.37 -24.22
N ALA E 86 -27.65 -51.95 -23.67
CA ALA E 86 -27.30 -52.28 -22.30
C ALA E 86 -27.81 -51.21 -21.35
N ASP E 87 -27.61 -51.44 -20.06
CA ASP E 87 -28.01 -50.52 -19.01
C ASP E 87 -26.92 -49.49 -18.76
N TYR E 88 -27.29 -48.40 -18.08
CA TYR E 88 -26.38 -47.31 -17.77
C TYR E 88 -26.58 -46.91 -16.32
N TYR E 89 -25.63 -47.28 -15.46
CA TYR E 89 -25.65 -46.92 -14.05
C TYR E 89 -24.63 -45.82 -13.80
N CYS E 90 -25.06 -44.78 -13.07
CA CYS E 90 -24.17 -43.71 -12.66
C CYS E 90 -23.86 -43.89 -11.18
N SER E 91 -22.57 -43.84 -10.84
CA SER E 91 -22.13 -44.05 -9.47
C SER E 91 -21.34 -42.83 -9.00
N SER E 92 -21.51 -42.49 -7.72
CA SER E 92 -20.83 -41.35 -7.13
C SER E 92 -20.52 -41.65 -5.67
N TYR E 93 -19.53 -40.95 -5.15
CA TYR E 93 -19.14 -41.10 -3.75
C TYR E 93 -20.06 -40.30 -2.85
N THR E 94 -20.71 -40.98 -1.90
CA THR E 94 -21.57 -40.31 -0.93
C THR E 94 -20.74 -39.89 0.27
N THR E 95 -21.42 -39.47 1.35
CA THR E 95 -20.70 -39.04 2.54
C THR E 95 -20.20 -40.22 3.36
N THR E 96 -20.82 -41.39 3.21
CA THR E 96 -20.44 -42.57 3.97
C THR E 96 -20.36 -43.85 3.16
N SER E 97 -20.92 -43.90 1.95
CA SER E 97 -20.95 -45.13 1.16
C SER E 97 -20.81 -44.76 -0.31
N VAL E 98 -21.09 -45.72 -1.18
CA VAL E 98 -21.02 -45.55 -2.63
C VAL E 98 -22.39 -45.89 -3.20
N VAL E 99 -23.01 -44.93 -3.87
CA VAL E 99 -24.31 -45.13 -4.47
C VAL E 99 -24.13 -45.62 -5.91
N PHE E 100 -25.03 -46.50 -6.35
CA PHE E 100 -24.99 -47.05 -7.70
C PHE E 100 -26.17 -46.62 -8.55
N GLY E 101 -27.01 -45.72 -8.05
CA GLY E 101 -28.13 -45.24 -8.84
C GLY E 101 -29.25 -46.27 -8.93
N GLY E 102 -29.96 -46.23 -10.05
CA GLY E 102 -31.07 -47.14 -10.29
C GLY E 102 -30.97 -47.84 -11.63
N GLY E 103 -32.10 -48.35 -12.13
CA GLY E 103 -32.15 -49.07 -13.38
C GLY E 103 -32.59 -48.16 -14.53
N THR E 104 -31.96 -48.35 -15.68
CA THR E 104 -32.30 -47.60 -16.89
C THR E 104 -32.07 -48.52 -18.09
N LYS E 105 -33.15 -49.14 -18.57
CA LYS E 105 -33.07 -50.06 -19.71
C LYS E 105 -33.17 -49.23 -20.98
N LEU E 106 -32.02 -48.85 -21.53
CA LEU E 106 -31.96 -48.07 -22.75
C LEU E 106 -31.98 -49.01 -23.95
N THR E 107 -33.10 -49.03 -24.67
CA THR E 107 -33.26 -49.87 -25.84
C THR E 107 -33.02 -49.06 -27.11
N VAL E 108 -33.04 -49.77 -28.24
CA VAL E 108 -32.84 -49.17 -29.55
C VAL E 108 -34.23 -48.98 -30.17
N LEU E 109 -34.73 -47.74 -30.12
CA LEU E 109 -36.06 -47.44 -30.66
C LEU E 109 -36.00 -47.49 -32.18
N GLY E 110 -36.59 -48.53 -32.76
CA GLY E 110 -36.61 -48.68 -34.21
C GLY E 110 -35.61 -49.70 -34.71
N GLN E 111 -36.10 -50.89 -35.03
CA GLN E 111 -35.26 -51.98 -35.51
C GLN E 111 -36.08 -52.82 -36.48
N PRO E 112 -35.42 -53.55 -37.40
CA PRO E 112 -36.16 -54.44 -38.30
C PRO E 112 -37.08 -55.40 -37.57
N LYS E 113 -38.37 -55.37 -37.90
CA LYS E 113 -39.37 -56.22 -37.26
C LYS E 113 -39.36 -57.59 -37.92
N ALA E 114 -38.30 -58.35 -37.62
CA ALA E 114 -38.15 -59.69 -38.17
C ALA E 114 -39.18 -60.64 -37.57
N ALA E 115 -39.69 -61.54 -38.40
CA ALA E 115 -40.68 -62.50 -37.94
C ALA E 115 -40.04 -63.53 -37.02
N PRO E 116 -40.76 -63.99 -36.00
CA PRO E 116 -40.20 -64.99 -35.09
C PRO E 116 -40.09 -66.35 -35.76
N SER E 117 -39.31 -67.23 -35.13
CA SER E 117 -39.06 -68.57 -35.63
C SER E 117 -39.62 -69.59 -34.66
N VAL E 118 -40.48 -70.47 -35.16
CA VAL E 118 -41.11 -71.53 -34.37
C VAL E 118 -40.60 -72.86 -34.90
N THR E 119 -39.94 -73.65 -34.04
CA THR E 119 -39.42 -74.96 -34.40
C THR E 119 -39.73 -75.92 -33.25
N LEU E 120 -40.38 -77.03 -33.58
CA LEU E 120 -40.70 -78.05 -32.59
C LEU E 120 -39.53 -79.02 -32.42
N PHE E 121 -39.21 -79.32 -31.17
CA PHE E 121 -38.14 -80.27 -30.83
C PHE E 121 -38.72 -81.36 -29.93
N PRO E 122 -39.32 -82.38 -30.51
CA PRO E 122 -39.86 -83.49 -29.71
C PRO E 122 -38.75 -84.22 -28.97
N PRO E 123 -39.05 -84.87 -27.85
CA PRO E 123 -38.01 -85.58 -27.10
C PRO E 123 -37.52 -86.80 -27.87
N SER E 124 -36.20 -87.00 -27.84
CA SER E 124 -35.59 -88.14 -28.51
C SER E 124 -35.74 -89.40 -27.65
N SER E 125 -35.09 -90.48 -28.07
CA SER E 125 -35.15 -91.75 -27.35
C SER E 125 -34.03 -91.84 -26.30
N GLU E 126 -33.92 -90.82 -25.48
CA GLU E 126 -32.97 -90.77 -24.37
C GLU E 126 -33.61 -90.43 -23.05
N GLU E 127 -34.62 -89.56 -23.04
CA GLU E 127 -35.33 -89.18 -21.82
C GLU E 127 -36.76 -89.69 -21.77
N LEU E 128 -37.25 -90.30 -22.85
CA LEU E 128 -38.61 -90.84 -22.84
C LEU E 128 -38.72 -92.02 -21.89
N GLN E 129 -37.72 -92.90 -21.89
CA GLN E 129 -37.70 -94.03 -20.97
C GLN E 129 -37.22 -93.64 -19.58
N ALA E 130 -36.53 -92.51 -19.44
CA ALA E 130 -36.04 -92.03 -18.16
C ALA E 130 -37.08 -91.23 -17.40
N ASN E 131 -38.33 -91.24 -17.84
CA ASN E 131 -39.43 -90.52 -17.17
C ASN E 131 -39.13 -89.02 -17.09
N LYS E 132 -38.51 -88.48 -18.14
CA LYS E 132 -38.19 -87.07 -18.23
C LYS E 132 -38.54 -86.54 -19.60
N ALA E 133 -39.72 -86.93 -20.09
CA ALA E 133 -40.17 -86.49 -21.41
C ALA E 133 -40.48 -84.99 -21.39
N THR E 134 -39.77 -84.23 -22.24
CA THR E 134 -39.96 -82.79 -22.33
C THR E 134 -40.13 -82.42 -23.80
N LEU E 135 -41.03 -81.49 -24.07
CA LEU E 135 -41.28 -81.01 -25.41
C LEU E 135 -40.75 -79.58 -25.49
N VAL E 136 -39.51 -79.45 -25.97
CA VAL E 136 -38.85 -78.14 -26.00
C VAL E 136 -39.18 -77.45 -27.31
N CYS E 137 -39.51 -76.16 -27.22
CA CYS E 137 -39.92 -75.39 -28.38
C CYS E 137 -39.04 -74.14 -28.49
N LEU E 138 -38.38 -73.99 -29.62
CA LEU E 138 -37.39 -72.94 -29.82
C LEU E 138 -38.05 -71.72 -30.46
N ILE E 139 -38.00 -70.59 -29.76
CA ILE E 139 -38.57 -69.33 -30.23
C ILE E 139 -37.45 -68.30 -30.19
N SER E 140 -37.05 -67.82 -31.36
CA SER E 140 -35.97 -66.83 -31.48
C SER E 140 -36.24 -65.94 -32.69
N ASP E 141 -35.22 -65.20 -33.10
CA ASP E 141 -35.28 -64.35 -34.30
C ASP E 141 -36.31 -63.23 -34.15
N PHE E 142 -36.21 -62.47 -33.05
CA PHE E 142 -37.05 -61.30 -32.86
C PHE E 142 -36.34 -60.34 -31.92
N TYR E 143 -36.27 -59.07 -32.33
CA TYR E 143 -35.52 -58.06 -31.58
C TYR E 143 -36.26 -57.54 -30.35
N PRO E 144 -37.52 -57.05 -30.47
CA PRO E 144 -38.12 -56.34 -29.33
C PRO E 144 -38.46 -57.25 -28.16
N GLY E 145 -37.70 -57.13 -27.09
CA GLY E 145 -37.88 -57.82 -25.82
C GLY E 145 -38.07 -59.31 -25.99
N ALA E 146 -38.86 -59.89 -25.09
CA ALA E 146 -39.20 -61.31 -25.12
C ALA E 146 -40.72 -61.43 -25.13
N VAL E 147 -41.28 -61.85 -26.27
CA VAL E 147 -42.72 -61.94 -26.41
C VAL E 147 -43.25 -63.12 -25.58
N THR E 148 -44.55 -63.07 -25.32
CA THR E 148 -45.22 -64.07 -24.50
C THR E 148 -45.66 -65.24 -25.37
N VAL E 149 -45.34 -66.46 -24.92
CA VAL E 149 -45.71 -67.66 -25.67
C VAL E 149 -47.16 -68.01 -25.41
N ALA E 150 -47.82 -68.54 -26.45
CA ALA E 150 -49.21 -68.94 -26.36
C ALA E 150 -49.31 -70.43 -26.67
N TRP E 151 -50.08 -71.15 -25.84
CA TRP E 151 -50.27 -72.59 -25.99
C TRP E 151 -51.76 -72.87 -26.16
N LYS E 152 -52.12 -73.42 -27.32
CA LYS E 152 -53.50 -73.74 -27.66
C LYS E 152 -53.59 -75.15 -28.25
N ALA E 153 -52.99 -76.12 -27.56
CA ALA E 153 -52.87 -77.48 -28.08
C ALA E 153 -54.16 -78.27 -27.89
N ASP E 154 -55.28 -77.70 -28.34
CA ASP E 154 -56.57 -78.36 -28.48
C ASP E 154 -57.21 -78.75 -27.15
N SER E 155 -56.54 -78.55 -26.01
CA SER E 155 -57.09 -78.93 -24.72
C SER E 155 -57.35 -77.73 -23.82
N SER E 156 -56.31 -76.95 -23.51
CA SER E 156 -56.39 -75.78 -22.65
C SER E 156 -55.06 -75.05 -22.64
N PRO E 157 -55.05 -73.73 -22.39
CA PRO E 157 -53.77 -73.02 -22.23
C PRO E 157 -53.15 -73.30 -20.87
N VAL E 158 -52.09 -74.11 -20.84
CA VAL E 158 -51.43 -74.52 -19.60
C VAL E 158 -50.01 -73.97 -19.63
N LYS E 159 -49.61 -73.31 -18.53
CA LYS E 159 -48.26 -72.77 -18.45
C LYS E 159 -47.21 -73.87 -18.52
N ALA E 160 -47.22 -74.77 -17.54
CA ALA E 160 -46.29 -75.91 -17.48
C ALA E 160 -44.84 -75.49 -17.62
N GLY E 161 -44.50 -74.32 -17.10
CA GLY E 161 -43.12 -73.84 -17.17
C GLY E 161 -42.83 -72.98 -18.38
N VAL E 162 -43.64 -71.93 -18.59
CA VAL E 162 -43.44 -71.01 -19.71
C VAL E 162 -43.10 -69.60 -19.22
N GLU E 163 -43.26 -69.34 -17.92
CA GLU E 163 -43.02 -68.02 -17.35
C GLU E 163 -41.54 -67.78 -17.09
N THR E 164 -40.72 -67.91 -18.12
CA THR E 164 -39.28 -67.64 -18.01
C THR E 164 -38.80 -66.62 -19.02
N THR E 165 -39.27 -66.69 -20.27
CA THR E 165 -38.96 -65.78 -21.38
C THR E 165 -37.49 -65.82 -21.78
N THR E 166 -36.64 -66.61 -21.10
CA THR E 166 -35.21 -66.74 -21.34
C THR E 166 -34.56 -65.40 -21.64
N PRO E 167 -34.43 -64.51 -20.65
CA PRO E 167 -33.86 -63.17 -20.91
C PRO E 167 -32.34 -63.20 -21.04
N SER E 168 -31.89 -63.65 -22.21
CA SER E 168 -30.45 -63.73 -22.51
C SER E 168 -30.25 -63.28 -23.95
N LYS E 169 -29.45 -62.23 -24.13
CA LYS E 169 -29.22 -61.67 -25.45
C LYS E 169 -28.03 -62.35 -26.12
N GLN E 170 -28.18 -62.63 -27.41
CA GLN E 170 -27.15 -63.29 -28.19
C GLN E 170 -26.23 -62.26 -28.82
N SER E 171 -25.35 -62.71 -29.73
CA SER E 171 -24.42 -61.79 -30.39
C SER E 171 -25.14 -60.90 -31.39
N ASN E 172 -26.25 -61.38 -31.97
CA ASN E 172 -27.01 -60.61 -32.94
C ASN E 172 -27.99 -59.63 -32.27
N ASN E 173 -27.88 -59.45 -30.95
CA ASN E 173 -28.75 -58.55 -30.20
C ASN E 173 -30.22 -58.91 -30.35
N LYS E 174 -30.52 -60.22 -30.41
CA LYS E 174 -31.88 -60.71 -30.57
C LYS E 174 -32.23 -61.57 -29.35
N TYR E 175 -33.18 -61.11 -28.55
CA TYR E 175 -33.64 -61.88 -27.41
C TYR E 175 -34.50 -63.05 -27.88
N ALA E 176 -34.30 -64.20 -27.26
CA ALA E 176 -35.03 -65.42 -27.60
C ALA E 176 -35.90 -65.85 -26.42
N ALA E 177 -37.19 -66.06 -26.69
CA ALA E 177 -38.13 -66.50 -25.66
C ALA E 177 -38.30 -68.02 -25.74
N SER E 178 -37.21 -68.72 -25.42
CA SER E 178 -37.23 -70.17 -25.44
C SER E 178 -38.14 -70.71 -24.35
N SER E 179 -38.87 -71.78 -24.67
CA SER E 179 -39.84 -72.37 -23.76
C SER E 179 -39.58 -73.87 -23.62
N TYR E 180 -40.21 -74.46 -22.61
CA TYR E 180 -40.12 -75.89 -22.36
C TYR E 180 -41.54 -76.39 -22.06
N LEU E 181 -41.64 -77.66 -21.67
CA LEU E 181 -42.93 -78.26 -21.38
C LEU E 181 -42.73 -79.48 -20.49
N SER E 182 -43.39 -79.49 -19.34
CA SER E 182 -43.34 -80.62 -18.43
C SER E 182 -44.43 -81.62 -18.80
N LEU E 183 -44.04 -82.85 -19.11
CA LEU E 183 -44.96 -83.88 -19.56
C LEU E 183 -44.91 -85.08 -18.62
N THR E 184 -45.71 -86.09 -18.94
CA THR E 184 -45.77 -87.32 -18.17
C THR E 184 -44.50 -88.13 -18.38
N PRO E 185 -44.23 -89.12 -17.50
CA PRO E 185 -43.04 -89.97 -17.67
C PRO E 185 -42.85 -90.51 -19.08
N GLU E 186 -43.85 -91.22 -19.61
CA GLU E 186 -43.72 -91.82 -20.95
C GLU E 186 -45.10 -91.80 -21.61
N GLN E 187 -45.33 -90.77 -22.43
CA GLN E 187 -46.55 -90.66 -23.21
C GLN E 187 -46.23 -89.84 -24.45
N TRP E 188 -46.09 -90.52 -25.59
CA TRP E 188 -45.76 -89.87 -26.86
C TRP E 188 -46.88 -89.96 -27.88
N LYS E 189 -47.48 -91.14 -28.03
CA LYS E 189 -48.57 -91.32 -28.98
C LYS E 189 -49.91 -90.82 -28.44
N SER E 190 -50.09 -90.80 -27.12
CA SER E 190 -51.34 -90.36 -26.52
C SER E 190 -51.57 -88.86 -26.65
N HIS E 191 -50.58 -88.10 -27.10
CA HIS E 191 -50.69 -86.66 -27.27
C HIS E 191 -50.58 -86.31 -28.75
N ARG E 192 -50.65 -85.00 -29.02
CA ARG E 192 -50.55 -84.50 -30.39
C ARG E 192 -49.51 -83.39 -30.48
N SER E 193 -49.45 -82.71 -31.63
CA SER E 193 -48.49 -81.63 -31.83
C SER E 193 -48.94 -80.41 -31.04
N TYR E 194 -48.19 -80.06 -30.00
CA TYR E 194 -48.52 -78.90 -29.18
C TYR E 194 -48.22 -77.62 -29.95
N SER E 195 -49.15 -76.67 -29.91
CA SER E 195 -49.03 -75.45 -30.69
C SER E 195 -48.03 -74.48 -30.05
N CYS E 196 -47.14 -73.93 -30.87
CA CYS E 196 -46.21 -72.89 -30.47
C CYS E 196 -46.43 -71.61 -31.26
N GLN E 197 -47.68 -71.21 -31.46
CA GLN E 197 -47.97 -70.00 -32.22
C GLN E 197 -47.80 -68.81 -31.28
N VAL E 198 -46.58 -68.25 -31.28
CA VAL E 198 -46.27 -67.15 -30.39
C VAL E 198 -46.67 -65.83 -31.05
N THR E 199 -47.21 -64.92 -30.24
CA THR E 199 -47.66 -63.62 -30.71
C THR E 199 -46.51 -62.63 -30.58
N HIS E 200 -45.99 -62.17 -31.70
CA HIS E 200 -44.91 -61.20 -31.75
C HIS E 200 -45.45 -59.87 -32.26
N GLU E 201 -44.81 -58.79 -31.81
CA GLU E 201 -45.21 -57.44 -32.21
C GLU E 201 -44.92 -57.25 -33.69
N GLY E 202 -45.98 -57.27 -34.51
CA GLY E 202 -45.82 -57.16 -35.94
C GLY E 202 -46.19 -58.43 -36.68
N SER E 203 -45.83 -59.57 -36.10
CA SER E 203 -46.12 -60.89 -36.67
C SER E 203 -46.74 -61.73 -35.56
N THR E 204 -48.07 -61.67 -35.43
CA THR E 204 -48.76 -62.41 -34.38
C THR E 204 -48.72 -63.91 -34.60
N VAL E 205 -48.43 -64.37 -35.81
CA VAL E 205 -48.36 -65.79 -36.10
C VAL E 205 -47.07 -66.37 -35.54
N GLN F 1 -35.61 -21.76 57.25
CA GLN F 1 -36.16 -21.90 55.90
C GLN F 1 -37.13 -23.08 55.83
N VAL F 2 -36.93 -24.07 56.70
CA VAL F 2 -37.77 -25.25 56.75
C VAL F 2 -38.84 -25.02 57.80
N THR F 3 -40.00 -24.55 57.36
CA THR F 3 -41.13 -24.26 58.23
C THR F 3 -42.35 -25.09 57.82
N LEU F 4 -42.14 -26.36 57.52
CA LEU F 4 -43.23 -27.25 57.13
C LEU F 4 -44.15 -27.51 58.31
N ARG F 5 -45.43 -27.19 58.15
CA ARG F 5 -46.44 -27.38 59.20
C ARG F 5 -47.57 -28.22 58.61
N GLU F 6 -47.62 -29.50 58.99
CA GLU F 6 -48.67 -30.38 58.51
C GLU F 6 -49.91 -30.27 59.39
N SER F 7 -51.07 -30.07 58.75
CA SER F 7 -52.32 -29.96 59.49
C SER F 7 -53.40 -30.81 58.83
N GLY F 8 -54.63 -30.71 59.33
CA GLY F 8 -55.73 -31.46 58.78
C GLY F 8 -56.42 -32.34 59.82
N PRO F 9 -57.69 -32.66 59.58
CA PRO F 9 -58.41 -33.50 60.54
C PRO F 9 -57.92 -34.94 60.50
N THR F 10 -57.77 -35.53 61.69
CA THR F 10 -57.30 -36.91 61.78
C THR F 10 -58.45 -37.90 61.64
N LEU F 11 -59.47 -37.79 62.49
CA LEU F 11 -60.61 -38.68 62.45
C LEU F 11 -61.60 -38.16 61.41
N VAL F 12 -61.70 -38.88 60.29
CA VAL F 12 -62.60 -38.50 59.20
C VAL F 12 -63.61 -39.63 58.98
N LYS F 13 -64.70 -39.29 58.31
CA LYS F 13 -65.76 -40.24 58.02
C LYS F 13 -65.44 -41.03 56.75
N PRO F 14 -66.04 -42.20 56.58
CA PRO F 14 -65.82 -42.96 55.34
C PRO F 14 -66.40 -42.23 54.13
N LYS F 15 -65.69 -42.34 53.02
CA LYS F 15 -66.07 -41.70 51.76
C LYS F 15 -66.25 -40.19 51.92
N GLN F 16 -65.29 -39.56 52.58
CA GLN F 16 -65.29 -38.13 52.83
C GLN F 16 -64.18 -37.46 52.03
N THR F 17 -64.04 -36.15 52.22
CA THR F 17 -63.02 -35.36 51.55
C THR F 17 -61.96 -34.94 52.57
N LEU F 18 -60.76 -35.47 52.41
CA LEU F 18 -59.66 -35.17 53.32
C LEU F 18 -58.96 -33.88 52.90
N THR F 19 -58.65 -33.05 53.89
CA THR F 19 -57.98 -31.77 53.66
C THR F 19 -56.69 -31.75 54.46
N LEU F 20 -55.56 -31.62 53.76
CA LEU F 20 -54.24 -31.57 54.39
C LEU F 20 -53.56 -30.27 53.97
N THR F 21 -53.54 -29.29 54.88
CA THR F 21 -52.92 -28.00 54.63
C THR F 21 -51.48 -28.04 55.13
N CYS F 22 -50.53 -27.81 54.22
CA CYS F 22 -49.11 -27.83 54.54
C CYS F 22 -48.58 -26.40 54.38
N THR F 23 -48.45 -25.70 55.49
CA THR F 23 -47.92 -24.33 55.46
C THR F 23 -46.40 -24.36 55.52
N PHE F 24 -45.77 -23.44 54.78
CA PHE F 24 -44.32 -23.35 54.74
C PHE F 24 -43.93 -21.89 54.49
N SER F 25 -42.63 -21.67 54.33
CA SER F 25 -42.10 -20.34 54.07
C SER F 25 -40.78 -20.49 53.34
N GLY F 26 -40.10 -19.36 53.13
CA GLY F 26 -38.84 -19.36 52.42
C GLY F 26 -39.00 -19.70 50.95
N PHE F 27 -38.58 -20.91 50.57
CA PHE F 27 -38.74 -21.36 49.19
C PHE F 27 -40.21 -21.41 48.82
N SER F 28 -40.53 -20.96 47.62
CA SER F 28 -41.90 -20.92 47.11
C SER F 28 -41.98 -21.70 45.80
N LEU F 29 -43.18 -21.77 45.25
CA LEU F 29 -43.42 -22.46 43.98
C LEU F 29 -43.27 -21.51 42.79
N SER F 30 -42.13 -20.82 42.74
CA SER F 30 -41.82 -19.89 41.65
C SER F 30 -40.59 -20.32 40.88
N THR F 31 -39.52 -20.69 41.56
CA THR F 31 -38.32 -21.15 40.87
C THR F 31 -38.56 -22.55 40.30
N PRO F 32 -38.12 -22.81 39.06
CA PRO F 32 -38.32 -24.13 38.48
C PRO F 32 -37.57 -25.21 39.26
N GLY F 33 -38.13 -26.41 39.26
CA GLY F 33 -37.54 -27.52 39.99
C GLY F 33 -38.16 -27.73 41.35
N GLY F 34 -38.46 -26.64 42.04
CA GLY F 34 -39.07 -26.74 43.35
C GLY F 34 -40.50 -27.25 43.25
N GLY F 35 -40.79 -28.34 43.97
CA GLY F 35 -42.11 -28.92 43.93
C GLY F 35 -42.53 -29.55 45.25
N VAL F 36 -43.72 -29.18 45.73
CA VAL F 36 -44.25 -29.72 46.98
C VAL F 36 -45.09 -30.94 46.66
N GLY F 37 -45.09 -31.92 47.55
CA GLY F 37 -45.85 -33.14 47.35
C GLY F 37 -46.10 -33.86 48.66
N TRP F 38 -47.03 -34.80 48.60
CA TRP F 38 -47.41 -35.62 49.74
C TRP F 38 -47.06 -37.07 49.48
N ILE F 39 -46.60 -37.75 50.52
CA ILE F 39 -46.20 -39.16 50.45
C ILE F 39 -47.03 -39.94 51.46
N ARG F 40 -47.75 -40.94 50.97
CA ARG F 40 -48.58 -41.78 51.84
C ARG F 40 -47.75 -42.91 52.43
N GLN F 41 -47.95 -43.16 53.72
CA GLN F 41 -47.23 -44.23 54.40
C GLN F 41 -48.05 -44.77 55.57
N PRO F 42 -48.54 -46.01 55.48
CA PRO F 42 -49.29 -46.59 56.60
C PRO F 42 -48.39 -46.81 57.80
N PRO F 43 -48.94 -46.88 59.00
CA PRO F 43 -48.12 -47.11 60.19
C PRO F 43 -47.43 -48.47 60.14
N GLY F 44 -46.09 -48.44 60.10
CA GLY F 44 -45.31 -49.66 60.04
C GLY F 44 -45.13 -50.25 58.66
N LYS F 45 -45.64 -49.59 57.62
CA LYS F 45 -45.54 -50.07 56.25
C LYS F 45 -44.58 -49.18 55.46
N ALA F 46 -44.47 -49.47 54.17
CA ALA F 46 -43.58 -48.74 53.29
C ALA F 46 -44.20 -47.41 52.88
N LEU F 47 -43.50 -46.67 52.03
CA LEU F 47 -43.93 -45.36 51.56
C LEU F 47 -44.43 -45.45 50.12
N GLU F 48 -45.25 -44.48 49.74
CA GLU F 48 -45.76 -44.40 48.38
C GLU F 48 -46.11 -42.95 48.07
N TRP F 49 -45.80 -42.51 46.85
CA TRP F 49 -46.05 -41.14 46.44
C TRP F 49 -47.45 -41.01 45.85
N LEU F 50 -48.16 -39.96 46.24
CA LEU F 50 -49.52 -39.73 45.78
C LEU F 50 -49.63 -38.48 44.93
N ALA F 51 -49.23 -37.32 45.44
CA ALA F 51 -49.38 -36.06 44.73
C ALA F 51 -48.05 -35.31 44.71
N LEU F 52 -47.93 -34.41 43.73
CA LEU F 52 -46.71 -33.61 43.58
C LEU F 52 -47.08 -32.32 42.85
N ILE F 53 -47.22 -31.24 43.60
CA ILE F 53 -47.50 -29.94 43.01
C ILE F 53 -46.19 -29.26 42.64
N TYR F 54 -46.06 -28.87 41.38
CA TYR F 54 -44.84 -28.30 40.84
C TYR F 54 -44.97 -26.78 40.73
N TRP F 55 -43.90 -26.15 40.25
CA TRP F 55 -43.87 -24.69 40.13
C TRP F 55 -44.76 -24.20 39.00
N ASP F 56 -44.95 -25.01 37.96
CA ASP F 56 -45.74 -24.63 36.80
C ASP F 56 -47.21 -25.01 36.94
N ASP F 57 -47.71 -25.12 38.17
CA ASP F 57 -49.10 -25.48 38.45
C ASP F 57 -49.48 -26.82 37.83
N ASP F 58 -48.52 -27.74 37.76
CA ASP F 58 -48.76 -29.07 37.20
C ASP F 58 -49.20 -30.02 38.31
N LYS F 59 -50.39 -30.58 38.17
CA LYS F 59 -50.96 -31.48 39.17
C LYS F 59 -50.72 -32.92 38.74
N ARG F 60 -49.50 -33.39 38.98
CA ARG F 60 -49.15 -34.76 38.64
C ARG F 60 -49.76 -35.73 39.65
N TYR F 61 -50.50 -36.70 39.15
CA TYR F 61 -51.20 -37.68 39.98
C TYR F 61 -50.61 -39.06 39.80
N SER F 62 -51.02 -39.98 40.67
CA SER F 62 -50.59 -41.38 40.63
C SER F 62 -51.69 -42.25 40.05
N PRO F 63 -51.33 -43.29 39.28
CA PRO F 63 -52.36 -44.13 38.66
C PRO F 63 -53.09 -45.03 39.64
N SER F 64 -52.61 -45.14 40.89
CA SER F 64 -53.27 -46.01 41.86
C SER F 64 -54.65 -45.47 42.21
N LEU F 65 -54.75 -44.17 42.49
CA LEU F 65 -56.00 -43.50 42.82
C LEU F 65 -56.19 -42.27 41.94
N LYS F 66 -55.96 -42.45 40.62
CA LYS F 66 -56.00 -41.33 39.70
C LYS F 66 -57.38 -40.67 39.66
N SER F 67 -58.44 -41.46 39.85
CA SER F 67 -59.79 -40.91 39.75
C SER F 67 -60.14 -40.05 40.96
N SER F 68 -59.61 -40.38 42.13
CA SER F 68 -59.99 -39.71 43.37
C SER F 68 -58.92 -38.78 43.92
N LEU F 69 -57.75 -38.71 43.30
CA LEU F 69 -56.67 -37.89 43.84
C LEU F 69 -56.72 -36.49 43.24
N THR F 70 -56.73 -35.48 44.10
CA THR F 70 -56.76 -34.09 43.67
C THR F 70 -55.99 -33.26 44.68
N ILE F 71 -55.27 -32.24 44.19
CA ILE F 71 -54.46 -31.39 45.04
C ILE F 71 -54.38 -30.00 44.41
N THR F 72 -54.48 -28.97 45.25
CA THR F 72 -54.37 -27.59 44.82
C THR F 72 -53.21 -26.93 45.56
N LYS F 73 -52.95 -25.67 45.21
CA LYS F 73 -51.85 -24.92 45.79
C LYS F 73 -52.27 -23.49 46.03
N ASP F 74 -51.44 -22.76 46.77
CA ASP F 74 -51.68 -21.35 47.05
C ASP F 74 -50.31 -20.69 47.27
N THR F 75 -49.86 -19.93 46.27
CA THR F 75 -48.54 -19.32 46.35
C THR F 75 -48.56 -18.10 47.29
N SER F 76 -49.71 -17.45 47.44
CA SER F 76 -49.79 -16.28 48.31
C SER F 76 -49.82 -16.70 49.78
N LYS F 77 -50.67 -17.67 50.12
CA LYS F 77 -50.78 -18.15 51.49
C LYS F 77 -49.70 -19.14 51.86
N ASN F 78 -48.92 -19.63 50.89
CA ASN F 78 -47.88 -20.62 51.14
C ASN F 78 -48.44 -21.88 51.79
N GLN F 79 -49.66 -22.24 51.41
CA GLN F 79 -50.35 -23.41 51.94
C GLN F 79 -50.80 -24.28 50.78
N VAL F 80 -50.51 -25.58 50.88
CA VAL F 80 -50.85 -26.54 49.83
C VAL F 80 -51.87 -27.51 50.40
N VAL F 81 -53.03 -27.58 49.75
CA VAL F 81 -54.16 -28.39 50.23
C VAL F 81 -54.26 -29.63 49.35
N LEU F 82 -54.18 -30.80 49.97
CA LEU F 82 -54.38 -32.06 49.29
C LEU F 82 -55.80 -32.57 49.55
N THR F 83 -56.60 -32.63 48.49
CA THR F 83 -58.01 -33.01 48.58
C THR F 83 -58.16 -34.46 48.11
N MET F 84 -58.03 -35.40 49.04
CA MET F 84 -58.18 -36.82 48.74
C MET F 84 -59.66 -37.17 48.86
N THR F 85 -60.35 -37.17 47.71
CA THR F 85 -61.77 -37.47 47.70
C THR F 85 -62.00 -38.97 47.83
N ASN F 86 -63.19 -39.32 48.34
CA ASN F 86 -63.62 -40.70 48.52
C ASN F 86 -62.62 -41.49 49.37
N MET F 87 -62.50 -41.06 50.63
CA MET F 87 -61.58 -41.68 51.57
C MET F 87 -62.04 -43.10 51.87
N ASP F 88 -61.32 -44.09 51.36
CA ASP F 88 -61.63 -45.48 51.59
C ASP F 88 -61.16 -45.92 52.97
N PRO F 89 -61.78 -46.95 53.55
CA PRO F 89 -61.33 -47.43 54.87
C PRO F 89 -59.89 -47.90 54.88
N VAL F 90 -59.35 -48.34 53.74
CA VAL F 90 -57.96 -48.78 53.67
C VAL F 90 -56.98 -47.63 53.59
N ASP F 91 -57.47 -46.41 53.33
CA ASP F 91 -56.62 -45.24 53.16
C ASP F 91 -56.04 -44.72 54.48
N THR F 92 -56.23 -45.43 55.59
CA THR F 92 -55.66 -45.01 56.87
C THR F 92 -54.14 -45.10 56.83
N ALA F 93 -53.47 -43.95 56.84
CA ALA F 93 -52.02 -43.92 56.74
C ALA F 93 -51.50 -42.63 57.34
N THR F 94 -50.17 -42.51 57.36
CA THR F 94 -49.50 -41.31 57.88
C THR F 94 -48.94 -40.53 56.70
N TYR F 95 -49.58 -39.41 56.38
CA TYR F 95 -49.12 -38.58 55.28
C TYR F 95 -47.90 -37.76 55.71
N TYR F 96 -47.07 -37.43 54.72
CA TYR F 96 -45.83 -36.68 54.96
C TYR F 96 -45.69 -35.60 53.89
N CYS F 97 -45.65 -34.35 54.33
CA CYS F 97 -45.45 -33.24 53.40
C CYS F 97 -43.97 -33.05 53.13
N ALA F 98 -43.60 -33.08 51.85
CA ALA F 98 -42.21 -32.95 51.45
C ALA F 98 -42.09 -31.87 50.40
N ARG F 99 -40.85 -31.61 49.97
CA ARG F 99 -40.54 -30.57 48.99
C ARG F 99 -39.47 -31.09 48.04
N LEU F 100 -39.84 -31.32 46.80
CA LEU F 100 -38.90 -31.72 45.75
C LEU F 100 -38.12 -30.48 45.33
N THR F 101 -36.95 -30.28 45.94
CA THR F 101 -36.16 -29.10 45.64
C THR F 101 -35.54 -29.16 44.24
N ALA F 102 -35.24 -30.36 43.76
CA ALA F 102 -34.67 -30.53 42.43
C ALA F 102 -34.93 -31.95 41.96
N ALA F 103 -34.58 -32.21 40.70
CA ALA F 103 -34.82 -33.53 40.12
C ALA F 103 -33.92 -34.59 40.75
N ASP F 104 -32.66 -34.24 41.04
CA ASP F 104 -31.74 -35.21 41.62
C ASP F 104 -32.01 -35.42 43.10
N THR F 105 -32.22 -34.33 43.83
CA THR F 105 -32.49 -34.39 45.27
C THR F 105 -33.95 -34.80 45.46
N ILE F 106 -34.15 -36.08 45.77
CA ILE F 106 -35.49 -36.64 45.90
C ILE F 106 -36.05 -36.35 47.28
N PHE F 107 -36.93 -35.35 47.38
CA PHE F 107 -37.66 -35.01 48.60
C PHE F 107 -36.71 -34.70 49.75
N ASP F 108 -35.96 -33.62 49.57
CA ASP F 108 -35.05 -33.15 50.63
C ASP F 108 -35.80 -32.88 51.92
N CYS F 109 -36.72 -31.93 51.90
CA CYS F 109 -37.47 -31.55 53.10
C CYS F 109 -38.52 -32.61 53.43
N TRP F 110 -38.80 -32.75 54.72
CA TRP F 110 -39.80 -33.69 55.21
C TRP F 110 -40.51 -33.08 56.41
N GLY F 111 -41.79 -33.40 56.55
CA GLY F 111 -42.60 -32.90 57.64
C GLY F 111 -42.44 -33.71 58.91
N GLN F 112 -43.49 -33.70 59.73
CA GLN F 112 -43.49 -34.42 61.00
C GLN F 112 -44.24 -35.74 60.92
N GLY F 113 -45.38 -35.76 60.24
CA GLY F 113 -46.18 -36.98 60.13
C GLY F 113 -47.49 -36.88 60.85
N THR F 114 -48.58 -36.73 60.10
CA THR F 114 -49.92 -36.61 60.66
C THR F 114 -50.71 -37.86 60.34
N LEU F 115 -51.09 -38.61 61.37
CA LEU F 115 -51.87 -39.82 61.19
C LEU F 115 -53.34 -39.49 60.98
N VAL F 116 -53.92 -40.04 59.92
CA VAL F 116 -55.31 -39.82 59.57
C VAL F 116 -56.02 -41.17 59.54
N THR F 117 -57.00 -41.33 60.41
CA THR F 117 -57.81 -42.55 60.45
C THR F 117 -59.20 -42.26 59.88
N VAL F 118 -59.81 -43.27 59.29
CA VAL F 118 -61.12 -43.13 58.66
C VAL F 118 -62.02 -44.23 59.23
N SER F 119 -63.15 -43.82 59.82
CA SER F 119 -64.10 -44.75 60.40
C SER F 119 -65.40 -43.99 60.69
N SER F 120 -66.40 -44.74 61.15
CA SER F 120 -67.69 -44.16 61.51
C SER F 120 -67.80 -43.81 62.99
N ALA F 121 -66.83 -44.21 63.80
CA ALA F 121 -66.87 -43.91 65.23
C ALA F 121 -66.58 -42.44 65.48
N SER F 122 -67.39 -41.81 66.34
CA SER F 122 -67.22 -40.42 66.68
C SER F 122 -66.13 -40.25 67.74
N THR F 123 -65.75 -39.00 67.97
CA THR F 123 -64.73 -38.68 68.95
C THR F 123 -65.29 -38.82 70.36
N LYS F 124 -64.40 -39.02 71.32
CA LYS F 124 -64.77 -39.18 72.72
C LYS F 124 -63.88 -38.29 73.59
N GLY F 125 -64.31 -38.11 74.84
CA GLY F 125 -63.58 -37.31 75.78
C GLY F 125 -62.37 -38.04 76.33
N PRO F 126 -61.43 -37.27 76.87
CA PRO F 126 -60.22 -37.87 77.42
C PRO F 126 -60.47 -38.51 78.79
N SER F 127 -59.45 -39.22 79.26
CA SER F 127 -59.47 -39.92 80.54
C SER F 127 -58.18 -39.66 81.30
N VAL F 128 -57.79 -38.38 81.37
CA VAL F 128 -56.57 -37.98 82.05
C VAL F 128 -56.67 -38.31 83.54
N PHE F 129 -55.83 -39.23 84.01
CA PHE F 129 -55.85 -39.67 85.39
C PHE F 129 -54.41 -39.95 85.84
N PRO F 130 -53.95 -39.30 86.91
CA PRO F 130 -52.58 -39.55 87.38
C PRO F 130 -52.41 -40.96 87.89
N LEU F 131 -51.14 -41.38 87.95
CA LEU F 131 -50.75 -42.70 88.45
C LEU F 131 -49.84 -42.49 89.66
N ALA F 132 -50.43 -42.51 90.85
CA ALA F 132 -49.67 -42.34 92.07
C ALA F 132 -49.23 -43.69 92.63
N PRO F 133 -48.05 -43.76 93.23
CA PRO F 133 -47.58 -45.02 93.80
C PRO F 133 -48.43 -45.46 94.98
N SER F 134 -48.59 -46.77 95.12
CA SER F 134 -49.40 -47.38 96.17
C SER F 134 -48.51 -48.23 97.08
N SER F 135 -49.14 -48.94 98.01
CA SER F 135 -48.40 -49.77 98.96
C SER F 135 -47.76 -50.98 98.28
N LYS F 136 -48.30 -51.43 97.15
CA LYS F 136 -47.79 -52.58 96.42
C LYS F 136 -47.23 -52.16 95.06
N SER F 137 -46.68 -50.94 95.00
CA SER F 137 -46.10 -50.42 93.76
C SER F 137 -44.59 -50.38 93.80
N THR F 138 -43.96 -50.95 94.83
CA THR F 138 -42.51 -50.96 94.97
C THR F 138 -42.00 -52.35 94.59
N SER F 139 -41.42 -52.46 93.40
CA SER F 139 -40.87 -53.72 92.90
C SER F 139 -39.34 -53.72 92.92
N GLY F 140 -38.71 -52.72 92.31
CA GLY F 140 -37.26 -52.62 92.31
C GLY F 140 -36.77 -51.23 92.60
N GLY F 141 -37.69 -50.28 92.74
CA GLY F 141 -37.33 -48.90 93.01
C GLY F 141 -38.00 -47.92 92.06
N THR F 142 -38.36 -48.40 90.87
CA THR F 142 -38.99 -47.54 89.86
C THR F 142 -40.49 -47.43 90.15
N ALA F 143 -40.90 -46.25 90.61
CA ALA F 143 -42.31 -45.96 90.91
C ALA F 143 -42.70 -44.62 90.34
N ALA F 144 -42.33 -44.39 89.08
CA ALA F 144 -42.60 -43.12 88.43
C ALA F 144 -44.09 -42.89 88.24
N LEU F 145 -44.47 -41.62 88.15
CA LEU F 145 -45.86 -41.26 87.95
C LEU F 145 -46.29 -41.52 86.51
N GLY F 146 -47.58 -41.29 86.25
CA GLY F 146 -48.12 -41.50 84.92
C GLY F 146 -49.30 -40.59 84.66
N CYS F 147 -49.66 -40.51 83.38
CA CYS F 147 -50.80 -39.73 82.90
C CYS F 147 -51.64 -40.56 81.94
N LEU F 148 -51.97 -41.78 82.38
CA LEU F 148 -52.69 -42.73 81.53
C LEU F 148 -54.02 -42.14 81.08
N VAL F 149 -54.25 -42.20 79.77
CA VAL F 149 -55.48 -41.71 79.15
C VAL F 149 -56.04 -42.79 78.25
N LYS F 150 -57.35 -42.96 78.26
CA LYS F 150 -58.01 -43.98 77.46
C LYS F 150 -59.39 -43.46 77.05
N ASP F 151 -60.20 -44.34 76.48
CA ASP F 151 -61.56 -44.02 76.05
C ASP F 151 -61.58 -42.88 75.03
N TYR F 152 -60.75 -43.01 74.00
CA TYR F 152 -60.72 -42.03 72.92
C TYR F 152 -60.32 -42.73 71.63
N PHE F 153 -61.07 -42.48 70.57
CA PHE F 153 -60.83 -43.09 69.27
C PHE F 153 -59.70 -42.41 68.49
N PRO F 154 -59.63 -41.08 68.42
CA PRO F 154 -58.52 -40.44 67.68
C PRO F 154 -57.18 -40.86 68.23
N GLU F 155 -56.37 -41.51 67.39
CA GLU F 155 -55.09 -42.05 67.85
C GLU F 155 -54.07 -40.96 68.18
N PRO F 156 -53.79 -39.97 67.29
CA PRO F 156 -52.71 -39.03 67.60
C PRO F 156 -53.00 -38.12 68.76
N VAL F 157 -52.34 -38.36 69.90
CA VAL F 157 -52.45 -37.51 71.08
C VAL F 157 -51.05 -37.34 71.66
N THR F 158 -50.79 -36.15 72.18
CA THR F 158 -49.49 -35.83 72.77
C THR F 158 -49.68 -35.35 74.20
N VAL F 159 -48.82 -35.83 75.08
CA VAL F 159 -48.82 -35.46 76.49
C VAL F 159 -47.67 -34.50 76.72
N SER F 160 -47.96 -33.32 77.26
CA SER F 160 -46.97 -32.30 77.55
C SER F 160 -47.06 -31.95 79.03
N TRP F 161 -46.01 -32.27 79.79
CA TRP F 161 -45.98 -31.97 81.21
C TRP F 161 -45.58 -30.52 81.42
N ASN F 162 -46.40 -29.78 82.17
CA ASN F 162 -46.16 -28.36 82.47
C ASN F 162 -46.03 -27.54 81.18
N SER F 163 -46.85 -27.87 80.19
CA SER F 163 -46.87 -27.17 78.90
C SER F 163 -45.49 -27.15 78.24
N GLY F 164 -44.79 -28.28 78.32
CA GLY F 164 -43.49 -28.40 77.71
C GLY F 164 -42.34 -27.84 78.53
N ALA F 165 -42.43 -27.94 79.85
CA ALA F 165 -41.37 -27.48 80.74
C ALA F 165 -40.68 -28.62 81.49
N LEU F 166 -41.46 -29.59 81.97
CA LEU F 166 -40.92 -30.76 82.65
C LEU F 166 -40.77 -31.95 81.71
N THR F 167 -40.57 -31.68 80.42
CA THR F 167 -40.50 -32.73 79.40
C THR F 167 -39.11 -33.37 79.31
N SER F 168 -38.27 -33.18 80.32
CA SER F 168 -36.95 -33.79 80.32
C SER F 168 -37.06 -35.25 80.75
N GLY F 169 -36.68 -36.17 79.84
CA GLY F 169 -36.72 -37.58 80.15
C GLY F 169 -38.08 -38.22 80.03
N VAL F 170 -38.89 -37.82 79.05
CA VAL F 170 -40.21 -38.39 78.85
C VAL F 170 -40.10 -39.65 78.01
N HIS F 171 -40.76 -40.72 78.46
CA HIS F 171 -40.74 -42.00 77.77
C HIS F 171 -42.17 -42.49 77.50
N THR F 172 -43.06 -41.56 77.18
CA THR F 172 -44.45 -41.92 76.86
C THR F 172 -44.49 -42.66 75.53
N PHE F 173 -44.77 -43.95 75.57
CA PHE F 173 -44.81 -44.79 74.37
C PHE F 173 -46.26 -45.08 74.02
N PRO F 174 -46.76 -44.61 72.87
CA PRO F 174 -48.15 -44.86 72.50
C PRO F 174 -48.38 -46.34 72.19
N ALA F 175 -49.66 -46.69 72.07
CA ALA F 175 -50.05 -48.06 71.83
C ALA F 175 -50.94 -48.17 70.59
N VAL F 176 -51.49 -49.36 70.36
CA VAL F 176 -52.35 -49.60 69.21
C VAL F 176 -53.77 -49.84 69.72
N LEU F 177 -54.71 -49.99 68.77
CA LEU F 177 -56.11 -50.18 69.11
C LEU F 177 -56.31 -51.49 69.87
N GLN F 178 -57.05 -51.42 70.97
CA GLN F 178 -57.34 -52.58 71.78
C GLN F 178 -58.50 -53.37 71.17
N SER F 179 -58.87 -54.47 71.83
CA SER F 179 -59.97 -55.29 71.34
C SER F 179 -61.33 -54.64 71.54
N SER F 180 -61.45 -53.71 72.47
CA SER F 180 -62.73 -53.02 72.69
C SER F 180 -62.97 -51.95 71.62
N GLY F 181 -61.93 -51.23 71.23
CA GLY F 181 -62.07 -50.19 70.23
C GLY F 181 -61.66 -48.82 70.73
N LEU F 182 -60.82 -48.78 71.75
CA LEU F 182 -60.35 -47.54 72.34
C LEU F 182 -58.84 -47.59 72.56
N TYR F 183 -58.17 -46.50 72.23
CA TYR F 183 -56.73 -46.42 72.44
C TYR F 183 -56.41 -46.08 73.89
N SER F 184 -55.15 -46.29 74.27
CA SER F 184 -54.71 -46.03 75.63
C SER F 184 -53.19 -45.94 75.66
N LEU F 185 -52.67 -45.01 76.46
CA LEU F 185 -51.24 -44.84 76.61
C LEU F 185 -50.96 -44.12 77.92
N SER F 186 -49.82 -44.44 78.53
CA SER F 186 -49.39 -43.84 79.78
C SER F 186 -47.98 -43.28 79.62
N SER F 187 -47.60 -42.42 80.55
CA SER F 187 -46.31 -41.75 80.52
C SER F 187 -45.32 -42.51 81.38
N VAL F 188 -44.08 -42.63 80.89
CA VAL F 188 -43.04 -43.40 81.56
C VAL F 188 -41.88 -42.44 81.85
N VAL F 189 -42.21 -41.18 82.12
CA VAL F 189 -41.19 -40.17 82.39
C VAL F 189 -40.35 -40.60 83.59
N THR F 190 -39.05 -40.32 83.52
CA THR F 190 -38.11 -40.74 84.55
C THR F 190 -38.15 -39.74 85.71
N VAL F 191 -39.13 -39.93 86.59
CA VAL F 191 -39.28 -39.10 87.78
C VAL F 191 -39.49 -40.01 88.99
N PRO F 192 -38.52 -40.10 89.89
CA PRO F 192 -38.68 -40.96 91.07
C PRO F 192 -39.73 -40.38 92.02
N SER F 193 -40.13 -41.22 92.99
CA SER F 193 -41.13 -40.81 93.97
C SER F 193 -40.57 -39.87 95.02
N SER F 194 -39.25 -39.69 95.09
CA SER F 194 -38.67 -38.78 96.07
C SER F 194 -39.04 -37.33 95.75
N SER F 195 -38.75 -36.90 94.52
CA SER F 195 -39.09 -35.54 94.08
C SER F 195 -40.43 -35.56 93.34
N LEU F 196 -41.47 -35.85 94.10
CA LEU F 196 -42.83 -35.95 93.57
C LEU F 196 -43.80 -34.95 94.19
N GLY F 197 -43.71 -34.73 95.51
CA GLY F 197 -44.63 -33.82 96.16
C GLY F 197 -44.17 -32.37 96.20
N THR F 198 -42.88 -32.12 95.97
CA THR F 198 -42.37 -30.75 96.02
C THR F 198 -42.55 -30.04 94.69
N GLN F 199 -42.61 -30.80 93.60
CA GLN F 199 -42.75 -30.21 92.28
C GLN F 199 -44.15 -30.45 91.72
N THR F 200 -44.61 -29.49 90.93
CA THR F 200 -45.91 -29.57 90.28
C THR F 200 -45.82 -30.42 89.01
N TYR F 201 -46.69 -31.42 88.93
CA TYR F 201 -46.76 -32.31 87.77
C TYR F 201 -48.16 -32.19 87.18
N ILE F 202 -48.27 -31.54 86.03
CA ILE F 202 -49.53 -31.31 85.34
C ILE F 202 -49.35 -31.67 83.88
N CYS F 203 -49.96 -32.77 83.45
CA CYS F 203 -49.85 -33.24 82.07
C CYS F 203 -51.03 -32.68 81.27
N ASN F 204 -50.74 -31.68 80.44
CA ASN F 204 -51.74 -31.05 79.60
C ASN F 204 -51.99 -31.93 78.38
N VAL F 205 -53.18 -32.54 78.32
CA VAL F 205 -53.53 -33.39 77.19
C VAL F 205 -53.75 -32.53 75.95
N ASN F 206 -53.29 -33.03 74.81
CA ASN F 206 -53.40 -32.33 73.53
C ASN F 206 -54.22 -33.20 72.57
N HIS F 207 -55.53 -32.96 72.55
CA HIS F 207 -56.43 -33.67 71.65
C HIS F 207 -56.79 -32.77 70.48
N LYS F 208 -56.43 -33.20 69.27
CA LYS F 208 -56.64 -32.34 68.09
C LYS F 208 -58.09 -32.32 67.64
N PRO F 209 -58.78 -33.47 67.42
CA PRO F 209 -60.15 -33.40 66.89
C PRO F 209 -61.14 -32.76 67.85
N SER F 210 -61.16 -33.24 69.10
CA SER F 210 -62.14 -32.74 70.06
C SER F 210 -61.77 -31.37 70.63
N ASN F 211 -60.48 -31.02 70.65
CA ASN F 211 -59.99 -29.73 71.15
C ASN F 211 -60.45 -29.50 72.60
N THR F 212 -60.04 -30.43 73.46
CA THR F 212 -60.34 -30.36 74.89
C THR F 212 -59.01 -30.28 75.64
N LYS F 213 -58.74 -29.12 76.23
CA LYS F 213 -57.51 -28.89 76.99
C LYS F 213 -57.77 -29.10 78.47
N VAL F 214 -57.81 -30.39 78.85
CA VAL F 214 -58.06 -30.78 80.23
C VAL F 214 -56.73 -30.82 80.97
N ASP F 215 -56.70 -30.20 82.16
CA ASP F 215 -55.51 -30.15 82.99
C ASP F 215 -55.79 -30.78 84.35
N LYS F 216 -54.83 -31.59 84.82
CA LYS F 216 -54.99 -32.29 86.09
C LYS F 216 -53.63 -32.41 86.75
N ARG F 217 -53.51 -31.88 87.96
CA ARG F 217 -52.28 -31.96 88.72
C ARG F 217 -52.09 -33.36 89.29
N VAL F 218 -50.87 -33.64 89.76
CA VAL F 218 -50.51 -34.96 90.27
C VAL F 218 -49.96 -34.80 91.68
N GLU F 219 -50.56 -35.49 92.63
CA GLU F 219 -50.10 -35.56 94.00
C GLU F 219 -50.08 -37.00 94.48
N PRO F 220 -49.17 -37.34 95.41
CA PRO F 220 -49.20 -38.70 95.97
C PRO F 220 -50.47 -38.97 96.75
N LYS F 221 -51.29 -39.89 96.26
CA LYS F 221 -52.57 -40.20 96.87
C LYS F 221 -52.45 -41.40 97.79
N SER F 222 -53.18 -41.37 98.90
CA SER F 222 -53.19 -42.46 99.86
C SER F 222 -54.30 -43.44 99.52
N CYS F 223 -54.55 -44.39 100.42
CA CYS F 223 -55.60 -45.38 100.22
C CYS F 223 -56.97 -44.82 100.56
N ALA G 3 -40.82 -51.39 40.78
CA ALA G 3 -40.96 -51.95 42.12
C ALA G 3 -39.61 -52.04 42.82
N LEU G 4 -39.34 -51.11 43.74
CA LEU G 4 -38.08 -51.09 44.49
C LEU G 4 -38.21 -52.03 45.69
N THR G 5 -38.29 -53.32 45.38
CA THR G 5 -38.45 -54.32 46.43
C THR G 5 -37.16 -54.46 47.23
N GLN G 6 -37.29 -54.36 48.55
CA GLN G 6 -36.15 -54.40 49.47
C GLN G 6 -36.32 -55.53 50.47
N PRO G 7 -35.22 -56.12 50.95
CA PRO G 7 -35.32 -57.20 51.94
C PRO G 7 -35.85 -56.68 53.27
N ALA G 8 -36.41 -57.61 54.05
CA ALA G 8 -37.04 -57.22 55.31
C ALA G 8 -36.04 -56.60 56.28
N SER G 9 -35.05 -57.37 56.71
CA SER G 9 -34.07 -56.89 57.69
C SER G 9 -32.79 -57.69 57.52
N VAL G 10 -31.79 -57.09 56.88
CA VAL G 10 -30.47 -57.71 56.74
C VAL G 10 -29.58 -57.04 57.78
N SER G 11 -29.53 -57.65 58.97
CA SER G 11 -28.73 -57.12 60.06
C SER G 11 -27.36 -57.78 60.09
N GLY G 12 -26.40 -57.08 60.71
CA GLY G 12 -25.04 -57.58 60.79
C GLY G 12 -24.33 -57.04 62.02
N SER G 13 -23.07 -57.44 62.15
CA SER G 13 -22.26 -57.01 63.28
C SER G 13 -21.95 -55.51 63.16
N PRO G 14 -21.80 -54.82 64.29
CA PRO G 14 -21.47 -53.39 64.23
C PRO G 14 -20.10 -53.16 63.62
N GLY G 15 -19.99 -52.08 62.85
CA GLY G 15 -18.75 -51.75 62.19
C GLY G 15 -18.48 -52.53 60.92
N LEU G 16 -19.51 -53.13 60.32
CA LEU G 16 -19.36 -53.93 59.11
C LEU G 16 -20.06 -53.24 57.95
N SER G 17 -19.51 -53.40 56.75
CA SER G 17 -20.07 -52.79 55.55
C SER G 17 -21.09 -53.76 54.96
N ILE G 18 -22.26 -53.82 55.59
CA ILE G 18 -23.35 -54.66 55.08
C ILE G 18 -23.99 -53.96 53.89
N THR G 19 -24.27 -54.72 52.84
CA THR G 19 -24.81 -54.13 51.62
C THR G 19 -26.33 -54.20 51.62
N ILE G 20 -26.97 -53.07 51.33
CA ILE G 20 -28.42 -52.98 51.17
C ILE G 20 -28.72 -52.88 49.68
N SER G 21 -29.67 -53.70 49.22
CA SER G 21 -29.97 -53.78 47.80
C SER G 21 -31.48 -53.74 47.56
N CYS G 22 -31.85 -53.19 46.40
CA CYS G 22 -33.21 -53.31 45.88
C CYS G 22 -33.10 -53.66 44.40
N THR G 23 -34.21 -54.08 43.80
CA THR G 23 -34.19 -54.87 42.58
C THR G 23 -33.79 -54.03 41.37
N ALA G 24 -33.87 -54.65 40.18
CA ALA G 24 -33.26 -54.09 38.98
C ALA G 24 -33.96 -52.82 38.53
N THR G 25 -35.25 -52.68 38.84
CA THR G 25 -36.05 -51.52 38.42
C THR G 25 -36.04 -51.40 36.89
N SER G 26 -36.70 -52.37 36.26
CA SER G 26 -36.65 -52.55 34.82
C SER G 26 -37.42 -51.45 34.09
N SER G 27 -37.65 -51.63 32.79
CA SER G 27 -38.07 -50.60 31.84
C SER G 27 -39.12 -49.63 32.39
N ASP G 28 -39.94 -50.08 33.34
CA ASP G 28 -40.81 -49.15 34.06
C ASP G 28 -40.01 -48.00 34.65
N VAL G 29 -38.78 -48.27 35.08
CA VAL G 29 -37.82 -47.24 35.47
C VAL G 29 -36.85 -47.08 34.31
N GLY G 30 -36.72 -45.85 33.81
CA GLY G 30 -35.98 -45.60 32.59
C GLY G 30 -34.50 -45.93 32.64
N ALA G 31 -33.74 -45.17 33.43
CA ALA G 31 -32.29 -45.31 33.45
C ALA G 31 -31.70 -45.50 34.84
N TYR G 32 -32.49 -45.36 35.91
CA TYR G 32 -32.02 -45.54 37.28
C TYR G 32 -30.87 -44.57 37.60
N ASN G 33 -31.09 -43.30 37.27
CA ASN G 33 -30.09 -42.27 37.47
C ASN G 33 -30.34 -41.39 38.69
N TYR G 34 -31.56 -41.39 39.23
CA TYR G 34 -31.92 -40.58 40.39
C TYR G 34 -32.34 -41.52 41.51
N VAL G 35 -31.37 -41.89 42.35
CA VAL G 35 -31.59 -42.81 43.46
C VAL G 35 -31.26 -42.09 44.75
N SER G 36 -32.17 -42.19 45.73
CA SER G 36 -31.98 -41.51 47.01
C SER G 36 -32.39 -42.48 48.12
N TRP G 37 -31.40 -43.00 48.84
CA TRP G 37 -31.67 -43.85 49.98
C TRP G 37 -32.17 -43.02 51.17
N TYR G 38 -33.05 -43.62 51.96
CA TYR G 38 -33.64 -42.96 53.11
C TYR G 38 -33.25 -43.67 54.39
N GLN G 39 -33.57 -43.04 55.52
CA GLN G 39 -33.31 -43.61 56.84
C GLN G 39 -34.36 -43.06 57.79
N GLN G 40 -35.41 -43.84 58.02
CA GLN G 40 -36.56 -43.40 58.82
C GLN G 40 -36.44 -44.00 60.23
N HIS G 41 -36.10 -43.16 61.20
CA HIS G 41 -36.07 -43.61 62.57
C HIS G 41 -37.49 -43.79 63.10
N PRO G 42 -37.74 -44.82 63.93
CA PRO G 42 -39.10 -45.03 64.44
C PRO G 42 -39.59 -43.86 65.29
N GLY G 43 -40.64 -43.19 64.82
CA GLY G 43 -41.21 -42.07 65.53
C GLY G 43 -40.81 -40.71 64.99
N GLN G 44 -39.90 -40.66 64.02
CA GLN G 44 -39.42 -39.40 63.46
C GLN G 44 -39.51 -39.47 61.93
N ALA G 45 -39.13 -38.37 61.28
CA ALA G 45 -39.14 -38.29 59.83
C ALA G 45 -37.89 -38.92 59.24
N PRO G 46 -37.98 -39.44 58.01
CA PRO G 46 -36.80 -40.05 57.39
C PRO G 46 -35.74 -39.02 57.06
N LYS G 47 -34.48 -39.44 57.15
CA LYS G 47 -33.34 -38.59 56.87
C LYS G 47 -32.67 -39.06 55.58
N LEU G 48 -32.29 -38.10 54.74
CA LEU G 48 -31.68 -38.41 53.45
C LEU G 48 -30.18 -38.66 53.64
N MET G 49 -29.76 -39.90 53.40
CA MET G 49 -28.34 -40.24 53.47
C MET G 49 -27.63 -40.09 52.12
N ILE G 50 -28.38 -40.08 51.02
CA ILE G 50 -27.82 -39.87 49.70
C ILE G 50 -28.93 -39.37 48.79
N TYR G 51 -28.55 -38.53 47.82
CA TYR G 51 -29.51 -37.96 46.88
C TYR G 51 -29.24 -38.38 45.44
N ASP G 52 -27.99 -38.56 45.05
CA ASP G 52 -27.61 -38.97 43.71
C ASP G 52 -27.13 -40.42 43.75
N VAL G 53 -26.63 -40.90 42.61
CA VAL G 53 -26.10 -42.26 42.55
C VAL G 53 -24.93 -42.42 43.49
N SER G 54 -24.03 -41.44 43.52
CA SER G 54 -22.83 -41.48 44.37
C SER G 54 -22.79 -40.36 45.39
N LYS G 55 -23.06 -39.12 44.98
CA LYS G 55 -22.90 -37.99 45.88
C LYS G 55 -24.05 -37.91 46.88
N ARG G 56 -23.71 -37.56 48.12
CA ARG G 56 -24.64 -37.40 49.22
C ARG G 56 -24.87 -35.92 49.53
N PRO G 57 -26.00 -35.56 50.11
CA PRO G 57 -26.28 -34.14 50.40
C PRO G 57 -25.35 -33.60 51.49
N SER G 58 -25.44 -32.29 51.69
CA SER G 58 -24.59 -31.60 52.65
C SER G 58 -25.18 -31.52 54.06
N GLY G 59 -26.41 -32.01 54.24
CA GLY G 59 -27.04 -31.89 55.55
C GLY G 59 -26.60 -32.97 56.52
N VAL G 60 -26.51 -34.21 56.03
CA VAL G 60 -26.18 -35.35 56.89
C VAL G 60 -24.91 -36.00 56.34
N SER G 61 -23.98 -35.17 55.88
CA SER G 61 -22.71 -35.64 55.33
C SER G 61 -21.95 -36.49 56.35
N ASN G 62 -21.83 -37.78 56.09
CA ASN G 62 -21.16 -38.71 56.98
C ASN G 62 -20.54 -39.81 56.14
N ARG G 63 -20.16 -40.92 56.77
CA ARG G 63 -19.56 -42.06 56.08
C ARG G 63 -20.57 -42.85 55.23
N PHE G 64 -21.79 -42.34 55.05
CA PHE G 64 -22.80 -43.02 54.23
C PHE G 64 -22.42 -42.88 52.76
N SER G 65 -21.77 -43.90 52.22
CA SER G 65 -21.35 -43.91 50.82
C SER G 65 -22.02 -45.05 50.08
N GLY G 66 -22.13 -44.88 48.75
CA GLY G 66 -22.75 -45.90 47.93
C GLY G 66 -22.89 -45.48 46.47
N SER G 67 -22.91 -46.46 45.57
CA SER G 67 -23.04 -46.18 44.15
C SER G 67 -23.71 -47.36 43.47
N LYS G 68 -24.21 -47.11 42.26
CA LYS G 68 -24.85 -48.13 41.44
C LYS G 68 -23.83 -48.70 40.46
N SER G 69 -23.58 -50.00 40.54
CA SER G 69 -22.58 -50.62 39.69
C SER G 69 -23.11 -50.82 38.27
N ALA G 70 -24.09 -51.71 38.10
CA ALA G 70 -24.69 -51.95 36.80
C ALA G 70 -26.15 -51.53 36.75
N ASN G 71 -26.98 -52.03 37.66
CA ASN G 71 -28.39 -51.65 37.66
C ASN G 71 -29.01 -51.54 39.04
N THR G 72 -28.23 -51.72 40.12
CA THR G 72 -28.76 -51.65 41.48
C THR G 72 -27.82 -50.82 42.34
N ALA G 73 -28.40 -50.09 43.30
CA ALA G 73 -27.63 -49.24 44.19
C ALA G 73 -27.43 -49.93 45.54
N SER G 74 -26.35 -49.56 46.22
CA SER G 74 -26.03 -50.15 47.51
C SER G 74 -25.27 -49.14 48.35
N LEU G 75 -25.90 -48.65 49.41
CA LEU G 75 -25.26 -47.71 50.32
C LEU G 75 -24.42 -48.47 51.34
N THR G 76 -23.10 -48.37 51.19
CA THR G 76 -22.14 -49.10 52.03
C THR G 76 -21.65 -48.17 53.13
N ILE G 77 -21.85 -48.57 54.38
CA ILE G 77 -21.44 -47.79 55.54
C ILE G 77 -20.43 -48.61 56.31
N SER G 78 -19.22 -48.07 56.46
CA SER G 78 -18.14 -48.74 57.18
C SER G 78 -17.69 -48.02 58.43
N GLY G 79 -17.47 -46.71 58.34
CA GLY G 79 -16.98 -45.94 59.48
C GLY G 79 -18.04 -45.68 60.53
N LEU G 80 -19.09 -44.97 60.16
CA LEU G 80 -20.16 -44.59 61.09
C LEU G 80 -21.28 -45.63 61.04
N GLN G 81 -20.95 -46.84 61.49
CA GLN G 81 -21.90 -47.94 61.55
C GLN G 81 -22.40 -48.23 62.95
N ALA G 82 -21.53 -48.16 63.96
CA ALA G 82 -21.92 -48.41 65.35
C ALA G 82 -22.69 -47.20 65.86
N GLU G 83 -23.94 -47.10 65.45
CA GLU G 83 -24.81 -46.00 65.84
C GLU G 83 -26.25 -46.51 65.84
N ASP G 84 -27.21 -45.60 65.88
CA ASP G 84 -28.61 -45.98 65.87
C ASP G 84 -28.98 -46.63 64.54
N GLU G 85 -30.06 -47.40 64.57
CA GLU G 85 -30.54 -48.14 63.41
C GLU G 85 -31.91 -47.63 63.00
N ALA G 86 -32.24 -47.82 61.72
CA ALA G 86 -33.53 -47.38 61.20
C ALA G 86 -33.91 -48.17 59.95
N ASP G 87 -34.92 -47.70 59.22
CA ASP G 87 -35.43 -48.37 58.03
C ASP G 87 -34.91 -47.63 56.80
N TYR G 88 -34.33 -48.37 55.86
CA TYR G 88 -33.80 -47.79 54.64
C TYR G 88 -34.82 -47.89 53.51
N TYR G 89 -34.77 -46.91 52.60
CA TYR G 89 -35.71 -46.85 51.49
C TYR G 89 -35.00 -46.28 50.26
N CYS G 90 -34.78 -47.11 49.26
CA CYS G 90 -34.27 -46.63 47.98
C CYS G 90 -35.44 -46.10 47.15
N SER G 91 -35.27 -44.90 46.59
CA SER G 91 -36.33 -44.22 45.87
C SER G 91 -35.83 -43.76 44.51
N SER G 92 -36.73 -43.81 43.52
CA SER G 92 -36.41 -43.39 42.17
C SER G 92 -37.70 -43.08 41.43
N TYR G 93 -37.57 -42.41 40.30
CA TYR G 93 -38.72 -42.06 39.48
C TYR G 93 -38.91 -43.08 38.37
N THR G 94 -40.18 -43.36 38.06
CA THR G 94 -40.53 -44.24 36.94
C THR G 94 -40.84 -43.38 35.72
N THR G 95 -41.40 -44.01 34.69
CA THR G 95 -41.70 -43.29 33.45
C THR G 95 -42.72 -42.19 33.68
N THR G 96 -43.71 -42.44 34.55
CA THR G 96 -44.78 -41.47 34.75
C THR G 96 -45.08 -41.24 36.23
N SER G 97 -44.49 -42.05 37.13
CA SER G 97 -44.86 -41.99 38.54
C SER G 97 -43.59 -42.06 39.38
N VAL G 98 -43.78 -41.91 40.69
CA VAL G 98 -42.69 -41.99 41.67
C VAL G 98 -43.03 -43.10 42.66
N VAL G 99 -42.16 -44.10 42.75
CA VAL G 99 -42.38 -45.24 43.63
C VAL G 99 -41.28 -45.25 44.69
N PHE G 100 -41.64 -45.71 45.89
CA PHE G 100 -40.69 -45.89 46.97
C PHE G 100 -40.33 -47.34 47.24
N GLY G 101 -41.12 -48.29 46.71
CA GLY G 101 -40.82 -49.69 46.91
C GLY G 101 -41.08 -50.14 48.34
N GLY G 102 -40.36 -51.18 48.75
CA GLY G 102 -40.49 -51.71 50.08
C GLY G 102 -39.66 -50.97 51.11
N GLY G 103 -38.95 -51.71 51.95
CA GLY G 103 -38.12 -51.08 52.97
C GLY G 103 -37.20 -52.10 53.60
N THR G 104 -36.08 -51.59 54.11
CA THR G 104 -35.05 -52.43 54.75
C THR G 104 -34.89 -51.94 56.19
N LYS G 105 -35.52 -52.66 57.12
CA LYS G 105 -35.42 -52.33 58.55
C LYS G 105 -34.13 -52.92 59.12
N LEU G 106 -33.02 -52.29 58.74
CA LEU G 106 -31.71 -52.74 59.17
C LEU G 106 -31.50 -52.45 60.65
N THR G 107 -31.17 -53.48 61.42
CA THR G 107 -30.91 -53.36 62.84
C THR G 107 -29.44 -53.64 63.12
N VAL G 108 -29.02 -53.34 64.36
CA VAL G 108 -27.64 -53.54 64.78
C VAL G 108 -27.63 -54.81 65.62
N LEU G 109 -27.21 -55.91 65.01
CA LEU G 109 -27.12 -57.18 65.73
C LEU G 109 -25.95 -57.16 66.71
N GLY G 110 -26.20 -57.62 67.94
CA GLY G 110 -25.17 -57.66 68.95
C GLY G 110 -25.39 -56.63 70.05
N GLN G 111 -25.88 -57.08 71.20
CA GLN G 111 -26.14 -56.21 72.33
C GLN G 111 -26.16 -57.04 73.59
N PRO G 112 -25.46 -56.62 74.65
CA PRO G 112 -25.48 -57.38 75.91
C PRO G 112 -26.79 -57.25 76.65
N LYS G 113 -27.51 -58.36 76.81
CA LYS G 113 -28.77 -58.37 77.54
C LYS G 113 -28.54 -58.90 78.96
N ALA G 114 -29.06 -58.16 79.94
CA ALA G 114 -28.91 -58.53 81.35
C ALA G 114 -30.23 -58.91 81.99
N ALA G 115 -31.22 -58.02 81.96
CA ALA G 115 -32.52 -58.28 82.59
C ALA G 115 -33.53 -57.21 82.18
N PRO G 116 -34.79 -57.57 82.00
CA PRO G 116 -35.83 -56.58 81.72
C PRO G 116 -36.31 -55.94 83.02
N SER G 117 -37.31 -55.06 82.89
CA SER G 117 -37.90 -54.37 84.03
C SER G 117 -39.34 -54.84 84.20
N VAL G 118 -39.64 -55.36 85.39
CA VAL G 118 -40.99 -55.84 85.72
C VAL G 118 -41.45 -55.04 86.93
N THR G 119 -42.18 -53.96 86.69
CA THR G 119 -42.69 -53.09 87.75
C THR G 119 -44.20 -53.02 87.66
N LEU G 120 -44.87 -53.30 88.78
CA LEU G 120 -46.32 -53.23 88.85
C LEU G 120 -46.75 -51.86 89.36
N PHE G 121 -47.69 -51.24 88.66
CA PHE G 121 -48.18 -49.89 88.97
C PHE G 121 -49.68 -49.95 89.19
N PRO G 122 -50.13 -50.20 90.43
CA PRO G 122 -51.56 -50.19 90.70
C PRO G 122 -52.12 -48.79 90.54
N PRO G 123 -53.38 -48.68 90.12
CA PRO G 123 -53.97 -47.35 89.94
C PRO G 123 -54.24 -46.66 91.27
N SER G 124 -54.10 -45.34 91.28
CA SER G 124 -54.35 -44.54 92.47
C SER G 124 -55.85 -44.41 92.72
N SER G 125 -56.20 -43.68 93.77
CA SER G 125 -57.60 -43.46 94.12
C SER G 125 -58.17 -42.22 93.42
N GLU G 126 -57.98 -42.18 92.10
CA GLU G 126 -58.51 -41.11 91.26
C GLU G 126 -59.29 -41.65 90.07
N GLU G 127 -58.85 -42.75 89.48
CA GLU G 127 -59.54 -43.37 88.35
C GLU G 127 -60.40 -44.56 88.75
N LEU G 128 -60.33 -44.99 90.01
CA LEU G 128 -61.18 -46.10 90.46
C LEU G 128 -62.65 -45.72 90.48
N GLN G 129 -63.01 -44.67 91.22
CA GLN G 129 -64.40 -44.24 91.32
C GLN G 129 -64.95 -43.67 90.03
N ALA G 130 -64.12 -43.50 89.00
CA ALA G 130 -64.55 -43.00 87.71
C ALA G 130 -64.78 -44.11 86.68
N ASN G 131 -64.96 -45.35 87.14
CA ASN G 131 -65.27 -46.48 86.26
C ASN G 131 -64.14 -46.72 85.25
N LYS G 132 -62.91 -46.42 85.67
CA LYS G 132 -61.74 -46.55 84.80
C LYS G 132 -60.57 -47.17 85.54
N ALA G 133 -60.83 -48.23 86.31
CA ALA G 133 -59.76 -48.92 87.00
C ALA G 133 -58.90 -49.70 86.01
N THR G 134 -57.59 -49.55 86.12
CA THR G 134 -56.64 -50.17 85.20
C THR G 134 -55.34 -50.50 85.92
N LEU G 135 -54.95 -51.76 85.89
CA LEU G 135 -53.68 -52.22 86.47
C LEU G 135 -52.65 -52.22 85.35
N VAL G 136 -51.93 -51.11 85.22
CA VAL G 136 -50.91 -50.97 84.17
C VAL G 136 -49.63 -51.66 84.63
N CYS G 137 -48.92 -52.26 83.68
CA CYS G 137 -47.66 -52.95 83.94
C CYS G 137 -46.60 -52.43 83.00
N LEU G 138 -45.47 -52.00 83.57
CA LEU G 138 -44.38 -51.43 82.80
C LEU G 138 -43.34 -52.50 82.49
N ILE G 139 -43.07 -52.70 81.21
CA ILE G 139 -42.08 -53.66 80.74
C ILE G 139 -41.09 -52.91 79.85
N SER G 140 -39.86 -52.75 80.32
CA SER G 140 -38.85 -52.00 79.59
C SER G 140 -37.49 -52.64 79.87
N ASP G 141 -36.42 -51.92 79.54
CA ASP G 141 -35.05 -52.35 79.81
C ASP G 141 -34.70 -53.64 79.06
N PHE G 142 -35.03 -53.67 77.76
CA PHE G 142 -34.65 -54.78 76.90
C PHE G 142 -34.50 -54.27 75.47
N TYR G 143 -33.38 -54.58 74.84
CA TYR G 143 -33.03 -54.07 73.52
C TYR G 143 -33.77 -54.78 72.38
N PRO G 144 -33.70 -56.12 72.26
CA PRO G 144 -34.22 -56.76 71.04
C PRO G 144 -35.73 -56.72 70.93
N GLY G 145 -36.24 -55.90 70.00
CA GLY G 145 -37.64 -55.80 69.66
C GLY G 145 -38.53 -55.57 70.86
N ALA G 146 -39.75 -56.08 70.77
CA ALA G 146 -40.74 -56.00 71.84
C ALA G 146 -41.17 -57.41 72.20
N VAL G 147 -40.83 -57.84 73.41
CA VAL G 147 -41.13 -59.20 73.84
C VAL G 147 -42.62 -59.32 74.18
N THR G 148 -43.08 -60.56 74.29
CA THR G 148 -44.47 -60.85 74.59
C THR G 148 -44.68 -60.94 76.09
N VAL G 149 -45.75 -60.31 76.57
CA VAL G 149 -46.04 -60.32 78.00
C VAL G 149 -46.93 -61.51 78.34
N ALA G 150 -46.66 -62.13 79.49
CA ALA G 150 -47.41 -63.29 79.95
C ALA G 150 -48.09 -62.96 81.28
N TRP G 151 -49.33 -63.44 81.43
CA TRP G 151 -50.11 -63.23 82.64
C TRP G 151 -50.58 -64.57 83.17
N LYS G 152 -50.23 -64.88 84.42
CA LYS G 152 -50.59 -66.13 85.08
C LYS G 152 -51.14 -65.85 86.47
N ALA G 153 -52.09 -64.91 86.55
CA ALA G 153 -52.58 -64.45 87.84
C ALA G 153 -53.57 -65.43 88.46
N ASP G 154 -53.15 -66.69 88.61
CA ASP G 154 -53.81 -67.74 89.39
C ASP G 154 -55.14 -68.20 88.79
N SER G 155 -55.63 -67.57 87.72
CA SER G 155 -56.89 -67.98 87.12
C SER G 155 -56.71 -68.53 85.72
N SER G 156 -56.15 -67.75 84.80
CA SER G 156 -55.95 -68.15 83.40
C SER G 156 -55.21 -67.05 82.65
N PRO G 157 -54.48 -67.39 81.59
CA PRO G 157 -53.88 -66.34 80.76
C PRO G 157 -54.93 -65.61 79.94
N VAL G 158 -55.28 -64.38 80.35
CA VAL G 158 -56.31 -63.59 79.70
C VAL G 158 -55.62 -62.51 78.87
N LYS G 159 -56.25 -62.14 77.76
CA LYS G 159 -55.67 -61.11 76.89
C LYS G 159 -55.91 -59.72 77.46
N ALA G 160 -57.18 -59.33 77.60
CA ALA G 160 -57.58 -58.07 78.22
C ALA G 160 -56.99 -56.85 77.51
N GLY G 161 -56.66 -56.99 76.23
CA GLY G 161 -56.18 -55.88 75.45
C GLY G 161 -54.72 -55.52 75.69
N VAL G 162 -53.82 -56.48 75.44
CA VAL G 162 -52.39 -56.26 75.59
C VAL G 162 -51.63 -56.46 74.29
N GLU G 163 -52.34 -56.49 73.15
CA GLU G 163 -51.70 -56.69 71.86
C GLU G 163 -51.18 -55.38 71.27
N THR G 164 -50.42 -54.65 72.08
CA THR G 164 -49.87 -53.36 71.68
C THR G 164 -48.36 -53.38 71.54
N THR G 165 -47.65 -53.75 72.61
CA THR G 165 -46.20 -53.84 72.70
C THR G 165 -45.52 -52.47 72.61
N THR G 166 -46.32 -51.43 72.39
CA THR G 166 -45.79 -50.07 72.27
C THR G 166 -44.52 -50.04 71.44
N PRO G 167 -44.66 -50.07 70.12
CA PRO G 167 -43.47 -50.05 69.24
C PRO G 167 -42.90 -48.64 69.07
N SER G 168 -42.18 -48.19 70.11
CA SER G 168 -41.57 -46.87 70.10
C SER G 168 -40.31 -46.92 70.95
N LYS G 169 -39.16 -46.66 70.34
CA LYS G 169 -37.89 -46.70 71.03
C LYS G 169 -37.62 -45.38 71.74
N GLN G 170 -36.89 -45.47 72.85
CA GLN G 170 -36.54 -44.30 73.62
C GLN G 170 -35.19 -43.76 73.14
N SER G 171 -34.61 -42.82 73.89
CA SER G 171 -33.32 -42.25 73.51
C SER G 171 -32.20 -43.28 73.60
N ASN G 172 -32.34 -44.27 74.47
CA ASN G 172 -31.34 -45.32 74.62
C ASN G 172 -31.57 -46.49 73.67
N ASN G 173 -32.44 -46.32 72.66
CA ASN G 173 -32.73 -47.36 71.67
C ASN G 173 -33.22 -48.64 72.31
N LYS G 174 -33.97 -48.52 73.41
CA LYS G 174 -34.51 -49.66 74.14
C LYS G 174 -36.03 -49.67 73.98
N TYR G 175 -36.53 -50.63 73.22
CA TYR G 175 -37.96 -50.76 72.98
C TYR G 175 -38.66 -51.40 74.17
N ALA G 176 -39.55 -50.65 74.79
CA ALA G 176 -40.29 -51.14 75.96
C ALA G 176 -41.57 -51.86 75.55
N ALA G 177 -41.84 -53.00 76.18
CA ALA G 177 -43.03 -53.78 75.89
C ALA G 177 -44.04 -53.65 77.01
N SER G 178 -44.59 -52.44 77.17
CA SER G 178 -45.57 -52.18 78.22
C SER G 178 -46.95 -52.73 77.86
N SER G 179 -47.79 -52.91 78.87
CA SER G 179 -49.13 -53.42 78.68
C SER G 179 -50.09 -52.73 79.64
N TYR G 180 -51.37 -53.07 79.52
CA TYR G 180 -52.42 -52.49 80.34
C TYR G 180 -53.34 -53.62 80.80
N LEU G 181 -54.46 -53.25 81.42
CA LEU G 181 -55.41 -54.25 81.92
C LEU G 181 -56.75 -53.57 82.14
N SER G 182 -57.78 -54.05 81.45
CA SER G 182 -59.15 -53.57 81.64
C SER G 182 -59.89 -54.51 82.59
N LEU G 183 -60.50 -53.95 83.62
CA LEU G 183 -61.16 -54.73 84.66
C LEU G 183 -62.58 -54.20 84.90
N THR G 184 -63.21 -54.74 85.94
CA THR G 184 -64.54 -54.34 86.35
C THR G 184 -64.49 -52.95 86.99
N PRO G 185 -65.61 -52.21 86.97
CA PRO G 185 -65.64 -50.87 87.57
C PRO G 185 -64.96 -50.72 88.92
N GLU G 186 -65.37 -51.50 89.92
CA GLU G 186 -64.87 -51.30 91.28
C GLU G 186 -64.70 -52.68 91.95
N GLN G 187 -63.47 -53.18 91.92
CA GLN G 187 -63.10 -54.38 92.66
C GLN G 187 -61.58 -54.32 92.89
N TRP G 188 -61.19 -53.96 94.11
CA TRP G 188 -59.79 -53.80 94.46
C TRP G 188 -59.31 -54.82 95.47
N LYS G 189 -60.09 -55.10 96.52
CA LYS G 189 -59.70 -56.03 97.56
C LYS G 189 -59.98 -57.49 97.19
N SER G 190 -60.73 -57.74 96.11
CA SER G 190 -61.11 -59.10 95.75
C SER G 190 -60.06 -59.81 94.90
N HIS G 191 -59.15 -59.09 94.28
CA HIS G 191 -58.13 -59.68 93.43
C HIS G 191 -56.79 -59.70 94.15
N ARG G 192 -55.77 -60.22 93.46
CA ARG G 192 -54.44 -60.31 94.02
C ARG G 192 -53.41 -59.66 93.11
N SER G 193 -52.13 -59.83 93.42
CA SER G 193 -51.07 -59.26 92.60
C SER G 193 -51.01 -59.98 91.26
N TYR G 194 -51.45 -59.31 90.19
CA TYR G 194 -51.43 -59.90 88.87
C TYR G 194 -49.98 -60.09 88.40
N SER G 195 -49.63 -61.34 88.11
CA SER G 195 -48.26 -61.67 87.70
C SER G 195 -47.99 -61.09 86.33
N CYS G 196 -46.95 -60.25 86.23
CA CYS G 196 -46.53 -59.64 84.99
C CYS G 196 -45.09 -60.02 84.64
N GLN G 197 -44.72 -61.26 84.93
CA GLN G 197 -43.37 -61.77 84.66
C GLN G 197 -43.22 -61.95 83.16
N VAL G 198 -42.68 -60.94 82.49
CA VAL G 198 -42.50 -61.00 81.05
C VAL G 198 -41.34 -61.93 80.71
N THR G 199 -41.43 -62.57 79.55
CA THR G 199 -40.39 -63.46 79.05
C THR G 199 -39.50 -62.67 78.09
N HIS G 200 -38.19 -62.83 78.23
CA HIS G 200 -37.21 -62.11 77.42
C HIS G 200 -36.15 -63.07 76.92
N GLU G 201 -35.63 -62.78 75.72
CA GLU G 201 -34.59 -63.61 75.12
C GLU G 201 -33.32 -63.50 75.96
N GLY G 202 -32.99 -64.58 76.68
CA GLY G 202 -31.83 -64.59 77.54
C GLY G 202 -32.18 -64.62 79.01
N SER G 203 -33.31 -64.00 79.37
CA SER G 203 -33.79 -63.95 80.75
C SER G 203 -35.31 -64.14 80.72
N THR G 204 -35.75 -65.39 80.94
CA THR G 204 -37.17 -65.69 80.91
C THR G 204 -37.93 -65.03 82.05
N VAL G 205 -37.29 -64.86 83.21
CA VAL G 205 -37.94 -64.23 84.35
C VAL G 205 -38.21 -62.75 84.07
N GLN H 1 -46.68 11.38 -56.25
CA GLN H 1 -46.10 10.58 -55.19
C GLN H 1 -46.81 9.22 -55.09
N VAL H 2 -48.14 9.24 -55.25
CA VAL H 2 -48.94 8.02 -55.26
C VAL H 2 -49.75 7.96 -56.54
N THR H 3 -49.25 8.60 -57.59
CA THR H 3 -49.96 8.61 -58.86
C THR H 3 -50.08 7.21 -59.44
N LEU H 4 -51.22 6.93 -60.09
CA LEU H 4 -51.50 5.61 -60.66
C LEU H 4 -52.39 5.83 -61.88
N ARG H 5 -51.80 5.68 -63.07
CA ARG H 5 -52.48 5.90 -64.34
C ARG H 5 -52.86 4.60 -65.04
N GLU H 6 -53.29 3.60 -64.26
CA GLU H 6 -53.64 2.30 -64.83
C GLU H 6 -54.74 2.44 -65.86
N SER H 7 -54.75 1.52 -66.83
CA SER H 7 -55.76 1.52 -67.90
C SER H 7 -55.99 0.09 -68.34
N GLY H 8 -57.10 -0.11 -69.06
CA GLY H 8 -57.46 -1.41 -69.58
C GLY H 8 -58.52 -1.34 -70.66
N PRO H 9 -58.66 -2.42 -71.43
CA PRO H 9 -59.68 -2.44 -72.48
C PRO H 9 -61.08 -2.41 -71.89
N THR H 10 -62.04 -2.12 -72.76
CA THR H 10 -63.45 -2.00 -72.36
C THR H 10 -64.33 -3.05 -73.01
N LEU H 11 -64.24 -3.21 -74.34
CA LEU H 11 -65.10 -4.15 -75.07
C LEU H 11 -64.45 -5.53 -75.08
N VAL H 12 -64.61 -6.23 -73.97
CA VAL H 12 -64.08 -7.59 -73.82
C VAL H 12 -65.22 -8.57 -74.04
N LYS H 13 -64.93 -9.64 -74.78
CA LYS H 13 -65.93 -10.66 -75.07
C LYS H 13 -66.00 -11.69 -73.96
N PRO H 14 -67.11 -12.43 -73.87
CA PRO H 14 -67.18 -13.51 -72.87
C PRO H 14 -66.15 -14.59 -73.16
N LYS H 15 -65.53 -15.09 -72.08
CA LYS H 15 -64.50 -16.12 -72.17
C LYS H 15 -63.31 -15.68 -73.02
N GLN H 16 -63.04 -14.38 -73.05
CA GLN H 16 -61.91 -13.84 -73.78
C GLN H 16 -60.74 -13.64 -72.81
N THR H 17 -59.68 -12.99 -73.28
CA THR H 17 -58.51 -12.67 -72.45
C THR H 17 -58.60 -11.20 -72.06
N LEU H 18 -58.25 -10.89 -70.81
CA LEU H 18 -58.29 -9.53 -70.30
C LEU H 18 -56.90 -9.14 -69.84
N THR H 19 -56.27 -8.23 -70.57
CA THR H 19 -54.91 -7.78 -70.30
C THR H 19 -54.94 -6.31 -69.91
N LEU H 20 -54.58 -6.02 -68.66
CA LEU H 20 -54.54 -4.67 -68.14
C LEU H 20 -53.10 -4.26 -67.85
N THR H 21 -52.86 -2.95 -67.92
CA THR H 21 -51.54 -2.38 -67.67
C THR H 21 -51.69 -1.30 -66.60
N CYS H 22 -50.94 -1.45 -65.52
CA CYS H 22 -50.99 -0.51 -64.39
C CYS H 22 -49.76 0.39 -64.47
N THR H 23 -49.93 1.52 -65.16
CA THR H 23 -48.86 2.50 -65.27
C THR H 23 -48.83 3.39 -64.05
N PHE H 24 -47.66 3.52 -63.43
CA PHE H 24 -47.49 4.32 -62.22
C PHE H 24 -46.19 5.11 -62.33
N SER H 25 -45.89 5.87 -61.28
CA SER H 25 -44.68 6.67 -61.23
C SER H 25 -44.41 7.05 -59.78
N GLY H 26 -43.25 7.66 -59.56
CA GLY H 26 -42.86 8.08 -58.22
C GLY H 26 -42.20 6.98 -57.41
N PHE H 27 -42.91 5.88 -57.20
CA PHE H 27 -42.40 4.75 -56.44
C PHE H 27 -41.94 3.63 -57.39
N SER H 28 -41.19 2.70 -56.83
CA SER H 28 -40.67 1.58 -57.59
C SER H 28 -40.57 0.36 -56.69
N LEU H 29 -40.26 -0.78 -57.30
CA LEU H 29 -40.14 -2.04 -56.59
C LEU H 29 -38.79 -2.22 -55.92
N SER H 30 -37.92 -1.21 -55.96
CA SER H 30 -36.60 -1.33 -55.35
C SER H 30 -36.69 -1.30 -53.83
N THR H 31 -37.70 -0.62 -53.28
CA THR H 31 -37.87 -0.52 -51.85
C THR H 31 -38.27 -1.88 -51.27
N PRO H 32 -37.58 -2.36 -50.23
CA PRO H 32 -37.97 -3.65 -49.63
C PRO H 32 -39.35 -3.57 -48.99
N GLY H 33 -40.25 -4.43 -49.44
CA GLY H 33 -41.62 -4.44 -48.95
C GLY H 33 -42.63 -3.78 -49.87
N GLY H 34 -42.16 -3.00 -50.85
CA GLY H 34 -43.08 -2.35 -51.77
C GLY H 34 -43.67 -3.32 -52.78
N GLY H 35 -44.82 -2.94 -53.32
CA GLY H 35 -45.50 -3.77 -54.28
C GLY H 35 -46.77 -3.17 -54.84
N VAL H 36 -47.05 -3.45 -56.11
CA VAL H 36 -48.26 -2.96 -56.76
C VAL H 36 -49.17 -4.14 -57.05
N GLY H 37 -50.45 -3.99 -56.71
CA GLY H 37 -51.41 -5.05 -56.90
C GLY H 37 -52.75 -4.57 -57.44
N TRP H 38 -53.51 -5.49 -58.03
CA TRP H 38 -54.82 -5.19 -58.61
C TRP H 38 -55.91 -5.68 -57.67
N ILE H 39 -56.91 -4.83 -57.43
CA ILE H 39 -58.05 -5.15 -56.57
C ILE H 39 -59.30 -4.66 -57.28
N ARG H 40 -60.18 -5.59 -57.66
CA ARG H 40 -61.43 -5.22 -58.32
C ARG H 40 -62.56 -5.13 -57.30
N GLN H 41 -63.63 -4.44 -57.70
CA GLN H 41 -64.78 -4.25 -56.83
C GLN H 41 -66.05 -4.11 -57.65
N PRO H 42 -66.98 -5.07 -57.54
CA PRO H 42 -68.23 -4.96 -58.30
C PRO H 42 -69.08 -3.83 -57.77
N PRO H 43 -69.94 -3.24 -58.61
CA PRO H 43 -70.81 -2.16 -58.14
C PRO H 43 -71.80 -2.63 -57.10
N GLY H 44 -71.67 -2.13 -55.87
CA GLY H 44 -72.52 -2.53 -54.77
C GLY H 44 -71.94 -3.60 -53.88
N LYS H 45 -70.99 -4.39 -54.39
CA LYS H 45 -70.36 -5.45 -53.61
C LYS H 45 -69.14 -4.88 -52.89
N ALA H 46 -68.33 -5.76 -52.31
CA ALA H 46 -67.13 -5.38 -51.57
C ALA H 46 -65.89 -5.59 -52.43
N LEU H 47 -64.76 -5.10 -51.92
CA LEU H 47 -63.50 -5.25 -52.64
C LEU H 47 -62.93 -6.64 -52.43
N GLU H 48 -62.23 -7.14 -53.43
CA GLU H 48 -61.59 -8.45 -53.38
C GLU H 48 -60.19 -8.35 -53.98
N TRP H 49 -59.19 -8.81 -53.22
CA TRP H 49 -57.82 -8.74 -53.68
C TRP H 49 -57.56 -9.83 -54.73
N LEU H 50 -57.11 -9.42 -55.91
CA LEU H 50 -56.80 -10.38 -56.96
C LEU H 50 -55.39 -10.94 -56.80
N ALA H 51 -54.38 -10.08 -56.88
CA ALA H 51 -52.99 -10.48 -56.77
C ALA H 51 -52.14 -9.23 -56.59
N LEU H 52 -50.91 -9.44 -56.11
CA LEU H 52 -49.98 -8.35 -55.93
C LEU H 52 -48.56 -8.86 -56.17
N ILE H 53 -47.64 -7.93 -56.36
CA ILE H 53 -46.23 -8.25 -56.56
C ILE H 53 -45.44 -7.73 -55.37
N TYR H 54 -44.21 -8.22 -55.24
CA TYR H 54 -43.33 -7.78 -54.16
C TYR H 54 -41.95 -7.40 -54.72
N TRP H 55 -41.02 -7.06 -53.83
CA TRP H 55 -39.68 -6.70 -54.27
C TRP H 55 -38.92 -7.91 -54.81
N ASP H 56 -39.27 -9.12 -54.37
CA ASP H 56 -38.64 -10.34 -54.83
C ASP H 56 -39.31 -10.92 -56.07
N ASP H 57 -40.20 -10.17 -56.70
CA ASP H 57 -40.93 -10.61 -57.90
C ASP H 57 -41.71 -11.90 -57.63
N ASP H 58 -42.64 -11.80 -56.68
CA ASP H 58 -43.46 -12.94 -56.31
C ASP H 58 -44.73 -12.98 -57.16
N LYS H 59 -45.33 -14.17 -57.23
CA LYS H 59 -46.53 -14.40 -58.03
C LYS H 59 -47.68 -14.86 -57.14
N ARG H 60 -47.86 -14.18 -56.01
CA ARG H 60 -48.94 -14.51 -55.08
C ARG H 60 -50.28 -14.15 -55.71
N TYR H 61 -51.08 -15.16 -56.02
CA TYR H 61 -52.39 -14.97 -56.64
C TYR H 61 -53.49 -15.34 -55.66
N SER H 62 -54.73 -15.07 -56.08
CA SER H 62 -55.88 -15.40 -55.25
C SER H 62 -56.11 -16.91 -55.23
N PRO H 63 -56.54 -17.47 -54.09
CA PRO H 63 -56.77 -18.91 -54.03
C PRO H 63 -57.90 -19.40 -54.92
N SER H 64 -58.89 -18.55 -55.21
CA SER H 64 -60.00 -18.95 -56.06
C SER H 64 -59.61 -18.86 -57.53
N LEU H 65 -59.26 -17.66 -57.98
CA LEU H 65 -58.86 -17.44 -59.38
C LEU H 65 -57.33 -17.40 -59.48
N LYS H 66 -56.74 -18.61 -59.53
CA LYS H 66 -55.29 -18.73 -59.61
C LYS H 66 -54.81 -19.25 -60.96
N SER H 67 -55.72 -19.76 -61.79
CA SER H 67 -55.30 -20.36 -63.05
C SER H 67 -55.03 -19.33 -64.14
N SER H 68 -55.40 -18.07 -63.93
CA SER H 68 -55.27 -17.05 -64.97
C SER H 68 -54.38 -15.89 -64.57
N LEU H 69 -54.42 -15.47 -63.31
CA LEU H 69 -53.72 -14.25 -62.91
C LEU H 69 -52.22 -14.38 -63.08
N THR H 70 -51.59 -13.28 -63.50
CA THR H 70 -50.14 -13.21 -63.66
C THR H 70 -49.69 -11.76 -63.48
N ILE H 71 -48.53 -11.58 -62.84
CA ILE H 71 -48.01 -10.27 -62.52
C ILE H 71 -46.57 -10.18 -63.04
N THR H 72 -46.18 -8.97 -63.46
CA THR H 72 -44.82 -8.71 -63.90
C THR H 72 -44.37 -7.39 -63.30
N LYS H 73 -43.09 -7.06 -63.48
CA LYS H 73 -42.52 -5.84 -62.95
C LYS H 73 -41.72 -5.13 -64.04
N ASP H 74 -41.92 -3.82 -64.13
CA ASP H 74 -41.16 -2.98 -65.05
C ASP H 74 -40.47 -1.90 -64.24
N THR H 75 -39.14 -1.96 -64.19
CA THR H 75 -38.38 -0.97 -63.42
C THR H 75 -38.27 0.36 -64.15
N SER H 76 -38.40 0.36 -65.47
CA SER H 76 -38.32 1.58 -66.27
C SER H 76 -39.68 1.99 -66.83
N LYS H 77 -40.43 1.04 -67.39
CA LYS H 77 -41.75 1.34 -67.92
C LYS H 77 -42.76 1.59 -66.81
N ASN H 78 -42.54 1.01 -65.63
CA ASN H 78 -43.43 1.15 -64.48
C ASN H 78 -44.85 0.69 -64.83
N GLN H 79 -44.94 -0.54 -65.34
CA GLN H 79 -46.21 -1.11 -65.76
C GLN H 79 -46.37 -2.48 -65.12
N VAL H 80 -47.64 -2.85 -64.88
CA VAL H 80 -47.99 -4.15 -64.31
C VAL H 80 -48.99 -4.79 -65.26
N VAL H 81 -48.58 -5.88 -65.90
CA VAL H 81 -49.42 -6.58 -66.86
C VAL H 81 -50.16 -7.70 -66.13
N LEU H 82 -51.49 -7.71 -66.24
CA LEU H 82 -52.33 -8.71 -65.62
C LEU H 82 -53.23 -9.33 -66.67
N THR H 83 -53.03 -10.61 -66.95
CA THR H 83 -53.83 -11.34 -67.93
C THR H 83 -54.87 -12.17 -67.20
N MET H 84 -56.14 -12.03 -67.60
CA MET H 84 -57.24 -12.75 -66.97
C MET H 84 -58.11 -13.37 -68.07
N THR H 85 -58.25 -14.68 -68.04
CA THR H 85 -59.09 -15.41 -68.98
C THR H 85 -60.37 -15.87 -68.32
N ASN H 86 -61.24 -16.50 -69.12
CA ASN H 86 -62.52 -17.02 -68.67
C ASN H 86 -63.38 -15.91 -68.04
N MET H 87 -63.70 -14.92 -68.87
CA MET H 87 -64.44 -13.75 -68.42
C MET H 87 -65.92 -14.12 -68.27
N ASP H 88 -66.41 -14.05 -67.04
CA ASP H 88 -67.80 -14.30 -66.72
C ASP H 88 -68.60 -13.00 -66.74
N PRO H 89 -69.84 -13.03 -67.22
CA PRO H 89 -70.64 -11.79 -67.27
C PRO H 89 -70.73 -11.02 -65.96
N VAL H 90 -70.48 -11.67 -64.82
CA VAL H 90 -70.52 -10.95 -63.54
C VAL H 90 -69.23 -10.20 -63.25
N ASP H 91 -68.19 -10.37 -64.07
CA ASP H 91 -66.91 -9.73 -63.83
C ASP H 91 -66.91 -8.24 -64.17
N THR H 92 -68.04 -7.67 -64.56
CA THR H 92 -68.11 -6.23 -64.82
C THR H 92 -67.96 -5.49 -63.50
N ALA H 93 -66.97 -4.60 -63.44
CA ALA H 93 -66.62 -3.90 -62.20
C ALA H 93 -65.68 -2.76 -62.56
N THR H 94 -65.13 -2.13 -61.52
CA THR H 94 -64.12 -1.08 -61.66
C THR H 94 -62.83 -1.62 -61.06
N TYR H 95 -61.94 -2.11 -61.93
CA TYR H 95 -60.69 -2.70 -61.47
C TYR H 95 -59.75 -1.61 -60.97
N TYR H 96 -59.44 -1.63 -59.68
CA TYR H 96 -58.55 -0.67 -59.07
C TYR H 96 -57.14 -1.23 -58.96
N CYS H 97 -56.16 -0.33 -59.02
CA CYS H 97 -54.75 -0.68 -58.92
C CYS H 97 -54.10 0.21 -57.87
N ALA H 98 -53.60 -0.39 -56.79
CA ALA H 98 -53.02 0.34 -55.69
C ALA H 98 -51.58 -0.09 -55.47
N ARG H 99 -50.87 0.67 -54.63
CA ARG H 99 -49.49 0.40 -54.29
C ARG H 99 -49.40 0.03 -52.81
N LEU H 100 -48.75 -1.10 -52.52
CA LEU H 100 -48.54 -1.58 -51.16
C LEU H 100 -47.10 -1.26 -50.78
N THR H 101 -46.91 -0.19 -50.01
CA THR H 101 -45.56 0.24 -49.67
C THR H 101 -44.89 -0.71 -48.69
N ALA H 102 -45.64 -1.21 -47.71
CA ALA H 102 -45.08 -2.09 -46.70
C ALA H 102 -46.19 -2.94 -46.12
N ALA H 103 -45.80 -3.91 -45.27
CA ALA H 103 -46.78 -4.81 -44.66
C ALA H 103 -47.69 -4.07 -43.70
N ASP H 104 -47.20 -2.98 -43.08
CA ASP H 104 -48.05 -2.21 -42.17
C ASP H 104 -49.03 -1.34 -42.96
N THR H 105 -48.55 -0.67 -44.00
CA THR H 105 -49.41 0.16 -44.85
C THR H 105 -50.07 -0.75 -45.89
N ILE H 106 -51.11 -1.43 -45.45
CA ILE H 106 -51.82 -2.38 -46.32
C ILE H 106 -52.64 -1.60 -47.33
N PHE H 107 -52.27 -1.69 -48.62
CA PHE H 107 -53.03 -1.12 -49.72
C PHE H 107 -53.20 0.40 -49.54
N ASP H 108 -52.07 1.08 -49.66
CA ASP H 108 -52.01 2.53 -49.49
C ASP H 108 -52.82 3.22 -50.58
N CYS H 109 -52.84 4.55 -50.55
CA CYS H 109 -53.68 5.39 -51.40
C CYS H 109 -53.76 4.87 -52.83
N TRP H 110 -54.99 4.72 -53.32
CA TRP H 110 -55.24 4.14 -54.62
C TRP H 110 -55.04 5.17 -55.73
N GLY H 111 -55.44 4.82 -56.94
CA GLY H 111 -55.32 5.71 -58.07
C GLY H 111 -56.65 6.26 -58.54
N GLN H 112 -56.87 6.26 -59.85
CA GLN H 112 -58.12 6.75 -60.41
C GLN H 112 -59.14 5.64 -60.66
N GLY H 113 -58.68 4.43 -60.98
CA GLY H 113 -59.58 3.32 -61.22
C GLY H 113 -60.19 3.33 -62.60
N THR H 114 -60.30 2.15 -63.22
CA THR H 114 -60.88 2.00 -64.54
C THR H 114 -62.04 1.02 -64.48
N LEU H 115 -63.13 1.37 -65.16
CA LEU H 115 -64.34 0.56 -65.21
C LEU H 115 -64.35 -0.26 -66.49
N VAL H 116 -64.56 -1.56 -66.36
CA VAL H 116 -64.62 -2.48 -67.49
C VAL H 116 -65.98 -3.16 -67.49
N THR H 117 -66.51 -3.43 -68.69
CA THR H 117 -67.79 -4.11 -68.86
C THR H 117 -67.54 -5.33 -69.74
N VAL H 118 -68.18 -6.44 -69.41
CA VAL H 118 -68.06 -7.67 -70.18
C VAL H 118 -69.45 -8.04 -70.73
N SER H 119 -69.52 -8.20 -72.05
CA SER H 119 -70.77 -8.53 -72.72
C SER H 119 -70.45 -8.96 -74.15
N SER H 120 -71.50 -9.18 -74.94
CA SER H 120 -71.36 -9.57 -76.33
C SER H 120 -71.56 -8.42 -77.31
N ALA H 121 -72.30 -7.39 -76.90
CA ALA H 121 -72.52 -6.24 -77.78
C ALA H 121 -71.26 -5.42 -77.94
N SER H 122 -71.09 -4.84 -79.13
CA SER H 122 -69.93 -4.03 -79.45
C SER H 122 -70.18 -2.59 -79.00
N THR H 123 -69.28 -1.69 -79.40
CA THR H 123 -69.39 -0.28 -79.06
C THR H 123 -70.14 0.48 -80.14
N LYS H 124 -70.69 1.63 -79.75
CA LYS H 124 -71.44 2.49 -80.65
C LYS H 124 -70.91 3.91 -80.56
N GLY H 125 -71.23 4.72 -81.56
CA GLY H 125 -70.78 6.09 -81.62
C GLY H 125 -71.60 6.99 -80.73
N PRO H 126 -71.11 8.20 -80.52
CA PRO H 126 -71.81 9.16 -79.67
C PRO H 126 -72.98 9.79 -80.41
N SER H 127 -73.86 10.41 -79.63
CA SER H 127 -75.05 11.08 -80.14
C SER H 127 -75.21 12.45 -79.47
N VAL H 128 -74.13 13.23 -79.45
CA VAL H 128 -74.11 14.54 -78.82
C VAL H 128 -75.17 15.45 -79.45
N PHE H 129 -75.98 16.09 -78.60
CA PHE H 129 -77.04 16.97 -79.04
C PHE H 129 -77.28 18.01 -77.96
N PRO H 130 -77.26 19.30 -78.29
CA PRO H 130 -77.46 20.33 -77.27
C PRO H 130 -78.88 20.33 -76.74
N LEU H 131 -79.04 20.83 -75.51
CA LEU H 131 -80.33 20.94 -74.85
C LEU H 131 -80.57 22.43 -74.55
N ALA H 132 -81.17 23.14 -75.51
CA ALA H 132 -81.44 24.55 -75.38
C ALA H 132 -82.79 24.78 -74.71
N PRO H 133 -82.94 25.86 -73.96
CA PRO H 133 -84.23 26.15 -73.31
C PRO H 133 -85.29 26.52 -74.34
N SER H 134 -86.51 26.07 -74.09
CA SER H 134 -87.64 26.32 -74.97
C SER H 134 -88.72 27.09 -74.22
N SER H 135 -89.88 27.26 -74.86
CA SER H 135 -90.98 28.00 -74.27
C SER H 135 -91.58 27.27 -73.07
N LYS H 136 -91.43 25.95 -72.99
CA LYS H 136 -91.97 25.15 -71.90
C LYS H 136 -90.84 24.62 -71.02
N SER H 137 -89.79 25.40 -70.87
CA SER H 137 -88.63 25.02 -70.07
C SER H 137 -88.44 25.91 -68.85
N THR H 138 -89.39 26.79 -68.56
CA THR H 138 -89.32 27.70 -67.41
C THR H 138 -90.30 27.21 -66.36
N SER H 139 -89.78 26.60 -65.30
CA SER H 139 -90.59 26.08 -64.20
C SER H 139 -90.36 26.81 -62.90
N GLY H 140 -89.10 26.95 -62.47
CA GLY H 140 -88.79 27.61 -61.23
C GLY H 140 -87.72 28.68 -61.37
N GLY H 141 -87.15 28.80 -62.56
CA GLY H 141 -86.14 29.80 -62.82
C GLY H 141 -84.87 29.25 -63.43
N THR H 142 -84.55 27.99 -63.13
CA THR H 142 -83.34 27.37 -63.65
C THR H 142 -83.58 26.90 -65.07
N ALA H 143 -82.61 27.13 -65.95
CA ALA H 143 -82.66 26.74 -67.35
C ALA H 143 -81.30 26.21 -67.79
N ALA H 144 -80.71 25.35 -66.97
CA ALA H 144 -79.38 24.83 -67.24
C ALA H 144 -79.36 24.03 -68.54
N LEU H 145 -78.30 24.24 -69.32
CA LEU H 145 -78.16 23.58 -70.61
C LEU H 145 -77.58 22.17 -70.42
N GLY H 146 -77.50 21.44 -71.53
CA GLY H 146 -76.94 20.11 -71.51
C GLY H 146 -76.66 19.61 -72.91
N CYS H 147 -75.86 18.55 -72.98
CA CYS H 147 -75.52 17.87 -74.22
C CYS H 147 -75.67 16.36 -74.04
N LEU H 148 -76.85 15.97 -73.55
CA LEU H 148 -77.21 14.57 -73.31
C LEU H 148 -76.74 13.65 -74.43
N VAL H 149 -76.06 12.58 -74.07
CA VAL H 149 -75.55 11.58 -75.01
C VAL H 149 -76.21 10.25 -74.71
N LYS H 150 -76.62 9.55 -75.76
CA LYS H 150 -77.24 8.23 -75.63
C LYS H 150 -76.74 7.37 -76.80
N ASP H 151 -77.32 6.17 -76.92
CA ASP H 151 -76.97 5.22 -77.99
C ASP H 151 -75.50 4.86 -77.94
N TYR H 152 -75.03 4.43 -76.77
CA TYR H 152 -73.65 4.00 -76.59
C TYR H 152 -73.62 2.89 -75.55
N PHE H 153 -72.94 1.79 -75.88
CA PHE H 153 -72.81 0.66 -74.97
C PHE H 153 -71.74 0.86 -73.90
N PRO H 154 -70.54 1.35 -74.23
CA PRO H 154 -69.53 1.54 -73.17
C PRO H 154 -69.98 2.55 -72.13
N GLU H 155 -70.12 2.09 -70.89
CA GLU H 155 -70.54 2.98 -69.81
C GLU H 155 -69.51 4.06 -69.50
N PRO H 156 -68.19 3.76 -69.35
CA PRO H 156 -67.25 4.83 -69.02
C PRO H 156 -67.17 5.91 -70.09
N VAL H 157 -67.62 7.12 -69.73
CA VAL H 157 -67.57 8.27 -70.62
C VAL H 157 -67.71 9.52 -69.77
N THR H 158 -66.95 10.56 -70.12
CA THR H 158 -66.95 11.80 -69.38
C THR H 158 -67.15 12.97 -70.34
N VAL H 159 -67.57 14.10 -69.78
CA VAL H 159 -67.79 15.33 -70.53
C VAL H 159 -66.85 16.39 -69.98
N SER H 160 -66.27 17.19 -70.88
CA SER H 160 -65.35 18.27 -70.52
C SER H 160 -65.71 19.50 -71.35
N TRP H 161 -66.29 20.50 -70.70
CA TRP H 161 -66.71 21.71 -71.39
C TRP H 161 -65.49 22.56 -71.72
N ASN H 162 -65.35 22.91 -73.01
CA ASN H 162 -64.24 23.73 -73.49
C ASN H 162 -62.89 23.08 -73.17
N SER H 163 -62.81 21.76 -73.34
CA SER H 163 -61.60 20.97 -73.09
C SER H 163 -61.06 21.22 -71.67
N GLY H 164 -61.96 21.28 -70.70
CA GLY H 164 -61.56 21.46 -69.32
C GLY H 164 -61.30 22.90 -68.91
N ALA H 165 -62.01 23.85 -69.53
CA ALA H 165 -61.89 25.26 -69.20
C ALA H 165 -63.09 25.79 -68.43
N LEU H 166 -64.31 25.47 -68.86
CA LEU H 166 -65.53 25.90 -68.20
C LEU H 166 -66.13 24.78 -67.34
N THR H 167 -65.28 23.96 -66.73
CA THR H 167 -65.71 22.84 -65.90
C THR H 167 -66.07 23.28 -64.48
N SER H 168 -66.21 24.58 -64.24
CA SER H 168 -66.53 25.08 -62.91
C SER H 168 -68.03 24.93 -62.65
N GLY H 169 -68.38 24.12 -61.66
CA GLY H 169 -69.77 23.96 -61.28
C GLY H 169 -70.57 23.00 -62.12
N VAL H 170 -69.94 21.94 -62.61
CA VAL H 170 -70.64 20.92 -63.39
C VAL H 170 -71.20 19.86 -62.44
N HIS H 171 -72.44 19.45 -62.69
CA HIS H 171 -73.12 18.45 -61.88
C HIS H 171 -73.58 17.28 -62.74
N THR H 172 -72.71 16.87 -63.65
CA THR H 172 -73.01 15.75 -64.55
C THR H 172 -73.09 14.46 -63.74
N PHE H 173 -74.28 13.88 -63.67
CA PHE H 173 -74.52 12.66 -62.90
C PHE H 173 -74.81 11.51 -63.85
N PRO H 174 -73.92 10.52 -63.96
CA PRO H 174 -74.18 9.40 -64.85
C PRO H 174 -75.34 8.54 -64.35
N ALA H 175 -75.79 7.65 -65.24
CA ALA H 175 -76.92 6.78 -64.93
C ALA H 175 -76.55 5.32 -65.13
N VAL H 176 -77.55 4.43 -65.08
CA VAL H 176 -77.34 3.00 -65.23
C VAL H 176 -77.94 2.55 -66.55
N LEU H 177 -77.73 1.27 -66.87
CA LEU H 177 -78.21 0.71 -68.12
C LEU H 177 -79.74 0.66 -68.13
N GLN H 178 -80.33 1.08 -69.25
CA GLN H 178 -81.78 1.05 -69.40
C GLN H 178 -82.23 -0.33 -69.89
N SER H 179 -83.55 -0.47 -70.07
CA SER H 179 -84.09 -1.73 -70.55
C SER H 179 -83.84 -1.95 -72.03
N SER H 180 -83.56 -0.90 -72.79
CA SER H 180 -83.28 -1.05 -74.21
C SER H 180 -81.88 -1.60 -74.45
N GLY H 181 -80.91 -1.20 -73.62
CA GLY H 181 -79.55 -1.69 -73.77
C GLY H 181 -78.56 -0.60 -74.10
N LEU H 182 -78.90 0.64 -73.79
CA LEU H 182 -78.05 1.79 -74.07
C LEU H 182 -78.00 2.70 -72.85
N TYR H 183 -76.80 3.18 -72.53
CA TYR H 183 -76.61 4.08 -71.41
C TYR H 183 -76.97 5.51 -71.81
N SER H 184 -77.06 6.39 -70.81
CA SER H 184 -77.44 7.77 -71.03
C SER H 184 -77.02 8.60 -69.83
N LEU H 185 -76.55 9.82 -70.10
CA LEU H 185 -76.19 10.77 -69.06
C LEU H 185 -76.15 12.17 -69.64
N SER H 186 -76.63 13.14 -68.87
CA SER H 186 -76.72 14.52 -69.30
C SER H 186 -75.87 15.39 -68.39
N SER H 187 -75.75 16.66 -68.79
CA SER H 187 -74.97 17.65 -68.03
C SER H 187 -75.92 18.54 -67.23
N VAL H 188 -75.60 18.70 -65.95
CA VAL H 188 -76.43 19.50 -65.05
C VAL H 188 -75.56 20.65 -64.54
N VAL H 189 -74.64 21.11 -65.39
CA VAL H 189 -73.76 22.21 -65.01
C VAL H 189 -74.58 23.45 -64.67
N THR H 190 -74.23 24.11 -63.58
CA THR H 190 -74.97 25.26 -63.07
C THR H 190 -74.63 26.48 -63.93
N VAL H 191 -75.43 26.66 -64.98
CA VAL H 191 -75.30 27.81 -65.87
C VAL H 191 -76.68 28.38 -66.16
N PRO H 192 -76.96 29.63 -65.81
CA PRO H 192 -78.26 30.21 -66.09
C PRO H 192 -78.44 30.49 -67.57
N SER H 193 -79.68 30.76 -67.95
CA SER H 193 -80.00 31.07 -69.33
C SER H 193 -79.60 32.49 -69.73
N SER H 194 -79.29 33.35 -68.75
CA SER H 194 -78.86 34.71 -69.08
C SER H 194 -77.49 34.72 -69.71
N SER H 195 -76.53 34.03 -69.10
CA SER H 195 -75.17 33.94 -69.64
C SER H 195 -75.05 32.70 -70.53
N LEU H 196 -75.79 32.74 -71.63
CA LEU H 196 -75.82 31.64 -72.60
C LEU H 196 -75.34 32.04 -73.98
N GLY H 197 -75.73 33.23 -74.47
CA GLY H 197 -75.30 33.67 -75.78
C GLY H 197 -73.94 34.33 -75.80
N THR H 198 -73.44 34.78 -74.65
CA THR H 198 -72.14 35.44 -74.60
C THR H 198 -71.01 34.42 -74.64
N GLN H 199 -70.96 33.52 -73.67
CA GLN H 199 -69.92 32.51 -73.63
C GLN H 199 -70.27 31.36 -74.57
N THR H 200 -69.26 30.54 -74.86
CA THR H 200 -69.40 29.44 -75.81
C THR H 200 -69.22 28.10 -75.11
N TYR H 201 -70.07 27.14 -75.47
CA TYR H 201 -70.14 25.85 -74.79
C TYR H 201 -69.82 24.75 -75.80
N ILE H 202 -68.80 23.94 -75.51
CA ILE H 202 -68.48 22.73 -76.25
C ILE H 202 -68.09 21.66 -75.24
N CYS H 203 -68.93 20.65 -75.06
CA CYS H 203 -68.61 19.54 -74.16
C CYS H 203 -67.80 18.51 -74.96
N ASN H 204 -66.51 18.47 -74.69
CA ASN H 204 -65.60 17.56 -75.39
C ASN H 204 -65.78 16.16 -74.82
N VAL H 205 -66.70 15.40 -75.42
CA VAL H 205 -66.95 14.04 -74.98
C VAL H 205 -65.74 13.16 -75.29
N ASN H 206 -65.28 12.43 -74.29
CA ASN H 206 -64.10 11.57 -74.40
C ASN H 206 -64.56 10.11 -74.38
N HIS H 207 -64.80 9.55 -75.56
CA HIS H 207 -65.18 8.15 -75.71
C HIS H 207 -63.91 7.35 -75.93
N LYS H 208 -63.54 6.54 -74.92
CA LYS H 208 -62.28 5.78 -75.02
C LYS H 208 -62.35 4.67 -76.07
N PRO H 209 -63.37 3.80 -76.09
CA PRO H 209 -63.32 2.67 -77.05
C PRO H 209 -63.38 3.11 -78.50
N SER H 210 -64.38 3.92 -78.88
CA SER H 210 -64.55 4.30 -80.27
C SER H 210 -63.60 5.41 -80.70
N ASN H 211 -63.04 6.16 -79.75
CA ASN H 211 -62.09 7.25 -80.04
C ASN H 211 -62.72 8.28 -80.98
N THR H 212 -63.79 8.91 -80.50
CA THR H 212 -64.52 9.93 -81.26
C THR H 212 -64.44 11.24 -80.48
N LYS H 213 -63.65 12.18 -80.96
CA LYS H 213 -63.54 13.51 -80.36
C LYS H 213 -64.47 14.47 -81.10
N VAL H 214 -65.76 14.16 -81.02
CA VAL H 214 -66.78 14.96 -81.69
C VAL H 214 -66.99 16.26 -80.92
N ASP H 215 -66.96 17.38 -81.64
CA ASP H 215 -67.14 18.69 -81.05
C ASP H 215 -68.37 19.36 -81.66
N LYS H 216 -69.13 20.06 -80.82
CA LYS H 216 -70.34 20.75 -81.25
C LYS H 216 -70.53 21.98 -80.40
N ARG H 217 -71.16 23.01 -80.97
CA ARG H 217 -71.41 24.24 -80.23
C ARG H 217 -72.86 24.30 -79.77
N VAL H 218 -73.11 25.13 -78.75
CA VAL H 218 -74.43 25.26 -78.14
C VAL H 218 -74.88 26.69 -78.28
N GLU H 219 -76.05 26.89 -78.91
CA GLU H 219 -76.68 28.19 -79.05
C GLU H 219 -78.13 28.10 -78.61
N PRO H 220 -78.73 29.21 -78.19
CA PRO H 220 -80.18 29.20 -77.91
C PRO H 220 -80.97 28.93 -79.18
N LYS H 221 -81.63 27.77 -79.21
CA LYS H 221 -82.37 27.34 -80.38
C LYS H 221 -83.85 27.73 -80.24
N SER H 222 -84.42 28.20 -81.34
CA SER H 222 -85.83 28.60 -81.36
C SER H 222 -86.68 27.41 -81.80
N CYS H 223 -87.96 27.66 -82.05
CA CYS H 223 -88.88 26.61 -82.48
C CYS H 223 -88.74 26.33 -83.97
N ALA I 3 -65.83 -15.18 -43.73
CA ALA I 3 -64.88 -14.08 -43.55
C ALA I 3 -65.44 -13.04 -42.59
N LEU I 4 -64.68 -11.96 -42.40
CA LEU I 4 -65.10 -10.88 -41.51
C LEU I 4 -66.28 -10.14 -42.13
N THR I 5 -67.47 -10.32 -41.56
CA THR I 5 -68.65 -9.65 -42.06
C THR I 5 -68.86 -8.31 -41.35
N GLN I 6 -69.57 -7.41 -42.03
CA GLN I 6 -69.83 -6.08 -41.52
C GLN I 6 -71.33 -5.80 -41.56
N PRO I 7 -71.84 -5.01 -40.61
CA PRO I 7 -73.28 -4.66 -40.63
C PRO I 7 -73.63 -3.85 -41.88
N ALA I 8 -74.92 -3.82 -42.17
CA ALA I 8 -75.39 -3.13 -43.37
C ALA I 8 -75.09 -1.64 -43.29
N SER I 9 -75.65 -0.94 -42.31
CA SER I 9 -75.44 0.49 -42.16
C SER I 9 -75.68 0.88 -40.70
N VAL I 10 -74.79 1.70 -40.16
CA VAL I 10 -74.89 2.18 -38.79
C VAL I 10 -75.37 3.62 -38.82
N SER I 11 -76.13 4.01 -37.79
CA SER I 11 -76.67 5.36 -37.71
C SER I 11 -75.60 6.31 -37.17
N GLY I 12 -76.00 7.54 -36.84
CA GLY I 12 -75.07 8.52 -36.32
C GLY I 12 -75.47 9.95 -36.65
N SER I 13 -75.37 10.83 -35.66
CA SER I 13 -75.72 12.23 -35.80
C SER I 13 -74.50 13.12 -35.63
N PRO I 14 -74.52 14.33 -36.17
CA PRO I 14 -73.40 15.25 -35.97
C PRO I 14 -73.23 15.58 -34.49
N GLY I 15 -72.00 15.46 -34.02
CA GLY I 15 -71.68 15.63 -32.61
C GLY I 15 -71.74 14.34 -31.83
N LEU I 16 -72.75 13.52 -32.09
CA LEU I 16 -72.88 12.21 -31.45
C LEU I 16 -71.93 11.25 -32.16
N SER I 17 -70.81 10.94 -31.52
CA SER I 17 -69.80 10.11 -32.13
C SER I 17 -70.27 8.67 -32.26
N ILE I 18 -69.88 8.01 -33.35
CA ILE I 18 -70.21 6.62 -33.60
C ILE I 18 -69.01 5.97 -34.28
N THR I 19 -68.86 4.66 -34.06
CA THR I 19 -67.75 3.90 -34.61
C THR I 19 -68.25 2.82 -35.56
N ILE I 20 -67.38 2.42 -36.48
CA ILE I 20 -67.68 1.34 -37.42
C ILE I 20 -67.12 0.04 -36.86
N SER I 21 -68.00 -0.92 -36.61
CA SER I 21 -67.58 -2.18 -36.02
C SER I 21 -67.73 -3.33 -37.01
N CYS I 22 -66.88 -4.34 -36.84
CA CYS I 22 -66.96 -5.55 -37.64
C CYS I 22 -66.39 -6.69 -36.82
N THR I 23 -66.95 -7.89 -36.99
CA THR I 23 -66.60 -9.01 -36.14
C THR I 23 -65.14 -9.42 -36.31
N ALA I 24 -64.65 -10.21 -35.35
CA ALA I 24 -63.26 -10.64 -35.36
C ALA I 24 -63.02 -11.71 -36.41
N THR I 25 -63.76 -12.81 -36.35
CA THR I 25 -63.62 -13.94 -37.28
C THR I 25 -62.18 -14.46 -37.28
N SER I 26 -61.80 -15.00 -36.11
CA SER I 26 -60.45 -15.49 -35.89
C SER I 26 -60.17 -16.82 -36.58
N SER I 27 -61.06 -17.28 -37.47
CA SER I 27 -60.83 -18.52 -38.19
C SER I 27 -59.65 -18.42 -39.15
N ASP I 28 -59.39 -17.23 -39.69
CA ASP I 28 -58.27 -17.01 -40.60
C ASP I 28 -57.21 -16.07 -40.04
N VAL I 29 -57.62 -15.10 -39.23
CA VAL I 29 -56.67 -14.17 -38.60
C VAL I 29 -56.11 -14.84 -37.35
N GLY I 30 -54.79 -14.93 -37.27
CA GLY I 30 -54.18 -15.62 -36.14
C GLY I 30 -54.11 -14.76 -34.88
N ALA I 31 -53.41 -13.62 -34.97
CA ALA I 31 -53.20 -12.79 -33.79
C ALA I 31 -53.57 -11.32 -34.01
N TYR I 32 -54.03 -10.94 -35.20
CA TYR I 32 -54.46 -9.58 -35.50
C TYR I 32 -53.33 -8.58 -35.24
N ASN I 33 -52.24 -8.77 -35.96
CA ASN I 33 -51.08 -7.90 -35.80
C ASN I 33 -51.23 -6.61 -36.62
N TYR I 34 -51.35 -6.75 -37.94
CA TYR I 34 -51.41 -5.62 -38.85
C TYR I 34 -52.80 -5.58 -39.49
N VAL I 35 -53.47 -4.44 -39.35
CA VAL I 35 -54.79 -4.23 -39.93
C VAL I 35 -54.86 -2.80 -40.45
N SER I 36 -55.70 -2.58 -41.46
CA SER I 36 -55.87 -1.27 -42.06
C SER I 36 -57.34 -1.02 -42.35
N TRP I 37 -57.73 0.24 -42.25
CA TRP I 37 -59.09 0.68 -42.53
C TRP I 37 -59.09 1.57 -43.77
N TYR I 38 -60.23 1.60 -44.46
CA TYR I 38 -60.37 2.36 -45.68
C TYR I 38 -61.68 3.15 -45.64
N GLN I 39 -61.78 4.13 -46.55
CA GLN I 39 -62.96 4.97 -46.67
C GLN I 39 -63.41 4.96 -48.11
N GLN I 40 -64.68 4.63 -48.34
CA GLN I 40 -65.26 4.54 -49.67
C GLN I 40 -66.16 5.74 -49.90
N HIS I 41 -65.70 6.68 -50.72
CA HIS I 41 -66.52 7.83 -51.10
C HIS I 41 -67.30 7.48 -52.36
N PRO I 42 -68.64 7.56 -52.33
CA PRO I 42 -69.42 7.19 -53.52
C PRO I 42 -69.08 8.01 -54.75
N GLY I 43 -68.63 7.35 -55.81
CA GLY I 43 -68.23 7.98 -57.04
C GLY I 43 -66.73 8.12 -57.22
N GLN I 44 -66.00 8.32 -56.13
CA GLN I 44 -64.55 8.50 -56.20
C GLN I 44 -63.85 7.19 -55.80
N ALA I 45 -62.51 7.23 -55.72
CA ALA I 45 -61.67 6.10 -55.39
C ALA I 45 -61.52 5.97 -53.87
N PRO I 46 -61.31 4.76 -53.36
CA PRO I 46 -61.12 4.58 -51.92
C PRO I 46 -59.82 5.22 -51.44
N LYS I 47 -59.72 5.38 -50.13
CA LYS I 47 -58.54 5.97 -49.50
C LYS I 47 -58.26 5.25 -48.19
N LEU I 48 -56.98 5.19 -47.82
CA LEU I 48 -56.60 4.55 -46.58
C LEU I 48 -56.97 5.42 -45.39
N MET I 49 -57.60 4.81 -44.39
CA MET I 49 -58.01 5.53 -43.19
C MET I 49 -56.92 5.49 -42.12
N ILE I 50 -56.53 4.29 -41.69
CA ILE I 50 -55.46 4.09 -40.74
C ILE I 50 -54.57 2.97 -41.23
N TYR I 51 -53.25 3.17 -41.12
CA TYR I 51 -52.30 2.13 -41.51
C TYR I 51 -51.92 1.22 -40.35
N ASP I 52 -51.88 1.76 -39.13
CA ASP I 52 -51.64 0.95 -37.95
C ASP I 52 -52.98 0.44 -37.41
N VAL I 53 -52.94 -0.19 -36.23
CA VAL I 53 -54.15 -0.68 -35.62
C VAL I 53 -54.94 0.43 -34.94
N SER I 54 -54.26 1.45 -34.41
CA SER I 54 -54.93 2.54 -33.72
C SER I 54 -54.47 3.89 -34.24
N LYS I 55 -53.33 3.92 -34.93
CA LYS I 55 -52.75 5.15 -35.44
C LYS I 55 -53.01 5.29 -36.93
N ARG I 56 -53.20 6.53 -37.36
CA ARG I 56 -53.46 6.91 -38.74
C ARG I 56 -52.19 7.42 -39.41
N PRO I 57 -52.09 7.28 -40.73
CA PRO I 57 -50.88 7.76 -41.42
C PRO I 57 -50.78 9.28 -41.41
N SER I 58 -49.55 9.75 -41.63
CA SER I 58 -49.31 11.18 -41.64
C SER I 58 -49.91 11.84 -42.87
N GLY I 59 -50.39 13.07 -42.69
CA GLY I 59 -51.00 13.81 -43.78
C GLY I 59 -52.47 14.12 -43.54
N VAL I 60 -53.20 13.14 -43.01
CA VAL I 60 -54.60 13.32 -42.68
C VAL I 60 -54.78 13.02 -41.20
N SER I 61 -53.73 13.27 -40.42
CA SER I 61 -53.73 12.98 -38.98
C SER I 61 -54.25 14.17 -38.19
N ASN I 62 -55.53 14.48 -38.38
CA ASN I 62 -56.16 15.61 -37.71
C ASN I 62 -57.33 15.19 -36.83
N ARG I 63 -58.24 14.36 -37.31
CA ARG I 63 -59.47 14.06 -36.58
C ARG I 63 -59.73 12.57 -36.40
N PHE I 64 -59.37 11.74 -37.38
CA PHE I 64 -59.72 10.33 -37.33
C PHE I 64 -58.92 9.61 -36.26
N SER I 65 -59.50 8.52 -35.75
CA SER I 65 -58.88 7.72 -34.70
C SER I 65 -59.32 6.27 -34.85
N GLY I 66 -58.90 5.44 -33.91
CA GLY I 66 -59.25 4.04 -33.92
C GLY I 66 -58.56 3.31 -32.79
N SER I 67 -59.03 2.09 -32.53
CA SER I 67 -58.48 1.29 -31.44
C SER I 67 -58.88 -0.17 -31.65
N LYS I 68 -58.39 -1.02 -30.74
CA LYS I 68 -58.69 -2.45 -30.75
C LYS I 68 -58.43 -2.97 -29.34
N SER I 69 -59.45 -3.53 -28.70
CA SER I 69 -59.29 -3.99 -27.33
C SER I 69 -58.64 -5.38 -27.28
N ALA I 70 -59.33 -6.39 -27.80
CA ALA I 70 -58.77 -7.74 -27.84
C ALA I 70 -58.69 -8.29 -29.25
N ASN I 71 -59.81 -8.35 -29.97
CA ASN I 71 -59.82 -8.94 -31.31
C ASN I 71 -60.64 -8.17 -32.34
N THR I 72 -61.49 -7.23 -31.92
CA THR I 72 -62.36 -6.51 -32.85
C THR I 72 -61.83 -5.09 -33.05
N ALA I 73 -62.20 -4.52 -34.18
CA ALA I 73 -61.75 -3.18 -34.57
C ALA I 73 -62.86 -2.16 -34.33
N SER I 74 -62.44 -0.90 -34.20
CA SER I 74 -63.36 0.21 -34.01
C SER I 74 -62.75 1.47 -34.62
N LEU I 75 -63.58 2.22 -35.32
CA LEU I 75 -63.15 3.45 -35.98
C LEU I 75 -63.88 4.61 -35.31
N THR I 76 -63.29 5.12 -34.23
CA THR I 76 -63.89 6.21 -33.45
C THR I 76 -63.65 7.52 -34.18
N ILE I 77 -64.61 7.91 -35.01
CA ILE I 77 -64.55 9.18 -35.75
C ILE I 77 -65.18 10.23 -34.85
N SER I 78 -64.37 10.81 -33.97
CA SER I 78 -64.85 11.80 -33.00
C SER I 78 -64.51 13.23 -33.39
N GLY I 79 -63.58 13.44 -34.32
CA GLY I 79 -63.20 14.77 -34.72
C GLY I 79 -64.27 15.49 -35.50
N LEU I 80 -64.61 14.97 -36.68
CA LEU I 80 -65.62 15.55 -37.54
C LEU I 80 -66.70 14.53 -37.83
N GLN I 81 -67.96 14.97 -37.82
CA GLN I 81 -69.10 14.09 -38.07
C GLN I 81 -70.06 14.68 -39.11
N ALA I 82 -69.58 15.63 -39.93
CA ALA I 82 -70.43 16.23 -40.95
C ALA I 82 -69.70 16.42 -42.28
N GLU I 83 -68.61 15.71 -42.52
CA GLU I 83 -67.86 15.86 -43.76
C GLU I 83 -68.70 15.45 -44.97
N ASP I 84 -69.07 14.17 -45.03
CA ASP I 84 -69.84 13.63 -46.14
C ASP I 84 -70.26 12.21 -45.79
N GLU I 85 -71.03 11.60 -46.69
CA GLU I 85 -71.39 10.19 -46.56
C GLU I 85 -70.31 9.32 -47.18
N ALA I 86 -69.83 8.33 -46.42
CA ALA I 86 -68.76 7.48 -46.89
C ALA I 86 -68.90 6.10 -46.27
N ASP I 87 -68.52 5.07 -47.03
CA ASP I 87 -68.52 3.70 -46.56
C ASP I 87 -67.14 3.33 -46.04
N TYR I 88 -67.11 2.38 -45.10
CA TYR I 88 -65.87 1.95 -44.49
C TYR I 88 -65.81 0.42 -44.46
N TYR I 89 -64.60 -0.11 -44.54
CA TYR I 89 -64.37 -1.55 -44.51
C TYR I 89 -63.18 -1.85 -43.61
N CYS I 90 -63.20 -3.04 -43.01
CA CYS I 90 -62.10 -3.54 -42.21
C CYS I 90 -61.43 -4.67 -42.98
N SER I 91 -60.15 -4.50 -43.28
CA SER I 91 -59.39 -5.46 -44.07
C SER I 91 -58.11 -5.83 -43.35
N SER I 92 -57.80 -7.12 -43.35
CA SER I 92 -56.60 -7.63 -42.70
C SER I 92 -56.06 -8.79 -43.51
N TYR I 93 -54.83 -9.19 -43.18
CA TYR I 93 -54.17 -10.29 -43.88
C TYR I 93 -54.70 -11.62 -43.36
N THR I 94 -55.26 -12.43 -44.26
CA THR I 94 -55.70 -13.77 -43.91
C THR I 94 -54.53 -14.73 -44.06
N THR I 95 -54.81 -16.04 -44.02
CA THR I 95 -53.73 -17.03 -44.07
C THR I 95 -53.13 -17.10 -45.47
N THR I 96 -53.93 -16.89 -46.52
CA THR I 96 -53.43 -16.93 -47.89
C THR I 96 -53.95 -15.79 -48.77
N SER I 97 -54.74 -14.86 -48.23
CA SER I 97 -55.32 -13.82 -49.05
C SER I 97 -55.50 -12.56 -48.21
N VAL I 98 -56.05 -11.53 -48.84
CA VAL I 98 -56.34 -10.25 -48.19
C VAL I 98 -57.80 -9.94 -48.46
N VAL I 99 -58.67 -10.25 -47.50
CA VAL I 99 -60.09 -10.00 -47.62
C VAL I 99 -60.38 -8.57 -47.15
N PHE I 100 -61.43 -7.97 -47.70
CA PHE I 100 -61.82 -6.61 -47.36
C PHE I 100 -63.07 -6.55 -46.49
N GLY I 101 -63.75 -7.68 -46.28
CA GLY I 101 -64.95 -7.67 -45.46
C GLY I 101 -66.19 -7.38 -46.29
N GLY I 102 -67.20 -6.82 -45.61
CA GLY I 102 -68.45 -6.48 -46.27
C GLY I 102 -68.55 -5.02 -46.63
N GLY I 103 -69.45 -4.29 -45.96
CA GLY I 103 -69.61 -2.87 -46.22
C GLY I 103 -70.60 -2.21 -45.28
N THR I 104 -70.22 -1.07 -44.72
CA THR I 104 -71.07 -0.34 -43.78
C THR I 104 -71.05 1.14 -44.18
N LYS I 105 -72.19 1.62 -44.67
CA LYS I 105 -72.29 3.01 -45.10
C LYS I 105 -72.56 3.92 -43.90
N LEU I 106 -71.88 5.06 -43.87
CA LEU I 106 -72.02 6.03 -42.80
C LEU I 106 -72.58 7.32 -43.39
N THR I 107 -73.87 7.56 -43.18
CA THR I 107 -74.52 8.78 -43.63
C THR I 107 -74.73 9.73 -42.45
N VAL I 108 -74.82 11.02 -42.77
CA VAL I 108 -74.94 12.07 -41.76
C VAL I 108 -76.43 12.33 -41.55
N LEU I 109 -76.94 11.95 -40.38
CA LEU I 109 -78.35 12.18 -40.04
C LEU I 109 -78.54 13.53 -39.34
N GLY I 110 -78.01 14.59 -39.96
CA GLY I 110 -78.13 15.91 -39.38
C GLY I 110 -78.46 17.00 -40.39
N GLN I 111 -78.50 16.63 -41.67
CA GLN I 111 -78.78 17.60 -42.72
C GLN I 111 -80.22 17.44 -43.20
N PRO I 112 -81.08 18.41 -42.96
CA PRO I 112 -82.50 18.28 -43.33
C PRO I 112 -82.72 18.65 -44.80
N LYS I 113 -83.98 18.65 -45.19
CA LYS I 113 -84.39 18.95 -46.55
C LYS I 113 -85.35 20.13 -46.55
N ALA I 114 -85.38 20.85 -47.68
CA ALA I 114 -86.26 22.00 -47.84
C ALA I 114 -87.31 21.75 -48.93
N ALA I 115 -86.88 21.46 -50.16
CA ALA I 115 -87.79 21.22 -51.28
C ALA I 115 -87.03 20.65 -52.46
N PRO I 116 -87.60 19.69 -53.18
CA PRO I 116 -86.93 19.16 -54.38
C PRO I 116 -87.07 20.09 -55.57
N SER I 117 -86.50 19.70 -56.71
CA SER I 117 -86.57 20.49 -57.94
C SER I 117 -87.36 19.72 -58.99
N VAL I 118 -88.48 20.30 -59.42
CA VAL I 118 -89.32 19.73 -60.46
C VAL I 118 -89.23 20.66 -61.66
N THR I 119 -88.35 20.35 -62.60
CA THR I 119 -88.13 21.17 -63.78
C THR I 119 -88.27 20.31 -65.03
N LEU I 120 -88.76 20.93 -66.11
CA LEU I 120 -88.93 20.24 -67.38
C LEU I 120 -87.97 20.82 -68.41
N PHE I 121 -87.38 19.94 -69.22
CA PHE I 121 -86.42 20.32 -70.25
C PHE I 121 -86.87 19.72 -71.58
N PRO I 122 -87.72 20.42 -72.33
CA PRO I 122 -88.16 19.89 -73.62
C PRO I 122 -87.00 19.84 -74.59
N PRO I 123 -87.05 18.96 -75.58
CA PRO I 123 -85.94 18.86 -76.54
C PRO I 123 -85.89 20.07 -77.45
N SER I 124 -84.67 20.53 -77.72
CA SER I 124 -84.46 21.66 -78.62
C SER I 124 -84.56 21.21 -80.07
N SER I 125 -84.23 22.11 -80.98
CA SER I 125 -84.29 21.81 -82.41
C SER I 125 -82.97 21.25 -82.92
N GLU I 126 -82.45 20.25 -82.23
CA GLU I 126 -81.23 19.55 -82.62
C GLU I 126 -81.40 18.04 -82.67
N GLU I 127 -82.19 17.47 -81.76
CA GLU I 127 -82.43 16.04 -81.72
C GLU I 127 -83.85 15.64 -82.13
N LEU I 128 -84.76 16.61 -82.23
CA LEU I 128 -86.13 16.29 -82.64
C LEU I 128 -86.18 15.78 -84.09
N GLN I 129 -85.41 16.39 -84.98
CA GLN I 129 -85.35 15.94 -86.37
C GLN I 129 -84.37 14.79 -86.58
N ALA I 130 -83.52 14.51 -85.59
CA ALA I 130 -82.54 13.43 -85.70
C ALA I 130 -83.03 12.13 -85.08
N ASN I 131 -84.34 11.88 -85.07
CA ASN I 131 -84.91 10.64 -84.57
C ASN I 131 -84.58 10.40 -83.10
N LYS I 132 -84.40 11.50 -82.35
CA LYS I 132 -84.03 11.42 -80.95
C LYS I 132 -84.86 12.37 -80.10
N ALA I 133 -86.18 12.35 -80.28
CA ALA I 133 -87.06 13.14 -79.42
C ALA I 133 -86.99 12.63 -77.99
N THR I 134 -86.35 13.40 -77.12
CA THR I 134 -86.12 13.01 -75.74
C THR I 134 -86.57 14.13 -74.80
N LEU I 135 -87.34 13.77 -73.79
CA LEU I 135 -87.83 14.72 -72.79
C LEU I 135 -87.14 14.42 -71.47
N VAL I 136 -85.96 15.01 -71.27
CA VAL I 136 -85.19 14.78 -70.05
C VAL I 136 -85.82 15.56 -68.91
N CYS I 137 -85.89 14.91 -67.74
CA CYS I 137 -86.48 15.50 -66.54
C CYS I 137 -85.48 15.44 -65.42
N LEU I 138 -85.19 16.60 -64.82
CA LEU I 138 -84.18 16.72 -63.77
C LEU I 138 -84.86 16.80 -62.41
N ILE I 139 -84.39 15.98 -61.48
CA ILE I 139 -84.87 15.96 -60.09
C ILE I 139 -83.64 16.06 -59.20
N SER I 140 -83.54 17.14 -58.44
CA SER I 140 -82.36 17.37 -57.60
C SER I 140 -82.80 18.14 -56.36
N ASP I 141 -81.82 18.70 -55.63
CA ASP I 141 -82.06 19.49 -54.43
C ASP I 141 -82.76 18.70 -53.34
N PHE I 142 -82.31 17.46 -53.11
CA PHE I 142 -82.81 16.66 -52.00
C PHE I 142 -81.67 15.77 -51.50
N TYR I 143 -81.42 15.83 -50.20
CA TYR I 143 -80.28 15.15 -49.58
C TYR I 143 -80.50 13.65 -49.39
N PRO I 144 -81.59 13.19 -48.72
CA PRO I 144 -81.67 11.77 -48.37
C PRO I 144 -81.93 10.86 -49.56
N GLY I 145 -80.91 10.10 -49.96
CA GLY I 145 -80.99 9.10 -50.99
C GLY I 145 -81.51 9.65 -52.31
N ALA I 146 -82.09 8.76 -53.10
CA ALA I 146 -82.67 9.10 -54.40
C ALA I 146 -84.08 8.50 -54.47
N VAL I 147 -85.09 9.36 -54.48
CA VAL I 147 -86.47 8.91 -54.48
C VAL I 147 -86.89 8.50 -55.89
N THR I 148 -88.02 7.81 -55.97
CA THR I 148 -88.55 7.33 -57.23
C THR I 148 -89.44 8.38 -57.87
N VAL I 149 -89.24 8.60 -59.18
CA VAL I 149 -90.02 9.58 -59.93
C VAL I 149 -91.30 8.94 -60.42
N ALA I 150 -92.41 9.67 -60.32
CA ALA I 150 -93.72 9.18 -60.76
C ALA I 150 -94.19 10.02 -61.94
N TRP I 151 -94.93 9.39 -62.85
CA TRP I 151 -95.43 10.06 -64.05
C TRP I 151 -96.94 9.88 -64.14
N LYS I 152 -97.65 10.97 -64.40
CA LYS I 152 -99.10 11.00 -64.54
C LYS I 152 -99.48 11.87 -65.73
N ALA I 153 -98.87 11.58 -66.88
CA ALA I 153 -99.10 12.38 -68.08
C ALA I 153 -100.36 11.97 -68.82
N ASP I 154 -101.49 11.93 -68.12
CA ASP I 154 -102.83 11.78 -68.66
C ASP I 154 -103.10 10.43 -69.31
N SER I 155 -102.09 9.56 -69.44
CA SER I 155 -102.30 8.26 -70.07
C SER I 155 -102.07 7.11 -69.10
N SER I 156 -100.86 6.99 -68.52
CA SER I 156 -100.50 5.91 -67.62
C SER I 156 -99.11 6.14 -67.08
N PRO I 157 -98.78 5.61 -65.89
CA PRO I 157 -97.40 5.66 -65.39
C PRO I 157 -96.53 4.67 -66.15
N VAL I 158 -95.66 5.19 -67.01
CA VAL I 158 -94.82 4.38 -67.87
C VAL I 158 -93.38 4.49 -67.39
N LYS I 159 -92.64 3.36 -67.46
CA LYS I 159 -91.25 3.36 -67.04
C LYS I 159 -90.41 4.26 -67.94
N ALA I 160 -90.33 3.95 -69.23
CA ALA I 160 -89.73 4.81 -70.25
C ALA I 160 -88.33 5.29 -69.88
N GLY I 161 -87.60 4.53 -69.06
CA GLY I 161 -86.23 4.88 -68.73
C GLY I 161 -86.08 5.80 -67.53
N VAL I 162 -86.59 5.38 -66.38
CA VAL I 162 -86.46 6.17 -65.15
C VAL I 162 -85.81 5.37 -64.03
N GLU I 163 -85.47 4.11 -64.27
CA GLU I 163 -84.90 3.25 -63.24
C GLU I 163 -83.39 3.44 -63.12
N THR I 164 -82.97 4.70 -63.00
CA THR I 164 -81.56 5.05 -62.87
C THR I 164 -81.26 5.73 -61.54
N THR I 165 -82.01 6.78 -61.19
CA THR I 165 -81.88 7.57 -59.97
C THR I 165 -80.55 8.30 -59.87
N THR I 166 -79.69 8.15 -60.87
CA THR I 166 -78.40 8.81 -60.91
C THR I 166 -77.77 8.85 -59.52
N PRO I 167 -77.18 7.72 -59.09
CA PRO I 167 -76.53 7.69 -57.76
C PRO I 167 -75.13 8.28 -57.76
N SER I 168 -75.07 9.61 -57.75
CA SER I 168 -73.79 10.33 -57.72
C SER I 168 -74.01 11.67 -57.02
N LYS I 169 -73.32 11.87 -55.91
CA LYS I 169 -73.45 13.09 -55.14
C LYS I 169 -72.62 14.22 -55.74
N GLN I 170 -73.09 15.45 -55.53
CA GLN I 170 -72.36 16.63 -55.96
C GLN I 170 -71.48 17.12 -54.80
N SER I 171 -70.92 18.32 -54.94
CA SER I 171 -70.10 18.88 -53.87
C SER I 171 -70.94 19.20 -52.64
N ASN I 172 -72.24 19.40 -52.81
CA ASN I 172 -73.15 19.64 -51.70
C ASN I 172 -73.70 18.35 -51.11
N ASN I 173 -73.18 17.20 -51.54
CA ASN I 173 -73.61 15.89 -51.06
C ASN I 173 -75.11 15.68 -51.29
N LYS I 174 -75.65 16.28 -52.33
CA LYS I 174 -77.07 16.19 -52.66
C LYS I 174 -77.25 15.18 -53.79
N TYR I 175 -77.88 14.05 -53.48
CA TYR I 175 -78.11 13.00 -54.47
C TYR I 175 -79.31 13.35 -55.35
N ALA I 176 -79.03 13.87 -56.54
CA ALA I 176 -80.09 14.24 -57.47
C ALA I 176 -80.62 13.03 -58.22
N ALA I 177 -81.96 12.92 -58.27
CA ALA I 177 -82.60 11.81 -58.96
C ALA I 177 -83.03 12.21 -60.36
N SER I 178 -82.09 12.19 -61.30
CA SER I 178 -82.37 12.56 -62.67
C SER I 178 -83.01 11.41 -63.44
N SER I 179 -83.92 11.75 -64.35
CA SER I 179 -84.62 10.77 -65.16
C SER I 179 -84.62 11.21 -66.61
N TYR I 180 -85.03 10.30 -67.49
CA TYR I 180 -85.09 10.56 -68.93
C TYR I 180 -86.43 10.03 -69.45
N LEU I 181 -86.63 10.14 -70.76
CA LEU I 181 -87.89 9.72 -71.37
C LEU I 181 -87.64 9.40 -72.83
N SER I 182 -87.92 8.16 -73.22
CA SER I 182 -87.81 7.74 -74.61
C SER I 182 -89.15 7.98 -75.31
N LEU I 183 -89.12 8.72 -76.41
CA LEU I 183 -90.32 9.11 -77.14
C LEU I 183 -90.25 8.60 -78.57
N THR I 184 -91.26 8.97 -79.35
CA THR I 184 -91.35 8.57 -80.75
C THR I 184 -90.33 9.35 -81.58
N PRO I 185 -90.12 8.94 -82.85
CA PRO I 185 -89.21 9.70 -83.73
C PRO I 185 -89.40 11.21 -83.70
N GLU I 186 -90.62 11.68 -84.00
CA GLU I 186 -90.88 13.12 -84.05
C GLU I 186 -92.34 13.35 -83.69
N GLN I 187 -92.59 13.70 -82.43
CA GLN I 187 -93.92 14.03 -81.95
C GLN I 187 -93.77 15.02 -80.80
N TRP I 188 -94.11 16.28 -81.06
CA TRP I 188 -94.02 17.34 -80.05
C TRP I 188 -95.38 17.94 -79.72
N LYS I 189 -96.20 18.23 -80.73
CA LYS I 189 -97.52 18.80 -80.48
C LYS I 189 -98.57 17.73 -80.15
N SER I 190 -98.39 16.50 -80.64
CA SER I 190 -99.33 15.42 -80.37
C SER I 190 -99.30 14.97 -78.91
N HIS I 191 -98.32 15.39 -78.13
CA HIS I 191 -98.21 15.06 -76.72
C HIS I 191 -98.45 16.32 -75.88
N ARG I 192 -98.32 16.15 -74.57
CA ARG I 192 -98.52 17.27 -73.65
C ARG I 192 -97.37 17.36 -72.65
N SER I 193 -97.51 18.24 -71.66
CA SER I 193 -96.48 18.43 -70.65
C SER I 193 -96.42 17.21 -69.73
N TYR I 194 -95.34 16.44 -69.82
CA TYR I 194 -95.17 15.26 -68.97
C TYR I 194 -94.89 15.71 -67.54
N SER I 195 -95.76 15.32 -66.62
CA SER I 195 -95.64 15.74 -65.22
C SER I 195 -94.48 15.02 -64.56
N CYS I 196 -93.69 15.75 -63.78
CA CYS I 196 -92.56 15.22 -63.03
C CYS I 196 -92.79 15.37 -61.54
N GLN I 197 -94.00 15.09 -61.09
CA GLN I 197 -94.36 15.23 -59.67
C GLN I 197 -93.74 14.06 -58.91
N VAL I 198 -92.46 14.21 -58.56
CA VAL I 198 -91.75 13.15 -57.85
C VAL I 198 -92.16 13.15 -56.39
N THR I 199 -92.32 11.95 -55.83
CA THR I 199 -92.70 11.79 -54.42
C THR I 199 -91.44 11.82 -53.56
N HIS I 200 -91.38 12.75 -52.63
CA HIS I 200 -90.27 12.89 -51.71
C HIS I 200 -90.76 12.78 -50.27
N GLU I 201 -89.90 12.27 -49.40
CA GLU I 201 -90.25 12.09 -47.99
C GLU I 201 -90.49 13.45 -47.34
N GLY I 202 -91.72 13.67 -46.88
CA GLY I 202 -92.07 14.93 -46.25
C GLY I 202 -92.76 15.90 -47.18
N SER I 203 -92.34 15.92 -48.44
CA SER I 203 -92.93 16.82 -49.45
C SER I 203 -93.15 16.00 -50.71
N THR I 204 -94.37 15.49 -50.87
CA THR I 204 -94.72 14.67 -52.03
C THR I 204 -94.79 15.45 -53.33
N VAL I 205 -94.77 16.79 -53.26
CA VAL I 205 -94.84 17.60 -54.46
C VAL I 205 -93.49 17.59 -55.17
#